data_1C5A
#
_entry.id   1C5A
#
_cell.length_a   1.000
_cell.length_b   1.000
_cell.length_c   1.000
_cell.angle_alpha   90.00
_cell.angle_beta   90.00
_cell.angle_gamma   90.00
#
_symmetry.space_group_name_H-M   'P 1'
#
_entity_poly.entity_id   1
_entity_poly.type   'polypeptide(L)'
_entity_poly.pdbx_seq_one_letter_code
;MLQKKIEEEAAKYKYAMLKKCCYDGAYRNDDETCEERAARIKIGPKCVKAFKDCCYIANQVRAEQSHKNIQLG
;
_entity_poly.pdbx_strand_id   A
#
# COMPACT_ATOMS: atom_id res chain seq x y z
N MET A 1 -12.05 -4.39 0.04
CA MET A 1 -11.19 -3.29 -0.37
C MET A 1 -9.71 -3.45 0.06
N LEU A 2 -9.46 -3.77 1.34
CA LEU A 2 -8.12 -3.95 1.92
C LEU A 2 -7.28 -5.04 1.22
N GLN A 3 -7.87 -6.24 1.06
CA GLN A 3 -7.26 -7.36 0.32
C GLN A 3 -7.06 -7.06 -1.18
N LYS A 4 -8.02 -6.34 -1.80
CA LYS A 4 -7.91 -5.86 -3.17
C LYS A 4 -6.73 -4.87 -3.36
N LYS A 5 -6.53 -3.92 -2.44
CA LYS A 5 -5.34 -3.05 -2.44
C LYS A 5 -4.01 -3.80 -2.21
N ILE A 6 -3.94 -4.82 -1.33
CA ILE A 6 -2.80 -5.76 -1.27
C ILE A 6 -2.59 -6.43 -2.63
N GLU A 7 -3.66 -7.03 -3.20
CA GLU A 7 -3.64 -7.64 -4.52
C GLU A 7 -3.18 -6.64 -5.61
N GLU A 8 -3.71 -5.42 -5.76
CA GLU A 8 -3.23 -4.46 -6.77
C GLU A 8 -1.76 -4.03 -6.60
N GLU A 9 -1.17 -3.99 -5.40
CA GLU A 9 0.29 -3.80 -5.23
C GLU A 9 1.07 -5.12 -5.39
N ALA A 10 0.79 -6.16 -4.59
CA ALA A 10 1.39 -7.49 -4.74
C ALA A 10 0.93 -8.36 -5.96
N ALA A 11 0.09 -7.93 -6.90
CA ALA A 11 0.03 -8.51 -8.25
C ALA A 11 1.19 -8.08 -9.15
N LYS A 12 1.43 -6.76 -9.22
CA LYS A 12 2.42 -6.17 -10.13
C LYS A 12 3.85 -6.24 -9.55
N TYR A 13 4.31 -7.49 -9.38
CA TYR A 13 5.62 -7.89 -8.87
C TYR A 13 6.86 -7.28 -9.57
N LYS A 14 6.70 -6.64 -10.74
CA LYS A 14 7.67 -5.73 -11.33
C LYS A 14 7.94 -4.49 -10.44
N TYR A 15 6.92 -4.00 -9.69
CA TYR A 15 7.07 -2.91 -8.73
C TYR A 15 7.46 -3.46 -7.34
N ALA A 16 8.70 -3.98 -7.41
CA ALA A 16 9.34 -4.79 -6.37
C ALA A 16 9.45 -4.12 -5.00
N MET A 17 9.88 -2.85 -4.97
CA MET A 17 9.98 -2.07 -3.74
C MET A 17 8.62 -1.79 -3.08
N LEU A 18 7.56 -1.51 -3.86
CA LEU A 18 6.24 -1.19 -3.37
C LEU A 18 5.47 -2.41 -2.83
N LYS A 19 5.48 -3.54 -3.55
CA LYS A 19 5.04 -4.79 -2.94
C LYS A 19 5.97 -5.26 -1.78
N LYS A 20 7.28 -4.98 -1.75
CA LYS A 20 8.08 -5.21 -0.54
C LYS A 20 7.70 -4.21 0.58
N CYS A 21 7.25 -2.96 0.32
CA CYS A 21 6.56 -2.14 1.34
C CYS A 21 5.31 -2.82 1.93
N CYS A 22 4.49 -3.47 1.09
CA CYS A 22 3.47 -4.45 1.55
C CYS A 22 4.07 -5.46 2.51
N TYR A 23 5.13 -6.10 2.10
CA TYR A 23 5.72 -7.16 2.90
C TYR A 23 6.44 -6.64 4.17
N ASP A 24 6.98 -5.40 4.17
CA ASP A 24 7.37 -4.66 5.37
C ASP A 24 6.20 -4.44 6.36
N GLY A 25 4.99 -4.18 5.86
CA GLY A 25 3.76 -4.26 6.67
C GLY A 25 3.38 -5.68 7.12
N ALA A 26 3.55 -6.68 6.24
CA ALA A 26 3.24 -8.08 6.56
C ALA A 26 4.18 -8.77 7.58
N TYR A 27 5.46 -8.40 7.76
CA TYR A 27 6.28 -8.95 8.87
C TYR A 27 5.78 -8.45 10.27
N ARG A 28 4.53 -8.73 10.66
CA ARG A 28 3.96 -8.27 11.94
C ARG A 28 4.47 -9.10 13.14
N ASN A 29 5.71 -8.79 13.51
CA ASN A 29 6.34 -9.26 14.74
C ASN A 29 6.64 -8.12 15.73
N ASP A 30 6.46 -6.85 15.32
CA ASP A 30 6.62 -5.68 16.19
C ASP A 30 5.48 -5.50 17.21
N ASP A 31 4.23 -5.82 16.83
CA ASP A 31 3.00 -5.74 17.64
C ASP A 31 2.58 -4.33 18.16
N GLU A 32 3.51 -3.38 18.31
CA GLU A 32 3.22 -1.95 18.52
C GLU A 32 2.62 -1.19 17.29
N THR A 33 2.87 0.12 17.07
CA THR A 33 2.11 0.92 16.10
C THR A 33 2.84 1.03 14.75
N CYS A 34 2.45 0.16 13.81
CA CYS A 34 3.07 0.06 12.47
C CYS A 34 2.98 1.34 11.62
N GLU A 35 1.92 2.15 11.78
CA GLU A 35 1.79 3.44 11.11
C GLU A 35 2.73 4.54 11.63
N GLU A 36 3.27 4.45 12.86
CA GLU A 36 4.34 5.35 13.32
C GLU A 36 5.68 4.97 12.65
N ARG A 37 5.93 3.65 12.58
CA ARG A 37 7.03 3.10 11.80
C ARG A 37 6.87 3.39 10.29
N ALA A 38 5.68 3.29 9.69
CA ALA A 38 5.45 3.79 8.32
C ALA A 38 5.14 5.29 8.16
N ALA A 39 5.15 6.11 9.23
CA ALA A 39 5.57 7.51 9.12
C ALA A 39 7.09 7.64 8.87
N ARG A 40 7.92 6.78 9.49
CA ARG A 40 9.34 6.66 9.13
C ARG A 40 9.60 6.02 7.73
N ILE A 41 8.89 4.94 7.34
CA ILE A 41 8.79 4.45 5.97
C ILE A 41 7.94 5.37 5.06
N LYS A 42 8.72 6.34 4.64
CA LYS A 42 8.32 7.51 3.84
C LYS A 42 8.66 7.41 2.34
N ILE A 43 8.96 6.21 1.82
CA ILE A 43 9.50 6.00 0.47
C ILE A 43 8.54 6.40 -0.66
N GLY A 44 7.22 6.22 -0.50
CA GLY A 44 6.22 6.70 -1.46
C GLY A 44 4.75 6.57 -1.01
N PRO A 45 3.77 7.30 -1.59
CA PRO A 45 2.32 7.13 -1.33
C PRO A 45 1.78 5.71 -1.49
N LYS A 46 2.12 5.06 -2.62
CA LYS A 46 1.84 3.65 -2.86
C LYS A 46 2.51 2.70 -1.85
N CYS A 47 3.72 3.05 -1.38
CA CYS A 47 4.44 2.31 -0.34
C CYS A 47 3.68 2.34 1.00
N VAL A 48 3.36 3.52 1.56
CA VAL A 48 2.45 3.61 2.71
C VAL A 48 1.10 2.88 2.53
N LYS A 49 0.42 3.02 1.38
CA LYS A 49 -0.81 2.26 1.07
C LYS A 49 -0.65 0.73 1.10
N ALA A 50 0.33 0.17 0.36
CA ALA A 50 0.72 -1.25 0.43
C ALA A 50 1.01 -1.67 1.89
N PHE A 51 1.88 -0.90 2.58
CA PHE A 51 2.25 -1.11 3.98
C PHE A 51 1.03 -1.15 4.92
N LYS A 52 0.18 -0.12 4.87
CA LYS A 52 -1.01 0.02 5.72
C LYS A 52 -2.03 -1.12 5.52
N ASP A 53 -2.40 -1.49 4.28
CA ASP A 53 -3.36 -2.58 4.06
C ASP A 53 -2.81 -3.98 4.45
N CYS A 54 -1.55 -4.25 4.05
CA CYS A 54 -0.81 -5.42 4.54
C CYS A 54 -0.67 -5.46 6.06
N CYS A 55 -0.31 -4.37 6.76
CA CYS A 55 -0.30 -4.30 8.23
C CYS A 55 -1.67 -4.61 8.85
N TYR A 56 -2.79 -4.05 8.36
CA TYR A 56 -4.13 -4.38 8.87
C TYR A 56 -4.50 -5.86 8.74
N ILE A 57 -4.29 -6.52 7.60
CA ILE A 57 -4.52 -7.98 7.49
C ILE A 57 -3.56 -8.80 8.38
N ALA A 58 -2.27 -8.41 8.40
CA ALA A 58 -1.25 -9.00 9.26
C ALA A 58 -1.54 -8.86 10.77
N ASN A 59 -1.99 -7.67 11.23
CA ASN A 59 -2.46 -7.46 12.62
C ASN A 59 -3.68 -8.31 12.98
N GLN A 60 -4.70 -8.37 12.10
CA GLN A 60 -5.88 -9.21 12.34
C GLN A 60 -5.60 -10.72 12.27
N VAL A 61 -4.68 -11.26 11.44
CA VAL A 61 -4.21 -12.64 11.62
C VAL A 61 -3.29 -12.82 12.85
N ARG A 62 -2.46 -11.84 13.26
CA ARG A 62 -1.71 -11.88 14.52
C ARG A 62 -2.62 -11.87 15.78
N ALA A 63 -3.74 -11.13 15.76
CA ALA A 63 -4.79 -11.24 16.78
C ALA A 63 -5.42 -12.65 16.90
N GLU A 64 -5.40 -13.43 15.81
CA GLU A 64 -5.77 -14.85 15.81
C GLU A 64 -4.56 -15.76 16.13
N GLN A 65 -3.41 -15.63 15.45
CA GLN A 65 -2.24 -16.49 15.70
C GLN A 65 -0.89 -15.76 15.93
N SER A 66 -0.25 -16.05 16.93
N MET A 1 -7.78 0.35 1.38
CA MET A 1 -8.87 -0.39 0.74
C MET A 1 -8.86 -1.93 0.97
N LEU A 2 -8.00 -2.42 1.89
CA LEU A 2 -7.78 -3.83 2.23
C LEU A 2 -7.46 -4.72 1.00
N GLN A 3 -8.47 -5.45 0.51
CA GLN A 3 -8.35 -6.47 -0.54
C GLN A 3 -7.86 -5.87 -1.87
N LYS A 4 -8.57 -4.81 -2.32
CA LYS A 4 -8.35 -4.17 -3.61
C LYS A 4 -6.96 -3.51 -3.77
N LYS A 5 -6.40 -2.85 -2.76
CA LYS A 5 -5.02 -2.37 -2.83
C LYS A 5 -3.94 -3.45 -2.63
N ILE A 6 -4.10 -4.51 -1.81
CA ILE A 6 -3.16 -5.66 -1.89
C ILE A 6 -3.25 -6.30 -3.28
N GLU A 7 -4.47 -6.47 -3.84
CA GLU A 7 -4.68 -6.91 -5.22
C GLU A 7 -4.02 -5.96 -6.23
N GLU A 8 -4.38 -4.68 -6.41
CA GLU A 8 -3.80 -3.84 -7.47
C GLU A 8 -2.30 -3.49 -7.28
N GLU A 9 -1.70 -3.58 -6.07
CA GLU A 9 -0.23 -3.52 -5.95
C GLU A 9 0.42 -4.91 -6.11
N ALA A 10 0.15 -5.90 -5.25
CA ALA A 10 0.68 -7.26 -5.38
C ALA A 10 0.09 -8.17 -6.50
N ALA A 11 -0.88 -7.80 -7.35
CA ALA A 11 -1.05 -8.42 -8.67
C ALA A 11 0.00 -7.93 -9.68
N LYS A 12 0.17 -6.61 -9.75
CA LYS A 12 1.08 -5.94 -10.67
C LYS A 12 2.53 -5.97 -10.14
N TYR A 13 3.12 -7.17 -10.15
CA TYR A 13 4.53 -7.42 -9.82
C TYR A 13 5.58 -6.62 -10.65
N LYS A 14 5.15 -5.90 -11.69
CA LYS A 14 5.87 -4.79 -12.31
C LYS A 14 6.11 -3.62 -11.33
N TYR A 15 5.18 -3.33 -10.40
CA TYR A 15 5.36 -2.31 -9.36
C TYR A 15 6.20 -2.88 -8.19
N ALA A 16 7.43 -3.27 -8.53
CA ALA A 16 8.33 -4.08 -7.69
C ALA A 16 8.59 -3.53 -6.28
N MET A 17 8.96 -2.24 -6.19
CA MET A 17 9.15 -1.55 -4.91
C MET A 17 7.86 -1.37 -4.11
N LEU A 18 6.71 -1.21 -4.77
CA LEU A 18 5.43 -0.91 -4.12
C LEU A 18 4.73 -2.16 -3.59
N LYS A 19 4.77 -3.27 -4.33
CA LYS A 19 4.42 -4.57 -3.74
C LYS A 19 5.47 -5.03 -2.70
N LYS A 20 6.77 -4.68 -2.81
CA LYS A 20 7.70 -4.84 -1.67
C LYS A 20 7.26 -3.95 -0.49
N CYS A 21 6.74 -2.71 -0.65
CA CYS A 21 6.07 -1.97 0.44
C CYS A 21 4.89 -2.74 1.08
N CYS A 22 4.05 -3.43 0.28
CA CYS A 22 3.13 -4.46 0.79
C CYS A 22 3.84 -5.48 1.67
N TYR A 23 4.86 -6.12 1.16
CA TYR A 23 5.49 -7.22 1.87
C TYR A 23 6.36 -6.77 3.07
N ASP A 24 6.84 -5.52 3.04
CA ASP A 24 7.31 -4.76 4.19
C ASP A 24 6.22 -4.65 5.28
N GLY A 25 5.02 -4.16 4.93
CA GLY A 25 3.86 -4.13 5.84
C GLY A 25 3.35 -5.49 6.31
N ALA A 26 3.36 -6.52 5.43
CA ALA A 26 3.06 -7.90 5.81
C ALA A 26 4.04 -8.48 6.85
N TYR A 27 5.33 -8.14 6.75
CA TYR A 27 6.31 -8.42 7.81
C TYR A 27 6.10 -7.50 9.05
N ARG A 28 5.04 -7.78 9.82
CA ARG A 28 4.83 -7.18 11.14
C ARG A 28 5.74 -7.77 12.24
N ASN A 29 6.97 -7.25 12.29
CA ASN A 29 7.93 -7.51 13.36
C ASN A 29 7.78 -6.58 14.58
N ASP A 30 7.43 -5.32 14.29
CA ASP A 30 7.40 -4.18 15.24
C ASP A 30 6.39 -4.25 16.41
N ASP A 31 5.37 -5.13 16.39
CA ASP A 31 4.36 -5.33 17.46
C ASP A 31 3.45 -4.13 17.78
N GLU A 32 4.02 -2.93 18.02
CA GLU A 32 3.29 -1.70 18.32
C GLU A 32 2.55 -1.09 17.09
N THR A 33 2.83 0.13 16.60
CA THR A 33 2.13 0.71 15.45
C THR A 33 2.98 0.76 14.17
N CYS A 34 2.47 0.16 13.09
CA CYS A 34 3.10 0.23 11.77
C CYS A 34 3.08 1.64 11.14
N GLU A 35 2.17 2.52 11.57
CA GLU A 35 2.06 3.90 11.09
C GLU A 35 3.29 4.77 11.41
N GLU A 36 3.95 4.60 12.56
CA GLU A 36 5.21 5.30 12.89
C GLU A 36 6.39 4.81 12.04
N ARG A 37 6.51 3.49 11.94
CA ARG A 37 7.40 2.80 11.00
C ARG A 37 7.16 3.27 9.54
N ALA A 38 5.92 3.26 9.03
CA ALA A 38 5.60 3.79 7.72
C ALA A 38 5.42 5.32 7.59
N ALA A 39 5.52 6.11 8.68
CA ALA A 39 5.97 7.50 8.60
C ALA A 39 7.48 7.64 8.28
N ARG A 40 8.33 6.66 8.64
CA ARG A 40 9.66 6.53 7.99
C ARG A 40 9.61 5.98 6.54
N ILE A 41 8.82 4.94 6.21
CA ILE A 41 8.59 4.47 4.84
C ILE A 41 7.72 5.43 3.97
N LYS A 42 8.52 6.37 3.48
CA LYS A 42 8.12 7.50 2.64
C LYS A 42 8.45 7.33 1.13
N ILE A 43 8.52 6.10 0.60
CA ILE A 43 8.87 5.84 -0.81
C ILE A 43 7.80 6.34 -1.80
N GLY A 44 6.50 6.25 -1.45
CA GLY A 44 5.43 6.84 -2.27
C GLY A 44 4.01 6.72 -1.68
N PRO A 45 2.98 7.47 -2.16
CA PRO A 45 1.56 7.34 -1.75
C PRO A 45 0.96 5.92 -1.87
N LYS A 46 1.17 5.30 -3.04
CA LYS A 46 0.85 3.90 -3.33
C LYS A 46 1.60 2.89 -2.45
N CYS A 47 2.85 3.22 -2.06
CA CYS A 47 3.64 2.45 -1.11
C CYS A 47 2.97 2.45 0.29
N VAL A 48 2.74 3.62 0.90
CA VAL A 48 1.96 3.69 2.15
C VAL A 48 0.57 3.03 2.13
N LYS A 49 -0.17 3.05 0.99
CA LYS A 49 -1.39 2.23 0.82
C LYS A 49 -1.12 0.70 0.84
N ALA A 50 -0.22 0.19 -0.02
CA ALA A 50 0.23 -1.22 -0.03
C ALA A 50 0.66 -1.67 1.38
N PHE A 51 1.53 -0.85 2.01
CA PHE A 51 2.02 -1.03 3.38
C PHE A 51 0.87 -1.14 4.40
N LYS A 52 -0.04 -0.15 4.42
CA LYS A 52 -1.14 -0.09 5.39
C LYS A 52 -2.12 -1.27 5.27
N ASP A 53 -2.51 -1.62 4.03
CA ASP A 53 -3.45 -2.71 3.80
C ASP A 53 -2.87 -4.10 4.10
N CYS A 54 -1.64 -4.38 3.65
CA CYS A 54 -0.88 -5.54 4.11
C CYS A 54 -0.61 -5.55 5.64
N CYS A 55 -0.28 -4.42 6.31
CA CYS A 55 -0.19 -4.33 7.78
C CYS A 55 -1.49 -4.74 8.52
N TYR A 56 -2.65 -4.23 8.08
CA TYR A 56 -3.93 -4.61 8.69
C TYR A 56 -4.33 -6.08 8.45
N ILE A 57 -4.05 -6.68 7.28
CA ILE A 57 -4.18 -8.15 7.12
C ILE A 57 -3.15 -8.96 7.94
N ALA A 58 -1.91 -8.47 8.04
CA ALA A 58 -0.89 -9.01 8.97
C ALA A 58 -1.36 -9.02 10.45
N ASN A 59 -1.97 -7.93 10.90
CA ASN A 59 -2.63 -7.88 12.21
C ASN A 59 -3.89 -8.76 12.34
N GLN A 60 -4.69 -8.95 11.28
CA GLN A 60 -5.74 -9.98 11.24
C GLN A 60 -5.15 -11.40 11.39
N VAL A 61 -4.03 -11.73 10.71
CA VAL A 61 -3.28 -12.97 10.91
C VAL A 61 -2.73 -13.13 12.34
N ARG A 62 -2.16 -12.07 12.96
CA ARG A 62 -1.83 -12.05 14.40
C ARG A 62 -3.06 -12.28 15.32
N ALA A 63 -4.25 -11.78 14.98
CA ALA A 63 -5.49 -12.08 15.71
C ALA A 63 -6.03 -13.51 15.49
N GLU A 64 -6.23 -13.99 14.25
CA GLU A 64 -6.81 -15.32 14.00
C GLU A 64 -5.81 -16.50 14.20
N GLN A 65 -5.35 -16.65 15.45
CA GLN A 65 -4.51 -17.77 15.86
C GLN A 65 -5.28 -18.89 16.59
N SER A 66 -5.98 -18.60 17.58
N MET A 1 -7.00 -3.08 4.81
CA MET A 1 -8.40 -3.49 4.86
C MET A 1 -9.02 -3.80 3.48
N LEU A 2 -8.70 -3.02 2.43
CA LEU A 2 -9.22 -3.24 1.09
C LEU A 2 -8.35 -4.23 0.28
N GLN A 3 -8.91 -5.44 0.14
CA GLN A 3 -8.38 -6.50 -0.72
C GLN A 3 -8.20 -6.02 -2.17
N LYS A 4 -9.16 -5.25 -2.69
CA LYS A 4 -9.08 -4.59 -4.00
C LYS A 4 -7.91 -3.60 -4.15
N LYS A 5 -7.46 -2.89 -3.11
CA LYS A 5 -6.25 -2.07 -3.19
C LYS A 5 -4.93 -2.86 -3.08
N ILE A 6 -4.90 -3.96 -2.31
CA ILE A 6 -3.82 -4.97 -2.44
C ILE A 6 -3.76 -5.47 -3.90
N GLU A 7 -4.92 -5.92 -4.41
CA GLU A 7 -5.10 -6.38 -5.78
C GLU A 7 -4.78 -5.31 -6.84
N GLU A 8 -5.07 -4.01 -6.67
CA GLU A 8 -4.64 -2.94 -7.58
C GLU A 8 -3.11 -2.68 -7.59
N GLU A 9 -2.40 -2.77 -6.45
CA GLU A 9 -0.93 -2.65 -6.44
C GLU A 9 -0.19 -3.98 -6.69
N ALA A 10 -0.54 -5.09 -6.02
CA ALA A 10 -0.07 -6.43 -6.39
C ALA A 10 -0.68 -7.02 -7.70
N ALA A 11 -1.52 -6.32 -8.48
CA ALA A 11 -1.60 -6.54 -9.93
C ALA A 11 -0.34 -6.09 -10.67
N LYS A 12 0.17 -4.91 -10.31
CA LYS A 12 1.26 -4.26 -11.02
C LYS A 12 2.64 -4.81 -10.58
N TYR A 13 2.87 -6.09 -10.91
CA TYR A 13 4.16 -6.75 -10.75
C TYR A 13 5.30 -6.15 -11.60
N LYS A 14 4.97 -5.31 -12.59
CA LYS A 14 5.88 -4.37 -13.24
C LYS A 14 6.39 -3.29 -12.25
N TYR A 15 5.53 -2.76 -11.36
CA TYR A 15 5.93 -1.83 -10.29
C TYR A 15 6.25 -2.60 -8.99
N ALA A 16 7.37 -3.30 -9.19
CA ALA A 16 7.95 -4.28 -8.27
C ALA A 16 8.22 -3.71 -6.86
N MET A 17 8.69 -2.46 -6.79
CA MET A 17 8.93 -1.74 -5.54
C MET A 17 7.62 -1.45 -4.76
N LEU A 18 6.51 -1.15 -5.46
CA LEU A 18 5.25 -0.75 -4.81
C LEU A 18 4.43 -1.96 -4.34
N LYS A 19 4.35 -3.03 -5.15
CA LYS A 19 3.89 -4.31 -4.61
C LYS A 19 4.86 -4.90 -3.55
N LYS A 20 6.20 -4.66 -3.60
CA LYS A 20 7.08 -4.97 -2.47
C LYS A 20 6.71 -4.11 -1.23
N CYS A 21 6.34 -2.81 -1.34
CA CYS A 21 5.72 -2.07 -0.23
C CYS A 21 4.48 -2.78 0.38
N CYS A 22 3.60 -3.35 -0.46
CA CYS A 22 2.59 -4.34 0.00
C CYS A 22 3.22 -5.46 0.80
N TYR A 23 4.23 -6.13 0.26
CA TYR A 23 4.76 -7.31 0.92
C TYR A 23 5.62 -7.01 2.18
N ASP A 24 6.21 -5.81 2.24
CA ASP A 24 6.73 -5.19 3.48
C ASP A 24 5.63 -4.99 4.54
N GLY A 25 4.43 -4.54 4.12
CA GLY A 25 3.23 -4.55 4.97
C GLY A 25 2.72 -5.95 5.33
N ALA A 26 2.71 -6.91 4.38
CA ALA A 26 2.26 -8.29 4.62
C ALA A 26 3.09 -9.05 5.67
N TYR A 27 4.44 -8.96 5.69
CA TYR A 27 5.18 -9.47 6.86
C TYR A 27 5.52 -8.38 7.92
N ARG A 28 4.47 -7.78 8.49
CA ARG A 28 4.62 -6.75 9.53
C ARG A 28 3.61 -6.98 10.67
N ASN A 29 4.08 -7.54 11.80
CA ASN A 29 3.23 -7.88 12.94
C ASN A 29 3.91 -7.74 14.33
N ASP A 30 5.01 -6.98 14.44
CA ASP A 30 5.85 -6.90 15.65
C ASP A 30 5.26 -6.05 16.81
N ASP A 31 4.08 -6.46 17.28
CA ASP A 31 3.37 -5.95 18.47
C ASP A 31 2.87 -4.49 18.38
N GLU A 32 3.75 -3.53 18.07
CA GLU A 32 3.39 -2.13 17.83
C GLU A 32 2.67 -1.89 16.48
N THR A 33 2.17 -0.66 16.19
CA THR A 33 1.27 -0.44 15.05
C THR A 33 1.96 -0.01 13.75
N CYS A 34 1.23 -0.19 12.64
CA CYS A 34 1.69 -0.04 11.26
C CYS A 34 2.20 1.38 10.94
N GLU A 35 1.51 2.39 11.46
CA GLU A 35 1.77 3.80 11.17
C GLU A 35 3.14 4.29 11.67
N GLU A 36 3.74 3.69 12.71
CA GLU A 36 5.08 4.02 13.20
C GLU A 36 6.17 3.64 12.15
N ARG A 37 6.10 2.36 11.78
CA ARG A 37 6.98 1.77 10.78
C ARG A 37 6.72 2.42 9.41
N ALA A 38 5.46 2.57 8.97
CA ALA A 38 5.15 3.27 7.72
C ALA A 38 5.13 4.82 7.79
N ALA A 39 5.36 5.47 8.93
CA ALA A 39 5.95 6.81 8.97
C ALA A 39 7.45 6.81 8.59
N ARG A 40 8.19 5.74 8.90
CA ARG A 40 9.53 5.53 8.29
C ARG A 40 9.46 5.13 6.80
N ILE A 41 8.58 4.21 6.36
CA ILE A 41 8.35 3.89 4.93
C ILE A 41 7.57 4.98 4.17
N LYS A 42 8.42 5.91 3.78
CA LYS A 42 8.10 7.14 3.04
C LYS A 42 8.41 7.10 1.53
N ILE A 43 8.52 5.93 0.89
CA ILE A 43 8.95 5.80 -0.52
C ILE A 43 7.97 6.43 -1.53
N GLY A 44 6.65 6.34 -1.30
CA GLY A 44 5.65 7.03 -2.14
C GLY A 44 4.18 6.89 -1.68
N PRO A 45 3.21 7.71 -2.14
CA PRO A 45 1.77 7.59 -1.82
C PRO A 45 1.14 6.19 -2.11
N LYS A 46 1.40 5.66 -3.31
CA LYS A 46 1.01 4.30 -3.69
C LYS A 46 1.72 3.19 -2.88
N CYS A 47 2.94 3.47 -2.40
CA CYS A 47 3.66 2.61 -1.47
C CYS A 47 2.95 2.54 -0.10
N VAL A 48 2.74 3.67 0.61
CA VAL A 48 1.91 3.69 1.82
C VAL A 48 0.50 3.09 1.66
N LYS A 49 -0.21 3.32 0.53
CA LYS A 49 -1.48 2.63 0.22
C LYS A 49 -1.35 1.08 0.20
N ALA A 50 -0.43 0.53 -0.61
CA ALA A 50 -0.09 -0.90 -0.65
C ALA A 50 0.30 -1.41 0.76
N PHE A 51 1.23 -0.69 1.41
CA PHE A 51 1.71 -0.97 2.77
C PHE A 51 0.55 -1.02 3.77
N LYS A 52 -0.24 0.05 3.93
CA LYS A 52 -1.33 0.10 4.90
C LYS A 52 -2.43 -0.94 4.65
N ASP A 53 -2.85 -1.26 3.42
CA ASP A 53 -3.83 -2.33 3.21
C ASP A 53 -3.31 -3.73 3.54
N CYS A 54 -2.12 -4.09 3.01
CA CYS A 54 -1.43 -5.32 3.39
C CYS A 54 -1.10 -5.40 4.91
N CYS A 55 -0.64 -4.32 5.55
CA CYS A 55 -0.36 -4.26 7.00
C CYS A 55 -1.62 -4.43 7.87
N TYR A 56 -2.76 -3.80 7.51
CA TYR A 56 -4.01 -4.05 8.22
C TYR A 56 -4.52 -5.49 8.05
N ILE A 57 -4.37 -6.15 6.90
CA ILE A 57 -4.59 -7.62 6.80
C ILE A 57 -3.64 -8.42 7.71
N ALA A 58 -2.34 -8.09 7.70
CA ALA A 58 -1.35 -8.66 8.63
C ALA A 58 -1.70 -8.46 10.12
N ASN A 59 -2.14 -7.26 10.52
CA ASN A 59 -2.67 -6.97 11.85
C ASN A 59 -3.98 -7.73 12.15
N GLN A 60 -4.92 -7.89 11.19
CA GLN A 60 -6.09 -8.77 11.34
C GLN A 60 -5.71 -10.26 11.49
N VAL A 61 -4.74 -10.78 10.73
CA VAL A 61 -4.16 -12.13 10.95
C VAL A 61 -3.49 -12.27 12.33
N ARG A 62 -2.74 -11.26 12.80
CA ARG A 62 -2.25 -11.21 14.19
C ARG A 62 -3.38 -11.19 15.24
N ALA A 63 -4.46 -10.42 15.05
CA ALA A 63 -5.62 -10.43 15.93
C ALA A 63 -6.46 -11.74 15.85
N GLU A 64 -6.93 -12.18 14.68
CA GLU A 64 -7.82 -13.34 14.55
C GLU A 64 -7.06 -14.70 14.62
N GLN A 65 -6.49 -14.98 15.78
CA GLN A 65 -5.85 -16.26 16.08
C GLN A 65 -6.71 -17.18 16.97
N SER A 66 -7.18 -16.76 18.03
N MET A 1 -8.59 -0.43 5.15
CA MET A 1 -9.28 -1.70 4.90
C MET A 1 -9.80 -1.89 3.45
N LEU A 2 -9.33 -1.08 2.48
CA LEU A 2 -9.82 -1.11 1.11
C LEU A 2 -9.21 -2.29 0.31
N GLN A 3 -9.97 -3.39 0.29
CA GLN A 3 -9.66 -4.62 -0.44
C GLN A 3 -9.39 -4.38 -1.94
N LYS A 4 -10.21 -3.51 -2.54
CA LYS A 4 -10.03 -3.01 -3.90
C LYS A 4 -8.65 -2.36 -4.11
N LYS A 5 -8.07 -1.63 -3.14
CA LYS A 5 -6.74 -1.05 -3.25
C LYS A 5 -5.61 -2.08 -3.12
N ILE A 6 -5.71 -3.09 -2.22
CA ILE A 6 -4.78 -4.25 -2.27
C ILE A 6 -4.91 -4.95 -3.64
N GLU A 7 -6.13 -5.29 -4.06
CA GLU A 7 -6.37 -5.88 -5.38
C GLU A 7 -5.93 -5.00 -6.56
N GLU A 8 -5.98 -3.65 -6.55
CA GLU A 8 -5.31 -2.82 -7.56
C GLU A 8 -3.77 -2.91 -7.54
N GLU A 9 -3.09 -2.57 -6.44
CA GLU A 9 -1.62 -2.56 -6.38
C GLU A 9 -1.00 -3.96 -6.47
N ALA A 10 -1.53 -4.97 -5.76
CA ALA A 10 -1.24 -6.37 -6.03
C ALA A 10 -1.92 -7.00 -7.28
N ALA A 11 -2.77 -6.37 -8.11
CA ALA A 11 -2.90 -6.75 -9.53
C ALA A 11 -1.74 -6.21 -10.40
N LYS A 12 -1.33 -4.96 -10.17
CA LYS A 12 -0.22 -4.30 -10.87
C LYS A 12 1.17 -4.88 -10.52
N TYR A 13 1.31 -6.20 -10.71
CA TYR A 13 2.53 -6.98 -10.43
C TYR A 13 3.80 -6.52 -11.17
N LYS A 14 3.62 -5.89 -12.34
CA LYS A 14 4.66 -5.16 -13.07
C LYS A 14 5.25 -3.97 -12.26
N TYR A 15 4.47 -3.33 -11.38
CA TYR A 15 4.97 -2.30 -10.46
C TYR A 15 5.42 -2.96 -9.14
N ALA A 16 6.56 -3.63 -9.36
CA ALA A 16 7.18 -4.59 -8.44
C ALA A 16 7.47 -4.01 -7.05
N MET A 17 8.03 -2.79 -7.00
CA MET A 17 8.32 -2.07 -5.77
C MET A 17 7.04 -1.69 -4.99
N LEU A 18 5.94 -1.36 -5.68
CA LEU A 18 4.71 -0.87 -5.04
C LEU A 18 3.83 -2.00 -4.49
N LYS A 19 3.66 -3.09 -5.24
CA LYS A 19 3.13 -4.31 -4.64
C LYS A 19 4.09 -4.92 -3.59
N LYS A 20 5.43 -4.78 -3.68
CA LYS A 20 6.33 -5.12 -2.56
C LYS A 20 6.07 -4.17 -1.37
N CYS A 21 5.79 -2.86 -1.52
CA CYS A 21 5.28 -2.02 -0.43
C CYS A 21 4.00 -2.56 0.24
N CYS A 22 3.02 -3.08 -0.54
CA CYS A 22 1.95 -3.95 -0.02
C CYS A 22 2.48 -5.08 0.83
N TYR A 23 3.41 -5.85 0.30
CA TYR A 23 3.88 -7.03 1.00
C TYR A 23 4.80 -6.74 2.21
N ASP A 24 5.51 -5.59 2.22
CA ASP A 24 6.06 -4.98 3.44
C ASP A 24 4.97 -4.68 4.50
N GLY A 25 3.86 -4.07 4.07
CA GLY A 25 2.65 -3.91 4.91
C GLY A 25 2.08 -5.24 5.45
N ALA A 26 2.02 -6.28 4.61
CA ALA A 26 1.58 -7.62 5.01
C ALA A 26 2.49 -8.30 6.05
N TYR A 27 3.84 -8.38 5.90
CA TYR A 27 4.69 -8.89 6.98
C TYR A 27 5.01 -7.84 8.08
N ARG A 28 4.04 -7.75 9.00
CA ARG A 28 4.09 -6.88 10.18
C ARG A 28 4.66 -7.57 11.44
N ASN A 29 5.69 -8.40 11.27
CA ASN A 29 6.30 -9.22 12.34
C ASN A 29 6.95 -8.43 13.49
N ASP A 30 7.37 -7.18 13.23
CA ASP A 30 7.82 -6.24 14.27
C ASP A 30 6.73 -5.81 15.28
N ASP A 31 5.45 -5.80 14.85
CA ASP A 31 4.30 -5.25 15.59
C ASP A 31 4.41 -3.78 16.08
N GLU A 32 5.07 -2.92 15.29
CA GLU A 32 4.96 -1.46 15.42
C GLU A 32 3.66 -0.89 14.83
N THR A 33 3.42 0.41 15.03
CA THR A 33 2.36 1.16 14.34
C THR A 33 2.68 1.39 12.84
N CYS A 34 1.69 1.08 12.00
CA CYS A 34 1.82 1.02 10.54
C CYS A 34 2.35 2.31 9.89
N GLU A 35 1.73 3.43 10.27
CA GLU A 35 2.07 4.76 9.76
C GLU A 35 3.36 5.36 10.36
N GLU A 36 3.92 4.85 11.46
CA GLU A 36 5.25 5.26 11.95
C GLU A 36 6.38 4.46 11.29
N ARG A 37 6.21 3.12 11.12
CA ARG A 37 7.12 2.36 10.28
C ARG A 37 6.99 2.78 8.80
N ALA A 38 5.80 3.08 8.26
CA ALA A 38 5.67 3.70 6.94
C ALA A 38 5.69 5.25 6.88
N ALA A 39 6.00 5.97 7.98
CA ALA A 39 6.77 7.21 7.90
C ALA A 39 8.23 6.97 7.53
N ARG A 40 8.85 5.91 8.08
CA ARG A 40 10.17 5.44 7.63
C ARG A 40 10.16 4.83 6.20
N ILE A 41 9.18 3.99 5.82
CA ILE A 41 8.89 3.66 4.41
C ILE A 41 8.18 4.83 3.67
N LYS A 42 9.11 5.69 3.30
CA LYS A 42 8.88 7.00 2.68
C LYS A 42 9.01 7.04 1.14
N ILE A 43 8.98 5.87 0.48
CA ILE A 43 9.34 5.72 -0.95
C ILE A 43 8.38 6.45 -1.91
N GLY A 44 7.05 6.39 -1.71
CA GLY A 44 6.10 7.13 -2.55
C GLY A 44 4.60 7.03 -2.14
N PRO A 45 3.67 7.86 -2.65
CA PRO A 45 2.25 7.89 -2.25
C PRO A 45 1.46 6.59 -2.49
N LYS A 46 1.62 5.96 -3.67
CA LYS A 46 1.09 4.64 -3.98
C LYS A 46 1.70 3.53 -3.10
N CYS A 47 2.98 3.69 -2.73
CA CYS A 47 3.68 2.79 -1.80
C CYS A 47 3.05 2.86 -0.39
N VAL A 48 2.99 4.02 0.29
CA VAL A 48 2.23 4.17 1.54
C VAL A 48 0.77 3.69 1.46
N LYS A 49 0.05 3.95 0.37
CA LYS A 49 -1.31 3.42 0.18
C LYS A 49 -1.40 1.87 0.06
N ALA A 50 -0.59 1.22 -0.80
CA ALA A 50 -0.41 -0.25 -0.83
C ALA A 50 -0.04 -0.77 0.58
N PHE A 51 0.97 -0.14 1.20
CA PHE A 51 1.44 -0.44 2.56
C PHE A 51 0.31 -0.35 3.59
N LYS A 52 -0.35 0.80 3.75
CA LYS A 52 -1.43 1.00 4.73
C LYS A 52 -2.63 0.06 4.56
N ASP A 53 -3.13 -0.21 3.33
CA ASP A 53 -4.24 -1.16 3.20
C ASP A 53 -3.85 -2.64 3.44
N CYS A 54 -2.69 -3.09 2.92
CA CYS A 54 -2.11 -4.38 3.34
C CYS A 54 -1.78 -4.44 4.87
N CYS A 55 -1.34 -3.35 5.51
CA CYS A 55 -1.14 -3.27 6.95
C CYS A 55 -2.45 -3.38 7.77
N TYR A 56 -3.58 -2.83 7.30
CA TYR A 56 -4.89 -3.15 7.85
C TYR A 56 -5.28 -4.63 7.70
N ILE A 57 -4.99 -5.29 6.56
CA ILE A 57 -5.13 -6.75 6.45
C ILE A 57 -4.22 -7.52 7.43
N ALA A 58 -2.96 -7.07 7.57
CA ALA A 58 -2.03 -7.56 8.58
C ALA A 58 -2.54 -7.42 10.03
N ASN A 59 -3.14 -6.28 10.42
CA ASN A 59 -3.84 -6.14 11.70
C ASN A 59 -5.03 -7.11 11.87
N GLN A 60 -5.86 -7.29 10.82
CA GLN A 60 -6.92 -8.30 10.80
C GLN A 60 -6.41 -9.75 10.98
N VAL A 61 -5.26 -10.09 10.36
CA VAL A 61 -4.53 -11.33 10.64
C VAL A 61 -3.95 -11.36 12.07
N ARG A 62 -3.14 -10.39 12.50
CA ARG A 62 -2.56 -10.35 13.85
C ARG A 62 -3.55 -10.17 15.02
N ALA A 63 -4.82 -9.82 14.76
CA ALA A 63 -5.92 -10.02 15.70
C ALA A 63 -6.22 -11.50 16.00
N GLU A 64 -5.93 -12.44 15.09
CA GLU A 64 -6.17 -13.87 15.32
C GLU A 64 -4.93 -14.78 15.12
N GLN A 65 -3.96 -14.46 14.26
CA GLN A 65 -2.67 -15.17 14.23
C GLN A 65 -1.52 -14.30 14.80
N SER A 66 -1.14 -13.29 14.20
N MET A 1 -3.95 3.51 -7.76
CA MET A 1 -4.54 2.49 -6.88
C MET A 1 -3.50 1.74 -6.02
N LEU A 2 -3.82 1.55 -4.73
CA LEU A 2 -2.94 0.93 -3.73
C LEU A 2 -2.50 -0.51 -4.08
N GLN A 3 -3.45 -1.37 -4.46
CA GLN A 3 -3.21 -2.75 -4.90
C GLN A 3 -2.26 -2.83 -6.12
N LYS A 4 -2.46 -1.95 -7.10
CA LYS A 4 -1.61 -1.82 -8.29
C LYS A 4 -0.18 -1.36 -7.91
N LYS A 5 -0.05 -0.35 -7.03
CA LYS A 5 1.24 0.06 -6.48
C LYS A 5 1.96 -1.02 -5.64
N ILE A 6 1.27 -1.81 -4.80
CA ILE A 6 1.87 -3.03 -4.18
C ILE A 6 2.31 -4.02 -5.26
N GLU A 7 1.48 -4.27 -6.29
CA GLU A 7 1.84 -5.10 -7.44
C GLU A 7 3.07 -4.56 -8.20
N GLU A 8 3.23 -3.27 -8.53
CA GLU A 8 4.51 -2.77 -9.10
C GLU A 8 5.71 -2.89 -8.14
N GLU A 9 5.57 -2.60 -6.84
CA GLU A 9 6.68 -2.71 -5.87
C GLU A 9 6.98 -4.15 -5.43
N ALA A 10 6.00 -5.01 -5.15
CA ALA A 10 6.20 -6.46 -5.06
C ALA A 10 5.72 -7.35 -6.23
N ALA A 11 5.94 -7.03 -7.51
CA ALA A 11 5.75 -7.94 -8.66
C ALA A 11 6.55 -9.29 -8.68
N LYS A 12 6.89 -9.83 -7.50
CA LYS A 12 7.78 -11.00 -7.28
C LYS A 12 9.08 -10.99 -8.13
N TYR A 13 9.74 -9.82 -8.14
CA TYR A 13 10.71 -9.47 -9.16
C TYR A 13 12.08 -9.12 -8.54
N LYS A 14 12.84 -8.25 -9.19
CA LYS A 14 14.28 -8.00 -8.95
C LYS A 14 14.59 -7.26 -7.64
N TYR A 15 13.85 -6.19 -7.34
CA TYR A 15 14.16 -5.30 -6.20
C TYR A 15 13.70 -5.85 -4.84
N ALA A 16 14.55 -6.78 -4.37
CA ALA A 16 14.41 -7.55 -3.13
C ALA A 16 14.21 -6.72 -1.84
N MET A 17 15.11 -5.78 -1.53
CA MET A 17 15.02 -4.94 -0.32
C MET A 17 13.80 -3.99 -0.32
N LEU A 18 13.36 -3.58 -1.51
CA LEU A 18 12.24 -2.68 -1.71
C LEU A 18 10.88 -3.36 -1.55
N LYS A 19 10.64 -4.52 -2.22
CA LYS A 19 9.51 -5.36 -1.85
C LYS A 19 9.60 -5.92 -0.41
N LYS A 20 10.79 -6.13 0.19
CA LYS A 20 10.92 -6.37 1.63
C LYS A 20 10.52 -5.11 2.45
N CYS A 21 10.79 -3.85 2.04
CA CYS A 21 10.12 -2.67 2.66
C CYS A 21 8.59 -2.70 2.59
N CYS A 22 7.98 -3.16 1.47
CA CYS A 22 6.56 -3.56 1.45
C CYS A 22 6.24 -4.52 2.59
N TYR A 23 6.99 -5.60 2.70
CA TYR A 23 6.67 -6.62 3.68
C TYR A 23 7.01 -6.23 5.14
N ASP A 24 7.92 -5.27 5.36
CA ASP A 24 7.98 -4.47 6.60
C ASP A 24 6.67 -3.70 6.87
N GLY A 25 6.12 -2.98 5.89
CA GLY A 25 4.81 -2.32 6.00
C GLY A 25 3.63 -3.25 6.24
N ALA A 26 3.60 -4.41 5.57
CA ALA A 26 2.61 -5.46 5.83
C ALA A 26 2.72 -6.08 7.24
N TYR A 27 3.94 -6.36 7.74
CA TYR A 27 4.14 -6.81 9.13
C TYR A 27 3.98 -5.66 10.16
N ARG A 28 2.72 -5.27 10.37
CA ARG A 28 2.33 -4.36 11.46
C ARG A 28 1.86 -5.16 12.69
N ASN A 29 2.60 -5.06 13.81
CA ASN A 29 2.48 -5.98 14.94
C ASN A 29 2.44 -5.25 16.31
N ASP A 30 3.48 -5.26 17.18
CA ASP A 30 3.53 -4.50 18.43
C ASP A 30 3.51 -2.96 18.22
N ASP A 31 3.93 -2.52 17.04
CA ASP A 31 3.87 -1.13 16.60
C ASP A 31 2.42 -0.64 16.38
N GLU A 32 2.10 0.47 17.06
CA GLU A 32 0.81 1.17 16.94
C GLU A 32 0.56 1.79 15.55
N THR A 33 1.43 2.71 15.10
CA THR A 33 1.22 3.46 13.85
C THR A 33 2.42 3.30 12.90
N CYS A 34 2.20 2.62 11.76
CA CYS A 34 3.23 2.31 10.76
C CYS A 34 3.88 3.53 10.05
N GLU A 35 3.19 4.67 9.92
CA GLU A 35 3.76 5.91 9.38
C GLU A 35 4.80 6.58 10.32
N GLU A 36 4.70 6.45 11.65
CA GLU A 36 5.74 6.94 12.58
C GLU A 36 7.02 6.08 12.49
N ARG A 37 6.78 4.76 12.51
CA ARG A 37 7.76 3.74 12.16
C ARG A 37 8.43 4.00 10.78
N ALA A 38 7.68 4.28 9.70
CA ALA A 38 8.27 4.69 8.42
C ALA A 38 8.54 6.20 8.21
N ALA A 39 8.37 7.05 9.23
CA ALA A 39 9.26 8.19 9.41
C ALA A 39 10.69 7.72 9.69
N ARG A 40 10.88 6.76 10.63
CA ARG A 40 12.20 6.15 10.91
C ARG A 40 12.79 5.30 9.74
N ILE A 41 12.03 4.39 9.09
CA ILE A 41 12.43 3.73 7.83
C ILE A 41 12.49 4.70 6.65
N LYS A 42 13.70 5.20 6.56
CA LYS A 42 14.16 6.10 5.50
C LYS A 42 15.35 5.51 4.71
N ILE A 43 15.26 4.24 4.31
CA ILE A 43 16.28 3.55 3.50
C ILE A 43 16.33 4.10 2.06
N GLY A 44 15.16 4.37 1.45
CA GLY A 44 15.07 5.01 0.13
C GLY A 44 13.66 5.46 -0.27
N PRO A 45 13.43 6.42 -1.20
CA PRO A 45 12.10 6.85 -1.68
C PRO A 45 11.16 5.72 -2.16
N LYS A 46 11.72 4.79 -2.94
CA LYS A 46 11.03 3.58 -3.42
C LYS A 46 10.67 2.62 -2.27
N CYS A 47 11.52 2.57 -1.21
CA CYS A 47 11.28 1.78 0.00
C CYS A 47 10.11 2.37 0.81
N VAL A 48 10.13 3.67 1.19
CA VAL A 48 8.96 4.32 1.79
C VAL A 48 7.66 4.23 0.97
N LYS A 49 7.73 4.35 -0.37
CA LYS A 49 6.56 4.08 -1.25
C LYS A 49 5.98 2.66 -1.07
N ALA A 50 6.79 1.60 -1.28
CA ALA A 50 6.42 0.20 -1.02
C ALA A 50 5.87 0.01 0.41
N PHE A 51 6.62 0.54 1.40
CA PHE A 51 6.23 0.54 2.82
C PHE A 51 4.86 1.19 3.02
N LYS A 52 4.63 2.44 2.58
CA LYS A 52 3.35 3.13 2.74
C LYS A 52 2.17 2.42 2.07
N ASP A 53 2.30 1.86 0.85
CA ASP A 53 1.21 1.11 0.21
C ASP A 53 0.79 -0.15 1.00
N CYS A 54 1.80 -0.97 1.36
CA CYS A 54 1.59 -2.09 2.28
C CYS A 54 1.13 -1.69 3.71
N CYS A 55 1.64 -0.58 4.30
CA CYS A 55 1.11 0.01 5.54
C CYS A 55 -0.36 0.46 5.43
N TYR A 56 -0.79 1.05 4.31
CA TYR A 56 -2.21 1.29 4.05
C TYR A 56 -3.05 0.00 3.95
N ILE A 57 -2.63 -1.13 3.32
CA ILE A 57 -3.43 -2.37 3.49
C ILE A 57 -3.34 -2.99 4.90
N ALA A 58 -2.22 -2.87 5.63
CA ALA A 58 -2.13 -3.23 7.06
C ALA A 58 -3.09 -2.42 7.94
N ASN A 59 -3.21 -1.11 7.67
CA ASN A 59 -4.22 -0.24 8.29
C ASN A 59 -5.67 -0.66 7.94
N GLN A 60 -5.95 -1.03 6.68
CA GLN A 60 -7.25 -1.63 6.31
C GLN A 60 -7.52 -2.98 7.00
N VAL A 61 -6.54 -3.87 7.17
CA VAL A 61 -6.67 -5.07 8.01
C VAL A 61 -6.98 -4.74 9.48
N ARG A 62 -6.29 -3.77 10.11
CA ARG A 62 -6.66 -3.28 11.45
C ARG A 62 -8.04 -2.59 11.53
N ALA A 63 -8.48 -1.84 10.51
CA ALA A 63 -9.85 -1.31 10.45
C ALA A 63 -10.92 -2.36 10.12
N GLU A 64 -10.80 -3.14 9.04
CA GLU A 64 -11.83 -4.09 8.60
C GLU A 64 -11.77 -5.44 9.38
N GLN A 65 -12.10 -5.36 10.67
CA GLN A 65 -12.24 -6.53 11.53
C GLN A 65 -13.70 -7.03 11.66
N SER A 66 -14.59 -6.23 11.97
N MET A 1 -6.78 -2.85 0.08
CA MET A 1 -7.35 -3.07 -1.24
C MET A 1 -6.43 -2.75 -2.45
N LEU A 2 -5.56 -1.73 -2.39
CA LEU A 2 -4.72 -1.34 -3.55
C LEU A 2 -3.53 -2.29 -3.85
N GLN A 3 -3.93 -3.45 -4.39
CA GLN A 3 -3.03 -4.45 -4.97
C GLN A 3 -2.18 -3.92 -6.14
N LYS A 4 -2.65 -2.88 -6.84
CA LYS A 4 -1.89 -2.12 -7.84
C LYS A 4 -0.63 -1.47 -7.23
N LYS A 5 -0.72 -0.84 -6.05
CA LYS A 5 0.45 -0.32 -5.34
C LYS A 5 1.37 -1.43 -4.78
N ILE A 6 0.80 -2.50 -4.21
CA ILE A 6 1.59 -3.72 -3.88
C ILE A 6 2.30 -4.23 -5.14
N GLU A 7 1.62 -4.48 -6.28
CA GLU A 7 2.27 -4.90 -7.51
C GLU A 7 3.08 -3.81 -8.26
N GLU A 8 3.04 -2.50 -7.99
CA GLU A 8 4.10 -1.59 -8.45
C GLU A 8 5.44 -1.85 -7.72
N GLU A 9 5.37 -2.09 -6.41
CA GLU A 9 6.55 -2.39 -5.57
C GLU A 9 6.96 -3.86 -5.54
N ALA A 10 6.01 -4.77 -5.67
CA ALA A 10 6.23 -6.16 -6.09
C ALA A 10 5.96 -6.55 -7.58
N ALA A 11 6.05 -5.71 -8.62
CA ALA A 11 6.11 -6.10 -10.06
C ALA A 11 7.23 -7.11 -10.47
N LYS A 12 7.19 -8.26 -9.78
CA LYS A 12 8.05 -9.44 -9.96
C LYS A 12 9.54 -9.20 -9.61
N TYR A 13 10.13 -8.13 -10.18
CA TYR A 13 11.42 -7.52 -9.83
C TYR A 13 12.72 -8.32 -10.01
N LYS A 14 13.61 -7.58 -10.68
CA LYS A 14 15.05 -7.71 -10.49
C LYS A 14 15.50 -7.26 -9.09
N TYR A 15 14.96 -6.13 -8.60
CA TYR A 15 15.23 -5.60 -7.26
C TYR A 15 14.36 -6.28 -6.16
N ALA A 16 14.73 -7.56 -6.02
CA ALA A 16 14.10 -8.53 -5.12
C ALA A 16 14.17 -8.16 -3.63
N MET A 17 15.28 -7.55 -3.19
CA MET A 17 15.44 -7.03 -1.83
C MET A 17 14.48 -5.86 -1.51
N LEU A 18 14.15 -5.05 -2.53
CA LEU A 18 13.20 -3.96 -2.42
C LEU A 18 11.73 -4.43 -2.43
N LYS A 19 11.33 -5.32 -3.34
CA LYS A 19 10.15 -6.17 -3.11
C LYS A 19 10.12 -6.91 -1.73
N LYS A 20 11.22 -7.48 -1.21
CA LYS A 20 11.27 -7.97 0.18
C LYS A 20 11.08 -6.84 1.22
N CYS A 21 11.58 -5.59 1.01
CA CYS A 21 11.20 -4.43 1.83
C CYS A 21 9.66 -4.19 1.84
N CYS A 22 8.98 -4.35 0.67
CA CYS A 22 7.51 -4.51 0.59
C CYS A 22 7.00 -5.56 1.56
N TYR A 23 7.55 -6.77 1.50
CA TYR A 23 7.01 -7.86 2.30
C TYR A 23 7.30 -7.76 3.81
N ASP A 24 8.44 -7.16 4.18
CA ASP A 24 8.70 -6.69 5.54
C ASP A 24 7.71 -5.60 6.02
N GLY A 25 7.23 -4.73 5.11
CA GLY A 25 6.12 -3.80 5.40
C GLY A 25 4.73 -4.47 5.42
N ALA A 26 4.45 -5.41 4.50
CA ALA A 26 3.21 -6.17 4.45
C ALA A 26 2.94 -6.99 5.73
N TYR A 27 3.98 -7.54 6.38
CA TYR A 27 3.84 -8.02 7.77
C TYR A 27 3.69 -6.87 8.79
N ARG A 28 2.52 -6.22 8.79
CA ARG A 28 2.18 -5.13 9.72
C ARG A 28 2.11 -5.59 11.20
N ASN A 29 3.08 -5.10 11.97
CA ASN A 29 3.21 -5.30 13.41
C ASN A 29 2.12 -4.60 14.26
N ASP A 30 1.67 -5.27 15.34
CA ASP A 30 0.63 -4.80 16.27
C ASP A 30 1.04 -3.61 17.17
N ASP A 31 1.34 -2.51 16.49
CA ASP A 31 1.53 -1.18 17.08
C ASP A 31 0.30 -0.27 16.78
N GLU A 32 0.36 1.01 17.12
CA GLU A 32 -0.66 2.01 16.76
C GLU A 32 -0.72 2.20 15.23
N THR A 33 0.38 2.69 14.63
CA THR A 33 0.57 2.72 13.18
C THR A 33 2.03 2.46 12.78
N CYS A 34 2.20 1.66 11.72
CA CYS A 34 3.50 1.41 11.10
C CYS A 34 4.10 2.67 10.42
N GLU A 35 3.27 3.62 9.97
CA GLU A 35 3.71 4.80 9.22
C GLU A 35 4.49 5.84 10.06
N GLU A 36 4.31 5.87 11.39
CA GLU A 36 5.16 6.65 12.31
C GLU A 36 6.61 6.12 12.35
N ARG A 37 6.71 4.81 12.61
CA ARG A 37 7.97 4.07 12.53
C ARG A 37 8.58 4.11 11.12
N ALA A 38 7.82 3.88 10.04
CA ALA A 38 8.30 4.04 8.68
C ALA A 38 8.40 5.48 8.11
N ALA A 39 7.94 6.52 8.82
CA ALA A 39 8.52 7.86 8.67
C ALA A 39 9.98 7.90 9.15
N ARG A 40 10.27 7.34 10.34
CA ARG A 40 11.65 7.22 10.86
C ARG A 40 12.53 6.14 10.18
N ILE A 41 11.97 5.11 9.53
CA ILE A 41 12.69 4.18 8.64
C ILE A 41 13.14 4.94 7.37
N LYS A 42 14.39 5.35 7.52
CA LYS A 42 15.14 6.09 6.50
C LYS A 42 16.34 5.32 5.86
N ILE A 43 16.28 3.98 5.82
CA ILE A 43 17.40 3.14 5.34
C ILE A 43 17.69 3.24 3.83
N GLY A 44 16.66 3.49 3.01
CA GLY A 44 16.80 3.69 1.56
C GLY A 44 15.50 4.18 0.88
N PRO A 45 15.47 5.16 -0.06
CA PRO A 45 14.22 5.76 -0.58
C PRO A 45 13.25 4.81 -1.32
N LYS A 46 13.74 3.94 -2.21
CA LYS A 46 12.91 2.91 -2.87
C LYS A 46 12.48 1.82 -1.85
N CYS A 47 13.31 1.55 -0.82
CA CYS A 47 12.98 0.61 0.24
C CYS A 47 11.79 1.16 1.04
N VAL A 48 11.83 2.38 1.66
CA VAL A 48 10.62 3.00 2.22
C VAL A 48 9.45 3.16 1.26
N LYS A 49 9.62 3.46 -0.04
CA LYS A 49 8.50 3.42 -1.00
C LYS A 49 7.80 2.04 -1.03
N ALA A 50 8.53 0.94 -1.28
CA ALA A 50 8.01 -0.43 -1.18
C ALA A 50 7.46 -0.76 0.22
N PHE A 51 8.28 -0.58 1.27
CA PHE A 51 7.93 -0.83 2.66
C PHE A 51 6.73 -0.02 3.17
N LYS A 52 6.78 1.32 3.08
CA LYS A 52 5.73 2.16 3.63
C LYS A 52 4.43 2.07 2.78
N ASP A 53 4.49 1.80 1.45
CA ASP A 53 3.25 1.56 0.69
C ASP A 53 2.62 0.20 0.96
N CYS A 54 3.38 -0.92 0.99
CA CYS A 54 2.88 -2.19 1.51
C CYS A 54 2.38 -2.11 2.96
N CYS A 55 3.07 -1.42 3.88
CA CYS A 55 2.58 -1.14 5.24
C CYS A 55 1.26 -0.35 5.27
N TYR A 56 1.09 0.72 4.47
CA TYR A 56 -0.20 1.40 4.31
C TYR A 56 -1.32 0.47 3.80
N ILE A 57 -1.09 -0.36 2.77
CA ILE A 57 -2.10 -1.31 2.28
C ILE A 57 -2.42 -2.41 3.32
N ALA A 58 -1.39 -2.92 4.00
CA ALA A 58 -1.54 -3.83 5.15
C ALA A 58 -2.33 -3.21 6.32
N ASN A 59 -2.05 -1.95 6.69
CA ASN A 59 -2.85 -1.18 7.65
C ASN A 59 -4.30 -0.93 7.16
N GLN A 60 -4.48 -0.59 5.88
CA GLN A 60 -5.81 -0.50 5.22
C GLN A 60 -6.59 -1.83 5.29
N VAL A 61 -5.95 -2.98 4.98
CA VAL A 61 -6.54 -4.31 5.20
C VAL A 61 -6.81 -4.60 6.69
N ARG A 62 -5.87 -4.39 7.63
CA ARG A 62 -6.12 -4.57 9.07
C ARG A 62 -7.13 -3.59 9.71
N ALA A 63 -7.36 -2.38 9.15
CA ALA A 63 -8.51 -1.55 9.52
C ALA A 63 -9.85 -2.08 8.95
N GLU A 64 -9.84 -2.63 7.73
CA GLU A 64 -11.01 -3.25 7.11
C GLU A 64 -11.33 -4.66 7.67
N GLN A 65 -10.33 -5.53 7.87
CA GLN A 65 -10.53 -6.86 8.46
C GLN A 65 -9.56 -7.14 9.64
N SER A 66 -8.34 -7.17 9.44
N MET A 1 -3.49 3.85 -9.31
CA MET A 1 -4.10 2.98 -8.32
C MET A 1 -3.09 2.21 -7.43
N LEU A 2 -3.53 1.89 -6.21
CA LEU A 2 -2.74 1.20 -5.18
C LEU A 2 -2.26 -0.21 -5.61
N GLN A 3 -3.19 -0.96 -6.21
CA GLN A 3 -2.96 -2.31 -6.76
C GLN A 3 -1.87 -2.34 -7.84
N LYS A 4 -1.92 -1.36 -8.76
CA LYS A 4 -0.89 -1.14 -9.78
C LYS A 4 0.47 -0.80 -9.18
N LYS A 5 0.54 0.09 -8.18
CA LYS A 5 1.78 0.40 -7.49
C LYS A 5 2.36 -0.76 -6.65
N ILE A 6 1.56 -1.62 -5.99
CA ILE A 6 2.07 -2.89 -5.43
C ILE A 6 2.64 -3.78 -6.55
N GLU A 7 1.90 -3.95 -7.66
CA GLU A 7 2.37 -4.66 -8.86
C GLU A 7 3.68 -4.08 -9.43
N GLU A 8 3.81 -2.76 -9.69
CA GLU A 8 5.05 -2.18 -10.20
C GLU A 8 6.25 -2.22 -9.21
N GLU A 9 6.03 -2.19 -7.89
CA GLU A 9 7.11 -2.35 -6.90
C GLU A 9 7.33 -3.79 -6.40
N ALA A 10 6.34 -4.70 -6.36
CA ALA A 10 6.58 -6.14 -6.26
C ALA A 10 6.33 -7.04 -7.51
N ALA A 11 6.53 -6.58 -8.76
CA ALA A 11 6.37 -7.37 -9.99
C ALA A 11 7.03 -8.76 -10.06
N LYS A 12 8.35 -8.81 -9.91
CA LYS A 12 9.13 -10.05 -9.84
C LYS A 12 10.45 -9.77 -9.07
N TYR A 13 11.20 -8.81 -9.64
CA TYR A 13 12.35 -8.13 -9.07
C TYR A 13 13.68 -8.87 -8.86
N LYS A 14 14.67 -8.23 -9.50
CA LYS A 14 16.07 -8.22 -9.06
C LYS A 14 16.19 -7.49 -7.70
N TYR A 15 15.58 -6.30 -7.54
CA TYR A 15 15.55 -5.54 -6.28
C TYR A 15 14.44 -6.01 -5.31
N ALA A 16 14.76 -7.25 -4.88
CA ALA A 16 14.03 -8.03 -3.91
C ALA A 16 13.93 -7.32 -2.53
N MET A 17 14.92 -6.50 -2.19
CA MET A 17 14.91 -5.62 -1.03
C MET A 17 13.84 -4.51 -1.10
N LEU A 18 13.50 -4.00 -2.29
CA LEU A 18 12.50 -2.95 -2.47
C LEU A 18 11.07 -3.52 -2.55
N LYS A 19 10.91 -4.65 -3.24
CA LYS A 19 9.77 -5.53 -3.01
C LYS A 19 9.61 -6.02 -1.54
N LYS A 20 10.68 -6.39 -0.82
CA LYS A 20 10.61 -6.65 0.64
C LYS A 20 10.37 -5.36 1.47
N CYS A 21 10.67 -4.16 0.95
CA CYS A 21 10.17 -2.89 1.51
C CYS A 21 8.63 -2.74 1.38
N CYS A 22 8.01 -3.20 0.28
CA CYS A 22 6.56 -3.51 0.24
C CYS A 22 6.17 -4.43 1.38
N TYR A 23 6.84 -5.56 1.50
CA TYR A 23 6.44 -6.54 2.49
C TYR A 23 6.79 -6.15 3.96
N ASP A 24 7.74 -5.21 4.15
CA ASP A 24 7.90 -4.38 5.36
C ASP A 24 6.64 -3.54 5.64
N GLY A 25 6.11 -2.82 4.63
CA GLY A 25 4.81 -2.12 4.74
C GLY A 25 3.61 -3.02 5.06
N ALA A 26 3.53 -4.20 4.46
CA ALA A 26 2.52 -5.20 4.80
C ALA A 26 2.65 -5.78 6.22
N TYR A 27 3.86 -6.11 6.69
CA TYR A 27 4.09 -6.62 8.04
C TYR A 27 4.00 -5.51 9.13
N ARG A 28 2.79 -4.97 9.34
CA ARG A 28 2.52 -3.98 10.39
C ARG A 28 2.36 -4.63 11.80
N ASN A 29 3.48 -5.24 12.23
CA ASN A 29 3.60 -5.90 13.53
C ASN A 29 4.71 -5.30 14.41
N ASP A 30 5.82 -4.82 13.81
CA ASP A 30 6.96 -4.21 14.51
C ASP A 30 6.62 -2.87 15.20
N ASP A 31 5.74 -2.08 14.57
CA ASP A 31 5.27 -0.79 15.07
C ASP A 31 3.79 -0.62 14.73
N GLU A 32 3.07 0.05 15.64
CA GLU A 32 1.64 0.34 15.50
C GLU A 32 1.30 1.30 14.34
N THR A 33 2.17 2.27 13.98
CA THR A 33 1.89 3.26 12.92
C THR A 33 2.89 3.17 11.75
N CYS A 34 2.47 2.54 10.65
CA CYS A 34 3.34 2.28 9.49
C CYS A 34 3.89 3.53 8.77
N GLU A 35 3.13 4.62 8.71
CA GLU A 35 3.57 5.91 8.17
C GLU A 35 4.69 6.58 9.00
N GLU A 36 4.63 6.52 10.34
CA GLU A 36 5.68 7.06 11.22
C GLU A 36 6.94 6.17 11.17
N ARG A 37 6.72 4.86 11.19
CA ARG A 37 7.71 3.84 10.86
C ARG A 37 8.37 4.12 9.49
N ALA A 38 7.64 4.41 8.40
CA ALA A 38 8.25 4.81 7.13
C ALA A 38 8.63 6.31 6.96
N ALA A 39 8.38 7.17 7.94
CA ALA A 39 9.24 8.34 8.18
C ALA A 39 10.66 7.94 8.64
N ARG A 40 10.80 6.84 9.42
CA ARG A 40 12.11 6.23 9.72
C ARG A 40 12.72 5.46 8.51
N ILE A 41 11.97 4.60 7.79
CA ILE A 41 12.40 3.96 6.53
C ILE A 41 12.52 4.94 5.33
N LYS A 42 13.74 5.46 5.36
CA LYS A 42 14.31 6.42 4.41
C LYS A 42 15.22 5.81 3.33
N ILE A 43 15.24 4.48 3.14
CA ILE A 43 16.25 3.75 2.35
C ILE A 43 16.25 4.13 0.85
N GLY A 44 15.10 4.34 0.21
CA GLY A 44 15.05 4.78 -1.19
C GLY A 44 13.66 5.26 -1.68
N PRO A 45 13.51 6.06 -2.77
CA PRO A 45 12.22 6.45 -3.36
C PRO A 45 11.26 5.29 -3.71
N LYS A 46 11.76 4.28 -4.44
CA LYS A 46 11.03 3.03 -4.72
C LYS A 46 10.66 2.23 -3.45
N CYS A 47 11.51 2.30 -2.40
CA CYS A 47 11.26 1.69 -1.11
C CYS A 47 10.04 2.36 -0.44
N VAL A 48 10.04 3.69 -0.19
CA VAL A 48 8.84 4.38 0.30
C VAL A 48 7.59 4.23 -0.57
N LYS A 49 7.65 4.22 -1.92
CA LYS A 49 6.50 3.85 -2.77
C LYS A 49 5.91 2.46 -2.45
N ALA A 50 6.77 1.42 -2.49
CA ALA A 50 6.42 0.04 -2.15
C ALA A 50 5.82 -0.03 -0.72
N PHE A 51 6.58 0.55 0.23
CA PHE A 51 6.18 0.65 1.63
C PHE A 51 4.82 1.34 1.78
N LYS A 52 4.62 2.57 1.27
CA LYS A 52 3.35 3.29 1.39
C LYS A 52 2.15 2.53 0.84
N ASP A 53 2.20 1.97 -0.39
CA ASP A 53 1.04 1.26 -0.93
C ASP A 53 0.70 -0.05 -0.19
N CYS A 54 1.71 -0.87 0.15
CA CYS A 54 1.51 -1.99 1.06
C CYS A 54 1.08 -1.57 2.50
N CYS A 55 1.59 -0.46 3.07
CA CYS A 55 1.12 0.14 4.33
C CYS A 55 -0.34 0.65 4.27
N TYR A 56 -0.80 1.29 3.19
CA TYR A 56 -2.23 1.62 3.03
C TYR A 56 -3.12 0.37 2.88
N ILE A 57 -2.65 -0.74 2.29
CA ILE A 57 -3.31 -2.05 2.43
C ILE A 57 -3.34 -2.57 3.89
N ALA A 58 -2.19 -2.53 4.57
CA ALA A 58 -2.07 -2.84 6.00
C ALA A 58 -3.03 -2.03 6.89
N ASN A 59 -3.11 -0.70 6.68
CA ASN A 59 -4.06 0.18 7.36
C ASN A 59 -5.53 -0.13 7.04
N GLN A 60 -5.88 -0.60 5.83
CA GLN A 60 -7.19 -1.18 5.56
C GLN A 60 -7.41 -2.52 6.28
N VAL A 61 -6.57 -3.55 6.10
CA VAL A 61 -6.79 -4.87 6.72
C VAL A 61 -6.72 -4.89 8.26
N ARG A 62 -6.05 -3.92 8.93
CA ARG A 62 -6.18 -3.71 10.39
C ARG A 62 -7.62 -3.37 10.86
N ALA A 63 -8.53 -2.91 9.99
CA ALA A 63 -9.95 -2.75 10.34
C ALA A 63 -10.73 -4.09 10.31
N GLU A 64 -10.26 -5.07 9.51
CA GLU A 64 -10.82 -6.42 9.49
C GLU A 64 -10.06 -7.39 10.43
N GLN A 65 -8.73 -7.41 10.39
CA GLN A 65 -7.92 -8.32 11.21
C GLN A 65 -7.05 -7.60 12.27
N SER A 66 -6.21 -6.78 11.91
N MET A 1 -5.72 -0.05 -2.16
CA MET A 1 -5.90 1.24 -2.84
C MET A 1 -4.78 1.52 -3.88
N LEU A 2 -3.58 1.94 -3.45
CA LEU A 2 -2.44 2.22 -4.34
C LEU A 2 -1.69 0.96 -4.85
N GLN A 3 -2.48 0.12 -5.53
CA GLN A 3 -1.99 -1.08 -6.20
C GLN A 3 -0.96 -0.78 -7.30
N LYS A 4 -1.13 0.36 -7.99
CA LYS A 4 -0.17 0.91 -8.97
C LYS A 4 1.25 1.08 -8.39
N LYS A 5 1.40 1.64 -7.18
CA LYS A 5 2.70 1.77 -6.54
C LYS A 5 3.26 0.42 -6.02
N ILE A 6 2.40 -0.48 -5.49
CA ILE A 6 2.81 -1.88 -5.24
C ILE A 6 3.28 -2.55 -6.54
N GLU A 7 2.52 -2.44 -7.65
CA GLU A 7 2.91 -2.95 -8.96
C GLU A 7 4.18 -2.29 -9.51
N GLU A 8 4.43 -0.98 -9.49
CA GLU A 8 5.72 -0.41 -9.94
C GLU A 8 6.93 -0.85 -9.12
N GLU A 9 6.81 -0.95 -7.78
CA GLU A 9 7.87 -1.41 -6.91
C GLU A 9 8.00 -2.94 -6.80
N ALA A 10 6.93 -3.74 -6.78
CA ALA A 10 6.99 -5.18 -7.04
C ALA A 10 6.45 -5.70 -8.40
N ALA A 11 6.76 -5.10 -9.55
CA ALA A 11 6.48 -5.61 -10.91
C ALA A 11 7.07 -6.98 -11.33
N LYS A 12 7.32 -7.91 -10.39
CA LYS A 12 7.97 -9.21 -10.58
C LYS A 12 9.31 -9.13 -11.36
N TYR A 13 10.12 -8.12 -11.00
CA TYR A 13 11.20 -7.62 -11.82
C TYR A 13 12.55 -7.65 -11.05
N LYS A 14 13.46 -6.75 -11.42
CA LYS A 14 14.88 -6.76 -11.07
C LYS A 14 15.17 -6.51 -9.57
N TYR A 15 14.54 -5.49 -8.96
CA TYR A 15 14.88 -5.05 -7.61
C TYR A 15 14.21 -5.87 -6.49
N ALA A 16 14.87 -7.01 -6.26
CA ALA A 16 14.54 -8.01 -5.23
C ALA A 16 14.47 -7.47 -3.80
N MET A 17 15.47 -6.67 -3.37
CA MET A 17 15.51 -6.04 -2.04
C MET A 17 14.38 -5.01 -1.82
N LEU A 18 13.97 -4.32 -2.89
CA LEU A 18 13.00 -3.23 -2.81
C LEU A 18 11.55 -3.76 -2.87
N LYS A 19 11.23 -4.72 -3.76
CA LYS A 19 10.02 -5.51 -3.56
C LYS A 19 10.01 -6.30 -2.23
N LYS A 20 11.13 -6.78 -1.68
CA LYS A 20 11.16 -7.30 -0.30
C LYS A 20 10.82 -6.19 0.72
N CYS A 21 11.27 -4.91 0.59
CA CYS A 21 10.73 -3.79 1.38
C CYS A 21 9.19 -3.69 1.30
N CYS A 22 8.59 -3.83 0.11
CA CYS A 22 7.13 -4.04 -0.04
C CYS A 22 6.62 -5.17 0.84
N TYR A 23 7.21 -6.34 0.76
CA TYR A 23 6.68 -7.50 1.44
C TYR A 23 6.93 -7.49 2.97
N ASP A 24 8.04 -6.89 3.43
CA ASP A 24 8.22 -6.50 4.84
C ASP A 24 7.19 -5.48 5.35
N GLY A 25 6.72 -4.57 4.49
CA GLY A 25 5.55 -3.72 4.79
C GLY A 25 4.20 -4.47 4.76
N ALA A 26 3.96 -5.30 3.73
CA ALA A 26 2.72 -6.06 3.56
C ALA A 26 2.43 -7.09 4.68
N TYR A 27 3.45 -7.77 5.24
CA TYR A 27 3.25 -8.65 6.40
C TYR A 27 3.03 -7.91 7.74
N ARG A 28 1.88 -7.22 7.83
CA ARG A 28 1.31 -6.59 9.04
C ARG A 28 2.14 -5.45 9.67
N ASN A 29 3.42 -5.70 10.01
CA ASN A 29 4.34 -4.83 10.78
C ASN A 29 4.00 -4.72 12.29
N ASP A 30 5.05 -4.58 13.11
CA ASP A 30 4.97 -4.45 14.57
C ASP A 30 4.22 -3.20 15.09
N ASP A 31 4.11 -2.11 14.32
CA ASP A 31 3.50 -0.88 14.81
C ASP A 31 2.05 -0.68 14.34
N GLU A 32 1.26 -0.09 15.25
CA GLU A 32 -0.11 0.34 15.00
C GLU A 32 -0.24 1.54 14.04
N THR A 33 0.80 2.35 13.77
CA THR A 33 0.78 3.31 12.66
C THR A 33 2.18 3.37 12.00
N CYS A 34 2.40 2.41 11.09
CA CYS A 34 3.67 2.21 10.39
C CYS A 34 4.13 3.40 9.52
N GLU A 35 3.22 4.29 9.12
CA GLU A 35 3.51 5.53 8.40
C GLU A 35 4.34 6.54 9.23
N GLU A 36 4.18 6.56 10.56
CA GLU A 36 5.03 7.34 11.48
C GLU A 36 6.48 6.79 11.52
N ARG A 37 6.54 5.47 11.68
CA ARG A 37 7.78 4.71 11.59
C ARG A 37 8.43 4.86 10.20
N ALA A 38 7.73 4.75 9.07
CA ALA A 38 8.28 5.05 7.75
C ALA A 38 8.34 6.54 7.35
N ALA A 39 7.96 7.49 8.21
CA ALA A 39 8.63 8.80 8.24
C ALA A 39 10.07 8.69 8.78
N ARG A 40 10.33 7.83 9.79
CA ARG A 40 11.70 7.52 10.24
C ARG A 40 12.51 6.49 9.40
N ILE A 41 11.97 5.37 8.86
CA ILE A 41 12.58 4.50 7.86
C ILE A 41 13.08 5.23 6.59
N LYS A 42 14.39 5.44 6.74
CA LYS A 42 15.28 6.11 5.79
C LYS A 42 16.30 5.16 5.09
N ILE A 43 15.89 3.93 4.76
CA ILE A 43 16.78 2.94 4.11
C ILE A 43 17.15 3.33 2.65
N GLY A 44 16.15 3.70 1.83
CA GLY A 44 16.39 4.16 0.45
C GLY A 44 15.10 4.61 -0.26
N PRO A 45 15.05 5.57 -1.23
CA PRO A 45 13.81 6.14 -1.82
C PRO A 45 12.75 5.13 -2.31
N LYS A 46 13.11 4.22 -3.23
CA LYS A 46 12.23 3.14 -3.68
C LYS A 46 11.91 2.11 -2.57
N CYS A 47 12.78 1.90 -1.57
CA CYS A 47 12.48 1.04 -0.42
C CYS A 47 11.38 1.68 0.43
N VAL A 48 11.48 2.95 0.89
CA VAL A 48 10.38 3.66 1.53
C VAL A 48 9.08 3.68 0.72
N LYS A 49 9.12 3.99 -0.59
CA LYS A 49 7.92 3.91 -1.44
C LYS A 49 7.24 2.52 -1.40
N ALA A 50 8.01 1.44 -1.68
CA ALA A 50 7.52 0.06 -1.57
C ALA A 50 7.00 -0.25 -0.15
N PHE A 51 7.85 -0.05 0.86
CA PHE A 51 7.54 -0.33 2.27
C PHE A 51 6.34 0.46 2.80
N LYS A 52 6.34 1.80 2.65
CA LYS A 52 5.27 2.64 3.16
C LYS A 52 3.95 2.36 2.42
N ASP A 53 3.93 2.23 1.08
CA ASP A 53 2.68 2.01 0.35
C ASP A 53 2.10 0.60 0.57
N CYS A 54 2.92 -0.47 0.55
CA CYS A 54 2.50 -1.79 1.03
C CYS A 54 2.04 -1.79 2.51
N CYS A 55 2.71 -1.11 3.45
CA CYS A 55 2.26 -1.03 4.86
C CYS A 55 0.93 -0.25 5.04
N TYR A 56 0.73 0.85 4.30
CA TYR A 56 -0.56 1.56 4.22
C TYR A 56 -1.70 0.67 3.69
N ILE A 57 -1.47 -0.11 2.61
CA ILE A 57 -2.46 -1.09 2.11
C ILE A 57 -2.68 -2.26 3.08
N ALA A 58 -1.62 -2.71 3.76
CA ALA A 58 -1.71 -3.66 4.88
C ALA A 58 -2.65 -3.16 6.01
N ASN A 59 -2.54 -1.89 6.41
CA ASN A 59 -3.53 -1.24 7.30
C ASN A 59 -4.95 -1.22 6.70
N GLN A 60 -5.13 -0.76 5.45
CA GLN A 60 -6.43 -0.73 4.77
C GLN A 60 -7.08 -2.12 4.65
N VAL A 61 -6.35 -3.15 4.19
CA VAL A 61 -6.86 -4.54 4.13
C VAL A 61 -7.15 -5.13 5.53
N ARG A 62 -6.23 -5.07 6.51
CA ARG A 62 -6.45 -5.64 7.84
C ARG A 62 -7.40 -4.82 8.75
N ALA A 63 -7.76 -3.58 8.43
CA ALA A 63 -8.93 -2.92 9.02
C ALA A 63 -10.27 -3.47 8.48
N GLU A 64 -10.31 -3.92 7.22
CA GLU A 64 -11.49 -4.54 6.62
C GLU A 64 -11.55 -6.07 6.83
N GLN A 65 -10.47 -6.80 6.50
CA GLN A 65 -10.44 -8.26 6.60
C GLN A 65 -9.49 -8.78 7.70
N SER A 66 -8.30 -8.47 7.67
N MET A 1 -9.95 -0.63 -0.70
CA MET A 1 -10.07 -1.62 0.38
C MET A 1 -8.78 -2.41 0.66
N LEU A 2 -8.60 -2.79 1.94
CA LEU A 2 -7.42 -3.48 2.45
C LEU A 2 -7.04 -4.79 1.73
N GLN A 3 -8.02 -5.69 1.56
CA GLN A 3 -7.87 -6.93 0.81
C GLN A 3 -7.56 -6.67 -0.68
N LYS A 4 -8.29 -5.74 -1.30
CA LYS A 4 -8.12 -5.40 -2.71
C LYS A 4 -6.77 -4.70 -3.00
N LYS A 5 -6.23 -3.88 -2.08
CA LYS A 5 -4.88 -3.36 -2.20
C LYS A 5 -3.74 -4.37 -1.95
N ILE A 6 -3.79 -5.35 -1.01
CA ILE A 6 -2.84 -6.48 -1.08
C ILE A 6 -2.99 -7.25 -2.41
N GLU A 7 -4.21 -7.48 -2.92
CA GLU A 7 -4.40 -8.01 -4.28
C GLU A 7 -3.74 -7.11 -5.34
N GLU A 8 -4.12 -5.84 -5.55
CA GLU A 8 -3.60 -5.04 -6.68
C GLU A 8 -2.08 -4.72 -6.63
N GLU A 9 -1.42 -4.57 -5.46
CA GLU A 9 0.06 -4.48 -5.42
C GLU A 9 0.76 -5.84 -5.29
N ALA A 10 0.45 -6.74 -4.34
CA ALA A 10 1.02 -8.10 -4.34
C ALA A 10 0.44 -9.08 -5.39
N ALA A 11 -0.43 -8.70 -6.35
CA ALA A 11 -0.53 -9.39 -7.64
C ALA A 11 0.66 -9.10 -8.59
N LYS A 12 1.03 -7.82 -8.76
CA LYS A 12 2.04 -7.40 -9.73
C LYS A 12 3.48 -7.60 -9.21
N TYR A 13 3.78 -8.87 -8.91
CA TYR A 13 5.07 -9.36 -8.39
C TYR A 13 6.33 -8.96 -9.16
N LYS A 14 6.16 -8.63 -10.45
CA LYS A 14 7.14 -7.94 -11.30
C LYS A 14 7.56 -6.56 -10.74
N TYR A 15 6.65 -5.79 -10.13
CA TYR A 15 6.97 -4.52 -9.49
C TYR A 15 7.46 -4.75 -8.05
N ALA A 16 8.72 -5.20 -8.11
CA ALA A 16 9.48 -5.76 -6.99
C ALA A 16 9.57 -4.84 -5.76
N MET A 17 9.94 -3.58 -5.98
CA MET A 17 10.04 -2.56 -4.93
C MET A 17 8.68 -2.25 -4.28
N LEU A 18 7.58 -2.26 -5.05
CA LEU A 18 6.26 -1.85 -4.57
C LEU A 18 5.54 -2.94 -3.77
N LYS A 19 5.54 -4.20 -4.24
CA LYS A 19 5.14 -5.29 -3.34
C LYS A 19 6.16 -5.53 -2.19
N LYS A 20 7.46 -5.23 -2.32
CA LYS A 20 8.35 -5.19 -1.16
C LYS A 20 7.98 -4.03 -0.21
N CYS A 21 7.53 -2.83 -0.66
CA CYS A 21 6.88 -1.82 0.20
C CYS A 21 5.67 -2.37 0.98
N CYS A 22 4.80 -3.19 0.33
CA CYS A 22 3.82 -4.04 1.03
C CYS A 22 4.47 -4.84 2.15
N TYR A 23 5.49 -5.60 1.83
CA TYR A 23 6.06 -6.50 2.83
C TYR A 23 6.90 -5.78 3.92
N ASP A 24 7.43 -4.57 3.62
CA ASP A 24 7.87 -3.58 4.62
C ASP A 24 6.74 -3.11 5.55
N GLY A 25 5.50 -2.96 5.05
CA GLY A 25 4.31 -2.77 5.90
C GLY A 25 3.87 -4.01 6.67
N ALA A 26 3.93 -5.20 6.07
CA ALA A 26 3.60 -6.47 6.73
C ALA A 26 4.49 -6.82 7.94
N TYR A 27 5.81 -6.62 7.88
CA TYR A 27 6.69 -6.84 9.05
C TYR A 27 6.57 -5.74 10.14
N ARG A 28 5.41 -5.64 10.82
CA ARG A 28 5.15 -4.62 11.87
C ARG A 28 5.89 -4.79 13.23
N ASN A 29 7.22 -4.89 13.18
CA ASN A 29 8.08 -5.12 14.34
C ASN A 29 8.18 -3.94 15.34
N ASP A 30 7.95 -2.67 14.96
CA ASP A 30 7.94 -1.54 15.90
C ASP A 30 6.71 -1.49 16.84
N ASP A 31 5.60 -2.09 16.40
CA ASP A 31 4.31 -2.12 17.10
C ASP A 31 3.60 -0.79 17.47
N GLU A 32 4.23 0.39 17.52
CA GLU A 32 3.54 1.69 17.64
C GLU A 32 2.74 2.11 16.37
N THR A 33 3.05 3.17 15.61
CA THR A 33 2.27 3.58 14.43
C THR A 33 2.95 3.20 13.10
N CYS A 34 2.12 2.72 12.16
CA CYS A 34 2.52 2.51 10.77
C CYS A 34 2.89 3.83 10.05
N GLU A 35 2.10 4.88 10.31
CA GLU A 35 2.22 6.17 9.65
C GLU A 35 3.49 6.99 10.00
N GLU A 36 4.10 6.90 11.20
CA GLU A 36 5.40 7.54 11.48
C GLU A 36 6.53 6.86 10.67
N ARG A 37 6.58 5.54 10.81
CA ARG A 37 7.37 4.61 10.01
C ARG A 37 7.24 4.90 8.50
N ALA A 38 6.02 4.92 7.92
CA ALA A 38 5.80 5.26 6.52
C ALA A 38 5.67 6.77 6.17
N ALA A 39 5.75 7.71 7.11
CA ALA A 39 6.24 9.06 6.82
C ALA A 39 7.74 9.10 6.50
N ARG A 40 8.54 8.19 7.08
CA ARG A 40 9.93 7.97 6.66
C ARG A 40 10.05 7.22 5.31
N ILE A 41 9.25 6.17 5.05
CA ILE A 41 9.13 5.52 3.73
C ILE A 41 8.37 6.38 2.69
N LYS A 42 9.26 7.18 2.13
CA LYS A 42 8.98 8.30 1.23
C LYS A 42 8.87 7.92 -0.27
N ILE A 43 9.19 6.67 -0.65
CA ILE A 43 9.57 6.26 -2.01
C ILE A 43 8.54 6.55 -3.12
N GLY A 44 7.23 6.32 -2.91
CA GLY A 44 6.21 6.66 -3.91
C GLY A 44 4.74 6.43 -3.50
N PRO A 45 3.71 7.02 -4.15
CA PRO A 45 2.27 6.84 -3.83
C PRO A 45 1.78 5.38 -3.73
N LYS A 46 2.07 4.56 -4.74
CA LYS A 46 1.80 3.12 -4.72
C LYS A 46 2.60 2.35 -3.64
N CYS A 47 3.79 2.84 -3.26
CA CYS A 47 4.58 2.28 -2.16
C CYS A 47 3.89 2.54 -0.81
N VAL A 48 3.61 3.80 -0.41
CA VAL A 48 2.79 4.11 0.77
C VAL A 48 1.43 3.40 0.81
N LYS A 49 0.70 3.31 -0.31
CA LYS A 49 -0.53 2.50 -0.38
C LYS A 49 -0.35 0.98 -0.17
N ALA A 50 0.60 0.32 -0.84
CA ALA A 50 1.01 -1.07 -0.54
C ALA A 50 1.36 -1.23 0.95
N PHE A 51 2.23 -0.32 1.45
CA PHE A 51 2.67 -0.26 2.84
C PHE A 51 1.49 -0.16 3.82
N LYS A 52 0.65 0.89 3.68
CA LYS A 52 -0.46 1.17 4.59
C LYS A 52 -1.54 0.05 4.59
N ASP A 53 -1.89 -0.54 3.43
CA ASP A 53 -2.88 -1.61 3.42
C ASP A 53 -2.32 -2.98 3.87
N CYS A 54 -1.07 -3.33 3.56
CA CYS A 54 -0.35 -4.38 4.27
C CYS A 54 -0.21 -4.12 5.79
N CYS A 55 0.01 -2.89 6.28
CA CYS A 55 -0.13 -2.53 7.70
C CYS A 55 -1.51 -2.85 8.28
N TYR A 56 -2.62 -2.54 7.59
CA TYR A 56 -3.96 -2.95 8.01
C TYR A 56 -4.13 -4.49 8.10
N ILE A 57 -3.57 -5.25 7.14
CA ILE A 57 -3.48 -6.73 7.26
C ILE A 57 -2.66 -7.18 8.48
N ALA A 58 -1.46 -6.62 8.63
CA ALA A 58 -0.58 -6.85 9.79
C ALA A 58 -1.23 -6.50 11.14
N ASN A 59 -1.94 -5.36 11.22
CA ASN A 59 -2.72 -4.97 12.40
C ASN A 59 -3.90 -5.91 12.70
N GLN A 60 -4.60 -6.44 11.68
CA GLN A 60 -5.57 -7.52 11.83
C GLN A 60 -4.94 -8.82 12.35
N VAL A 61 -3.80 -9.24 11.78
CA VAL A 61 -3.02 -10.40 12.25
C VAL A 61 -2.54 -10.26 13.71
N ARG A 62 -1.82 -9.20 14.11
CA ARG A 62 -1.30 -9.04 15.48
C ARG A 62 -2.39 -8.89 16.57
N ALA A 63 -3.60 -8.41 16.21
CA ALA A 63 -4.77 -8.42 17.10
C ALA A 63 -5.31 -9.83 17.37
N GLU A 64 -5.17 -10.76 16.42
CA GLU A 64 -5.50 -12.17 16.61
C GLU A 64 -4.33 -12.96 17.22
N GLN A 65 -3.12 -12.90 16.63
CA GLN A 65 -1.93 -13.58 17.17
C GLN A 65 -0.59 -12.96 16.68
N SER A 66 0.29 -12.79 17.50
N MET A 1 -12.65 -0.89 -1.70
CA MET A 1 -12.28 -1.81 -0.62
C MET A 1 -10.76 -2.04 -0.51
N LEU A 2 -10.29 -2.28 0.73
CA LEU A 2 -8.86 -2.44 1.06
C LEU A 2 -8.27 -3.77 0.54
N GLN A 3 -9.13 -4.80 0.57
CA GLN A 3 -8.82 -6.19 0.19
C GLN A 3 -8.40 -6.34 -1.28
N LYS A 4 -9.21 -5.76 -2.18
CA LYS A 4 -8.91 -5.72 -3.61
C LYS A 4 -7.66 -4.86 -3.92
N LYS A 5 -7.36 -3.82 -3.14
CA LYS A 5 -6.13 -3.03 -3.30
C LYS A 5 -4.82 -3.75 -2.87
N ILE A 6 -4.83 -4.64 -1.85
CA ILE A 6 -3.73 -5.60 -1.65
C ILE A 6 -3.58 -6.45 -2.93
N GLU A 7 -4.70 -7.03 -3.39
CA GLU A 7 -4.72 -7.84 -4.60
C GLU A 7 -4.29 -7.05 -5.86
N GLU A 8 -4.65 -5.78 -6.07
CA GLU A 8 -4.11 -4.95 -7.16
C GLU A 8 -2.61 -4.66 -7.08
N GLU A 9 -2.00 -4.42 -5.91
CA GLU A 9 -0.53 -4.24 -5.80
C GLU A 9 0.23 -5.57 -5.70
N ALA A 10 -0.17 -6.55 -4.87
CA ALA A 10 0.33 -7.91 -4.95
C ALA A 10 -0.19 -8.78 -6.12
N ALA A 11 -0.98 -8.30 -7.09
CA ALA A 11 -0.95 -8.82 -8.47
C ALA A 11 0.33 -8.43 -9.21
N LYS A 12 0.82 -7.20 -8.98
CA LYS A 12 1.96 -6.63 -9.68
C LYS A 12 3.31 -7.18 -9.14
N TYR A 13 3.47 -8.50 -9.24
CA TYR A 13 4.72 -9.20 -8.95
C TYR A 13 5.88 -8.83 -9.89
N LYS A 14 5.56 -8.29 -11.08
CA LYS A 14 6.48 -7.56 -11.95
C LYS A 14 7.02 -6.27 -11.29
N TYR A 15 6.16 -5.48 -10.63
CA TYR A 15 6.57 -4.26 -9.92
C TYR A 15 6.86 -4.59 -8.43
N ALA A 16 7.98 -5.32 -8.40
CA ALA A 16 8.52 -5.99 -7.23
C ALA A 16 8.78 -5.07 -6.03
N MET A 17 9.25 -3.85 -6.27
CA MET A 17 9.46 -2.82 -5.25
C MET A 17 8.16 -2.40 -4.53
N LEU A 18 7.04 -2.32 -5.26
CA LEU A 18 5.76 -1.84 -4.73
C LEU A 18 4.97 -2.96 -4.05
N LYS A 19 4.93 -4.15 -4.65
CA LYS A 19 4.52 -5.35 -3.92
C LYS A 19 5.45 -5.72 -2.73
N LYS A 20 6.79 -5.56 -2.75
CA LYS A 20 7.59 -5.73 -1.52
C LYS A 20 7.35 -4.58 -0.53
N CYS A 21 6.94 -3.36 -0.95
CA CYS A 21 6.42 -2.34 -0.04
C CYS A 21 5.13 -2.79 0.70
N CYS A 22 4.21 -3.49 0.00
CA CYS A 22 3.17 -4.33 0.66
C CYS A 22 3.80 -5.25 1.70
N TYR A 23 4.74 -6.06 1.30
CA TYR A 23 5.28 -7.05 2.22
C TYR A 23 6.19 -6.47 3.34
N ASP A 24 6.72 -5.24 3.19
CA ASP A 24 7.17 -4.38 4.29
C ASP A 24 6.04 -4.04 5.28
N GLY A 25 4.87 -3.61 4.77
CA GLY A 25 3.66 -3.45 5.59
C GLY A 25 3.16 -4.72 6.30
N ALA A 26 3.25 -5.88 5.64
CA ALA A 26 2.98 -7.18 6.27
C ALA A 26 3.98 -7.52 7.40
N TYR A 27 5.30 -7.35 7.19
CA TYR A 27 6.30 -7.53 8.27
C TYR A 27 6.37 -6.33 9.25
N ARG A 28 5.26 -6.06 9.94
CA ARG A 28 5.16 -5.00 10.95
C ARG A 28 5.55 -5.48 12.37
N ASN A 29 6.70 -6.19 12.46
CA ASN A 29 7.15 -6.87 13.68
C ASN A 29 7.51 -5.90 14.84
N ASP A 30 7.77 -4.64 14.52
CA ASP A 30 7.88 -3.53 15.46
C ASP A 30 6.58 -3.17 16.20
N ASP A 31 5.43 -3.28 15.50
CA ASP A 31 4.12 -2.80 15.92
C ASP A 31 4.01 -1.33 16.40
N GLU A 32 4.72 -0.38 15.77
CA GLU A 32 4.40 1.05 15.91
C GLU A 32 3.19 1.48 15.04
N THR A 33 2.89 2.78 14.92
CA THR A 33 1.94 3.27 13.92
C THR A 33 2.57 3.29 12.51
N CYS A 34 2.00 2.47 11.61
CA CYS A 34 2.63 2.12 10.33
C CYS A 34 2.87 3.28 9.35
N GLU A 35 2.09 4.37 9.43
CA GLU A 35 2.34 5.60 8.66
C GLU A 35 3.61 6.34 9.11
N GLU A 36 4.09 6.21 10.36
CA GLU A 36 5.37 6.80 10.78
C GLU A 36 6.56 6.00 10.23
N ARG A 37 6.47 4.66 10.36
CA ARG A 37 7.38 3.73 9.71
C ARG A 37 7.39 3.92 8.19
N ALA A 38 6.23 3.99 7.51
CA ALA A 38 6.18 4.28 6.09
C ALA A 38 6.37 5.76 5.67
N ALA A 39 6.36 6.75 6.58
CA ALA A 39 7.06 8.03 6.35
C ALA A 39 8.59 7.85 6.23
N ARG A 40 9.21 6.91 6.96
CA ARG A 40 10.60 6.50 6.67
C ARG A 40 10.75 5.70 5.35
N ILE A 41 9.87 4.73 5.01
CA ILE A 41 9.82 4.08 3.69
C ILE A 41 9.54 4.99 2.48
N LYS A 42 8.44 5.76 2.44
CA LYS A 42 7.89 6.61 1.36
C LYS A 42 8.79 6.89 0.12
N ILE A 43 8.92 5.76 -0.57
CA ILE A 43 9.45 5.70 -1.94
C ILE A 43 8.42 6.28 -2.94
N GLY A 44 7.13 5.94 -2.78
CA GLY A 44 6.08 6.44 -3.65
C GLY A 44 4.63 6.35 -3.12
N PRO A 45 3.62 7.05 -3.69
CA PRO A 45 2.19 6.94 -3.33
C PRO A 45 1.61 5.51 -3.35
N LYS A 46 1.88 4.77 -4.43
CA LYS A 46 1.51 3.36 -4.58
C LYS A 46 2.21 2.44 -3.55
N CYS A 47 3.43 2.80 -3.15
CA CYS A 47 4.18 2.12 -2.09
C CYS A 47 3.48 2.33 -0.74
N VAL A 48 3.29 3.57 -0.22
CA VAL A 48 2.46 3.82 0.97
C VAL A 48 1.06 3.17 0.93
N LYS A 49 0.37 3.17 -0.22
CA LYS A 49 -0.90 2.44 -0.38
C LYS A 49 -0.77 0.90 -0.24
N ALA A 50 0.14 0.24 -0.98
CA ALA A 50 0.48 -1.20 -0.80
C ALA A 50 0.83 -1.48 0.69
N PHE A 51 1.71 -0.63 1.27
CA PHE A 51 2.09 -0.67 2.68
C PHE A 51 0.86 -0.58 3.62
N LYS A 52 -0.02 0.42 3.46
CA LYS A 52 -1.22 0.57 4.29
C LYS A 52 -2.22 -0.61 4.21
N ASP A 53 -2.48 -1.16 3.02
CA ASP A 53 -3.38 -2.31 2.88
C ASP A 53 -2.82 -3.61 3.50
N CYS A 54 -1.53 -3.87 3.27
CA CYS A 54 -0.82 -4.91 4.02
C CYS A 54 -0.62 -4.59 5.53
N CYS A 55 -0.52 -3.32 6.00
CA CYS A 55 -0.64 -2.95 7.43
C CYS A 55 -2.00 -3.37 8.03
N TYR A 56 -3.10 -3.17 7.30
CA TYR A 56 -4.40 -3.77 7.61
C TYR A 56 -4.32 -5.31 7.77
N ILE A 57 -3.69 -6.04 6.83
CA ILE A 57 -3.38 -7.48 7.05
C ILE A 57 -2.53 -7.77 8.30
N ALA A 58 -1.42 -7.05 8.49
CA ALA A 58 -0.57 -7.16 9.68
C ALA A 58 -1.34 -6.93 11.00
N ASN A 59 -2.23 -5.93 11.04
CA ASN A 59 -3.13 -5.70 12.18
C ASN A 59 -4.18 -6.82 12.35
N GLN A 60 -4.74 -7.40 11.27
CA GLN A 60 -5.56 -8.62 11.36
C GLN A 60 -4.77 -9.85 11.86
N VAL A 61 -3.54 -10.06 11.37
CA VAL A 61 -2.64 -11.11 11.90
C VAL A 61 -2.32 -10.91 13.40
N ARG A 62 -2.11 -9.68 13.88
CA ARG A 62 -2.07 -9.39 15.32
C ARG A 62 -3.42 -9.53 16.07
N ALA A 63 -4.57 -9.17 15.49
CA ALA A 63 -5.88 -9.44 16.09
C ALA A 63 -6.25 -10.94 16.10
N GLU A 64 -6.10 -11.68 14.99
CA GLU A 64 -6.33 -13.13 14.97
C GLU A 64 -5.09 -13.93 15.45
N GLN A 65 -4.66 -13.66 16.68
CA GLN A 65 -3.43 -14.25 17.23
C GLN A 65 -3.59 -14.70 18.71
N SER A 66 -4.03 -13.92 19.55
N MET A 1 -8.57 -4.71 5.24
CA MET A 1 -9.82 -4.17 4.72
C MET A 1 -9.90 -4.17 3.18
N LEU A 2 -9.04 -3.37 2.52
CA LEU A 2 -9.08 -3.13 1.07
C LEU A 2 -8.40 -4.26 0.25
N GLN A 3 -9.07 -5.42 0.26
CA GLN A 3 -8.64 -6.64 -0.44
C GLN A 3 -8.50 -6.50 -1.97
N LYS A 4 -9.41 -5.76 -2.63
CA LYS A 4 -9.24 -5.36 -4.03
C LYS A 4 -8.02 -4.47 -4.30
N LYS A 5 -7.57 -3.67 -3.32
CA LYS A 5 -6.38 -2.84 -3.45
C LYS A 5 -5.05 -3.60 -3.24
N ILE A 6 -4.92 -4.59 -2.31
CA ILE A 6 -3.77 -5.54 -2.38
C ILE A 6 -3.72 -6.25 -3.73
N GLU A 7 -4.89 -6.70 -4.24
CA GLU A 7 -5.01 -7.24 -5.59
C GLU A 7 -4.56 -6.21 -6.64
N GLU A 8 -5.09 -4.98 -6.76
CA GLU A 8 -4.66 -4.00 -7.76
C GLU A 8 -3.15 -3.60 -7.72
N GLU A 9 -2.46 -3.58 -6.58
CA GLU A 9 -1.00 -3.34 -6.52
C GLU A 9 -0.19 -4.63 -6.80
N ALA A 10 -0.32 -5.65 -5.95
CA ALA A 10 0.26 -6.99 -6.20
C ALA A 10 -0.34 -7.83 -7.36
N ALA A 11 -1.29 -7.38 -8.19
CA ALA A 11 -1.51 -7.91 -9.55
C ALA A 11 -0.59 -7.33 -10.64
N LYS A 12 -0.20 -6.05 -10.55
CA LYS A 12 0.51 -5.35 -11.64
C LYS A 12 1.89 -5.94 -11.98
N TYR A 13 2.69 -6.25 -10.96
CA TYR A 13 3.90 -7.08 -11.01
C TYR A 13 5.10 -6.61 -11.87
N LYS A 14 4.84 -5.78 -12.88
CA LYS A 14 5.84 -4.92 -13.55
C LYS A 14 6.45 -3.95 -12.52
N TYR A 15 5.58 -3.42 -11.66
CA TYR A 15 5.95 -2.64 -10.48
C TYR A 15 6.16 -3.54 -9.25
N ALA A 16 7.11 -4.46 -9.43
CA ALA A 16 7.49 -5.49 -8.46
C ALA A 16 8.06 -4.93 -7.14
N MET A 17 8.88 -3.88 -7.25
CA MET A 17 9.42 -3.12 -6.12
C MET A 17 8.33 -2.41 -5.29
N LEU A 18 7.23 -2.01 -5.94
CA LEU A 18 6.13 -1.30 -5.29
C LEU A 18 5.10 -2.27 -4.67
N LYS A 19 4.77 -3.38 -5.32
CA LYS A 19 4.29 -4.59 -4.63
C LYS A 19 5.19 -5.07 -3.45
N LYS A 20 6.53 -5.11 -3.55
CA LYS A 20 7.41 -5.37 -2.39
C LYS A 20 7.27 -4.26 -1.32
N CYS A 21 7.05 -2.98 -1.67
CA CYS A 21 6.68 -1.92 -0.72
C CYS A 21 5.33 -2.17 -0.01
N CYS A 22 4.31 -2.71 -0.71
CA CYS A 22 3.16 -3.40 -0.10
C CYS A 22 3.65 -4.39 0.96
N TYR A 23 4.52 -5.29 0.58
CA TYR A 23 4.95 -6.34 1.50
C TYR A 23 5.88 -5.85 2.64
N ASP A 24 6.54 -4.69 2.51
CA ASP A 24 7.03 -3.88 3.64
C ASP A 24 5.90 -3.44 4.60
N GLY A 25 4.78 -2.91 4.06
CA GLY A 25 3.57 -2.64 4.84
C GLY A 25 2.92 -3.85 5.50
N ALA A 26 2.86 -4.99 4.79
CA ALA A 26 2.37 -6.27 5.35
C ALA A 26 3.26 -6.84 6.47
N TYR A 27 4.61 -6.79 6.36
CA TYR A 27 5.50 -7.13 7.47
C TYR A 27 5.51 -6.07 8.60
N ARG A 28 4.39 -6.06 9.34
CA ARG A 28 4.20 -5.27 10.54
C ARG A 28 4.79 -5.95 11.80
N ASN A 29 5.85 -5.35 12.38
CA ASN A 29 6.51 -5.87 13.58
C ASN A 29 5.84 -5.43 14.90
N ASP A 30 6.44 -4.60 15.77
CA ASP A 30 5.92 -4.23 17.10
C ASP A 30 4.79 -3.16 17.10
N ASP A 31 3.80 -3.31 16.18
CA ASP A 31 2.67 -2.39 15.98
C ASP A 31 3.01 -0.89 15.78
N GLU A 32 3.80 -0.62 14.72
CA GLU A 32 4.22 0.73 14.33
C GLU A 32 3.11 1.62 13.71
N THR A 33 3.25 2.95 13.80
CA THR A 33 2.35 3.90 13.13
C THR A 33 2.71 4.04 11.64
N CYS A 34 1.85 3.53 10.75
CA CYS A 34 2.16 3.25 9.34
C CYS A 34 2.61 4.44 8.49
N GLU A 35 1.99 5.62 8.58
CA GLU A 35 2.42 6.81 7.83
C GLU A 35 3.66 7.52 8.42
N GLU A 36 4.02 7.30 9.70
CA GLU A 36 5.31 7.73 10.24
C GLU A 36 6.42 6.78 9.74
N ARG A 37 6.14 5.46 9.86
CA ARG A 37 6.95 4.39 9.29
C ARG A 37 7.19 4.57 7.78
N ALA A 38 6.13 4.83 7.00
CA ALA A 38 6.26 5.16 5.57
C ALA A 38 6.37 6.67 5.22
N ALA A 39 6.58 7.58 6.18
CA ALA A 39 7.41 8.76 5.96
C ALA A 39 8.91 8.42 5.90
N ARG A 40 9.37 7.43 6.68
CA ARG A 40 10.73 6.87 6.54
C ARG A 40 10.89 6.08 5.22
N ILE A 41 9.95 5.18 4.86
CA ILE A 41 9.82 4.60 3.52
C ILE A 41 9.32 5.62 2.48
N LYS A 42 10.37 6.30 2.05
CA LYS A 42 10.36 7.50 1.22
C LYS A 42 10.34 7.26 -0.30
N ILE A 43 10.43 5.99 -0.74
CA ILE A 43 10.83 5.62 -2.12
C ILE A 43 9.89 6.14 -3.23
N GLY A 44 8.56 6.19 -3.04
CA GLY A 44 7.66 6.79 -4.03
C GLY A 44 6.17 6.93 -3.62
N PRO A 45 5.33 7.77 -4.29
CA PRO A 45 3.87 7.87 -4.06
C PRO A 45 3.10 6.55 -4.15
N LYS A 46 3.33 5.76 -5.20
CA LYS A 46 2.78 4.41 -5.34
C LYS A 46 3.34 3.40 -4.32
N CYS A 47 4.56 3.64 -3.79
CA CYS A 47 5.13 2.87 -2.69
C CYS A 47 4.32 3.13 -1.40
N VAL A 48 4.21 4.38 -0.90
CA VAL A 48 3.30 4.73 0.20
C VAL A 48 1.85 4.23 0.03
N LYS A 49 1.30 4.35 -1.18
CA LYS A 49 -0.04 3.83 -1.53
C LYS A 49 -0.17 2.28 -1.39
N ALA A 50 0.68 1.47 -2.04
CA ALA A 50 0.79 0.01 -1.83
C ALA A 50 1.02 -0.31 -0.34
N PHE A 51 1.96 0.40 0.32
CA PHE A 51 2.28 0.29 1.75
C PHE A 51 1.03 0.51 2.65
N LYS A 52 0.30 1.63 2.49
CA LYS A 52 -0.89 1.93 3.28
C LYS A 52 -2.05 0.92 3.03
N ASP A 53 -2.27 0.44 1.79
CA ASP A 53 -3.23 -0.64 1.54
C ASP A 53 -2.88 -1.96 2.26
N CYS A 54 -1.64 -2.42 2.11
CA CYS A 54 -1.10 -3.52 2.91
C CYS A 54 -1.07 -3.25 4.44
N CYS A 55 -0.89 -2.01 4.94
CA CYS A 55 -1.15 -1.67 6.35
C CYS A 55 -2.60 -1.96 6.78
N TYR A 56 -3.61 -1.60 5.97
CA TYR A 56 -5.00 -2.03 6.20
C TYR A 56 -5.17 -3.57 6.24
N ILE A 57 -4.52 -4.33 5.34
CA ILE A 57 -4.44 -5.80 5.46
C ILE A 57 -3.68 -6.31 6.69
N ALA A 58 -2.53 -5.71 7.02
CA ALA A 58 -1.79 -5.97 8.26
C ALA A 58 -2.65 -5.75 9.53
N ASN A 59 -3.40 -4.65 9.58
CA ASN A 59 -4.44 -4.41 10.60
C ASN A 59 -5.58 -5.45 10.59
N GLN A 60 -6.07 -5.84 9.39
CA GLN A 60 -7.04 -6.93 9.24
C GLN A 60 -6.53 -8.28 9.76
N VAL A 61 -5.36 -8.78 9.31
CA VAL A 61 -4.82 -10.07 9.78
C VAL A 61 -4.37 -10.05 11.26
N ARG A 62 -4.04 -8.87 11.82
CA ARG A 62 -3.90 -8.69 13.27
C ARG A 62 -5.20 -9.00 14.06
N ALA A 63 -6.35 -8.50 13.59
CA ALA A 63 -7.65 -8.76 14.19
C ALA A 63 -8.32 -10.07 13.73
N GLU A 64 -8.47 -10.31 12.42
CA GLU A 64 -9.17 -11.48 11.87
C GLU A 64 -8.28 -12.75 11.85
N GLN A 65 -7.98 -13.23 13.05
CA GLN A 65 -7.23 -14.49 13.24
C GLN A 65 -8.14 -15.73 13.37
N SER A 66 -7.85 -16.71 12.68
N MET A 1 -11.73 2.38 -3.37
CA MET A 1 -11.12 1.17 -3.93
C MET A 1 -10.77 0.10 -2.88
N LEU A 2 -9.78 0.36 -2.01
CA LEU A 2 -9.33 -0.49 -0.89
C LEU A 2 -8.91 -1.93 -1.31
N GLN A 3 -9.93 -2.81 -1.42
CA GLN A 3 -9.79 -4.21 -1.77
C GLN A 3 -9.29 -4.38 -3.22
N LYS A 4 -9.91 -3.61 -4.13
CA LYS A 4 -9.49 -3.50 -5.54
C LYS A 4 -8.09 -2.88 -5.71
N LYS A 5 -7.62 -2.08 -4.75
CA LYS A 5 -6.28 -1.49 -4.73
C LYS A 5 -5.18 -2.53 -4.44
N ILE A 6 -5.35 -3.44 -3.45
CA ILE A 6 -4.45 -4.62 -3.34
C ILE A 6 -4.52 -5.44 -4.63
N GLU A 7 -5.74 -5.76 -5.09
CA GLU A 7 -5.94 -6.56 -6.29
C GLU A 7 -5.36 -5.93 -7.56
N GLU A 8 -5.56 -4.66 -7.98
CA GLU A 8 -4.86 -4.15 -9.17
C GLU A 8 -3.35 -3.90 -8.97
N GLU A 9 -2.79 -3.81 -7.74
CA GLU A 9 -1.34 -3.91 -7.59
C GLU A 9 -0.85 -5.37 -7.63
N ALA A 10 -1.21 -6.19 -6.62
CA ALA A 10 -0.85 -7.61 -6.55
C ALA A 10 -1.49 -8.59 -7.56
N ALA A 11 -2.47 -8.27 -8.43
CA ALA A 11 -2.69 -9.05 -9.66
C ALA A 11 -1.68 -8.69 -10.76
N LYS A 12 -1.46 -7.38 -10.98
CA LYS A 12 -0.60 -6.88 -12.04
C LYS A 12 0.88 -6.84 -11.59
N TYR A 13 1.41 -8.06 -11.42
CA TYR A 13 2.81 -8.36 -11.08
C TYR A 13 3.89 -7.71 -11.99
N LYS A 14 3.50 -7.12 -13.13
CA LYS A 14 4.30 -6.15 -13.88
C LYS A 14 4.65 -4.89 -13.05
N TYR A 15 3.79 -4.47 -12.10
CA TYR A 15 4.11 -3.39 -11.16
C TYR A 15 4.92 -3.95 -9.96
N ALA A 16 6.08 -4.52 -10.32
CA ALA A 16 6.89 -5.40 -9.46
C ALA A 16 7.33 -4.81 -8.11
N MET A 17 7.92 -3.61 -8.14
CA MET A 17 8.33 -2.85 -6.96
C MET A 17 7.14 -2.37 -6.11
N LEU A 18 6.01 -2.06 -6.76
CA LEU A 18 4.83 -1.50 -6.09
C LEU A 18 3.95 -2.59 -5.45
N LYS A 19 3.80 -3.78 -6.07
CA LYS A 19 3.28 -4.93 -5.34
C LYS A 19 4.27 -5.46 -4.29
N LYS A 20 5.61 -5.33 -4.45
CA LYS A 20 6.53 -5.57 -3.34
C LYS A 20 6.35 -4.52 -2.22
N CYS A 21 6.01 -3.26 -2.52
CA CYS A 21 5.57 -2.26 -1.52
C CYS A 21 4.28 -2.70 -0.78
N CYS A 22 3.29 -3.28 -1.48
CA CYS A 22 2.22 -4.09 -0.88
C CYS A 22 2.78 -5.13 0.08
N TYR A 23 3.68 -5.98 -0.37
CA TYR A 23 4.16 -7.08 0.44
C TYR A 23 5.11 -6.68 1.60
N ASP A 24 5.76 -5.51 1.47
CA ASP A 24 6.34 -4.74 2.58
C ASP A 24 5.26 -4.39 3.63
N GLY A 25 4.11 -3.83 3.20
CA GLY A 25 2.95 -3.61 4.09
C GLY A 25 2.27 -4.87 4.64
N ALA A 26 2.24 -5.98 3.87
CA ALA A 26 1.81 -7.29 4.38
C ALA A 26 2.72 -7.82 5.51
N TYR A 27 4.04 -7.60 5.42
CA TYR A 27 4.95 -7.77 6.57
C TYR A 27 4.76 -6.61 7.61
N ARG A 28 3.66 -6.67 8.37
CA ARG A 28 3.38 -5.69 9.43
C ARG A 28 4.21 -5.95 10.72
N ASN A 29 4.86 -4.88 11.20
CA ASN A 29 5.73 -4.92 12.38
C ASN A 29 4.96 -4.71 13.69
N ASP A 30 5.34 -5.47 14.74
CA ASP A 30 4.79 -5.38 16.09
C ASP A 30 5.06 -4.05 16.82
N ASP A 31 6.18 -3.38 16.50
CA ASP A 31 6.67 -2.20 17.21
C ASP A 31 6.16 -0.89 16.56
N GLU A 32 6.47 -0.66 15.28
CA GLU A 32 5.94 0.47 14.51
C GLU A 32 4.48 0.27 14.03
N THR A 33 3.79 1.38 13.75
CA THR A 33 2.60 1.36 12.90
C THR A 33 2.96 1.72 11.44
N CYS A 34 2.11 1.28 10.49
CA CYS A 34 2.41 1.27 9.06
C CYS A 34 2.74 2.64 8.44
N GLU A 35 2.07 3.71 8.88
CA GLU A 35 2.10 5.03 8.26
C GLU A 35 3.46 5.75 8.39
N GLU A 36 4.05 5.80 9.60
CA GLU A 36 5.37 6.40 9.85
C GLU A 36 6.51 5.61 9.19
N ARG A 37 6.43 4.28 9.32
CA ARG A 37 7.27 3.35 8.60
C ARG A 37 7.16 3.54 7.06
N ALA A 38 5.96 3.62 6.49
CA ALA A 38 5.77 3.91 5.07
C ALA A 38 5.96 5.37 4.60
N ALA A 39 5.92 6.37 5.49
CA ALA A 39 6.51 7.69 5.22
C ALA A 39 8.05 7.62 5.03
N ARG A 40 8.71 6.66 5.71
CA ARG A 40 10.10 6.26 5.40
C ARG A 40 10.24 5.41 4.12
N ILE A 41 9.42 4.38 3.83
CA ILE A 41 9.36 3.70 2.51
C ILE A 41 9.09 4.61 1.31
N LYS A 42 8.03 5.44 1.33
CA LYS A 42 7.58 6.43 0.34
C LYS A 42 8.52 6.77 -0.84
N ILE A 43 8.57 5.71 -1.65
CA ILE A 43 9.04 5.76 -3.03
C ILE A 43 8.01 6.46 -3.93
N GLY A 44 6.72 6.16 -3.74
CA GLY A 44 5.64 6.78 -4.51
C GLY A 44 4.24 6.76 -3.84
N PRO A 45 3.27 7.64 -4.21
CA PRO A 45 1.87 7.59 -3.73
C PRO A 45 1.15 6.24 -3.88
N LYS A 46 1.32 5.61 -5.05
CA LYS A 46 0.78 4.28 -5.35
C LYS A 46 1.44 3.17 -4.50
N CYS A 47 2.73 3.37 -4.14
CA CYS A 47 3.48 2.51 -3.21
C CYS A 47 2.88 2.64 -1.79
N VAL A 48 2.86 3.82 -1.14
CA VAL A 48 2.16 4.02 0.14
C VAL A 48 0.72 3.49 0.18
N LYS A 49 -0.04 3.65 -0.91
CA LYS A 49 -1.39 3.07 -1.01
C LYS A 49 -1.41 1.52 -1.17
N ALA A 50 -0.61 0.86 -2.04
CA ALA A 50 -0.36 -0.61 -2.00
C ALA A 50 0.02 -1.06 -0.58
N PHE A 51 0.99 -0.36 0.06
CA PHE A 51 1.43 -0.57 1.43
C PHE A 51 0.28 -0.50 2.45
N LYS A 52 -0.47 0.62 2.53
CA LYS A 52 -1.58 0.80 3.45
C LYS A 52 -2.74 -0.19 3.25
N ASP A 53 -3.09 -0.55 2.00
CA ASP A 53 -4.14 -1.54 1.77
C ASP A 53 -3.71 -2.99 2.08
N CYS A 54 -2.48 -3.39 1.77
CA CYS A 54 -1.89 -4.62 2.34
C CYS A 54 -1.70 -4.58 3.87
N CYS A 55 -1.42 -3.42 4.50
CA CYS A 55 -1.50 -3.23 5.96
C CYS A 55 -2.92 -3.51 6.52
N TYR A 56 -4.00 -3.07 5.82
CA TYR A 56 -5.37 -3.51 6.09
C TYR A 56 -5.53 -5.04 6.02
N ILE A 57 -5.03 -5.74 4.97
CA ILE A 57 -4.97 -7.21 4.95
C ILE A 57 -4.20 -7.81 6.14
N ALA A 58 -2.99 -7.33 6.38
CA ALA A 58 -2.13 -7.75 7.51
C ALA A 58 -2.79 -7.60 8.89
N ASN A 59 -3.41 -6.45 9.19
CA ASN A 59 -4.15 -6.26 10.44
C ASN A 59 -5.48 -7.06 10.50
N GLN A 60 -6.15 -7.32 9.38
CA GLN A 60 -7.26 -8.29 9.28
C GLN A 60 -6.80 -9.73 9.60
N VAL A 61 -5.70 -10.20 9.00
CA VAL A 61 -5.07 -11.49 9.33
C VAL A 61 -4.54 -11.56 10.78
N ARG A 62 -4.03 -10.44 11.33
CA ARG A 62 -3.73 -10.32 12.77
C ARG A 62 -4.99 -10.46 13.65
N ALA A 63 -6.05 -9.65 13.43
CA ALA A 63 -7.30 -9.70 14.21
C ALA A 63 -8.12 -11.01 14.05
N GLU A 64 -7.90 -11.75 12.97
CA GLU A 64 -8.35 -13.14 12.80
C GLU A 64 -7.75 -14.12 13.84
N GLN A 65 -6.55 -13.86 14.38
CA GLN A 65 -5.87 -14.77 15.29
C GLN A 65 -6.05 -14.43 16.79
N SER A 66 -5.88 -13.29 17.20
N MET A 1 -7.60 1.14 1.84
CA MET A 1 -8.99 1.50 1.54
C MET A 1 -9.75 0.38 0.80
N LEU A 2 -9.28 -0.07 -0.38
CA LEU A 2 -10.06 -0.94 -1.27
C LEU A 2 -9.29 -2.17 -1.79
N GLN A 3 -10.01 -3.31 -1.70
CA GLN A 3 -9.60 -4.61 -2.23
C GLN A 3 -9.29 -4.56 -3.75
N LYS A 4 -10.08 -3.75 -4.48
CA LYS A 4 -9.87 -3.38 -5.88
C LYS A 4 -8.52 -2.65 -6.12
N LYS A 5 -8.06 -1.77 -5.21
CA LYS A 5 -6.76 -1.11 -5.34
C LYS A 5 -5.56 -2.05 -5.09
N ILE A 6 -5.64 -3.00 -4.13
CA ILE A 6 -4.63 -4.10 -4.06
C ILE A 6 -4.63 -4.90 -5.36
N GLU A 7 -5.82 -5.29 -5.86
CA GLU A 7 -5.98 -5.94 -7.16
C GLU A 7 -5.33 -5.10 -8.28
N GLU A 8 -5.68 -3.84 -8.55
CA GLU A 8 -5.09 -3.12 -9.69
C GLU A 8 -3.59 -2.73 -9.52
N GLU A 9 -2.96 -2.89 -8.34
CA GLU A 9 -1.50 -3.02 -8.26
C GLU A 9 -1.03 -4.49 -8.45
N ALA A 10 -1.33 -5.36 -7.47
CA ALA A 10 -0.93 -6.79 -7.48
C ALA A 10 -1.63 -7.74 -8.48
N ALA A 11 -2.56 -7.35 -9.36
CA ALA A 11 -2.91 -8.11 -10.58
C ALA A 11 -1.96 -7.85 -11.76
N LYS A 12 -1.47 -6.61 -11.88
CA LYS A 12 -0.71 -6.17 -13.04
C LYS A 12 0.72 -6.74 -13.12
N TYR A 13 1.45 -6.83 -12.00
CA TYR A 13 2.78 -7.46 -11.85
C TYR A 13 3.95 -6.88 -12.67
N LYS A 14 3.67 -6.24 -13.82
CA LYS A 14 4.58 -5.38 -14.57
C LYS A 14 5.06 -4.16 -13.76
N TYR A 15 4.17 -3.60 -12.93
CA TYR A 15 4.52 -2.63 -11.90
C TYR A 15 5.16 -3.31 -10.66
N ALA A 16 6.31 -3.93 -10.95
CA ALA A 16 7.01 -4.87 -10.08
C ALA A 16 7.43 -4.31 -8.70
N MET A 17 8.10 -3.15 -8.71
CA MET A 17 8.52 -2.45 -7.49
C MET A 17 7.32 -1.94 -6.66
N LEU A 18 6.21 -1.62 -7.33
CA LEU A 18 5.03 -1.02 -6.70
C LEU A 18 4.09 -2.09 -6.09
N LYS A 19 3.84 -3.22 -6.76
CA LYS A 19 3.29 -4.38 -6.06
C LYS A 19 4.26 -4.95 -5.00
N LYS A 20 5.59 -4.84 -5.12
CA LYS A 20 6.50 -5.10 -3.99
C LYS A 20 6.29 -4.08 -2.84
N CYS A 21 6.02 -2.78 -3.08
CA CYS A 21 5.49 -1.86 -2.05
C CYS A 21 4.21 -2.35 -1.35
N CYS A 22 3.25 -2.92 -2.12
CA CYS A 22 2.15 -3.73 -1.57
C CYS A 22 2.66 -4.81 -0.62
N TYR A 23 3.58 -5.62 -1.07
CA TYR A 23 4.05 -6.73 -0.27
C TYR A 23 4.95 -6.30 0.92
N ASP A 24 5.59 -5.12 0.87
CA ASP A 24 6.10 -4.41 2.06
C ASP A 24 4.99 -4.05 3.07
N GLY A 25 3.83 -3.55 2.60
CA GLY A 25 2.65 -3.34 3.44
C GLY A 25 2.01 -4.61 4.00
N ALA A 26 1.91 -5.68 3.20
CA ALA A 26 1.38 -6.98 3.65
C ALA A 26 2.28 -7.68 4.68
N TYR A 27 3.61 -7.79 4.45
CA TYR A 27 4.54 -8.33 5.44
C TYR A 27 4.94 -7.29 6.52
N ARG A 28 3.90 -6.75 7.18
CA ARG A 28 4.06 -5.78 8.26
C ARG A 28 4.52 -6.44 9.57
N ASN A 29 5.68 -5.99 10.08
CA ASN A 29 6.10 -6.24 11.45
C ASN A 29 5.21 -5.46 12.44
N ASP A 30 4.26 -6.17 13.07
CA ASP A 30 3.22 -5.62 13.93
C ASP A 30 3.70 -5.05 15.28
N ASP A 31 4.51 -4.00 15.16
CA ASP A 31 5.00 -3.21 16.28
C ASP A 31 4.65 -1.71 16.11
N GLU A 32 5.32 -0.99 15.20
CA GLU A 32 4.94 0.35 14.76
C GLU A 32 3.73 0.36 13.79
N THR A 33 2.97 1.46 13.77
CA THR A 33 1.89 1.70 12.80
C THR A 33 2.41 2.06 11.39
N CYS A 34 1.73 1.55 10.36
CA CYS A 34 2.24 1.50 8.98
C CYS A 34 2.47 2.87 8.30
N GLU A 35 1.69 3.91 8.62
CA GLU A 35 1.84 5.25 8.05
C GLU A 35 3.13 6.00 8.47
N GLU A 36 3.69 5.76 9.66
CA GLU A 36 4.99 6.30 10.07
C GLU A 36 6.16 5.62 9.32
N ARG A 37 6.06 4.29 9.27
CA ARG A 37 6.95 3.43 8.49
C ARG A 37 6.90 3.77 6.99
N ALA A 38 5.71 3.89 6.39
CA ALA A 38 5.54 4.38 5.02
C ALA A 38 5.59 5.92 4.83
N ALA A 39 5.74 6.75 5.87
CA ALA A 39 6.39 8.05 5.76
C ALA A 39 7.91 7.93 5.51
N ARG A 40 8.60 6.89 6.00
CA ARG A 40 9.94 6.55 5.48
C ARG A 40 9.94 5.86 4.09
N ILE A 41 9.01 4.95 3.75
CA ILE A 41 8.80 4.45 2.39
C ILE A 41 8.20 5.50 1.42
N LYS A 42 9.19 6.27 0.98
CA LYS A 42 9.07 7.44 0.10
C LYS A 42 9.29 7.17 -1.41
N ILE A 43 9.23 5.91 -1.88
CA ILE A 43 9.57 5.53 -3.26
C ILE A 43 8.62 6.17 -4.32
N GLY A 44 7.31 6.29 -4.02
CA GLY A 44 6.39 7.03 -4.90
C GLY A 44 4.93 7.10 -4.39
N PRO A 45 4.06 8.02 -4.90
CA PRO A 45 2.61 8.07 -4.59
C PRO A 45 1.84 6.75 -4.80
N LYS A 46 2.10 6.09 -5.93
CA LYS A 46 1.54 4.78 -6.28
C LYS A 46 2.08 3.64 -5.38
N CYS A 47 3.30 3.81 -4.86
CA CYS A 47 3.89 2.94 -3.84
C CYS A 47 3.18 3.09 -2.49
N VAL A 48 3.07 4.29 -1.88
CA VAL A 48 2.22 4.51 -0.69
C VAL A 48 0.75 4.05 -0.84
N LYS A 49 0.14 4.23 -2.02
CA LYS A 49 -1.16 3.63 -2.37
C LYS A 49 -1.18 2.09 -2.22
N ALA A 50 -0.31 1.36 -2.96
CA ALA A 50 -0.10 -0.09 -2.81
C ALA A 50 0.19 -0.47 -1.35
N PHE A 51 1.13 0.23 -0.69
CA PHE A 51 1.50 0.03 0.72
C PHE A 51 0.29 0.18 1.68
N LYS A 52 -0.45 1.30 1.63
CA LYS A 52 -1.59 1.53 2.51
C LYS A 52 -2.76 0.54 2.29
N ASP A 53 -3.08 0.23 1.02
CA ASP A 53 -4.11 -0.78 0.73
C ASP A 53 -3.70 -2.20 1.19
N CYS A 54 -2.46 -2.63 0.94
CA CYS A 54 -1.93 -3.82 1.58
C CYS A 54 -1.72 -3.74 3.12
N CYS A 55 -1.52 -2.56 3.75
CA CYS A 55 -1.68 -2.41 5.22
C CYS A 55 -3.12 -2.74 5.68
N TYR A 56 -4.15 -2.36 4.91
CA TYR A 56 -5.52 -2.87 5.11
C TYR A 56 -5.62 -4.41 4.95
N ILE A 57 -4.96 -5.05 3.96
CA ILE A 57 -4.78 -6.52 3.93
C ILE A 57 -4.06 -7.08 5.17
N ALA A 58 -2.96 -6.46 5.58
CA ALA A 58 -2.26 -6.80 6.83
C ALA A 58 -3.23 -6.84 8.04
N ASN A 59 -4.05 -5.80 8.25
CA ASN A 59 -5.11 -5.81 9.27
C ASN A 59 -6.19 -6.90 9.04
N GLN A 60 -6.68 -7.07 7.80
CA GLN A 60 -7.61 -8.13 7.41
C GLN A 60 -7.05 -9.55 7.68
N VAL A 61 -5.76 -9.81 7.38
CA VAL A 61 -5.07 -11.04 7.78
C VAL A 61 -4.88 -11.15 9.30
N ARG A 62 -4.32 -10.16 10.02
CA ARG A 62 -4.07 -10.27 11.47
C ARG A 62 -5.36 -10.37 12.33
N ALA A 63 -6.50 -9.82 11.88
CA ALA A 63 -7.81 -10.08 12.51
C ALA A 63 -8.32 -11.52 12.30
N GLU A 64 -7.95 -12.17 11.19
CA GLU A 64 -8.28 -13.57 10.92
C GLU A 64 -7.23 -14.55 11.49
N GLN A 65 -5.93 -14.31 11.27
CA GLN A 65 -4.86 -15.20 11.75
C GLN A 65 -3.62 -14.44 12.28
N SER A 66 -3.12 -13.52 11.62
N MET A 1 -8.72 0.12 2.09
CA MET A 1 -10.09 0.49 1.76
C MET A 1 -10.75 -0.48 0.75
N LEU A 2 -10.11 -0.74 -0.40
CA LEU A 2 -10.71 -1.48 -1.50
C LEU A 2 -9.91 -2.72 -1.95
N GLN A 3 -10.53 -3.89 -1.76
CA GLN A 3 -10.06 -5.18 -2.28
C GLN A 3 -9.96 -5.22 -3.81
N LYS A 4 -10.88 -4.53 -4.49
CA LYS A 4 -10.83 -4.27 -5.93
C LYS A 4 -9.56 -3.50 -6.37
N LYS A 5 -9.06 -2.56 -5.56
CA LYS A 5 -7.80 -1.88 -5.82
C LYS A 5 -6.55 -2.70 -5.44
N ILE A 6 -6.54 -3.61 -4.45
CA ILE A 6 -5.46 -4.64 -4.34
C ILE A 6 -5.42 -5.45 -5.64
N GLU A 7 -6.61 -5.89 -6.12
CA GLU A 7 -6.74 -6.53 -7.43
C GLU A 7 -6.27 -5.61 -8.56
N GLU A 8 -6.82 -4.43 -8.88
CA GLU A 8 -6.38 -3.62 -10.04
C GLU A 8 -4.91 -3.12 -9.97
N GLU A 9 -4.30 -2.97 -8.78
CA GLU A 9 -2.85 -2.71 -8.65
C GLU A 9 -2.02 -4.01 -8.72
N ALA A 10 -2.15 -4.98 -7.80
CA ALA A 10 -1.49 -6.30 -7.91
C ALA A 10 -2.14 -7.37 -8.84
N ALA A 11 -3.03 -7.10 -9.80
CA ALA A 11 -3.31 -8.00 -10.93
C ALA A 11 -2.36 -7.86 -12.13
N LYS A 12 -2.20 -6.63 -12.64
CA LYS A 12 -1.56 -6.39 -13.95
C LYS A 12 -0.04 -6.63 -13.94
N TYR A 13 0.66 -6.45 -12.81
CA TYR A 13 2.08 -6.79 -12.59
C TYR A 13 3.13 -6.07 -13.47
N LYS A 14 2.74 -5.39 -14.57
CA LYS A 14 3.56 -4.49 -15.36
C LYS A 14 4.19 -3.34 -14.53
N TYR A 15 3.38 -2.62 -13.75
CA TYR A 15 3.87 -1.69 -12.73
C TYR A 15 4.27 -2.42 -11.42
N ALA A 16 5.33 -3.20 -11.65
CA ALA A 16 5.95 -4.13 -10.70
C ALA A 16 6.43 -3.50 -9.38
N MET A 17 7.02 -2.31 -9.43
CA MET A 17 7.45 -1.57 -8.24
C MET A 17 6.28 -1.11 -7.35
N LEU A 18 5.12 -0.82 -7.95
CA LEU A 18 3.95 -0.30 -7.25
C LEU A 18 3.09 -1.45 -6.67
N LYS A 19 2.88 -2.53 -7.42
CA LYS A 19 2.54 -3.82 -6.82
C LYS A 19 3.55 -4.33 -5.76
N LYS A 20 4.87 -4.19 -5.90
CA LYS A 20 5.83 -4.52 -4.83
C LYS A 20 5.67 -3.58 -3.62
N CYS A 21 5.28 -2.30 -3.81
CA CYS A 21 4.84 -1.39 -2.74
C CYS A 21 3.55 -1.86 -2.01
N CYS A 22 2.57 -2.46 -2.74
CA CYS A 22 1.54 -3.35 -2.15
C CYS A 22 2.18 -4.37 -1.23
N TYR A 23 3.14 -5.11 -1.74
CA TYR A 23 3.72 -6.18 -0.94
C TYR A 23 4.62 -5.67 0.23
N ASP A 24 5.18 -4.44 0.17
CA ASP A 24 5.62 -3.68 1.35
C ASP A 24 4.53 -3.43 2.41
N GLY A 25 3.33 -3.04 1.98
CA GLY A 25 2.14 -3.02 2.86
C GLY A 25 1.80 -4.38 3.48
N ALA A 26 1.82 -5.45 2.66
CA ALA A 26 1.52 -6.82 3.10
C ALA A 26 2.50 -7.40 4.12
N TYR A 27 3.84 -7.39 3.96
CA TYR A 27 4.74 -7.91 4.99
C TYR A 27 4.94 -6.98 6.22
N ARG A 28 3.85 -6.75 6.94
CA ARG A 28 3.86 -5.94 8.17
C ARG A 28 4.07 -6.79 9.45
N ASN A 29 5.00 -6.35 10.32
CA ASN A 29 5.16 -6.87 11.67
C ASN A 29 4.62 -5.89 12.74
N ASP A 30 4.01 -6.42 13.83
CA ASP A 30 3.35 -5.64 14.87
C ASP A 30 4.28 -4.85 15.82
N ASP A 31 4.88 -3.83 15.21
CA ASP A 31 5.63 -2.78 15.91
C ASP A 31 5.32 -1.38 15.35
N GLU A 32 5.68 -1.11 14.09
CA GLU A 32 5.29 0.10 13.36
C GLU A 32 3.80 0.16 12.94
N THR A 33 3.27 1.34 12.61
CA THR A 33 1.92 1.44 12.01
C THR A 33 1.97 1.93 10.56
N CYS A 34 1.00 1.46 9.77
CA CYS A 34 1.02 1.47 8.30
C CYS A 34 1.23 2.85 7.66
N GLU A 35 0.44 3.84 8.08
CA GLU A 35 0.46 5.20 7.56
C GLU A 35 1.65 6.05 8.08
N GLU A 36 2.22 5.71 9.24
CA GLU A 36 3.50 6.26 9.71
C GLU A 36 4.67 5.68 8.89
N ARG A 37 4.69 4.34 8.75
CA ARG A 37 5.63 3.62 7.89
C ARG A 37 5.53 4.10 6.43
N ALA A 38 4.34 4.24 5.84
CA ALA A 38 4.15 4.82 4.52
C ALA A 38 3.98 6.37 4.43
N ALA A 39 4.10 7.12 5.53
CA ALA A 39 4.63 8.49 5.46
C ALA A 39 6.14 8.51 5.15
N ARG A 40 6.90 7.52 5.67
CA ARG A 40 8.29 7.31 5.25
C ARG A 40 8.45 6.73 3.82
N ILE A 41 7.64 5.74 3.38
CA ILE A 41 7.49 5.33 1.97
C ILE A 41 6.73 6.38 1.11
N LYS A 42 7.63 7.25 0.66
CA LYS A 42 7.36 8.47 -0.11
C LYS A 42 7.24 8.31 -1.63
N ILE A 43 7.52 7.12 -2.18
CA ILE A 43 7.90 6.91 -3.59
C ILE A 43 6.84 7.35 -4.63
N GLY A 44 5.53 7.17 -4.38
CA GLY A 44 4.49 7.65 -5.29
C GLY A 44 3.03 7.55 -4.76
N PRO A 45 2.04 8.31 -5.31
CA PRO A 45 0.60 8.18 -4.98
C PRO A 45 0.02 6.76 -5.09
N LYS A 46 0.26 6.09 -6.23
CA LYS A 46 -0.08 4.66 -6.41
C LYS A 46 0.70 3.73 -5.47
N CYS A 47 1.92 4.10 -5.04
CA CYS A 47 2.69 3.34 -4.06
C CYS A 47 1.95 3.38 -2.70
N VAL A 48 1.73 4.56 -2.08
CA VAL A 48 0.89 4.68 -0.88
C VAL A 48 -0.49 4.01 -0.96
N LYS A 49 -1.17 4.19 -2.11
CA LYS A 49 -2.46 3.53 -2.39
C LYS A 49 -2.42 1.98 -2.36
N ALA A 50 -1.55 1.35 -3.18
CA ALA A 50 -1.27 -0.09 -3.14
C ALA A 50 -0.85 -0.54 -1.72
N PHE A 51 0.08 0.20 -1.08
CA PHE A 51 0.54 -0.01 0.29
C PHE A 51 -0.63 -0.07 1.30
N LYS A 52 -1.47 0.96 1.36
CA LYS A 52 -2.60 1.03 2.30
C LYS A 52 -3.67 -0.05 2.07
N ASP A 53 -4.02 -0.40 0.81
CA ASP A 53 -4.95 -1.52 0.55
C ASP A 53 -4.36 -2.91 0.93
N CYS A 54 -3.08 -3.15 0.62
CA CYS A 54 -2.37 -4.31 1.16
C CYS A 54 -2.16 -4.28 2.70
N CYS A 55 -2.03 -3.13 3.38
CA CYS A 55 -2.22 -3.05 4.84
C CYS A 55 -3.61 -3.52 5.30
N TYR A 56 -4.68 -3.20 4.55
CA TYR A 56 -5.99 -3.82 4.77
C TYR A 56 -5.98 -5.35 4.61
N ILE A 57 -5.35 -6.00 3.61
CA ILE A 57 -5.19 -7.47 3.72
C ILE A 57 -4.21 -7.97 4.81
N ALA A 58 -3.16 -7.23 5.22
CA ALA A 58 -2.37 -7.55 6.42
C ALA A 58 -3.23 -7.60 7.70
N ASN A 59 -4.16 -6.66 7.84
CA ASN A 59 -5.21 -6.70 8.87
C ASN A 59 -6.24 -7.83 8.67
N GLN A 60 -6.73 -8.11 7.45
CA GLN A 60 -7.57 -9.29 7.18
C GLN A 60 -6.86 -10.64 7.39
N VAL A 61 -5.52 -10.75 7.22
CA VAL A 61 -4.75 -11.90 7.74
C VAL A 61 -4.81 -11.99 9.28
N ARG A 62 -4.52 -10.89 10.01
CA ARG A 62 -4.66 -10.83 11.48
C ARG A 62 -6.08 -11.09 12.01
N ALA A 63 -7.12 -10.56 11.36
CA ALA A 63 -8.52 -10.87 11.70
C ALA A 63 -9.09 -12.15 11.05
N GLU A 64 -8.26 -12.96 10.35
CA GLU A 64 -8.62 -14.20 9.65
C GLU A 64 -9.60 -14.04 8.47
N GLN A 65 -10.66 -13.26 8.63
CA GLN A 65 -11.58 -12.89 7.54
C GLN A 65 -11.28 -11.49 6.95
N SER A 66 -11.17 -11.38 5.73
N MET A 1 -11.65 -7.58 3.61
CA MET A 1 -12.73 -6.88 2.91
C MET A 1 -12.25 -6.16 1.63
N LEU A 2 -11.18 -5.33 1.65
CA LEU A 2 -10.74 -4.56 0.48
C LEU A 2 -9.86 -5.32 -0.54
N GLN A 3 -10.27 -6.56 -0.83
CA GLN A 3 -9.61 -7.45 -1.80
C GLN A 3 -9.61 -6.91 -3.24
N LYS A 4 -10.72 -6.25 -3.61
CA LYS A 4 -10.84 -5.48 -4.85
C LYS A 4 -9.84 -4.30 -4.95
N LYS A 5 -9.41 -3.72 -3.82
CA LYS A 5 -8.42 -2.63 -3.79
C LYS A 5 -6.98 -3.14 -3.99
N ILE A 6 -6.66 -4.34 -3.42
CA ILE A 6 -5.43 -5.08 -3.83
C ILE A 6 -5.46 -5.25 -5.36
N GLU A 7 -6.57 -5.80 -5.89
CA GLU A 7 -6.77 -6.02 -7.32
C GLU A 7 -6.80 -4.71 -8.15
N GLU A 8 -7.08 -3.51 -7.62
CA GLU A 8 -6.88 -2.23 -8.33
C GLU A 8 -5.39 -1.84 -8.50
N GLU A 9 -4.53 -2.05 -7.49
CA GLU A 9 -3.08 -1.80 -7.62
C GLU A 9 -2.31 -2.97 -8.25
N ALA A 10 -2.44 -4.15 -7.67
CA ALA A 10 -2.05 -5.40 -8.33
C ALA A 10 -2.90 -5.82 -9.57
N ALA A 11 -3.81 -5.01 -10.13
CA ALA A 11 -4.10 -5.02 -11.57
C ALA A 11 -2.91 -4.56 -12.43
N LYS A 12 -2.23 -3.50 -11.98
CA LYS A 12 -1.24 -2.77 -12.77
C LYS A 12 0.12 -3.50 -12.76
N TYR A 13 0.10 -4.76 -13.21
CA TYR A 13 1.29 -5.62 -13.32
C TYR A 13 2.33 -5.16 -14.36
N LYS A 14 1.95 -4.23 -15.26
CA LYS A 14 2.88 -3.39 -16.01
C LYS A 14 3.71 -2.45 -15.10
N TYR A 15 3.15 -1.93 -13.99
CA TYR A 15 3.88 -1.08 -13.04
C TYR A 15 4.28 -1.92 -11.81
N ALA A 16 5.28 -2.76 -12.16
CA ALA A 16 5.82 -3.81 -11.31
C ALA A 16 6.33 -3.32 -9.94
N MET A 17 7.04 -2.19 -9.90
CA MET A 17 7.51 -1.57 -8.67
C MET A 17 6.35 -1.06 -7.78
N LEU A 18 5.25 -0.60 -8.38
CA LEU A 18 4.13 0.00 -7.66
C LEU A 18 3.18 -1.06 -7.08
N LYS A 19 2.81 -2.11 -7.83
CA LYS A 19 2.30 -3.31 -7.18
C LYS A 19 3.31 -3.98 -6.19
N LYS A 20 4.65 -3.95 -6.36
CA LYS A 20 5.57 -4.34 -5.29
C LYS A 20 5.51 -3.39 -4.07
N CYS A 21 5.23 -2.08 -4.21
CA CYS A 21 4.82 -1.23 -3.09
C CYS A 21 3.54 -1.70 -2.38
N CYS A 22 2.53 -2.21 -3.12
CA CYS A 22 1.45 -3.05 -2.56
C CYS A 22 1.99 -4.19 -1.72
N TYR A 23 2.94 -4.94 -2.26
CA TYR A 23 3.46 -6.11 -1.55
C TYR A 23 4.39 -5.74 -0.36
N ASP A 24 5.10 -4.60 -0.41
CA ASP A 24 5.70 -3.96 0.77
C ASP A 24 4.67 -3.59 1.86
N GLY A 25 3.49 -3.07 1.47
CA GLY A 25 2.36 -2.87 2.39
C GLY A 25 1.75 -4.16 2.94
N ALA A 26 1.50 -5.16 2.07
CA ALA A 26 0.97 -6.48 2.45
C ALA A 26 1.89 -7.25 3.43
N TYR A 27 3.21 -7.11 3.33
CA TYR A 27 4.12 -7.52 4.42
C TYR A 27 3.94 -6.64 5.68
N ARG A 28 2.98 -7.06 6.51
CA ARG A 28 2.76 -6.56 7.87
C ARG A 28 4.01 -6.69 8.77
N ASN A 29 4.43 -5.56 9.36
CA ASN A 29 5.49 -5.54 10.37
C ASN A 29 4.95 -5.80 11.80
N ASP A 30 5.81 -5.72 12.82
CA ASP A 30 5.46 -5.97 14.23
C ASP A 30 4.35 -5.05 14.80
N ASP A 31 4.59 -3.81 15.25
CA ASP A 31 3.54 -2.90 15.75
C ASP A 31 3.65 -1.45 15.24
N GLU A 32 4.55 -1.14 14.29
CA GLU A 32 4.65 0.18 13.67
C GLU A 32 3.46 0.48 12.72
N THR A 33 3.04 1.75 12.64
CA THR A 33 1.91 2.19 11.80
C THR A 33 2.29 2.41 10.32
N CYS A 34 1.26 2.36 9.46
CA CYS A 34 1.40 2.41 8.00
C CYS A 34 2.04 3.70 7.47
N GLU A 35 1.50 4.86 7.85
CA GLU A 35 2.01 6.17 7.41
C GLU A 35 3.39 6.53 8.01
N GLU A 36 3.80 5.94 9.15
CA GLU A 36 5.13 6.11 9.71
C GLU A 36 6.20 5.36 8.87
N ARG A 37 6.00 4.05 8.66
CA ARG A 37 6.87 3.31 7.76
C ARG A 37 6.75 3.80 6.31
N ALA A 38 5.59 4.16 5.77
CA ALA A 38 5.51 4.75 4.43
C ALA A 38 5.71 6.29 4.34
N ALA A 39 6.00 7.01 5.44
CA ALA A 39 6.84 8.21 5.38
C ALA A 39 8.33 7.89 5.18
N ARG A 40 8.82 6.75 5.68
CA ARG A 40 10.14 6.21 5.31
C ARG A 40 10.17 5.67 3.85
N ILE A 41 9.17 4.90 3.39
CA ILE A 41 8.98 4.54 1.97
C ILE A 41 8.49 5.72 1.09
N LYS A 42 9.54 6.40 0.69
CA LYS A 42 9.54 7.63 -0.12
C LYS A 42 9.64 7.45 -1.65
N ILE A 43 9.42 6.25 -2.19
CA ILE A 43 9.68 5.92 -3.60
C ILE A 43 8.77 6.68 -4.61
N GLY A 44 7.49 6.89 -4.29
CA GLY A 44 6.61 7.73 -5.13
C GLY A 44 5.16 7.89 -4.62
N PRO A 45 4.35 8.90 -5.06
CA PRO A 45 2.92 9.07 -4.70
C PRO A 45 2.02 7.83 -4.93
N LYS A 46 2.12 7.22 -6.12
CA LYS A 46 1.44 5.98 -6.46
C LYS A 46 1.93 4.77 -5.63
N CYS A 47 3.20 4.80 -5.20
CA CYS A 47 3.77 3.81 -4.27
C CYS A 47 3.14 3.93 -2.88
N VAL A 48 3.18 5.10 -2.19
CA VAL A 48 2.40 5.33 -0.96
C VAL A 48 0.92 4.93 -1.06
N LYS A 49 0.24 5.26 -2.16
CA LYS A 49 -1.13 4.82 -2.46
C LYS A 49 -1.32 3.27 -2.51
N ALA A 50 -0.56 2.52 -3.35
CA ALA A 50 -0.50 1.04 -3.32
C ALA A 50 -0.13 0.49 -1.92
N PHE A 51 0.90 1.09 -1.29
CA PHE A 51 1.34 0.76 0.07
C PHE A 51 0.21 0.90 1.10
N LYS A 52 -0.40 2.10 1.22
CA LYS A 52 -1.47 2.39 2.19
C LYS A 52 -2.69 1.49 1.99
N ASP A 53 -3.12 1.25 0.73
CA ASP A 53 -4.22 0.33 0.45
C ASP A 53 -3.92 -1.11 0.92
N CYS A 54 -2.84 -1.74 0.43
CA CYS A 54 -2.42 -3.05 0.92
C CYS A 54 -2.03 -3.10 2.42
N CYS A 55 -1.53 -2.03 3.05
CA CYS A 55 -1.34 -1.94 4.51
C CYS A 55 -2.68 -1.96 5.28
N TYR A 56 -3.74 -1.30 4.77
CA TYR A 56 -5.11 -1.48 5.27
C TYR A 56 -5.58 -2.95 5.15
N ILE A 57 -5.35 -3.63 4.02
CA ILE A 57 -5.56 -5.10 3.92
C ILE A 57 -4.73 -5.91 4.92
N ALA A 58 -3.43 -5.64 5.05
CA ALA A 58 -2.56 -6.27 6.06
C ALA A 58 -3.12 -6.17 7.50
N ASN A 59 -3.64 -4.98 7.87
CA ASN A 59 -4.35 -4.80 9.13
C ASN A 59 -5.76 -5.45 9.18
N GLN A 60 -6.52 -5.50 8.07
CA GLN A 60 -7.73 -6.33 7.97
C GLN A 60 -7.45 -7.84 8.15
N VAL A 61 -6.34 -8.37 7.59
CA VAL A 61 -5.87 -9.73 7.88
C VAL A 61 -5.51 -9.92 9.37
N ARG A 62 -4.74 -9.00 9.98
CA ARG A 62 -4.43 -8.99 11.41
C ARG A 62 -5.68 -8.92 12.32
N ALA A 63 -6.70 -8.11 11.96
CA ALA A 63 -7.99 -8.10 12.64
C ALA A 63 -9.01 -9.17 12.15
N GLU A 64 -8.61 -10.08 11.25
CA GLU A 64 -9.43 -11.16 10.66
C GLU A 64 -10.72 -10.69 9.95
N GLN A 65 -10.60 -9.67 9.09
CA GLN A 65 -11.73 -9.09 8.34
C GLN A 65 -11.50 -8.97 6.82
N SER A 66 -10.36 -8.95 6.36
N MET A 1 -8.76 1.73 2.35
CA MET A 1 -9.66 0.59 2.14
C MET A 1 -10.34 0.53 0.75
N LEU A 2 -9.80 1.23 -0.26
CA LEU A 2 -10.32 1.25 -1.62
C LEU A 2 -9.93 -0.03 -2.41
N GLN A 3 -10.92 -0.93 -2.46
CA GLN A 3 -10.89 -2.16 -3.25
C GLN A 3 -10.63 -1.92 -4.75
N LYS A 4 -11.16 -0.82 -5.30
CA LYS A 4 -10.90 -0.35 -6.67
C LYS A 4 -9.40 -0.04 -6.92
N LYS A 5 -8.68 0.56 -5.96
CA LYS A 5 -7.23 0.75 -6.08
C LYS A 5 -6.41 -0.55 -5.90
N ILE A 6 -6.75 -1.48 -4.99
CA ILE A 6 -6.10 -2.82 -4.99
C ILE A 6 -6.41 -3.54 -6.31
N GLU A 7 -7.63 -3.42 -6.85
CA GLU A 7 -7.96 -3.88 -8.20
C GLU A 7 -7.10 -3.16 -9.26
N GLU A 8 -7.18 -1.85 -9.56
CA GLU A 8 -6.43 -1.26 -10.68
C GLU A 8 -4.88 -1.27 -10.51
N GLU A 9 -4.32 -1.43 -9.29
CA GLU A 9 -2.90 -1.78 -9.16
C GLU A 9 -2.66 -3.30 -9.25
N ALA A 10 -3.09 -4.12 -8.27
CA ALA A 10 -2.89 -5.57 -8.28
C ALA A 10 -3.77 -6.43 -9.24
N ALA A 11 -4.69 -5.92 -10.07
CA ALA A 11 -5.13 -6.59 -11.29
C ALA A 11 -4.14 -6.40 -12.45
N LYS A 12 -3.76 -5.14 -12.67
CA LYS A 12 -2.97 -4.72 -13.82
C LYS A 12 -1.46 -4.82 -13.48
N TYR A 13 -1.05 -6.10 -13.38
CA TYR A 13 0.33 -6.56 -13.11
C TYR A 13 1.44 -6.02 -14.04
N LYS A 14 1.11 -5.23 -15.08
CA LYS A 14 2.03 -4.32 -15.75
C LYS A 14 2.60 -3.26 -14.78
N TYR A 15 1.82 -2.78 -13.79
CA TYR A 15 2.30 -1.88 -12.74
C TYR A 15 3.04 -2.65 -11.63
N ALA A 16 4.11 -3.34 -12.06
CA ALA A 16 4.84 -4.35 -11.29
C ALA A 16 5.39 -3.87 -9.92
N MET A 17 6.15 -2.76 -9.90
CA MET A 17 6.67 -2.15 -8.67
C MET A 17 5.57 -1.58 -7.76
N LEU A 18 4.43 -1.16 -8.34
CA LEU A 18 3.34 -0.51 -7.61
C LEU A 18 2.35 -1.52 -7.00
N LYS A 19 2.05 -2.63 -7.69
CA LYS A 19 1.42 -3.76 -7.03
C LYS A 19 2.38 -4.45 -6.04
N LYS A 20 3.70 -4.49 -6.26
CA LYS A 20 4.65 -4.94 -5.24
C LYS A 20 4.73 -3.94 -4.05
N CYS A 21 4.43 -2.64 -4.24
CA CYS A 21 4.14 -1.69 -3.16
C CYS A 21 2.83 -2.01 -2.39
N CYS A 22 1.74 -2.43 -3.08
CA CYS A 22 0.59 -3.14 -2.46
C CYS A 22 1.07 -4.27 -1.56
N TYR A 23 1.92 -5.12 -2.08
CA TYR A 23 2.37 -6.27 -1.32
C TYR A 23 3.40 -5.93 -0.20
N ASP A 24 4.14 -4.79 -0.27
CA ASP A 24 4.73 -4.14 0.91
C ASP A 24 3.70 -3.74 1.97
N GLY A 25 2.54 -3.20 1.55
CA GLY A 25 1.39 -2.99 2.45
C GLY A 25 0.83 -4.27 3.06
N ALA A 26 0.59 -5.29 2.24
CA ALA A 26 0.12 -6.62 2.69
C ALA A 26 1.07 -7.29 3.72
N TYR A 27 2.39 -7.18 3.56
CA TYR A 27 3.33 -7.50 4.65
C TYR A 27 3.29 -6.45 5.78
N ARG A 28 2.29 -6.57 6.66
CA ARG A 28 2.16 -5.73 7.86
C ARG A 28 3.30 -5.89 8.90
N ASN A 29 4.02 -4.80 9.17
CA ASN A 29 4.88 -4.69 10.36
C ASN A 29 4.08 -4.33 11.63
N ASP A 30 4.13 -5.23 12.62
CA ASP A 30 3.46 -5.11 13.93
C ASP A 30 4.02 -4.01 14.87
N ASP A 31 4.12 -2.77 14.37
CA ASP A 31 4.68 -1.64 15.12
C ASP A 31 4.01 -0.29 14.81
N GLU A 32 4.30 0.33 13.65
CA GLU A 32 3.70 1.59 13.20
C GLU A 32 2.23 1.52 12.74
N THR A 33 1.67 2.65 12.29
CA THR A 33 0.48 2.63 11.42
C THR A 33 0.85 2.78 9.93
N CYS A 34 -0.07 2.34 9.05
CA CYS A 34 0.17 2.14 7.62
C CYS A 34 0.66 3.37 6.85
N GLU A 35 -0.06 4.48 7.02
CA GLU A 35 0.24 5.77 6.38
C GLU A 35 1.45 6.50 6.99
N GLU A 36 1.89 6.13 8.19
CA GLU A 36 3.15 6.58 8.79
C GLU A 36 4.35 5.81 8.20
N ARG A 37 4.23 4.46 8.19
CA ARG A 37 5.15 3.56 7.50
C ARG A 37 5.28 3.95 6.01
N ALA A 38 4.16 4.19 5.30
CA ALA A 38 4.19 4.71 3.94
C ALA A 38 4.23 6.24 3.75
N ALA A 39 4.29 7.08 4.80
CA ALA A 39 4.93 8.39 4.70
C ALA A 39 6.46 8.27 4.54
N ARG A 40 7.08 7.21 5.09
CA ARG A 40 8.46 6.83 4.77
C ARG A 40 8.61 6.15 3.38
N ILE A 41 7.75 5.19 2.97
CA ILE A 41 7.63 4.70 1.59
C ILE A 41 7.08 5.77 0.61
N LYS A 42 8.13 6.48 0.20
CA LYS A 42 8.09 7.74 -0.56
C LYS A 42 7.97 7.60 -2.09
N ILE A 43 8.01 6.38 -2.63
CA ILE A 43 8.29 6.10 -4.06
C ILE A 43 7.29 6.73 -5.05
N GLY A 44 5.98 6.77 -4.75
CA GLY A 44 5.00 7.47 -5.61
C GLY A 44 3.55 7.50 -5.10
N PRO A 45 2.63 8.35 -5.63
CA PRO A 45 1.23 8.44 -5.18
C PRO A 45 0.40 7.15 -5.35
N LYS A 46 0.53 6.49 -6.52
CA LYS A 46 -0.01 5.15 -6.77
C LYS A 46 0.56 4.07 -5.83
N CYS A 47 1.83 4.22 -5.41
CA CYS A 47 2.49 3.34 -4.43
C CYS A 47 1.85 3.53 -3.04
N VAL A 48 1.85 4.74 -2.42
CA VAL A 48 1.11 5.02 -1.17
C VAL A 48 -0.35 4.52 -1.17
N LYS A 49 -1.10 4.79 -2.24
CA LYS A 49 -2.47 4.27 -2.39
C LYS A 49 -2.55 2.72 -2.41
N ALA A 50 -1.80 2.02 -3.28
CA ALA A 50 -1.66 0.55 -3.27
C ALA A 50 -1.29 0.04 -1.85
N PHE A 51 -0.24 0.64 -1.27
CA PHE A 51 0.26 0.33 0.07
C PHE A 51 -0.83 0.47 1.14
N LYS A 52 -1.43 1.66 1.31
CA LYS A 52 -2.45 1.92 2.33
C LYS A 52 -3.70 1.02 2.17
N ASP A 53 -4.17 0.75 0.95
CA ASP A 53 -5.34 -0.11 0.75
C ASP A 53 -5.07 -1.59 1.06
N CYS A 54 -3.99 -2.17 0.52
CA CYS A 54 -3.51 -3.50 0.94
C CYS A 54 -3.16 -3.60 2.45
N CYS A 55 -2.54 -2.56 3.07
CA CYS A 55 -2.26 -2.52 4.51
C CYS A 55 -3.53 -2.51 5.39
N TYR A 56 -4.59 -1.78 4.99
CA TYR A 56 -5.89 -1.88 5.65
C TYR A 56 -6.50 -3.28 5.51
N ILE A 57 -6.44 -3.94 4.33
CA ILE A 57 -6.82 -5.36 4.21
C ILE A 57 -5.99 -6.29 5.10
N ALA A 58 -4.67 -6.08 5.17
CA ALA A 58 -3.77 -6.75 6.13
C ALA A 58 -4.23 -6.60 7.59
N ASN A 59 -4.53 -5.37 8.05
CA ASN A 59 -5.12 -5.12 9.38
C ASN A 59 -6.52 -5.73 9.56
N GLN A 60 -7.41 -5.67 8.56
CA GLN A 60 -8.69 -6.40 8.58
C GLN A 60 -8.53 -7.93 8.61
N VAL A 61 -7.66 -8.56 7.80
CA VAL A 61 -7.35 -10.00 7.88
C VAL A 61 -6.78 -10.43 9.25
N ARG A 62 -5.93 -9.62 9.90
CA ARG A 62 -5.52 -9.84 11.30
C ARG A 62 -6.69 -9.82 12.31
N ALA A 63 -7.68 -8.95 12.13
CA ALA A 63 -8.91 -8.95 12.93
C ALA A 63 -9.90 -10.06 12.54
N GLU A 64 -10.24 -10.25 11.25
CA GLU A 64 -11.21 -11.24 10.78
C GLU A 64 -10.67 -12.70 10.78
N GLN A 65 -10.32 -13.18 11.98
CA GLN A 65 -9.89 -14.57 12.17
C GLN A 65 -10.94 -15.45 12.89
N SER A 66 -11.43 -15.06 13.95
N MET A 1 -11.10 2.18 0.58
CA MET A 1 -12.29 3.00 0.37
C MET A 1 -12.70 3.14 -1.11
N LEU A 2 -11.78 3.56 -1.99
CA LEU A 2 -12.06 3.77 -3.41
C LEU A 2 -11.84 2.48 -4.23
N GLN A 3 -13.00 1.89 -4.53
CA GLN A 3 -13.15 0.70 -5.37
C GLN A 3 -12.49 0.88 -6.75
N LYS A 4 -12.76 1.97 -7.46
CA LYS A 4 -12.09 2.31 -8.72
C LYS A 4 -10.59 2.62 -8.61
N LYS A 5 -9.99 2.81 -7.44
CA LYS A 5 -8.53 2.85 -7.31
C LYS A 5 -7.89 1.47 -7.16
N ILE A 6 -8.40 0.54 -6.33
CA ILE A 6 -7.94 -0.86 -6.46
C ILE A 6 -8.37 -1.51 -7.79
N GLU A 7 -9.58 -1.27 -8.31
CA GLU A 7 -9.99 -1.75 -9.64
C GLU A 7 -9.13 -1.13 -10.74
N GLU A 8 -9.09 0.17 -11.06
CA GLU A 8 -8.31 0.64 -12.21
C GLU A 8 -6.79 0.59 -12.05
N GLU A 9 -6.18 0.61 -10.85
CA GLU A 9 -4.75 0.37 -10.72
C GLU A 9 -4.41 -1.13 -10.68
N ALA A 10 -4.95 -1.96 -9.78
CA ALA A 10 -4.72 -3.41 -9.81
C ALA A 10 -5.52 -4.24 -10.84
N ALA A 11 -6.46 -3.74 -11.67
CA ALA A 11 -6.80 -4.40 -12.94
C ALA A 11 -5.80 -4.05 -14.07
N LYS A 12 -5.66 -2.75 -14.37
CA LYS A 12 -4.76 -2.27 -15.43
C LYS A 12 -3.29 -2.23 -14.97
N TYR A 13 -2.77 -3.46 -14.90
CA TYR A 13 -1.35 -3.78 -14.69
C TYR A 13 -0.34 -3.05 -15.62
N LYS A 14 -0.82 -2.40 -16.69
CA LYS A 14 -0.08 -1.39 -17.46
C LYS A 14 0.31 -0.14 -16.62
N TYR A 15 -0.44 0.23 -15.56
CA TYR A 15 -0.02 1.28 -14.62
C TYR A 15 0.98 0.68 -13.58
N ALA A 16 2.09 0.18 -14.12
CA ALA A 16 2.98 -0.80 -13.49
C ALA A 16 3.54 -0.44 -12.10
N MET A 17 4.19 0.72 -11.97
CA MET A 17 4.73 1.24 -10.72
C MET A 17 3.64 1.64 -9.70
N LEU A 18 2.48 2.10 -10.19
CA LEU A 18 1.37 2.57 -9.34
C LEU A 18 0.55 1.40 -8.78
N LYS A 19 0.33 0.37 -9.60
CA LYS A 19 -0.10 -0.94 -9.11
C LYS A 19 0.96 -1.59 -8.17
N LYS A 20 2.27 -1.47 -8.42
CA LYS A 20 3.28 -1.94 -7.46
C LYS A 20 3.25 -1.08 -6.16
N CYS A 21 2.93 0.23 -6.21
CA CYS A 21 2.62 1.04 -5.03
C CYS A 21 1.37 0.56 -4.24
N CYS A 22 0.30 0.14 -4.94
CA CYS A 22 -0.77 -0.72 -4.40
C CYS A 22 -0.18 -1.88 -3.60
N TYR A 23 0.68 -2.64 -4.25
CA TYR A 23 1.21 -3.84 -3.62
C TYR A 23 2.24 -3.55 -2.50
N ASP A 24 2.90 -2.38 -2.51
CA ASP A 24 3.55 -1.78 -1.33
C ASP A 24 2.60 -1.55 -0.14
N GLY A 25 1.37 -1.08 -0.41
CA GLY A 25 0.29 -1.09 0.59
C GLY A 25 -0.17 -2.49 1.03
N ALA A 26 -0.34 -3.41 0.07
CA ALA A 26 -0.72 -4.80 0.33
C ALA A 26 0.31 -5.62 1.15
N TYR A 27 1.60 -5.26 1.17
CA TYR A 27 2.51 -5.75 2.23
C TYR A 27 2.05 -5.23 3.62
N ARG A 28 1.11 -5.96 4.25
CA ARG A 28 0.68 -5.73 5.63
C ARG A 28 1.81 -5.91 6.67
N ASN A 29 2.26 -4.77 7.23
CA ASN A 29 3.18 -4.73 8.37
C ASN A 29 2.50 -5.21 9.68
N ASP A 30 3.31 -5.70 10.62
CA ASP A 30 2.91 -6.10 11.97
C ASP A 30 2.14 -5.03 12.79
N ASP A 31 2.64 -3.79 12.92
CA ASP A 31 2.09 -2.79 13.84
C ASP A 31 1.90 -1.38 13.26
N GLU A 32 2.57 -0.96 12.17
CA GLU A 32 2.42 0.37 11.57
C GLU A 32 1.06 0.62 10.86
N THR A 33 0.67 1.89 10.69
CA THR A 33 -0.55 2.23 9.95
C THR A 33 -0.29 2.84 8.55
N CYS A 34 -1.34 2.78 7.72
CA CYS A 34 -1.27 2.98 6.27
C CYS A 34 -0.77 4.36 5.82
N GLU A 35 -1.44 5.40 6.33
CA GLU A 35 -1.13 6.80 6.01
C GLU A 35 0.16 7.31 6.71
N GLU A 36 0.67 6.63 7.74
CA GLU A 36 2.00 6.87 8.32
C GLU A 36 3.13 6.36 7.39
N ARG A 37 2.97 5.10 6.96
CA ARG A 37 3.80 4.53 5.89
C ARG A 37 3.72 5.37 4.62
N ALA A 38 2.52 5.69 4.12
CA ALA A 38 2.39 6.51 2.92
C ALA A 38 2.32 8.05 3.14
N ALA A 39 2.60 8.57 4.34
CA ALA A 39 3.31 9.84 4.51
C ALA A 39 4.80 9.73 4.13
N ARG A 40 5.47 8.61 4.47
CA ARG A 40 6.82 8.32 3.94
C ARG A 40 6.85 7.98 2.43
N ILE A 41 5.96 7.12 1.89
CA ILE A 41 5.73 6.91 0.45
C ILE A 41 4.98 8.08 -0.22
N LYS A 42 5.88 8.95 -0.64
CA LYS A 42 5.63 10.26 -1.24
C LYS A 42 5.46 10.29 -2.78
N ILE A 43 5.70 9.18 -3.47
CA ILE A 43 6.07 9.13 -4.90
C ILE A 43 5.05 9.77 -5.88
N GLY A 44 3.73 9.60 -5.69
CA GLY A 44 2.73 10.26 -6.54
C GLY A 44 1.26 10.20 -6.03
N PRO A 45 0.31 11.07 -6.46
CA PRO A 45 -1.11 11.04 -6.04
C PRO A 45 -1.84 9.69 -6.21
N LYS A 46 -1.80 9.12 -7.44
CA LYS A 46 -2.32 7.78 -7.70
C LYS A 46 -1.56 6.65 -6.95
N CYS A 47 -0.28 6.86 -6.63
CA CYS A 47 0.51 5.95 -5.79
C CYS A 47 -0.08 5.91 -4.37
N VAL A 48 -0.16 7.04 -3.64
CA VAL A 48 -0.88 7.12 -2.35
C VAL A 48 -2.30 6.53 -2.37
N LYS A 49 -3.12 6.85 -3.39
CA LYS A 49 -4.46 6.25 -3.54
C LYS A 49 -4.46 4.71 -3.75
N ALA A 50 -3.70 4.16 -4.72
CA ALA A 50 -3.48 2.71 -4.87
C ALA A 50 -2.96 2.09 -3.55
N PHE A 51 -1.96 2.73 -2.90
CA PHE A 51 -1.42 2.32 -1.60
C PHE A 51 -2.51 2.23 -0.51
N LYS A 52 -3.25 3.32 -0.23
CA LYS A 52 -4.28 3.33 0.82
C LYS A 52 -5.42 2.33 0.55
N ASP A 53 -5.88 2.16 -0.70
CA ASP A 53 -6.94 1.21 -1.00
C ASP A 53 -6.51 -0.27 -0.94
N CYS A 54 -5.34 -0.63 -1.46
CA CYS A 54 -4.72 -1.93 -1.17
C CYS A 54 -4.41 -2.16 0.33
N CYS A 55 -3.98 -1.13 1.08
CA CYS A 55 -3.83 -1.21 2.53
C CYS A 55 -5.16 -1.47 3.27
N TYR A 56 -6.29 -0.87 2.83
CA TYR A 56 -7.63 -1.28 3.27
C TYR A 56 -7.95 -2.76 2.97
N ILE A 57 -7.65 -3.27 1.76
CA ILE A 57 -7.79 -4.70 1.44
C ILE A 57 -6.90 -5.60 2.33
N ALA A 58 -5.65 -5.19 2.52
CA ALA A 58 -4.71 -5.82 3.46
C ALA A 58 -5.24 -5.91 4.92
N ASN A 59 -5.83 -4.83 5.44
CA ASN A 59 -6.52 -4.85 6.74
C ASN A 59 -7.80 -5.70 6.77
N GLN A 60 -8.58 -5.76 5.67
CA GLN A 60 -9.66 -6.75 5.53
C GLN A 60 -9.15 -8.20 5.54
N VAL A 61 -8.08 -8.52 4.79
CA VAL A 61 -7.42 -9.85 4.86
C VAL A 61 -6.90 -10.18 6.27
N ARG A 62 -6.29 -9.22 6.99
CA ARG A 62 -5.92 -9.37 8.41
C ARG A 62 -7.12 -9.66 9.34
N ALA A 63 -8.28 -9.01 9.12
CA ALA A 63 -9.52 -9.33 9.84
C ALA A 63 -10.19 -10.66 9.39
N GLU A 64 -10.26 -10.95 8.08
CA GLU A 64 -10.84 -12.20 7.57
C GLU A 64 -9.96 -13.45 7.76
N GLN A 65 -8.67 -13.40 7.39
CA GLN A 65 -7.74 -14.54 7.42
C GLN A 65 -8.18 -15.81 6.64
N SER A 66 -8.29 -15.72 5.42
N MET A 1 -10.35 2.29 1.07
CA MET A 1 -11.53 3.07 0.71
C MET A 1 -11.94 2.94 -0.77
N LEU A 2 -10.98 3.06 -1.72
CA LEU A 2 -11.26 2.95 -3.15
C LEU A 2 -10.89 1.56 -3.71
N GLN A 3 -11.94 0.73 -3.67
CA GLN A 3 -11.96 -0.60 -4.28
C GLN A 3 -11.63 -0.56 -5.79
N LYS A 4 -12.13 0.50 -6.44
CA LYS A 4 -11.80 0.88 -7.82
C LYS A 4 -10.29 1.17 -8.03
N LYS A 5 -9.57 1.78 -7.07
CA LYS A 5 -8.12 1.97 -7.20
C LYS A 5 -7.29 0.70 -6.98
N ILE A 6 -7.66 -0.25 -6.10
CA ILE A 6 -7.01 -1.59 -6.11
C ILE A 6 -7.24 -2.25 -7.48
N GLU A 7 -8.49 -2.19 -7.98
CA GLU A 7 -8.83 -2.66 -9.33
C GLU A 7 -8.01 -1.92 -10.41
N GLU A 8 -8.06 -0.60 -10.61
CA GLU A 8 -7.33 0.07 -11.70
C GLU A 8 -5.79 0.03 -11.57
N GLU A 9 -5.18 -0.20 -10.39
CA GLU A 9 -3.76 -0.52 -10.31
C GLU A 9 -3.49 -2.04 -10.49
N ALA A 10 -3.98 -2.92 -9.60
CA ALA A 10 -3.81 -4.37 -9.73
C ALA A 10 -4.67 -5.11 -10.80
N ALA A 11 -5.52 -4.50 -11.63
CA ALA A 11 -5.90 -5.05 -12.94
C ALA A 11 -4.80 -4.84 -14.00
N LYS A 12 -4.35 -3.58 -14.09
CA LYS A 12 -3.34 -3.15 -15.05
C LYS A 12 -1.91 -3.50 -14.58
N TYR A 13 -1.62 -4.81 -14.59
CA TYR A 13 -0.28 -5.36 -14.34
C TYR A 13 0.86 -4.82 -15.23
N LYS A 14 0.53 -4.05 -16.27
CA LYS A 14 1.44 -3.12 -16.95
C LYS A 14 1.99 -2.01 -16.03
N TYR A 15 1.25 -1.53 -15.02
CA TYR A 15 1.76 -0.60 -14.01
C TYR A 15 2.51 -1.37 -12.91
N ALA A 16 3.57 -2.06 -13.36
CA ALA A 16 4.26 -3.13 -12.62
C ALA A 16 4.74 -2.77 -11.20
N MET A 17 5.48 -1.65 -11.07
CA MET A 17 5.97 -1.13 -9.81
C MET A 17 4.84 -0.58 -8.90
N LEU A 18 3.74 -0.09 -9.49
CA LEU A 18 2.65 0.55 -8.76
C LEU A 18 1.63 -0.47 -8.21
N LYS A 19 1.30 -1.52 -8.96
CA LYS A 19 0.65 -2.69 -8.37
C LYS A 19 1.59 -3.45 -7.40
N LYS A 20 2.92 -3.49 -7.60
CA LYS A 20 3.85 -4.00 -6.58
C LYS A 20 3.91 -3.07 -5.33
N CYS A 21 3.66 -1.76 -5.46
CA CYS A 21 3.40 -0.86 -4.32
C CYS A 21 2.07 -1.17 -3.57
N CYS A 22 0.98 -1.53 -4.31
CA CYS A 22 -0.18 -2.23 -3.75
C CYS A 22 0.25 -3.43 -2.91
N TYR A 23 1.07 -4.28 -3.48
CA TYR A 23 1.47 -5.48 -2.79
C TYR A 23 2.51 -5.26 -1.64
N ASP A 24 3.23 -4.12 -1.61
CA ASP A 24 3.82 -3.58 -0.36
C ASP A 24 2.77 -3.23 0.72
N GLY A 25 1.67 -2.57 0.33
CA GLY A 25 0.50 -2.37 1.20
C GLY A 25 -0.15 -3.66 1.70
N ALA A 26 -0.30 -4.66 0.82
CA ALA A 26 -0.76 -6.01 1.20
C ALA A 26 0.20 -6.75 2.15
N TYR A 27 1.52 -6.70 1.94
CA TYR A 27 2.50 -7.21 2.92
C TYR A 27 2.62 -6.36 4.20
N ARG A 28 1.55 -6.41 5.00
CA ARG A 28 1.50 -5.80 6.33
C ARG A 28 1.99 -6.78 7.42
N ASN A 29 3.31 -6.81 7.57
CA ASN A 29 3.99 -7.66 8.54
C ASN A 29 4.50 -6.94 9.81
N ASP A 30 4.74 -5.62 9.77
CA ASP A 30 5.26 -4.86 10.92
C ASP A 30 4.22 -4.52 12.04
N ASP A 31 3.66 -3.29 12.07
CA ASP A 31 2.90 -2.73 13.19
C ASP A 31 2.31 -1.33 12.90
N GLU A 32 3.04 -0.51 12.12
CA GLU A 32 2.76 0.91 11.90
C GLU A 32 1.47 1.24 11.13
N THR A 33 0.98 2.49 11.19
CA THR A 33 -0.22 2.88 10.42
C THR A 33 0.12 3.26 8.96
N CYS A 34 -0.87 3.09 8.07
CA CYS A 34 -0.68 3.03 6.61
C CYS A 34 -0.03 4.27 5.99
N GLU A 35 -0.54 5.48 6.32
CA GLU A 35 0.01 6.75 5.84
C GLU A 35 1.37 7.13 6.49
N GLU A 36 1.73 6.61 7.67
CA GLU A 36 3.06 6.77 8.27
C GLU A 36 4.12 5.94 7.52
N ARG A 37 3.77 4.65 7.39
CA ARG A 37 4.48 3.65 6.60
C ARG A 37 4.68 4.16 5.16
N ALA A 38 3.59 4.59 4.49
CA ALA A 38 3.65 5.17 3.16
C ALA A 38 3.88 6.70 3.06
N ALA A 39 4.15 7.43 4.15
CA ALA A 39 4.99 8.63 4.11
C ALA A 39 6.46 8.29 3.84
N ARG A 40 6.95 7.16 4.38
CA ARG A 40 8.26 6.62 3.95
C ARG A 40 8.24 6.04 2.51
N ILE A 41 7.21 5.28 2.11
CA ILE A 41 6.95 4.92 0.71
C ILE A 41 6.35 6.09 -0.12
N LYS A 42 7.33 6.91 -0.43
CA LYS A 42 7.19 8.22 -1.06
C LYS A 42 7.36 8.24 -2.60
N ILE A 43 7.32 7.07 -3.26
CA ILE A 43 7.70 6.91 -4.67
C ILE A 43 6.77 7.64 -5.67
N GLY A 44 5.43 7.61 -5.45
CA GLY A 44 4.50 8.36 -6.31
C GLY A 44 3.05 8.44 -5.82
N PRO A 45 2.18 9.40 -6.26
CA PRO A 45 0.75 9.49 -5.92
C PRO A 45 -0.08 8.19 -6.14
N LYS A 46 0.06 7.59 -7.34
CA LYS A 46 -0.51 6.29 -7.66
C LYS A 46 0.03 5.13 -6.79
N CYS A 47 1.29 5.23 -6.34
CA CYS A 47 1.90 4.28 -5.41
C CYS A 47 1.23 4.41 -4.02
N VAL A 48 1.26 5.57 -3.33
CA VAL A 48 0.48 5.80 -2.10
C VAL A 48 -1.00 5.38 -2.17
N LYS A 49 -1.69 5.71 -3.27
CA LYS A 49 -3.06 5.22 -3.50
C LYS A 49 -3.22 3.68 -3.57
N ALA A 50 -2.46 2.99 -4.45
CA ALA A 50 -2.36 1.52 -4.50
C ALA A 50 -2.03 0.96 -3.09
N PHE A 51 -1.00 1.53 -2.44
CA PHE A 51 -0.55 1.17 -1.10
C PHE A 51 -1.69 1.30 -0.07
N LYS A 52 -2.30 2.47 0.12
CA LYS A 52 -3.36 2.68 1.12
C LYS A 52 -4.61 1.83 0.88
N ASP A 53 -5.04 1.58 -0.37
CA ASP A 53 -6.20 0.72 -0.61
C ASP A 53 -5.92 -0.78 -0.42
N CYS A 54 -4.76 -1.30 -0.87
CA CYS A 54 -4.28 -2.61 -0.44
C CYS A 54 -4.00 -2.71 1.09
N CYS A 55 -3.52 -1.65 1.77
CA CYS A 55 -3.39 -1.59 3.24
C CYS A 55 -4.76 -1.69 3.96
N TYR A 56 -5.80 -1.05 3.40
CA TYR A 56 -7.21 -1.30 3.79
C TYR A 56 -7.63 -2.78 3.63
N ILE A 57 -7.32 -3.46 2.52
CA ILE A 57 -7.46 -4.93 2.42
C ILE A 57 -6.65 -5.71 3.48
N ALA A 58 -5.37 -5.37 3.63
CA ALA A 58 -4.49 -5.95 4.63
C ALA A 58 -5.02 -5.83 6.08
N ASN A 59 -5.51 -4.65 6.49
CA ASN A 59 -6.20 -4.49 7.79
C ASN A 59 -7.54 -5.25 7.88
N GLN A 60 -8.33 -5.36 6.80
CA GLN A 60 -9.48 -6.26 6.74
C GLN A 60 -9.08 -7.74 6.93
N VAL A 61 -8.02 -8.21 6.25
CA VAL A 61 -7.42 -9.53 6.47
C VAL A 61 -6.89 -9.72 7.90
N ARG A 62 -6.18 -8.74 8.50
CA ARG A 62 -5.82 -8.78 9.93
C ARG A 62 -7.02 -8.76 10.89
N ALA A 63 -8.16 -8.13 10.54
CA ALA A 63 -9.41 -8.31 11.28
C ALA A 63 -10.04 -9.70 11.10
N GLU A 64 -10.30 -10.19 9.87
CA GLU A 64 -10.87 -11.54 9.66
C GLU A 64 -9.80 -12.67 9.69
N GLN A 65 -9.00 -12.69 10.75
CA GLN A 65 -7.87 -13.62 10.88
C GLN A 65 -8.07 -14.66 12.01
N SER A 66 -8.30 -14.27 13.16
N MET A 1 -10.02 2.94 -0.38
CA MET A 1 -11.09 3.86 -0.73
C MET A 1 -11.97 3.35 -1.91
N LEU A 2 -11.38 2.94 -3.04
CA LEU A 2 -12.13 2.57 -4.24
C LEU A 2 -11.58 1.31 -4.95
N GLN A 3 -12.52 0.37 -5.14
CA GLN A 3 -12.31 -0.93 -5.80
C GLN A 3 -11.79 -0.82 -7.24
N LYS A 4 -12.42 0.06 -8.03
CA LYS A 4 -12.02 0.40 -9.40
C LYS A 4 -10.56 0.90 -9.49
N LYS A 5 -10.08 1.68 -8.51
CA LYS A 5 -8.68 2.09 -8.44
C LYS A 5 -7.69 1.01 -7.97
N ILE A 6 -8.01 0.03 -7.09
CA ILE A 6 -7.15 -1.17 -6.92
C ILE A 6 -6.99 -1.86 -8.29
N GLU A 7 -8.13 -2.06 -8.98
CA GLU A 7 -8.13 -2.61 -10.34
C GLU A 7 -7.34 -1.74 -11.33
N GLU A 8 -7.53 -0.44 -11.55
CA GLU A 8 -6.70 0.31 -12.52
C GLU A 8 -5.19 0.36 -12.18
N GLU A 9 -4.79 0.13 -10.92
CA GLU A 9 -3.38 -0.11 -10.60
C GLU A 9 -2.98 -1.58 -10.80
N ALA A 10 -3.54 -2.52 -10.03
CA ALA A 10 -3.29 -3.97 -10.15
C ALA A 10 -3.97 -4.76 -11.31
N ALA A 11 -4.73 -4.20 -12.26
CA ALA A 11 -4.96 -4.80 -13.58
C ALA A 11 -3.80 -4.53 -14.55
N LYS A 12 -3.46 -3.25 -14.65
CA LYS A 12 -2.48 -2.75 -15.61
C LYS A 12 -1.04 -2.88 -15.07
N TYR A 13 -0.62 -4.16 -15.01
CA TYR A 13 0.73 -4.60 -14.64
C TYR A 13 1.90 -4.01 -15.48
N LYS A 14 1.63 -3.16 -16.47
CA LYS A 14 2.62 -2.34 -17.19
C LYS A 14 3.39 -1.40 -16.23
N TYR A 15 2.69 -0.61 -15.41
CA TYR A 15 3.35 0.15 -14.33
C TYR A 15 3.47 -0.68 -13.03
N ALA A 16 4.37 -1.65 -13.21
CA ALA A 16 4.73 -2.68 -12.22
C ALA A 16 5.23 -2.13 -10.87
N MET A 17 5.93 -0.99 -10.89
CA MET A 17 6.36 -0.27 -9.70
C MET A 17 5.18 0.27 -8.86
N LEU A 18 4.12 0.77 -9.51
CA LEU A 18 2.95 1.35 -8.83
C LEU A 18 1.97 0.27 -8.35
N LYS A 19 1.76 -0.78 -9.15
CA LYS A 19 1.13 -2.00 -8.64
C LYS A 19 1.98 -2.70 -7.54
N LYS A 20 3.33 -2.66 -7.55
CA LYS A 20 4.13 -3.06 -6.37
C LYS A 20 3.84 -2.13 -5.17
N CYS A 21 3.66 -0.80 -5.31
CA CYS A 21 3.15 0.07 -4.23
C CYS A 21 1.81 -0.41 -3.63
N CYS A 22 0.86 -0.84 -4.49
CA CYS A 22 -0.31 -1.64 -4.07
C CYS A 22 0.10 -2.81 -3.19
N TYR A 23 0.98 -3.65 -3.69
CA TYR A 23 1.32 -4.86 -2.97
C TYR A 23 2.24 -4.65 -1.74
N ASP A 24 2.98 -3.54 -1.65
CA ASP A 24 3.54 -3.00 -0.40
C ASP A 24 2.46 -2.62 0.62
N GLY A 25 1.36 -2.03 0.17
CA GLY A 25 0.13 -1.88 0.96
C GLY A 25 -0.48 -3.21 1.44
N ALA A 26 -0.74 -4.13 0.50
CA ALA A 26 -1.32 -5.45 0.79
C ALA A 26 -0.49 -6.34 1.74
N TYR A 27 0.84 -6.48 1.56
CA TYR A 27 1.68 -7.26 2.48
C TYR A 27 1.98 -6.52 3.81
N ARG A 28 0.91 -6.26 4.57
CA ARG A 28 1.01 -5.58 5.87
C ARG A 28 1.51 -6.52 6.99
N ASN A 29 2.84 -6.71 6.97
CA ASN A 29 3.57 -7.37 8.05
C ASN A 29 4.05 -6.37 9.12
N ASP A 30 4.15 -5.08 8.79
CA ASP A 30 4.77 -4.03 9.61
C ASP A 30 4.04 -3.62 10.90
N ASP A 31 3.02 -4.36 11.40
CA ASP A 31 2.13 -4.04 12.53
C ASP A 31 1.46 -2.63 12.63
N GLU A 32 2.14 -1.56 12.22
CA GLU A 32 1.69 -0.16 12.22
C GLU A 32 0.48 0.17 11.30
N THR A 33 0.04 1.44 11.32
CA THR A 33 -1.03 1.93 10.45
C THR A 33 -0.54 2.45 9.08
N CYS A 34 -1.45 2.42 8.10
CA CYS A 34 -1.19 2.60 6.67
C CYS A 34 -0.50 3.93 6.30
N GLU A 35 -1.11 5.03 6.75
CA GLU A 35 -0.70 6.39 6.40
C GLU A 35 0.60 6.86 7.07
N GLU A 36 1.06 6.29 8.19
CA GLU A 36 2.38 6.63 8.75
C GLU A 36 3.50 5.88 8.00
N ARG A 37 3.34 4.56 7.79
CA ARG A 37 4.29 3.81 6.96
C ARG A 37 4.29 4.30 5.50
N ALA A 38 3.14 4.68 4.90
CA ALA A 38 3.14 5.36 3.60
C ALA A 38 3.32 6.89 3.60
N ALA A 39 3.41 7.58 4.75
CA ALA A 39 4.17 8.83 4.85
C ALA A 39 5.69 8.60 4.71
N ARG A 40 6.19 7.40 5.05
CA ARG A 40 7.55 6.98 4.65
C ARG A 40 7.64 6.62 3.13
N ILE A 41 6.85 5.68 2.58
CA ILE A 41 6.76 5.34 1.15
C ILE A 41 6.43 6.54 0.22
N LYS A 42 7.58 7.03 -0.22
CA LYS A 42 7.81 8.31 -0.89
C LYS A 42 7.69 8.33 -2.42
N ILE A 43 7.56 7.18 -3.09
CA ILE A 43 7.78 7.03 -4.55
C ILE A 43 6.86 7.91 -5.44
N GLY A 44 5.58 8.12 -5.09
CA GLY A 44 4.73 9.09 -5.80
C GLY A 44 3.26 9.16 -5.36
N PRO A 45 2.45 10.19 -5.73
CA PRO A 45 1.00 10.30 -5.43
C PRO A 45 0.14 9.07 -5.83
N LYS A 46 0.36 8.57 -7.05
CA LYS A 46 -0.30 7.38 -7.60
C LYS A 46 0.14 6.08 -6.87
N CYS A 47 1.38 6.08 -6.35
CA CYS A 47 1.91 5.03 -5.47
C CYS A 47 1.19 5.02 -4.11
N VAL A 48 1.18 6.13 -3.33
CA VAL A 48 0.34 6.24 -2.12
C VAL A 48 -1.14 5.87 -2.34
N LYS A 49 -1.74 6.25 -3.48
CA LYS A 49 -3.09 5.83 -3.84
C LYS A 49 -3.26 4.30 -4.06
N ALA A 50 -2.41 3.64 -4.89
CA ALA A 50 -2.33 2.17 -5.00
C ALA A 50 -2.13 1.52 -3.60
N PHE A 51 -1.15 2.06 -2.84
CA PHE A 51 -0.85 1.66 -1.46
C PHE A 51 -2.08 1.74 -0.55
N LYS A 52 -2.73 2.91 -0.44
CA LYS A 52 -3.92 3.11 0.40
C LYS A 52 -5.13 2.21 0.02
N ASP A 53 -5.41 1.99 -1.27
CA ASP A 53 -6.49 1.07 -1.67
C ASP A 53 -6.23 -0.41 -1.29
N CYS A 54 -5.04 -0.91 -1.65
CA CYS A 54 -4.59 -2.22 -1.16
C CYS A 54 -4.41 -2.30 0.37
N CYS A 55 -4.06 -1.22 1.08
CA CYS A 55 -4.04 -1.17 2.55
C CYS A 55 -5.46 -1.22 3.18
N TYR A 56 -6.48 -0.63 2.56
CA TYR A 56 -7.88 -0.92 2.92
C TYR A 56 -8.24 -2.41 2.75
N ILE A 57 -7.80 -3.05 1.65
CA ILE A 57 -7.89 -4.53 1.54
C ILE A 57 -7.12 -5.28 2.64
N ALA A 58 -5.90 -4.84 2.94
CA ALA A 58 -5.11 -5.35 4.08
C ALA A 58 -5.82 -5.19 5.44
N ASN A 59 -6.51 -4.08 5.72
CA ASN A 59 -7.41 -3.94 6.88
C ASN A 59 -8.57 -4.95 6.88
N GLN A 60 -9.23 -5.18 5.73
CA GLN A 60 -10.25 -6.23 5.58
C GLN A 60 -9.68 -7.65 5.79
N VAL A 61 -8.47 -7.95 5.26
CA VAL A 61 -7.75 -9.19 5.56
C VAL A 61 -7.34 -9.27 7.06
N ARG A 62 -6.80 -8.22 7.69
CA ARG A 62 -6.50 -8.21 9.14
C ARG A 62 -7.72 -8.26 10.06
N ALA A 63 -8.92 -7.85 9.62
CA ALA A 63 -10.18 -8.20 10.29
C ALA A 63 -10.49 -9.72 10.28
N GLU A 64 -10.01 -10.44 9.25
CA GLU A 64 -10.12 -11.90 9.17
C GLU A 64 -8.91 -12.61 9.84
N GLN A 65 -7.67 -12.19 9.52
CA GLN A 65 -6.46 -12.78 10.09
C GLN A 65 -5.23 -11.84 10.14
N SER A 66 -4.66 -11.67 11.22
N MET A 1 -11.10 2.18 0.58
CA MET A 1 -12.29 3.00 0.37
C MET A 1 -12.70 3.14 -1.11
N LEU A 2 -11.78 3.56 -1.99
CA LEU A 2 -12.06 3.77 -3.41
C LEU A 2 -11.84 2.48 -4.23
N GLN A 3 -13.00 1.89 -4.53
CA GLN A 3 -13.15 0.70 -5.37
C GLN A 3 -12.49 0.88 -6.75
N LYS A 4 -12.76 1.97 -7.46
CA LYS A 4 -12.09 2.31 -8.72
C LYS A 4 -10.59 2.62 -8.61
N LYS A 5 -9.99 2.81 -7.44
CA LYS A 5 -8.53 2.85 -7.31
C LYS A 5 -7.89 1.47 -7.16
N ILE A 6 -8.40 0.54 -6.33
CA ILE A 6 -7.94 -0.86 -6.46
C ILE A 6 -8.37 -1.51 -7.79
N GLU A 7 -9.58 -1.27 -8.31
CA GLU A 7 -9.99 -1.75 -9.64
C GLU A 7 -9.13 -1.13 -10.74
N GLU A 8 -9.09 0.17 -11.06
CA GLU A 8 -8.31 0.64 -12.21
C GLU A 8 -6.79 0.59 -12.05
N GLU A 9 -6.18 0.61 -10.85
CA GLU A 9 -4.75 0.37 -10.72
C GLU A 9 -4.41 -1.13 -10.68
N ALA A 10 -4.95 -1.96 -9.78
CA ALA A 10 -4.72 -3.41 -9.81
C ALA A 10 -5.52 -4.24 -10.84
N ALA A 11 -6.46 -3.74 -11.67
CA ALA A 11 -6.80 -4.40 -12.94
C ALA A 11 -5.80 -4.05 -14.07
N LYS A 12 -5.66 -2.75 -14.37
CA LYS A 12 -4.76 -2.27 -15.43
C LYS A 12 -3.29 -2.23 -14.97
N TYR A 13 -2.77 -3.46 -14.90
CA TYR A 13 -1.35 -3.78 -14.69
C TYR A 13 -0.34 -3.05 -15.62
N LYS A 14 -0.82 -2.40 -16.69
CA LYS A 14 -0.08 -1.39 -17.46
C LYS A 14 0.31 -0.14 -16.62
N TYR A 15 -0.44 0.23 -15.56
CA TYR A 15 -0.02 1.28 -14.62
C TYR A 15 0.98 0.68 -13.58
N ALA A 16 2.09 0.18 -14.12
CA ALA A 16 2.98 -0.80 -13.49
C ALA A 16 3.54 -0.44 -12.10
N MET A 17 4.19 0.72 -11.97
CA MET A 17 4.73 1.24 -10.72
C MET A 17 3.64 1.64 -9.70
N LEU A 18 2.48 2.10 -10.19
CA LEU A 18 1.37 2.57 -9.34
C LEU A 18 0.55 1.40 -8.78
N LYS A 19 0.33 0.37 -9.60
CA LYS A 19 -0.10 -0.94 -9.11
C LYS A 19 0.96 -1.59 -8.17
N LYS A 20 2.27 -1.47 -8.42
CA LYS A 20 3.28 -1.94 -7.46
C LYS A 20 3.25 -1.08 -6.16
N CYS A 21 2.93 0.23 -6.21
CA CYS A 21 2.62 1.04 -5.03
C CYS A 21 1.37 0.56 -4.24
N CYS A 22 0.30 0.14 -4.94
CA CYS A 22 -0.77 -0.72 -4.40
C CYS A 22 -0.18 -1.88 -3.60
N TYR A 23 0.68 -2.64 -4.25
CA TYR A 23 1.21 -3.84 -3.62
C TYR A 23 2.24 -3.55 -2.50
N ASP A 24 2.90 -2.38 -2.51
CA ASP A 24 3.55 -1.78 -1.33
C ASP A 24 2.60 -1.55 -0.14
N GLY A 25 1.37 -1.08 -0.41
CA GLY A 25 0.29 -1.09 0.59
C GLY A 25 -0.17 -2.49 1.03
N ALA A 26 -0.34 -3.41 0.07
CA ALA A 26 -0.72 -4.80 0.33
C ALA A 26 0.31 -5.62 1.15
N TYR A 27 1.60 -5.26 1.17
CA TYR A 27 2.51 -5.75 2.23
C TYR A 27 2.05 -5.23 3.62
N ARG A 28 1.11 -5.96 4.25
CA ARG A 28 0.68 -5.73 5.63
C ARG A 28 1.81 -5.91 6.67
N ASN A 29 2.26 -4.77 7.23
CA ASN A 29 3.18 -4.73 8.37
C ASN A 29 2.50 -5.21 9.68
N ASP A 30 3.31 -5.70 10.62
CA ASP A 30 2.91 -6.10 11.97
C ASP A 30 2.14 -5.03 12.79
N ASP A 31 2.64 -3.79 12.92
CA ASP A 31 2.09 -2.79 13.84
C ASP A 31 1.90 -1.38 13.26
N GLU A 32 2.57 -0.96 12.17
CA GLU A 32 2.42 0.37 11.57
C GLU A 32 1.06 0.62 10.86
N THR A 33 0.67 1.89 10.69
CA THR A 33 -0.55 2.23 9.95
C THR A 33 -0.29 2.84 8.55
N CYS A 34 -1.34 2.78 7.72
CA CYS A 34 -1.27 2.98 6.27
C CYS A 34 -0.77 4.36 5.82
N GLU A 35 -1.44 5.40 6.33
CA GLU A 35 -1.13 6.80 6.01
C GLU A 35 0.16 7.31 6.71
N GLU A 36 0.67 6.63 7.74
CA GLU A 36 2.00 6.87 8.32
C GLU A 36 3.13 6.36 7.39
N ARG A 37 2.97 5.10 6.96
CA ARG A 37 3.80 4.53 5.89
C ARG A 37 3.72 5.37 4.62
N ALA A 38 2.52 5.69 4.12
CA ALA A 38 2.39 6.51 2.92
C ALA A 38 2.32 8.05 3.14
N ALA A 39 2.60 8.57 4.34
CA ALA A 39 3.31 9.84 4.51
C ALA A 39 4.80 9.73 4.13
N ARG A 40 5.47 8.61 4.47
CA ARG A 40 6.82 8.32 3.94
C ARG A 40 6.85 7.98 2.43
N ILE A 41 5.96 7.12 1.89
CA ILE A 41 5.73 6.91 0.45
C ILE A 41 4.98 8.08 -0.22
N LYS A 42 5.88 8.95 -0.64
CA LYS A 42 5.63 10.26 -1.24
C LYS A 42 5.46 10.29 -2.78
N ILE A 43 5.70 9.18 -3.47
CA ILE A 43 6.07 9.13 -4.90
C ILE A 43 5.05 9.77 -5.88
N GLY A 44 3.73 9.60 -5.69
CA GLY A 44 2.73 10.26 -6.54
C GLY A 44 1.26 10.20 -6.03
N PRO A 45 0.31 11.07 -6.46
CA PRO A 45 -1.11 11.04 -6.04
C PRO A 45 -1.84 9.69 -6.21
N LYS A 46 -1.80 9.12 -7.44
CA LYS A 46 -2.32 7.78 -7.70
C LYS A 46 -1.56 6.65 -6.95
N CYS A 47 -0.28 6.86 -6.63
CA CYS A 47 0.51 5.95 -5.79
C CYS A 47 -0.08 5.91 -4.37
N VAL A 48 -0.16 7.04 -3.64
CA VAL A 48 -0.88 7.12 -2.35
C VAL A 48 -2.30 6.53 -2.37
N LYS A 49 -3.12 6.85 -3.39
CA LYS A 49 -4.46 6.25 -3.54
C LYS A 49 -4.46 4.71 -3.75
N ALA A 50 -3.70 4.16 -4.72
CA ALA A 50 -3.48 2.71 -4.87
C ALA A 50 -2.96 2.09 -3.55
N PHE A 51 -1.96 2.73 -2.90
CA PHE A 51 -1.42 2.32 -1.60
C PHE A 51 -2.51 2.23 -0.51
N LYS A 52 -3.25 3.32 -0.23
CA LYS A 52 -4.28 3.33 0.82
C LYS A 52 -5.42 2.33 0.55
N ASP A 53 -5.88 2.16 -0.70
CA ASP A 53 -6.94 1.21 -1.00
C ASP A 53 -6.51 -0.27 -0.94
N CYS A 54 -5.34 -0.63 -1.46
CA CYS A 54 -4.72 -1.93 -1.17
C CYS A 54 -4.41 -2.16 0.33
N CYS A 55 -3.98 -1.13 1.08
CA CYS A 55 -3.83 -1.21 2.53
C CYS A 55 -5.16 -1.47 3.27
N TYR A 56 -6.29 -0.87 2.83
CA TYR A 56 -7.63 -1.28 3.27
C TYR A 56 -7.95 -2.76 2.97
N ILE A 57 -7.65 -3.27 1.76
CA ILE A 57 -7.79 -4.70 1.44
C ILE A 57 -6.90 -5.60 2.33
N ALA A 58 -5.65 -5.19 2.52
CA ALA A 58 -4.71 -5.82 3.46
C ALA A 58 -5.24 -5.91 4.92
N ASN A 59 -5.83 -4.83 5.44
CA ASN A 59 -6.52 -4.85 6.74
C ASN A 59 -7.80 -5.70 6.77
N GLN A 60 -8.58 -5.76 5.67
CA GLN A 60 -9.66 -6.75 5.53
C GLN A 60 -9.15 -8.20 5.54
N VAL A 61 -8.08 -8.52 4.79
CA VAL A 61 -7.42 -9.85 4.86
C VAL A 61 -6.90 -10.18 6.27
N ARG A 62 -6.29 -9.22 6.99
CA ARG A 62 -5.92 -9.37 8.41
C ARG A 62 -7.12 -9.66 9.34
N ALA A 63 -8.28 -9.01 9.12
CA ALA A 63 -9.52 -9.33 9.84
C ALA A 63 -10.19 -10.66 9.39
N GLU A 64 -10.26 -10.95 8.08
CA GLU A 64 -10.84 -12.20 7.57
C GLU A 64 -9.96 -13.45 7.76
N GLN A 65 -8.67 -13.40 7.39
CA GLN A 65 -7.74 -14.54 7.42
C GLN A 65 -8.18 -15.81 6.64
N SER A 66 -8.29 -15.72 5.42
N MET A 1 -11.21 4.20 -0.09
CA MET A 1 -12.61 4.58 -0.31
C MET A 1 -13.09 4.37 -1.77
N LEU A 2 -12.23 4.67 -2.77
CA LEU A 2 -12.61 4.62 -4.18
C LEU A 2 -12.17 3.31 -4.88
N GLN A 3 -13.19 2.44 -5.01
CA GLN A 3 -13.13 1.20 -5.79
C GLN A 3 -12.62 1.42 -7.22
N LYS A 4 -13.18 2.43 -7.92
CA LYS A 4 -12.73 2.82 -9.26
C LYS A 4 -11.29 3.38 -9.31
N LYS A 5 -10.65 3.76 -8.20
CA LYS A 5 -9.23 4.13 -8.19
C LYS A 5 -8.29 2.92 -8.05
N ILE A 6 -8.63 1.90 -7.23
CA ILE A 6 -7.93 0.59 -7.34
C ILE A 6 -8.18 0.00 -8.73
N GLU A 7 -9.45 -0.12 -9.15
CA GLU A 7 -9.80 -0.70 -10.45
C GLU A 7 -9.25 0.08 -11.64
N GLU A 8 -9.06 1.41 -11.63
CA GLU A 8 -8.34 2.12 -12.70
C GLU A 8 -6.82 1.84 -12.70
N GLU A 9 -6.08 2.10 -11.59
CA GLU A 9 -4.63 1.91 -11.56
C GLU A 9 -4.22 0.43 -11.68
N ALA A 10 -4.84 -0.48 -10.92
CA ALA A 10 -4.75 -1.92 -11.19
C ALA A 10 -5.54 -2.47 -12.41
N ALA A 11 -6.31 -1.73 -13.24
CA ALA A 11 -6.52 -2.11 -14.64
C ALA A 11 -5.32 -1.74 -15.54
N LYS A 12 -4.82 -0.50 -15.43
CA LYS A 12 -3.73 0.01 -16.27
C LYS A 12 -2.35 -0.60 -15.88
N TYR A 13 -2.24 -1.93 -16.05
CA TYR A 13 -1.01 -2.71 -15.87
C TYR A 13 0.17 -2.28 -16.78
N LYS A 14 -0.08 -1.43 -17.78
CA LYS A 14 0.94 -0.65 -18.49
C LYS A 14 1.68 0.34 -17.56
N TYR A 15 0.99 0.95 -16.58
CA TYR A 15 1.62 1.81 -15.56
C TYR A 15 2.03 0.95 -14.34
N ALA A 16 3.06 0.16 -14.68
CA ALA A 16 3.57 -0.96 -13.88
C ALA A 16 3.97 -0.60 -12.45
N MET A 17 4.72 0.50 -12.29
CA MET A 17 5.15 1.03 -10.99
C MET A 17 3.99 1.64 -10.17
N LEU A 18 2.93 2.18 -10.80
CA LEU A 18 1.81 2.80 -10.09
C LEU A 18 0.78 1.79 -9.58
N LYS A 19 0.46 0.76 -10.37
CA LYS A 19 -0.23 -0.41 -9.80
C LYS A 19 0.67 -1.21 -8.83
N LYS A 20 2.00 -1.31 -9.00
CA LYS A 20 2.88 -1.87 -7.97
C LYS A 20 2.93 -0.98 -6.69
N CYS A 21 2.72 0.34 -6.80
CA CYS A 21 2.44 1.22 -5.65
C CYS A 21 1.07 0.94 -4.97
N CYS A 22 0.01 0.63 -5.75
CA CYS A 22 -1.20 -0.07 -5.23
C CYS A 22 -0.80 -1.29 -4.43
N TYR A 23 0.03 -2.13 -5.00
CA TYR A 23 0.39 -3.36 -4.33
C TYR A 23 1.36 -3.15 -3.13
N ASP A 24 2.19 -2.08 -3.12
CA ASP A 24 2.80 -1.53 -1.89
C ASP A 24 1.79 -1.13 -0.81
N GLY A 25 0.62 -0.57 -1.19
CA GLY A 25 -0.52 -0.42 -0.28
C GLY A 25 -1.16 -1.74 0.16
N ALA A 26 -1.37 -2.67 -0.78
CA ALA A 26 -2.02 -3.96 -0.54
C ALA A 26 -1.24 -4.93 0.38
N TYR A 27 0.07 -5.21 0.25
CA TYR A 27 0.76 -6.11 1.20
C TYR A 27 1.11 -5.45 2.56
N ARG A 28 0.04 -5.01 3.23
CA ARG A 28 0.10 -4.38 4.56
C ARG A 28 -0.16 -5.44 5.66
N ASN A 29 0.78 -5.59 6.61
CA ASN A 29 0.71 -6.65 7.62
C ASN A 29 0.48 -6.05 9.03
N ASP A 30 1.32 -6.34 10.04
CA ASP A 30 1.31 -5.70 11.36
C ASP A 30 1.71 -4.20 11.38
N ASP A 31 2.32 -3.71 10.29
CA ASP A 31 2.77 -2.33 10.15
C ASP A 31 1.59 -1.33 10.07
N GLU A 32 1.63 -0.36 11.00
CA GLU A 32 0.46 0.36 11.50
C GLU A 32 -0.38 1.17 10.48
N THR A 33 0.01 2.40 10.09
CA THR A 33 -0.84 3.27 9.27
C THR A 33 -0.17 3.79 7.98
N CYS A 34 -0.99 3.82 6.93
CA CYS A 34 -0.55 3.94 5.54
C CYS A 34 0.06 5.28 5.14
N GLU A 35 -0.59 6.42 5.41
CA GLU A 35 -0.10 7.75 5.03
C GLU A 35 1.20 8.19 5.73
N GLU A 36 1.62 7.55 6.82
CA GLU A 36 2.96 7.70 7.41
C GLU A 36 4.04 6.99 6.56
N ARG A 37 3.80 5.70 6.31
CA ARG A 37 4.61 4.87 5.40
C ARG A 37 4.62 5.43 3.96
N ALA A 38 3.49 5.91 3.44
CA ALA A 38 3.43 6.62 2.16
C ALA A 38 3.58 8.16 2.20
N ALA A 39 3.90 8.77 3.35
CA ALA A 39 4.73 9.99 3.37
C ALA A 39 6.21 9.67 3.04
N ARG A 40 6.69 8.48 3.43
CA ARG A 40 7.97 7.95 2.94
C ARG A 40 7.91 7.49 1.44
N ILE A 41 6.93 6.68 0.99
CA ILE A 41 6.62 6.44 -0.43
C ILE A 41 6.11 7.71 -1.16
N LYS A 42 7.18 8.36 -1.61
CA LYS A 42 7.21 9.70 -2.17
C LYS A 42 6.91 9.81 -3.68
N ILE A 43 6.89 8.69 -4.40
CA ILE A 43 7.12 8.60 -5.86
C ILE A 43 6.14 9.43 -6.74
N GLY A 44 4.85 9.51 -6.43
CA GLY A 44 3.92 10.36 -7.20
C GLY A 44 2.49 10.50 -6.64
N PRO A 45 1.67 11.52 -7.01
CA PRO A 45 0.25 11.68 -6.61
C PRO A 45 -0.66 10.45 -6.84
N LYS A 46 -0.64 9.92 -8.08
CA LYS A 46 -1.32 8.67 -8.42
C LYS A 46 -0.77 7.43 -7.71
N CYS A 47 0.51 7.45 -7.30
CA CYS A 47 1.12 6.41 -6.46
C CYS A 47 0.50 6.47 -5.04
N VAL A 48 0.61 7.58 -4.27
CA VAL A 48 -0.11 7.74 -3.00
C VAL A 48 -1.61 7.41 -3.04
N LYS A 49 -2.31 7.81 -4.13
CA LYS A 49 -3.72 7.45 -4.33
C LYS A 49 -3.99 5.95 -4.58
N ALA A 50 -3.25 5.27 -5.50
CA ALA A 50 -3.23 3.80 -5.64
C ALA A 50 -2.90 3.14 -4.28
N PHE A 51 -1.84 3.63 -3.59
CA PHE A 51 -1.44 3.19 -2.25
C PHE A 51 -2.58 3.31 -1.22
N LYS A 52 -3.16 4.50 -0.99
CA LYS A 52 -4.21 4.72 0.01
C LYS A 52 -5.52 3.95 -0.28
N ASP A 53 -5.97 3.81 -1.55
CA ASP A 53 -7.16 3.00 -1.82
C ASP A 53 -6.92 1.48 -1.74
N CYS A 54 -5.78 0.96 -2.20
CA CYS A 54 -5.33 -0.40 -1.87
C CYS A 54 -5.08 -0.63 -0.36
N CYS A 55 -4.58 0.35 0.41
CA CYS A 55 -4.59 0.35 1.87
C CYS A 55 -5.98 0.13 2.49
N TYR A 56 -7.01 0.83 1.99
CA TYR A 56 -8.41 0.56 2.31
C TYR A 56 -8.81 -0.91 2.05
N ILE A 57 -8.49 -1.49 0.87
CA ILE A 57 -8.65 -2.94 0.64
C ILE A 57 -7.88 -3.82 1.66
N ALA A 58 -6.61 -3.49 1.87
CA ALA A 58 -5.76 -4.17 2.86
C ALA A 58 -6.31 -4.10 4.30
N ASN A 59 -6.77 -2.94 4.78
CA ASN A 59 -7.43 -2.80 6.09
C ASN A 59 -8.80 -3.49 6.20
N GLN A 60 -9.53 -3.70 5.10
CA GLN A 60 -10.65 -4.66 5.07
C GLN A 60 -10.16 -6.11 5.21
N VAL A 61 -9.11 -6.52 4.48
CA VAL A 61 -8.50 -7.86 4.58
C VAL A 61 -7.83 -8.12 5.94
N ARG A 62 -6.87 -7.31 6.44
CA ARG A 62 -6.17 -7.59 7.71
C ARG A 62 -7.02 -7.48 8.99
N ALA A 63 -8.22 -6.87 8.93
CA ALA A 63 -9.23 -6.98 9.99
C ALA A 63 -10.03 -8.30 9.94
N GLU A 64 -10.27 -8.83 8.74
CA GLU A 64 -10.96 -10.12 8.53
C GLU A 64 -9.99 -11.32 8.62
N GLN A 65 -8.85 -11.27 7.93
CA GLN A 65 -7.89 -12.38 7.87
C GLN A 65 -6.50 -12.00 8.42
N SER A 66 -5.88 -11.04 7.95
N MET A 1 -14.00 -4.48 -0.53
CA MET A 1 -15.13 -4.47 -1.47
C MET A 1 -15.00 -3.44 -2.63
N LEU A 2 -14.32 -2.28 -2.46
CA LEU A 2 -14.16 -1.25 -3.50
C LEU A 2 -13.23 -1.64 -4.70
N GLN A 3 -13.73 -2.67 -5.40
CA GLN A 3 -13.15 -3.24 -6.62
C GLN A 3 -12.99 -2.21 -7.76
N LYS A 4 -13.97 -1.30 -7.86
CA LYS A 4 -13.94 -0.16 -8.78
C LYS A 4 -12.76 0.79 -8.54
N LYS A 5 -12.40 1.12 -7.29
CA LYS A 5 -11.22 1.96 -6.98
C LYS A 5 -9.88 1.27 -7.28
N ILE A 6 -9.75 -0.04 -6.93
CA ILE A 6 -8.59 -0.85 -7.38
C ILE A 6 -8.49 -0.76 -8.90
N GLU A 7 -9.56 -1.14 -9.61
CA GLU A 7 -9.60 -1.10 -11.08
C GLU A 7 -9.67 0.30 -11.70
N GLU A 8 -9.84 1.44 -11.00
CA GLU A 8 -9.51 2.76 -11.56
C GLU A 8 -8.00 3.06 -11.60
N GLU A 9 -7.22 2.67 -10.58
CA GLU A 9 -5.75 2.81 -10.62
C GLU A 9 -5.07 1.65 -11.37
N ALA A 10 -5.40 0.42 -10.98
CA ALA A 10 -5.13 -0.78 -11.79
C ALA A 10 -6.01 -0.99 -13.06
N ALA A 11 -6.79 -0.04 -13.59
CA ALA A 11 -7.08 0.02 -15.04
C ALA A 11 -5.86 0.36 -15.90
N LYS A 12 -5.09 1.33 -15.42
CA LYS A 12 -4.16 2.12 -16.23
C LYS A 12 -3.05 1.30 -16.90
N TYR A 13 -2.29 0.49 -16.13
CA TYR A 13 -1.40 -0.59 -16.62
C TYR A 13 -0.23 -0.19 -17.55
N LYS A 14 -0.37 0.84 -18.40
CA LYS A 14 0.76 1.59 -18.94
C LYS A 14 1.51 2.35 -17.83
N TYR A 15 0.76 2.89 -16.85
CA TYR A 15 1.32 3.45 -15.62
C TYR A 15 1.46 2.35 -14.54
N ALA A 16 2.36 1.45 -14.95
CA ALA A 16 2.72 0.22 -14.26
C ALA A 16 3.28 0.44 -12.84
N MET A 17 4.09 1.48 -12.67
CA MET A 17 4.64 1.88 -11.37
C MET A 17 3.56 2.41 -10.41
N LEU A 18 2.51 3.07 -10.93
CA LEU A 18 1.43 3.65 -10.13
C LEU A 18 0.42 2.58 -9.69
N LYS A 19 -0.07 1.72 -10.60
CA LYS A 19 -0.73 0.50 -10.16
C LYS A 19 0.17 -0.42 -9.28
N LYS A 20 1.50 -0.49 -9.47
CA LYS A 20 2.37 -1.20 -8.52
C LYS A 20 2.47 -0.50 -7.14
N CYS A 21 2.29 0.84 -7.03
CA CYS A 21 1.97 1.47 -5.75
C CYS A 21 0.60 1.05 -5.17
N CYS A 22 -0.45 0.82 -5.99
CA CYS A 22 -1.64 0.06 -5.58
C CYS A 22 -1.27 -1.27 -4.94
N TYR A 23 -0.37 -2.02 -5.57
CA TYR A 23 -0.01 -3.33 -5.07
C TYR A 23 0.89 -3.29 -3.80
N ASP A 24 1.73 -2.24 -3.64
CA ASP A 24 2.33 -1.88 -2.35
C ASP A 24 1.28 -1.57 -1.25
N GLY A 25 0.23 -0.82 -1.58
CA GLY A 25 -0.91 -0.56 -0.68
C GLY A 25 -1.77 -1.79 -0.36
N ALA A 26 -2.03 -2.66 -1.34
CA ALA A 26 -2.69 -3.95 -1.14
C ALA A 26 -1.88 -4.90 -0.23
N TYR A 27 -0.55 -4.90 -0.31
CA TYR A 27 0.32 -5.60 0.64
C TYR A 27 0.28 -4.99 2.07
N ARG A 28 -0.86 -5.16 2.78
CA ARG A 28 -0.91 -4.91 4.23
C ARG A 28 -1.13 -6.21 5.02
N ASN A 29 -0.13 -6.53 5.85
CA ASN A 29 -0.02 -7.83 6.52
C ASN A 29 0.79 -7.80 7.83
N ASP A 30 1.91 -7.06 7.85
CA ASP A 30 2.85 -6.96 8.96
C ASP A 30 2.32 -6.34 10.29
N ASP A 31 2.31 -5.00 10.42
CA ASP A 31 2.00 -4.28 11.67
C ASP A 31 1.83 -2.76 11.46
N GLU A 32 2.67 -2.14 10.61
CA GLU A 32 2.69 -0.69 10.40
C GLU A 32 1.46 -0.08 9.69
N THR A 33 1.19 1.19 9.98
CA THR A 33 0.13 1.95 9.29
C THR A 33 0.58 2.38 7.88
N CYS A 34 -0.33 2.33 6.90
CA CYS A 34 0.01 2.53 5.49
C CYS A 34 0.54 3.94 5.17
N GLU A 35 0.06 4.98 5.88
CA GLU A 35 0.55 6.34 5.74
C GLU A 35 1.96 6.59 6.30
N GLU A 36 2.47 5.89 7.33
CA GLU A 36 3.88 6.02 7.74
C GLU A 36 4.82 5.35 6.72
N ARG A 37 4.39 4.16 6.26
CA ARG A 37 5.05 3.41 5.20
C ARG A 37 5.02 4.19 3.88
N ALA A 38 3.89 4.77 3.45
CA ALA A 38 3.83 5.67 2.29
C ALA A 38 4.19 7.16 2.55
N ALA A 39 4.54 7.58 3.76
CA ALA A 39 5.47 8.69 3.97
C ALA A 39 6.93 8.33 3.59
N ARG A 40 7.32 7.05 3.67
CA ARG A 40 8.57 6.56 3.05
C ARG A 40 8.46 6.36 1.51
N ILE A 41 7.38 5.76 0.97
CA ILE A 41 7.05 5.72 -0.47
C ILE A 41 6.73 7.11 -1.07
N LYS A 42 7.88 7.64 -1.47
CA LYS A 42 8.09 9.00 -1.99
C LYS A 42 7.77 9.23 -3.48
N ILE A 43 7.51 8.16 -4.24
CA ILE A 43 7.64 8.11 -5.71
C ILE A 43 6.79 9.16 -6.48
N GLY A 44 5.53 9.40 -6.09
CA GLY A 44 4.73 10.47 -6.70
C GLY A 44 3.33 10.68 -6.08
N PRO A 45 2.64 11.84 -6.25
CA PRO A 45 1.26 12.10 -5.77
C PRO A 45 0.22 11.04 -6.15
N LYS A 46 0.22 10.62 -7.43
CA LYS A 46 -0.62 9.52 -7.90
C LYS A 46 -0.18 8.13 -7.41
N CYS A 47 1.08 7.94 -7.03
CA CYS A 47 1.56 6.71 -6.38
C CYS A 47 0.99 6.62 -4.96
N VAL A 48 1.15 7.65 -4.10
CA VAL A 48 0.43 7.75 -2.83
C VAL A 48 -1.11 7.60 -2.95
N LYS A 49 -1.72 8.20 -3.98
CA LYS A 49 -3.17 8.03 -4.24
C LYS A 49 -3.61 6.59 -4.61
N ALA A 50 -2.91 5.88 -5.52
CA ALA A 50 -3.08 4.43 -5.77
C ALA A 50 -2.85 3.61 -4.47
N PHE A 51 -1.75 3.91 -3.77
CA PHE A 51 -1.39 3.33 -2.47
C PHE A 51 -2.52 3.47 -1.44
N LYS A 52 -3.00 4.70 -1.21
CA LYS A 52 -4.09 4.98 -0.28
C LYS A 52 -5.44 4.35 -0.64
N ASP A 53 -5.85 4.33 -1.94
CA ASP A 53 -7.02 3.57 -2.36
C ASP A 53 -6.92 2.07 -2.00
N CYS A 54 -5.88 1.39 -2.50
CA CYS A 54 -5.62 0.00 -2.16
C CYS A 54 -5.36 -0.25 -0.65
N CYS A 55 -4.80 0.69 0.14
CA CYS A 55 -4.80 0.62 1.62
C CYS A 55 -6.22 0.54 2.21
N TYR A 56 -7.15 1.43 1.83
CA TYR A 56 -8.54 1.34 2.30
C TYR A 56 -9.25 0.05 1.85
N ILE A 57 -8.98 -0.49 0.65
CA ILE A 57 -9.34 -1.86 0.30
C ILE A 57 -8.68 -2.92 1.22
N ALA A 58 -7.36 -2.91 1.40
CA ALA A 58 -6.64 -3.83 2.29
C ALA A 58 -7.20 -3.87 3.74
N ASN A 59 -7.48 -2.70 4.33
CA ASN A 59 -8.16 -2.61 5.62
C ASN A 59 -9.62 -3.12 5.60
N GLN A 60 -10.40 -2.80 4.55
CA GLN A 60 -11.75 -3.34 4.36
C GLN A 60 -11.76 -4.87 4.12
N VAL A 61 -10.84 -5.42 3.29
CA VAL A 61 -10.66 -6.87 3.13
C VAL A 61 -10.23 -7.55 4.44
N ARG A 62 -9.33 -6.95 5.25
CA ARG A 62 -9.02 -7.43 6.61
C ARG A 62 -10.23 -7.42 7.56
N ALA A 63 -11.13 -6.43 7.45
CA ALA A 63 -12.43 -6.46 8.15
C ALA A 63 -13.44 -7.46 7.57
N GLU A 64 -13.51 -7.65 6.23
CA GLU A 64 -14.31 -8.71 5.60
C GLU A 64 -13.77 -10.13 5.85
N GLN A 65 -12.45 -10.36 5.78
CA GLN A 65 -11.88 -11.69 6.03
C GLN A 65 -10.78 -11.68 7.12
N SER A 66 -10.96 -12.34 8.14
N MET A 1 -17.91 5.06 -4.45
CA MET A 1 -17.40 3.93 -3.68
C MET A 1 -15.87 3.71 -3.83
N LEU A 2 -15.25 3.15 -2.79
CA LEU A 2 -13.80 2.90 -2.73
C LEU A 2 -13.34 1.78 -3.69
N GLN A 3 -14.12 0.69 -3.77
CA GLN A 3 -13.90 -0.45 -4.68
C GLN A 3 -13.87 -0.03 -6.17
N LYS A 4 -14.75 0.91 -6.54
CA LYS A 4 -14.77 1.58 -7.84
C LYS A 4 -13.46 2.33 -8.17
N LYS A 5 -12.84 2.95 -7.16
CA LYS A 5 -11.54 3.62 -7.24
C LYS A 5 -10.33 2.69 -7.41
N ILE A 6 -10.23 1.54 -6.70
CA ILE A 6 -9.20 0.50 -7.03
C ILE A 6 -9.40 0.03 -8.47
N GLU A 7 -10.65 -0.30 -8.83
CA GLU A 7 -11.02 -0.66 -10.20
C GLU A 7 -10.68 0.46 -11.21
N GLU A 8 -10.81 1.76 -10.92
CA GLU A 8 -10.35 2.84 -11.81
C GLU A 8 -8.81 2.98 -11.91
N GLU A 9 -8.02 2.95 -10.83
CA GLU A 9 -6.55 3.04 -10.89
C GLU A 9 -5.91 1.75 -11.40
N ALA A 10 -6.23 0.59 -10.80
CA ALA A 10 -5.92 -0.72 -11.39
C ALA A 10 -6.74 -1.13 -12.65
N ALA A 11 -7.64 -0.33 -13.27
CA ALA A 11 -7.90 -0.45 -14.71
C ALA A 11 -6.78 0.16 -15.57
N LYS A 12 -6.29 1.34 -15.18
CA LYS A 12 -5.32 2.12 -15.94
C LYS A 12 -3.89 1.56 -15.83
N TYR A 13 -3.74 0.30 -16.28
CA TYR A 13 -2.48 -0.44 -16.37
C TYR A 13 -1.39 0.19 -17.28
N LYS A 14 -1.75 1.20 -18.09
CA LYS A 14 -0.80 2.11 -18.72
C LYS A 14 -0.05 2.97 -17.67
N TYR A 15 -0.73 3.41 -16.60
CA TYR A 15 -0.10 4.12 -15.47
C TYR A 15 0.40 3.10 -14.41
N ALA A 16 1.42 2.39 -14.91
CA ALA A 16 2.03 1.22 -14.29
C ALA A 16 2.55 1.45 -12.86
N MET A 17 3.24 2.56 -12.64
CA MET A 17 3.75 2.96 -11.32
C MET A 17 2.63 3.34 -10.33
N LEU A 18 1.48 3.83 -10.81
CA LEU A 18 0.40 4.32 -9.96
C LEU A 18 -0.57 3.20 -9.54
N LYS A 19 -0.95 2.30 -10.46
CA LYS A 19 -1.51 1.02 -10.03
C LYS A 19 -0.50 0.15 -9.24
N LYS A 20 0.82 0.17 -9.48
CA LYS A 20 1.78 -0.51 -8.60
C LYS A 20 1.93 0.19 -7.24
N CYS A 21 1.64 1.50 -7.12
CA CYS A 21 1.42 2.19 -5.85
C CYS A 21 0.15 1.70 -5.10
N CYS A 22 -0.95 1.43 -5.82
CA CYS A 22 -2.05 0.54 -5.33
C CYS A 22 -1.49 -0.74 -4.76
N TYR A 23 -0.67 -1.44 -5.53
CA TYR A 23 -0.17 -2.73 -5.08
C TYR A 23 0.89 -2.64 -3.94
N ASP A 24 1.61 -1.51 -3.77
CA ASP A 24 2.27 -1.15 -2.50
C ASP A 24 1.29 -1.05 -1.32
N GLY A 25 0.14 -0.38 -1.49
CA GLY A 25 -0.95 -0.36 -0.51
C GLY A 25 -1.57 -1.72 -0.19
N ALA A 26 -1.80 -2.55 -1.22
CA ALA A 26 -2.27 -3.93 -1.05
C ALA A 26 -1.28 -4.83 -0.30
N TYR A 27 0.04 -4.77 -0.58
CA TYR A 27 1.05 -5.49 0.22
C TYR A 27 1.30 -4.86 1.60
N ARG A 28 0.30 -5.04 2.49
CA ARG A 28 0.43 -4.79 3.92
C ARG A 28 0.80 -6.09 4.66
N ASN A 29 1.91 -6.09 5.40
CA ASN A 29 2.53 -7.32 5.92
C ASN A 29 1.93 -7.75 7.28
N ASP A 30 2.50 -7.36 8.43
CA ASP A 30 2.04 -7.79 9.76
C ASP A 30 0.79 -7.03 10.25
N ASP A 31 0.97 -5.78 10.72
CA ASP A 31 -0.11 -4.88 11.14
C ASP A 31 0.36 -3.40 11.22
N GLU A 32 1.22 -2.97 10.29
CA GLU A 32 1.65 -1.58 10.15
C GLU A 32 0.56 -0.62 9.58
N THR A 33 0.69 0.69 9.80
CA THR A 33 -0.23 1.65 9.17
C THR A 33 0.25 2.02 7.75
N CYS A 34 -0.69 2.12 6.82
CA CYS A 34 -0.41 2.46 5.42
C CYS A 34 0.19 3.86 5.25
N GLU A 35 -0.36 4.81 6.01
CA GLU A 35 0.04 6.21 5.98
C GLU A 35 1.38 6.54 6.69
N GLU A 36 2.03 5.65 7.46
CA GLU A 36 3.45 5.84 7.82
C GLU A 36 4.36 5.56 6.60
N ARG A 37 4.09 4.44 5.93
CA ARG A 37 4.74 4.06 4.68
C ARG A 37 4.44 5.09 3.59
N ALA A 38 3.17 5.46 3.37
CA ALA A 38 2.80 6.50 2.42
C ALA A 38 2.72 7.94 3.00
N ALA A 39 3.29 8.19 4.19
CA ALA A 39 4.09 9.39 4.40
C ALA A 39 5.38 9.34 3.55
N ARG A 40 6.19 8.28 3.67
CA ARG A 40 7.40 8.12 2.85
C ARG A 40 7.15 7.94 1.32
N ILE A 41 6.21 7.09 0.87
CA ILE A 41 5.70 7.05 -0.51
C ILE A 41 4.91 8.33 -0.86
N LYS A 42 5.74 9.22 -1.37
CA LYS A 42 5.35 10.54 -1.87
C LYS A 42 5.70 10.76 -3.35
N ILE A 43 5.47 9.74 -4.20
CA ILE A 43 5.76 9.81 -5.64
C ILE A 43 4.73 10.69 -6.39
N GLY A 44 3.44 10.64 -6.01
CA GLY A 44 2.41 11.52 -6.59
C GLY A 44 1.05 11.52 -5.86
N PRO A 45 0.16 12.54 -6.04
CA PRO A 45 -1.21 12.56 -5.49
C PRO A 45 -2.08 11.33 -5.83
N LYS A 46 -2.09 10.94 -7.11
CA LYS A 46 -2.73 9.71 -7.59
C LYS A 46 -2.13 8.43 -6.98
N CYS A 47 -0.82 8.44 -6.69
CA CYS A 47 -0.11 7.35 -6.02
C CYS A 47 -0.63 7.21 -4.58
N VAL A 48 -0.52 8.23 -3.69
CA VAL A 48 -1.12 8.19 -2.35
C VAL A 48 -2.62 7.80 -2.33
N LYS A 49 -3.40 8.30 -3.30
CA LYS A 49 -4.80 7.92 -3.45
C LYS A 49 -5.03 6.44 -3.86
N ALA A 50 -4.37 5.91 -4.91
CA ALA A 50 -4.32 4.46 -5.25
C ALA A 50 -3.87 3.63 -4.03
N PHE A 51 -2.78 4.05 -3.36
CA PHE A 51 -2.24 3.44 -2.14
C PHE A 51 -3.30 3.32 -1.03
N LYS A 52 -3.97 4.43 -0.65
CA LYS A 52 -5.00 4.44 0.38
C LYS A 52 -6.27 3.63 0.00
N ASP A 53 -6.69 3.61 -1.28
CA ASP A 53 -7.80 2.75 -1.72
C ASP A 53 -7.47 1.23 -1.60
N CYS A 54 -6.33 0.80 -2.13
CA CYS A 54 -5.82 -0.55 -1.89
C CYS A 54 -5.48 -0.86 -0.41
N CYS A 55 -5.12 0.13 0.43
CA CYS A 55 -5.11 -0.01 1.89
C CYS A 55 -6.51 -0.36 2.46
N TYR A 56 -7.60 0.27 1.99
CA TYR A 56 -8.95 -0.18 2.28
C TYR A 56 -9.23 -1.63 1.83
N ILE A 57 -8.72 -2.12 0.68
CA ILE A 57 -8.68 -3.57 0.40
C ILE A 57 -7.90 -4.39 1.43
N ALA A 58 -6.66 -3.98 1.70
CA ALA A 58 -5.79 -4.60 2.72
C ALA A 58 -6.45 -4.70 4.12
N ASN A 59 -7.17 -3.65 4.55
CA ASN A 59 -8.02 -3.68 5.76
C ASN A 59 -9.26 -4.60 5.65
N GLN A 60 -9.98 -4.63 4.52
CA GLN A 60 -11.04 -5.63 4.28
C GLN A 60 -10.51 -7.08 4.29
N VAL A 61 -9.38 -7.37 3.61
CA VAL A 61 -8.71 -8.69 3.67
C VAL A 61 -8.23 -9.04 5.09
N ARG A 62 -7.71 -8.07 5.86
CA ARG A 62 -7.36 -8.26 7.28
C ARG A 62 -8.57 -8.62 8.16
N ALA A 63 -9.74 -8.00 7.92
CA ALA A 63 -11.00 -8.38 8.58
C ALA A 63 -11.62 -9.69 8.06
N GLU A 64 -11.77 -9.88 6.73
CA GLU A 64 -12.41 -11.06 6.14
C GLU A 64 -11.51 -12.32 6.16
N GLN A 65 -11.14 -12.77 7.36
CA GLN A 65 -10.37 -14.01 7.56
C GLN A 65 -11.22 -15.16 8.14
N SER A 66 -11.88 -14.97 9.17
N MET A 1 -14.44 8.30 -7.13
CA MET A 1 -14.74 8.18 -5.70
C MET A 1 -14.74 6.71 -5.22
N LEU A 2 -13.87 6.43 -4.23
CA LEU A 2 -13.68 5.12 -3.58
C LEU A 2 -13.52 3.93 -4.55
N GLN A 3 -14.59 3.15 -4.77
CA GLN A 3 -14.59 1.94 -5.62
C GLN A 3 -14.27 2.29 -7.09
N LYS A 4 -14.87 3.38 -7.58
CA LYS A 4 -14.61 3.91 -8.91
C LYS A 4 -13.17 4.44 -9.11
N LYS A 5 -12.50 4.84 -8.03
CA LYS A 5 -11.09 5.27 -8.07
C LYS A 5 -10.12 4.08 -8.20
N ILE A 6 -10.36 2.96 -7.47
CA ILE A 6 -9.65 1.68 -7.77
C ILE A 6 -9.98 1.24 -9.21
N GLU A 7 -11.27 1.23 -9.60
CA GLU A 7 -11.68 0.91 -10.98
C GLU A 7 -11.00 1.82 -12.01
N GLU A 8 -11.07 3.16 -12.03
CA GLU A 8 -10.38 3.92 -13.08
C GLU A 8 -8.84 3.93 -12.98
N GLU A 9 -8.13 3.55 -11.90
CA GLU A 9 -6.70 3.25 -12.04
C GLU A 9 -6.42 1.79 -12.44
N ALA A 10 -6.82 0.82 -11.62
CA ALA A 10 -6.69 -0.61 -11.97
C ALA A 10 -7.56 -1.13 -13.16
N ALA A 11 -8.44 -0.38 -13.83
CA ALA A 11 -8.86 -0.71 -15.21
C ALA A 11 -7.90 -0.21 -16.31
N LYS A 12 -7.16 0.89 -16.12
CA LYS A 12 -6.29 1.45 -17.16
C LYS A 12 -5.08 0.55 -17.48
N TYR A 13 -4.34 0.13 -16.46
CA TYR A 13 -3.11 -0.70 -16.54
C TYR A 13 -1.91 -0.07 -17.28
N LYS A 14 -2.17 0.76 -18.29
CA LYS A 14 -1.22 1.64 -18.98
C LYS A 14 -0.58 2.68 -18.02
N TYR A 15 -1.36 3.21 -17.07
CA TYR A 15 -0.85 3.96 -15.92
C TYR A 15 -0.27 3.01 -14.84
N ALA A 16 0.82 2.37 -15.30
CA ALA A 16 1.45 1.20 -14.68
C ALA A 16 1.92 1.39 -13.22
N MET A 17 2.61 2.51 -12.97
CA MET A 17 3.10 2.89 -11.64
C MET A 17 1.97 3.29 -10.67
N LEU A 18 0.89 3.91 -11.17
CA LEU A 18 -0.22 4.40 -10.34
C LEU A 18 -1.14 3.26 -9.90
N LYS A 19 -1.49 2.38 -10.85
CA LYS A 19 -2.05 1.07 -10.52
C LYS A 19 -1.12 0.22 -9.63
N LYS A 20 0.21 0.22 -9.82
CA LYS A 20 1.13 -0.40 -8.85
C LYS A 20 1.04 0.29 -7.47
N CYS A 21 0.91 1.63 -7.32
CA CYS A 21 0.55 2.24 -6.04
C CYS A 21 -0.74 1.69 -5.41
N CYS A 22 -1.81 1.46 -6.21
CA CYS A 22 -2.96 0.63 -5.79
C CYS A 22 -2.51 -0.70 -5.18
N TYR A 23 -1.71 -1.43 -5.91
CA TYR A 23 -1.32 -2.75 -5.47
C TYR A 23 -0.29 -2.76 -4.31
N ASP A 24 0.52 -1.70 -4.15
CA ASP A 24 1.26 -1.39 -2.91
C ASP A 24 0.34 -1.13 -1.70
N GLY A 25 -0.81 -0.48 -1.92
CA GLY A 25 -1.89 -0.38 -0.91
C GLY A 25 -2.62 -1.70 -0.62
N ALA A 26 -2.97 -2.46 -1.66
CA ALA A 26 -3.61 -3.78 -1.54
C ALA A 26 -2.74 -4.84 -0.83
N TYR A 27 -1.41 -4.82 -0.99
CA TYR A 27 -0.50 -5.62 -0.16
C TYR A 27 -0.18 -4.97 1.21
N ARG A 28 -1.22 -4.78 2.02
CA ARG A 28 -1.08 -4.37 3.43
C ARG A 28 -1.08 -5.60 4.38
N ASN A 29 -0.30 -5.51 5.48
CA ASN A 29 -0.23 -6.56 6.49
C ASN A 29 -1.15 -6.22 7.70
N ASP A 30 -1.66 -7.22 8.41
CA ASP A 30 -2.59 -7.06 9.55
C ASP A 30 -1.99 -6.42 10.83
N ASP A 31 -1.21 -5.35 10.65
CA ASP A 31 -0.45 -4.68 11.70
C ASP A 31 -0.17 -3.20 11.37
N GLU A 32 0.68 -2.89 10.36
CA GLU A 32 0.92 -1.52 9.90
C GLU A 32 -0.28 -0.81 9.22
N THR A 33 -0.26 0.52 9.35
CA THR A 33 -1.19 1.39 8.60
C THR A 33 -0.54 1.88 7.30
N CYS A 34 -1.31 1.87 6.22
CA CYS A 34 -0.84 2.23 4.88
C CYS A 34 -0.30 3.67 4.77
N GLU A 35 -0.79 4.58 5.62
CA GLU A 35 -0.34 5.97 5.70
C GLU A 35 1.11 6.14 6.16
N GLU A 36 1.71 5.19 6.91
CA GLU A 36 3.14 5.23 7.26
C GLU A 36 4.03 5.03 6.01
N ARG A 37 3.74 3.90 5.34
CA ARG A 37 4.33 3.57 4.06
C ARG A 37 4.03 4.64 3.01
N ALA A 38 2.79 5.10 2.82
CA ALA A 38 2.47 6.15 1.86
C ALA A 38 2.66 7.60 2.34
N ALA A 39 3.14 7.85 3.58
CA ALA A 39 3.98 9.01 3.89
C ALA A 39 5.38 8.91 3.24
N ARG A 40 5.95 7.71 3.12
CA ARG A 40 7.15 7.50 2.28
C ARG A 40 6.88 7.40 0.74
N ILE A 41 5.86 6.68 0.24
CA ILE A 41 5.43 6.68 -1.17
C ILE A 41 4.89 8.04 -1.67
N LYS A 42 5.93 8.71 -2.17
CA LYS A 42 5.92 10.08 -2.70
C LYS A 42 5.85 10.19 -4.24
N ILE A 43 5.52 9.11 -4.97
CA ILE A 43 5.62 9.06 -6.45
C ILE A 43 4.66 10.03 -7.18
N GLY A 44 3.44 10.24 -6.68
CA GLY A 44 2.52 11.24 -7.23
C GLY A 44 1.19 11.39 -6.46
N PRO A 45 0.42 12.51 -6.55
CA PRO A 45 -0.91 12.68 -5.93
C PRO A 45 -1.94 11.57 -6.21
N LYS A 46 -2.10 11.21 -7.50
CA LYS A 46 -3.00 10.15 -7.94
C LYS A 46 -2.45 8.74 -7.61
N CYS A 47 -1.14 8.62 -7.35
CA CYS A 47 -0.51 7.41 -6.80
C CYS A 47 -0.94 7.22 -5.33
N VAL A 48 -0.74 8.21 -4.43
CA VAL A 48 -1.30 8.17 -3.08
C VAL A 48 -2.82 7.92 -3.02
N LYS A 49 -3.61 8.50 -3.93
CA LYS A 49 -5.04 8.19 -4.06
C LYS A 49 -5.33 6.73 -4.47
N ALA A 50 -4.74 6.15 -5.54
CA ALA A 50 -4.79 4.71 -5.87
C ALA A 50 -4.39 3.85 -4.64
N PHE A 51 -3.27 4.22 -3.98
CA PHE A 51 -2.76 3.60 -2.75
C PHE A 51 -3.82 3.60 -1.61
N LYS A 52 -4.33 4.77 -1.22
CA LYS A 52 -5.30 4.91 -0.15
C LYS A 52 -6.67 4.26 -0.44
N ASP A 53 -7.20 4.28 -1.67
CA ASP A 53 -8.45 3.58 -1.99
C ASP A 53 -8.31 2.04 -2.03
N CYS A 54 -7.23 1.50 -2.61
CA CYS A 54 -6.87 0.10 -2.41
C CYS A 54 -6.57 -0.27 -0.94
N CYS A 55 -6.01 0.63 -0.11
CA CYS A 55 -5.95 0.46 1.36
C CYS A 55 -7.33 0.34 2.02
N TYR A 56 -8.34 1.14 1.61
CA TYR A 56 -9.74 0.89 2.00
C TYR A 56 -10.21 -0.53 1.66
N ILE A 57 -9.98 -1.02 0.42
CA ILE A 57 -10.24 -2.43 0.07
C ILE A 57 -9.48 -3.44 0.95
N ALA A 58 -8.17 -3.21 1.13
CA ALA A 58 -7.33 -4.00 2.03
C ALA A 58 -7.89 -4.06 3.48
N ASN A 59 -8.24 -2.91 4.08
CA ASN A 59 -8.85 -2.85 5.41
C ASN A 59 -10.25 -3.51 5.47
N GLN A 60 -11.08 -3.40 4.41
CA GLN A 60 -12.34 -4.16 4.31
C GLN A 60 -12.14 -5.69 4.18
N VAL A 61 -11.15 -6.14 3.39
CA VAL A 61 -10.77 -7.56 3.34
C VAL A 61 -10.20 -8.07 4.68
N ARG A 62 -9.19 -7.41 5.27
CA ARG A 62 -8.55 -7.85 6.53
C ARG A 62 -9.46 -7.79 7.78
N ALA A 63 -10.59 -7.07 7.72
CA ALA A 63 -11.66 -7.17 8.72
C ALA A 63 -12.43 -8.50 8.69
N GLU A 64 -12.52 -9.15 7.52
CA GLU A 64 -13.19 -10.45 7.37
C GLU A 64 -12.25 -11.62 7.03
N GLN A 65 -11.25 -11.43 6.15
CA GLN A 65 -10.36 -12.51 5.71
C GLN A 65 -8.86 -12.20 5.95
N SER A 66 -8.21 -12.99 6.62
N MET A 1 -13.99 1.77 -0.01
CA MET A 1 -14.84 2.64 -0.83
C MET A 1 -14.23 3.06 -2.19
N LEU A 2 -15.03 3.77 -3.01
CA LEU A 2 -14.65 4.38 -4.30
C LEU A 2 -14.23 3.38 -5.42
N GLN A 3 -15.13 2.42 -5.67
CA GLN A 3 -14.96 1.33 -6.65
C GLN A 3 -14.62 1.81 -8.08
N LYS A 4 -15.40 2.76 -8.60
CA LYS A 4 -15.21 3.37 -9.93
C LYS A 4 -13.79 3.97 -10.12
N LYS A 5 -13.25 4.56 -9.04
CA LYS A 5 -11.88 5.06 -8.99
C LYS A 5 -10.83 3.95 -9.06
N ILE A 6 -10.88 2.86 -8.26
CA ILE A 6 -9.95 1.72 -8.46
C ILE A 6 -10.12 1.13 -9.85
N GLU A 7 -11.38 0.90 -10.26
CA GLU A 7 -11.72 0.36 -11.56
C GLU A 7 -11.17 1.20 -12.72
N GLU A 8 -11.30 2.54 -12.84
CA GLU A 8 -10.64 3.23 -13.96
C GLU A 8 -9.15 3.59 -13.73
N GLU A 9 -8.61 3.75 -12.51
CA GLU A 9 -7.18 3.99 -12.28
C GLU A 9 -6.33 2.74 -12.50
N ALA A 10 -6.85 1.55 -12.19
CA ALA A 10 -6.50 0.33 -12.93
C ALA A 10 -7.04 0.27 -14.38
N ALA A 11 -8.26 -0.21 -14.68
CA ALA A 11 -8.64 -0.89 -15.95
C ALA A 11 -8.38 -0.16 -17.29
N LYS A 12 -8.22 1.16 -17.29
CA LYS A 12 -7.84 1.93 -18.48
C LYS A 12 -6.38 1.65 -18.90
N TYR A 13 -5.52 1.30 -17.92
CA TYR A 13 -4.14 0.82 -18.06
C TYR A 13 -3.12 1.69 -18.85
N LYS A 14 -3.49 2.86 -19.38
CA LYS A 14 -2.57 3.78 -20.08
C LYS A 14 -1.50 4.34 -19.13
N TYR A 15 -1.97 4.82 -17.97
CA TYR A 15 -1.15 5.16 -16.82
C TYR A 15 -0.78 3.91 -15.97
N ALA A 16 -0.05 3.00 -16.64
CA ALA A 16 0.35 1.69 -16.14
C ALA A 16 1.16 1.67 -14.83
N MET A 17 2.11 2.60 -14.68
CA MET A 17 2.88 2.77 -13.43
C MET A 17 2.04 3.29 -12.25
N LEU A 18 0.95 4.02 -12.53
CA LEU A 18 0.07 4.57 -11.51
C LEU A 18 -1.03 3.57 -11.09
N LYS A 19 -1.58 2.79 -12.03
CA LYS A 19 -2.18 1.50 -11.72
C LYS A 19 -1.25 0.53 -10.94
N LYS A 20 0.03 0.38 -11.27
CA LYS A 20 0.96 -0.41 -10.46
C LYS A 20 1.23 0.24 -9.07
N CYS A 21 1.07 1.56 -8.91
CA CYS A 21 0.98 2.22 -7.60
C CYS A 21 -0.32 1.90 -6.81
N CYS A 22 -1.48 1.79 -7.48
CA CYS A 22 -2.67 1.08 -6.96
C CYS A 22 -2.27 -0.28 -6.41
N TYR A 23 -1.54 -1.05 -7.21
CA TYR A 23 -1.19 -2.39 -6.80
C TYR A 23 -0.07 -2.46 -5.72
N ASP A 24 0.76 -1.42 -5.54
CA ASP A 24 1.47 -1.16 -4.28
C ASP A 24 0.52 -0.99 -3.07
N GLY A 25 -0.55 -0.20 -3.23
CA GLY A 25 -1.63 -0.09 -2.23
C GLY A 25 -2.36 -1.40 -1.92
N ALA A 26 -2.73 -2.16 -2.96
CA ALA A 26 -3.33 -3.48 -2.83
C ALA A 26 -2.44 -4.52 -2.13
N TYR A 27 -1.11 -4.54 -2.40
CA TYR A 27 -0.17 -5.33 -1.59
C TYR A 27 0.04 -4.76 -0.16
N ARG A 28 -0.96 -4.99 0.69
CA ARG A 28 -0.83 -4.81 2.14
C ARG A 28 -0.61 -6.18 2.82
N ASN A 29 0.56 -6.32 3.45
CA ASN A 29 1.15 -7.63 3.74
C ASN A 29 1.00 -8.01 5.22
N ASP A 30 1.82 -7.42 6.11
CA ASP A 30 1.76 -7.64 7.55
C ASP A 30 0.53 -6.95 8.20
N ASP A 31 0.59 -5.64 8.51
CA ASP A 31 -0.57 -4.77 8.77
C ASP A 31 -0.10 -3.29 8.72
N GLU A 32 0.37 -2.86 7.54
CA GLU A 32 0.90 -1.51 7.32
C GLU A 32 -0.15 -0.37 7.40
N THR A 33 0.22 0.74 8.04
CA THR A 33 -0.56 1.98 8.04
C THR A 33 -0.39 2.75 6.70
N CYS A 34 -1.51 2.83 5.96
CA CYS A 34 -1.54 3.25 4.56
C CYS A 34 -0.93 4.64 4.29
N GLU A 35 -1.34 5.64 5.07
CA GLU A 35 -0.85 7.01 4.94
C GLU A 35 0.61 7.22 5.37
N GLU A 36 1.17 6.45 6.33
CA GLU A 36 2.60 6.50 6.67
C GLU A 36 3.47 5.85 5.57
N ARG A 37 3.03 4.66 5.14
CA ARG A 37 3.62 3.98 3.99
C ARG A 37 3.55 4.87 2.72
N ALA A 38 2.38 5.41 2.35
CA ALA A 38 2.27 6.32 1.22
C ALA A 38 2.62 7.80 1.47
N ALA A 39 3.00 8.23 2.69
CA ALA A 39 3.89 9.37 2.86
C ALA A 39 5.31 9.08 2.34
N ARG A 40 5.82 7.86 2.52
CA ARG A 40 7.06 7.41 1.88
C ARG A 40 6.94 7.16 0.34
N ILE A 41 5.82 6.62 -0.18
CA ILE A 41 5.52 6.59 -1.61
C ILE A 41 5.13 7.98 -2.19
N LYS A 42 6.24 8.61 -2.48
CA LYS A 42 6.39 9.99 -2.98
C LYS A 42 6.39 10.17 -4.51
N ILE A 43 6.12 9.13 -5.30
CA ILE A 43 6.34 9.12 -6.76
C ILE A 43 5.43 10.10 -7.53
N GLY A 44 4.17 10.30 -7.12
CA GLY A 44 3.30 11.32 -7.73
C GLY A 44 1.92 11.52 -7.03
N PRO A 45 1.22 12.67 -7.15
CA PRO A 45 -0.14 12.89 -6.59
C PRO A 45 -1.20 11.84 -6.98
N LYS A 46 -1.25 11.51 -8.28
CA LYS A 46 -2.14 10.48 -8.82
C LYS A 46 -1.72 9.04 -8.42
N CYS A 47 -0.42 8.84 -8.13
CA CYS A 47 0.11 7.60 -7.54
C CYS A 47 -0.46 7.44 -6.12
N VAL A 48 -0.24 8.40 -5.18
CA VAL A 48 -0.90 8.40 -3.87
C VAL A 48 -2.41 8.20 -3.92
N LYS A 49 -3.11 8.84 -4.87
CA LYS A 49 -4.55 8.65 -5.09
C LYS A 49 -4.98 7.20 -5.49
N ALA A 50 -4.40 6.61 -6.56
CA ALA A 50 -4.55 5.18 -6.91
C ALA A 50 -4.18 4.29 -5.69
N PHE A 51 -3.04 4.56 -5.04
CA PHE A 51 -2.58 3.89 -3.81
C PHE A 51 -3.62 3.92 -2.68
N LYS A 52 -4.12 5.11 -2.31
CA LYS A 52 -5.11 5.34 -1.26
C LYS A 52 -6.42 4.56 -1.49
N ASP A 53 -6.96 4.62 -2.72
CA ASP A 53 -8.18 3.89 -3.05
C ASP A 53 -8.02 2.34 -3.01
N CYS A 54 -6.95 1.82 -3.63
CA CYS A 54 -6.56 0.42 -3.49
C CYS A 54 -6.20 0.00 -2.04
N CYS A 55 -5.60 0.87 -1.21
CA CYS A 55 -5.37 0.61 0.23
C CYS A 55 -6.68 0.52 1.03
N TYR A 56 -7.73 1.27 0.68
CA TYR A 56 -9.10 1.00 1.15
C TYR A 56 -9.58 -0.41 0.76
N ILE A 57 -9.45 -0.82 -0.51
CA ILE A 57 -9.78 -2.21 -0.93
C ILE A 57 -8.96 -3.29 -0.21
N ALA A 58 -7.66 -3.04 -0.03
CA ALA A 58 -6.78 -3.88 0.79
C ALA A 58 -7.29 -4.07 2.23
N ASN A 59 -7.65 -2.97 2.93
CA ASN A 59 -8.31 -3.04 4.22
C ASN A 59 -9.69 -3.72 4.18
N GLN A 60 -10.52 -3.48 3.15
CA GLN A 60 -11.77 -4.22 2.95
C GLN A 60 -11.58 -5.73 2.74
N VAL A 61 -10.74 -6.23 1.83
CA VAL A 61 -10.54 -7.68 1.63
C VAL A 61 -9.87 -8.38 2.83
N ARG A 62 -9.01 -7.71 3.60
CA ARG A 62 -8.53 -8.22 4.88
C ARG A 62 -9.60 -8.28 5.99
N ALA A 63 -10.57 -7.33 6.04
CA ALA A 63 -11.71 -7.41 6.95
C ALA A 63 -12.86 -8.30 6.43
N GLU A 64 -13.34 -8.13 5.19
CA GLU A 64 -14.47 -8.89 4.64
C GLU A 64 -14.04 -10.29 4.13
N GLN A 65 -13.55 -11.11 5.07
CA GLN A 65 -13.08 -12.47 4.78
C GLN A 65 -13.94 -13.58 5.42
N SER A 66 -14.30 -13.48 6.59
N MET A 1 -16.59 4.52 -0.96
CA MET A 1 -16.20 5.92 -1.18
C MET A 1 -15.40 6.17 -2.47
N LEU A 2 -14.07 5.94 -2.52
CA LEU A 2 -13.19 6.39 -3.61
C LEU A 2 -13.21 5.50 -4.88
N GLN A 3 -14.36 4.89 -5.18
CA GLN A 3 -14.50 3.83 -6.19
C GLN A 3 -14.16 4.25 -7.63
N LYS A 4 -14.73 5.37 -8.12
CA LYS A 4 -14.39 5.94 -9.44
C LYS A 4 -12.88 6.19 -9.61
N LYS A 5 -12.23 6.66 -8.53
CA LYS A 5 -10.81 6.95 -8.48
C LYS A 5 -9.91 5.69 -8.65
N ILE A 6 -10.22 4.55 -7.98
CA ILE A 6 -9.57 3.27 -8.32
C ILE A 6 -10.01 2.80 -9.72
N GLU A 7 -11.33 2.71 -9.96
CA GLU A 7 -11.87 2.18 -11.21
C GLU A 7 -11.38 2.94 -12.46
N GLU A 8 -11.08 4.26 -12.46
CA GLU A 8 -10.38 4.86 -13.59
C GLU A 8 -8.83 4.75 -13.53
N GLU A 9 -8.09 4.97 -12.42
CA GLU A 9 -6.63 4.80 -12.42
C GLU A 9 -6.16 3.38 -12.07
N ALA A 10 -7.02 2.37 -12.09
CA ALA A 10 -6.85 1.16 -12.88
C ALA A 10 -7.35 1.20 -14.35
N ALA A 11 -8.66 1.20 -14.68
CA ALA A 11 -9.17 0.77 -15.99
C ALA A 11 -8.74 1.56 -17.26
N LYS A 12 -8.15 2.77 -17.18
CA LYS A 12 -7.53 3.41 -18.35
C LYS A 12 -6.30 2.63 -18.87
N TYR A 13 -5.49 2.08 -17.94
CA TYR A 13 -4.27 1.28 -18.19
C TYR A 13 -3.27 1.76 -19.27
N LYS A 14 -3.27 3.07 -19.57
CA LYS A 14 -2.28 3.73 -20.44
C LYS A 14 -0.96 3.96 -19.69
N TYR A 15 -1.01 4.67 -18.55
CA TYR A 15 0.12 4.79 -17.64
C TYR A 15 0.16 3.59 -16.66
N ALA A 16 0.51 2.46 -17.31
CA ALA A 16 0.47 1.12 -16.74
C ALA A 16 1.27 0.96 -15.43
N MET A 17 2.42 1.64 -15.32
CA MET A 17 3.24 1.70 -14.11
C MET A 17 2.52 2.38 -12.91
N LEU A 18 1.66 3.38 -13.16
CA LEU A 18 0.97 4.12 -12.11
C LEU A 18 -0.35 3.45 -11.67
N LYS A 19 -1.04 2.85 -12.63
CA LYS A 19 -2.05 1.82 -12.38
C LYS A 19 -1.48 0.56 -11.65
N LYS A 20 -0.25 0.10 -11.99
CA LYS A 20 0.48 -0.90 -11.18
C LYS A 20 0.90 -0.32 -9.80
N CYS A 21 1.19 0.99 -9.64
CA CYS A 21 1.28 1.64 -8.31
C CYS A 21 -0.03 1.53 -7.49
N CYS A 22 -1.23 1.64 -8.11
CA CYS A 22 -2.49 1.11 -7.54
C CYS A 22 -2.30 -0.31 -7.04
N TYR A 23 -1.87 -1.21 -7.90
CA TYR A 23 -1.79 -2.60 -7.51
C TYR A 23 -0.67 -2.94 -6.47
N ASP A 24 0.41 -2.15 -6.39
CA ASP A 24 1.31 -2.10 -5.23
C ASP A 24 0.68 -1.56 -3.93
N GLY A 25 -0.33 -0.68 -4.02
CA GLY A 25 -1.18 -0.31 -2.87
C GLY A 25 -2.26 -1.35 -2.51
N ALA A 26 -2.79 -2.09 -3.49
CA ALA A 26 -3.74 -3.19 -3.25
C ALA A 26 -3.10 -4.40 -2.57
N TYR A 27 -1.97 -4.94 -3.05
CA TYR A 27 -1.33 -6.12 -2.45
C TYR A 27 -0.51 -5.81 -1.17
N ARG A 28 -1.17 -5.25 -0.14
CA ARG A 28 -0.52 -4.86 1.12
C ARG A 28 -0.95 -5.66 2.37
N ASN A 29 0.00 -6.43 2.90
CA ASN A 29 -0.17 -7.26 4.10
C ASN A 29 -0.40 -6.51 5.43
N ASP A 30 -1.12 -7.21 6.30
CA ASP A 30 -1.85 -6.69 7.47
C ASP A 30 -1.06 -5.88 8.51
N ASP A 31 0.26 -6.07 8.62
CA ASP A 31 1.13 -5.30 9.50
C ASP A 31 1.32 -3.82 9.08
N GLU A 32 1.26 -3.55 7.77
CA GLU A 32 1.40 -2.20 7.22
C GLU A 32 0.14 -1.31 7.42
N THR A 33 0.27 -0.24 8.22
CA THR A 33 -0.75 0.81 8.32
C THR A 33 -0.60 1.78 7.13
N CYS A 34 -1.47 1.53 6.15
CA CYS A 34 -1.30 1.92 4.75
C CYS A 34 -1.28 3.44 4.53
N GLU A 35 -2.21 4.18 5.14
CA GLU A 35 -2.33 5.63 5.01
C GLU A 35 -1.19 6.42 5.69
N GLU A 36 -0.59 5.90 6.77
CA GLU A 36 0.61 6.48 7.40
C GLU A 36 1.84 6.44 6.47
N ARG A 37 2.10 5.23 5.96
CA ARG A 37 3.12 4.99 4.95
C ARG A 37 2.81 5.74 3.66
N ALA A 38 1.60 5.70 3.07
CA ALA A 38 1.27 6.50 1.89
C ALA A 38 1.02 8.01 2.12
N ALA A 39 1.00 8.54 3.35
CA ALA A 39 1.38 9.94 3.60
C ALA A 39 2.88 10.20 3.35
N ARG A 40 3.76 9.27 3.76
CA ARG A 40 5.19 9.33 3.42
C ARG A 40 5.57 8.89 1.98
N ILE A 41 4.72 8.17 1.22
CA ILE A 41 4.99 7.71 -0.16
C ILE A 41 4.79 8.81 -1.22
N LYS A 42 5.81 9.66 -1.16
CA LYS A 42 5.92 10.90 -1.95
C LYS A 42 6.75 10.75 -3.25
N ILE A 43 6.61 9.60 -3.93
CA ILE A 43 7.32 9.32 -5.18
C ILE A 43 6.72 10.09 -6.39
N GLY A 44 5.40 10.06 -6.59
CA GLY A 44 4.75 10.75 -7.70
C GLY A 44 3.26 11.06 -7.46
N PRO A 45 2.66 12.24 -7.79
CA PRO A 45 1.24 12.57 -7.52
C PRO A 45 0.18 11.54 -7.96
N LYS A 46 0.19 11.12 -9.24
CA LYS A 46 -0.66 10.04 -9.75
C LYS A 46 -0.37 8.67 -9.10
N CYS A 47 0.90 8.40 -8.75
CA CYS A 47 1.30 7.18 -8.04
C CYS A 47 0.64 7.18 -6.66
N VAL A 48 0.91 8.13 -5.73
CA VAL A 48 0.16 8.24 -4.46
C VAL A 48 -1.36 8.24 -4.60
N LYS A 49 -1.97 8.97 -5.55
CA LYS A 49 -3.42 8.91 -5.75
C LYS A 49 -3.93 7.47 -6.02
N ALA A 50 -3.50 6.80 -7.11
CA ALA A 50 -3.83 5.41 -7.41
C ALA A 50 -3.50 4.48 -6.21
N PHE A 51 -2.27 4.57 -5.68
CA PHE A 51 -1.79 3.81 -4.53
C PHE A 51 -2.60 4.01 -3.24
N LYS A 52 -2.87 5.25 -2.80
CA LYS A 52 -3.62 5.49 -1.56
C LYS A 52 -5.09 5.02 -1.68
N ASP A 53 -5.70 5.17 -2.88
CA ASP A 53 -7.08 4.71 -3.09
C ASP A 53 -7.18 3.18 -3.12
N CYS A 54 -6.21 2.51 -3.76
CA CYS A 54 -6.01 1.08 -3.60
C CYS A 54 -5.60 0.64 -2.17
N CYS A 55 -4.87 1.43 -1.36
CA CYS A 55 -4.77 1.22 0.11
C CYS A 55 -6.14 1.22 0.82
N TYR A 56 -7.06 2.13 0.43
CA TYR A 56 -8.47 2.06 0.84
C TYR A 56 -9.13 0.71 0.43
N ILE A 57 -8.94 0.20 -0.80
CA ILE A 57 -9.33 -1.19 -1.16
C ILE A 57 -8.68 -2.27 -0.27
N ALA A 58 -7.36 -2.18 -0.05
CA ALA A 58 -6.65 -3.06 0.89
C ALA A 58 -7.26 -3.04 2.31
N ASN A 59 -7.52 -1.84 2.87
CA ASN A 59 -8.22 -1.69 4.15
C ASN A 59 -9.70 -2.15 4.12
N GLN A 60 -10.42 -1.94 3.01
CA GLN A 60 -11.75 -2.53 2.78
C GLN A 60 -11.71 -4.07 2.79
N VAL A 61 -10.76 -4.72 2.10
CA VAL A 61 -10.53 -6.17 2.16
C VAL A 61 -10.14 -6.67 3.58
N ARG A 62 -9.31 -5.92 4.34
CA ARG A 62 -9.03 -6.22 5.75
C ARG A 62 -10.29 -6.16 6.64
N ALA A 63 -11.20 -5.19 6.43
CA ALA A 63 -12.49 -5.13 7.12
C ALA A 63 -13.53 -6.15 6.61
N GLU A 64 -13.80 -6.22 5.29
CA GLU A 64 -14.83 -7.10 4.72
C GLU A 64 -14.35 -8.57 4.59
N GLN A 65 -14.17 -9.21 5.74
CA GLN A 65 -13.86 -10.64 5.82
C GLN A 65 -15.06 -11.52 6.23
N SER A 66 -15.70 -11.23 7.25
N MET A 1 -17.68 7.56 -3.76
CA MET A 1 -17.37 8.45 -4.88
C MET A 1 -15.92 8.35 -5.41
N LEU A 2 -14.95 7.96 -4.57
CA LEU A 2 -13.55 7.76 -4.95
C LEU A 2 -13.32 6.54 -5.88
N GLN A 3 -14.31 5.63 -5.91
CA GLN A 3 -14.40 4.48 -6.81
C GLN A 3 -14.27 4.88 -8.30
N LYS A 4 -14.91 6.00 -8.65
CA LYS A 4 -14.82 6.63 -9.97
C LYS A 4 -13.36 6.93 -10.39
N LYS A 5 -12.51 7.39 -9.46
CA LYS A 5 -11.08 7.61 -9.72
C LYS A 5 -10.23 6.34 -9.78
N ILE A 6 -10.46 5.29 -8.97
CA ILE A 6 -9.86 3.96 -9.23
C ILE A 6 -10.30 3.47 -10.62
N GLU A 7 -11.60 3.53 -10.93
CA GLU A 7 -12.11 3.23 -12.26
C GLU A 7 -11.49 4.12 -13.35
N GLU A 8 -11.44 5.46 -13.34
CA GLU A 8 -10.80 6.24 -14.41
C GLU A 8 -9.30 5.95 -14.64
N GLU A 9 -8.45 5.71 -13.62
CA GLU A 9 -7.07 5.28 -13.87
C GLU A 9 -6.94 3.79 -14.24
N ALA A 10 -7.44 2.85 -13.43
CA ALA A 10 -7.51 1.43 -13.82
C ALA A 10 -8.56 1.01 -14.89
N ALA A 11 -9.40 1.85 -15.52
CA ALA A 11 -10.04 1.55 -16.81
C ALA A 11 -9.16 1.81 -18.04
N LYS A 12 -8.49 2.97 -18.09
CA LYS A 12 -7.75 3.42 -19.28
C LYS A 12 -6.59 2.52 -19.70
N TYR A 13 -5.75 2.04 -18.77
CA TYR A 13 -4.64 1.09 -19.00
C TYR A 13 -3.47 1.59 -19.89
N LYS A 14 -3.64 2.62 -20.73
CA LYS A 14 -2.54 3.33 -21.40
C LYS A 14 -1.60 4.01 -20.37
N TYR A 15 -2.19 4.57 -19.31
CA TYR A 15 -1.47 5.02 -18.13
C TYR A 15 -1.16 3.83 -17.17
N ALA A 16 -0.39 2.89 -17.75
CA ALA A 16 -0.07 1.59 -17.15
C ALA A 16 0.69 1.66 -15.81
N MET A 17 1.71 2.53 -15.75
CA MET A 17 2.47 2.79 -14.52
C MET A 17 1.62 3.48 -13.44
N LEU A 18 0.61 4.28 -13.83
CA LEU A 18 -0.22 5.03 -12.89
C LEU A 18 -1.38 4.18 -12.35
N LYS A 19 -2.01 3.35 -13.18
CA LYS A 19 -2.79 2.21 -12.71
C LYS A 19 -1.96 1.18 -11.89
N LYS A 20 -0.70 0.87 -12.24
CA LYS A 20 0.16 0.06 -11.35
C LYS A 20 0.52 0.81 -10.06
N CYS A 21 0.58 2.17 -10.04
CA CYS A 21 0.63 2.97 -8.81
C CYS A 21 -0.65 2.85 -7.94
N CYS A 22 -1.85 2.76 -8.54
CA CYS A 22 -3.06 2.23 -7.89
C CYS A 22 -2.78 0.88 -7.23
N TYR A 23 -2.24 -0.05 -8.00
CA TYR A 23 -2.04 -1.40 -7.49
C TYR A 23 -0.86 -1.52 -6.49
N ASP A 24 0.12 -0.60 -6.53
CA ASP A 24 1.05 -0.32 -5.42
C ASP A 24 0.30 0.11 -4.15
N GLY A 25 -0.66 1.05 -4.24
CA GLY A 25 -1.56 1.41 -3.14
C GLY A 25 -2.48 0.29 -2.65
N ALA A 26 -2.99 -0.56 -3.56
CA ALA A 26 -3.71 -1.78 -3.20
C ALA A 26 -2.84 -2.77 -2.38
N TYR A 27 -1.56 -2.96 -2.74
CA TYR A 27 -0.61 -3.68 -1.89
C TYR A 27 -0.18 -2.89 -0.63
N ARG A 28 -1.10 -2.78 0.32
CA ARG A 28 -0.86 -2.27 1.68
C ARG A 28 -0.03 -3.30 2.50
N ASN A 29 1.25 -3.01 2.80
CA ASN A 29 2.16 -4.01 3.38
C ASN A 29 3.02 -3.48 4.55
N ASP A 30 4.36 -3.40 4.46
CA ASP A 30 5.26 -2.99 5.53
C ASP A 30 5.29 -1.47 5.77
N ASP A 31 4.10 -0.90 6.01
CA ASP A 31 3.89 0.53 6.17
C ASP A 31 2.88 0.88 7.29
N GLU A 32 3.08 2.03 7.93
CA GLU A 32 2.14 2.58 8.91
C GLU A 32 0.88 3.13 8.20
N THR A 33 1.07 4.10 7.28
CA THR A 33 -0.04 4.71 6.53
C THR A 33 0.33 5.05 5.06
N CYS A 34 -0.71 5.31 4.28
CA CYS A 34 -0.66 5.45 2.81
C CYS A 34 0.29 6.55 2.31
N GLU A 35 0.08 7.77 2.82
CA GLU A 35 0.84 8.96 2.45
C GLU A 35 2.25 9.02 3.06
N GLU A 36 2.63 8.09 3.95
CA GLU A 36 4.02 7.89 4.39
C GLU A 36 4.82 7.11 3.33
N ARG A 37 4.29 5.92 2.95
CA ARG A 37 4.87 5.16 1.84
C ARG A 37 4.74 5.92 0.51
N ALA A 38 3.62 6.60 0.22
CA ALA A 38 3.51 7.50 -0.92
C ALA A 38 3.95 8.97 -0.69
N ALA A 39 4.59 9.31 0.44
CA ALA A 39 5.67 10.30 0.45
C ALA A 39 6.94 9.77 -0.22
N ARG A 40 7.30 8.48 -0.03
CA ARG A 40 8.37 7.85 -0.81
C ARG A 40 8.01 7.60 -2.30
N ILE A 41 6.81 7.09 -2.63
CA ILE A 41 6.25 7.06 -4.00
C ILE A 41 5.90 8.45 -4.55
N LYS A 42 7.00 8.96 -5.09
CA LYS A 42 7.17 10.31 -5.66
C LYS A 42 6.91 10.45 -7.18
N ILE A 43 6.51 9.38 -7.88
CA ILE A 43 6.58 9.30 -9.35
C ILE A 43 5.67 10.32 -10.09
N GLY A 44 4.48 10.67 -9.59
CA GLY A 44 3.66 11.74 -10.19
C GLY A 44 2.34 12.09 -9.48
N PRO A 45 1.64 13.20 -9.82
CA PRO A 45 0.37 13.60 -9.19
C PRO A 45 -0.81 12.62 -9.37
N LYS A 46 -1.02 12.13 -10.60
CA LYS A 46 -1.96 11.03 -10.88
C LYS A 46 -1.54 9.69 -10.23
N CYS A 47 -0.23 9.48 -10.00
CA CYS A 47 0.29 8.32 -9.27
C CYS A 47 -0.19 8.41 -7.81
N VAL A 48 0.16 9.45 -7.03
CA VAL A 48 -0.41 9.65 -5.68
C VAL A 48 -1.94 9.59 -5.61
N LYS A 49 -2.68 10.18 -6.57
CA LYS A 49 -4.15 10.06 -6.64
C LYS A 49 -4.64 8.61 -6.81
N ALA A 50 -4.21 7.86 -7.86
CA ALA A 50 -4.47 6.42 -8.04
C ALA A 50 -4.07 5.63 -6.78
N PHE A 51 -2.84 5.88 -6.25
CA PHE A 51 -2.32 5.30 -5.01
C PHE A 51 -3.27 5.52 -3.82
N LYS A 52 -3.57 6.78 -3.45
CA LYS A 52 -4.44 7.11 -2.32
C LYS A 52 -5.86 6.54 -2.43
N ASP A 53 -6.49 6.56 -3.62
CA ASP A 53 -7.82 5.98 -3.79
C ASP A 53 -7.85 4.44 -3.64
N CYS A 54 -6.94 3.73 -4.33
CA CYS A 54 -6.71 2.30 -4.09
C CYS A 54 -6.26 1.96 -2.65
N CYS A 55 -5.45 2.81 -2.00
CA CYS A 55 -5.08 2.65 -0.58
C CYS A 55 -6.27 2.82 0.39
N TYR A 56 -7.23 3.73 0.13
CA TYR A 56 -8.51 3.73 0.84
C TYR A 56 -9.33 2.44 0.61
N ILE A 57 -9.38 1.88 -0.62
CA ILE A 57 -9.97 0.54 -0.84
C ILE A 57 -9.22 -0.59 -0.08
N ALA A 58 -7.89 -0.53 -0.10
CA ALA A 58 -7.03 -1.42 0.69
C ALA A 58 -7.32 -1.37 2.20
N ASN A 59 -7.41 -0.17 2.80
CA ASN A 59 -7.84 0.00 4.20
C ASN A 59 -9.31 -0.39 4.47
N GLN A 60 -10.22 -0.16 3.51
CA GLN A 60 -11.60 -0.66 3.57
C GLN A 60 -11.67 -2.21 3.60
N VAL A 61 -11.01 -2.92 2.67
CA VAL A 61 -10.99 -4.40 2.67
C VAL A 61 -10.19 -4.99 3.86
N ARG A 62 -9.15 -4.30 4.36
CA ARG A 62 -8.44 -4.63 5.60
C ARG A 62 -9.38 -4.65 6.84
N ALA A 63 -10.36 -3.73 6.89
CA ALA A 63 -11.43 -3.76 7.89
C ALA A 63 -12.51 -4.83 7.59
N GLU A 64 -13.00 -4.92 6.33
CA GLU A 64 -14.01 -5.91 5.93
C GLU A 64 -13.55 -7.38 5.99
N GLN A 65 -12.28 -7.68 5.64
CA GLN A 65 -11.65 -9.00 5.75
C GLN A 65 -12.25 -10.09 4.81
N SER A 66 -12.86 -11.05 5.26
N MET A 1 -16.39 1.16 -0.70
CA MET A 1 -15.90 0.49 -1.89
C MET A 1 -16.10 1.33 -3.19
N LEU A 2 -15.28 2.38 -3.37
CA LEU A 2 -15.37 3.30 -4.52
C LEU A 2 -14.79 2.72 -5.84
N GLN A 3 -15.59 1.81 -6.41
CA GLN A 3 -15.33 1.14 -7.69
C GLN A 3 -15.11 2.12 -8.87
N LYS A 4 -15.94 3.17 -8.93
CA LYS A 4 -15.82 4.26 -9.92
C LYS A 4 -14.51 5.05 -9.82
N LYS A 5 -13.92 5.23 -8.64
CA LYS A 5 -12.61 5.89 -8.51
C LYS A 5 -11.42 5.00 -8.91
N ILE A 6 -11.46 3.68 -8.58
CA ILE A 6 -10.52 2.72 -9.19
C ILE A 6 -10.65 2.81 -10.71
N GLU A 7 -11.89 2.70 -11.23
CA GLU A 7 -12.20 2.81 -12.66
C GLU A 7 -11.85 4.18 -13.27
N GLU A 8 -11.74 5.32 -12.56
CA GLU A 8 -11.22 6.58 -13.11
C GLU A 8 -9.68 6.58 -13.32
N GLU A 9 -8.87 6.07 -12.38
CA GLU A 9 -7.40 5.98 -12.57
C GLU A 9 -6.98 4.72 -13.36
N ALA A 10 -7.47 3.55 -12.97
CA ALA A 10 -7.48 2.35 -13.83
C ALA A 10 -8.47 2.36 -15.03
N ALA A 11 -9.11 3.47 -15.44
CA ALA A 11 -9.46 3.70 -16.86
C ALA A 11 -8.23 3.88 -17.75
N LYS A 12 -7.23 4.60 -17.22
CA LYS A 12 -6.07 5.07 -17.95
C LYS A 12 -5.03 3.95 -18.13
N TYR A 13 -5.46 2.85 -18.76
CA TYR A 13 -4.64 1.69 -19.10
C TYR A 13 -3.58 1.95 -20.21
N LYS A 14 -3.70 3.09 -20.91
CA LYS A 14 -2.60 3.70 -21.67
C LYS A 14 -1.45 4.16 -20.75
N TYR A 15 -1.78 4.71 -19.59
CA TYR A 15 -0.81 5.16 -18.59
C TYR A 15 -0.63 4.09 -17.49
N ALA A 16 0.02 3.04 -18.02
CA ALA A 16 0.28 1.76 -17.34
C ALA A 16 1.02 1.90 -16.00
N MET A 17 1.99 2.82 -15.95
CA MET A 17 2.73 3.16 -14.74
C MET A 17 1.85 3.82 -13.66
N LEU A 18 0.85 4.59 -14.07
CA LEU A 18 0.03 5.39 -13.16
C LEU A 18 -1.17 4.59 -12.63
N LYS A 19 -1.90 3.84 -13.47
CA LYS A 19 -2.72 2.75 -12.94
C LYS A 19 -1.93 1.68 -12.14
N LYS A 20 -0.66 1.31 -12.41
CA LYS A 20 0.10 0.44 -11.49
C LYS A 20 0.44 1.18 -10.17
N CYS A 21 0.58 2.52 -10.14
CA CYS A 21 0.53 3.30 -8.88
C CYS A 21 -0.81 3.18 -8.12
N CYS A 22 -1.97 3.12 -8.82
CA CYS A 22 -3.23 2.60 -8.25
C CYS A 22 -3.05 1.24 -7.58
N TYR A 23 -2.41 0.32 -8.28
CA TYR A 23 -2.24 -1.03 -7.76
C TYR A 23 -1.19 -1.14 -6.63
N ASP A 24 -0.15 -0.28 -6.62
CA ASP A 24 0.67 -0.02 -5.43
C ASP A 24 -0.15 0.51 -4.25
N GLY A 25 -1.06 1.46 -4.49
CA GLY A 25 -2.04 1.93 -3.50
C GLY A 25 -2.93 0.82 -2.91
N ALA A 26 -3.55 0.04 -3.81
CA ALA A 26 -4.39 -1.11 -3.45
C ALA A 26 -3.67 -2.19 -2.62
N TYR A 27 -2.43 -2.59 -2.97
CA TYR A 27 -1.65 -3.53 -2.15
C TYR A 27 -1.06 -2.89 -0.87
N ARG A 28 -1.96 -2.55 0.07
CA ARG A 28 -1.61 -2.03 1.39
C ARG A 28 -1.18 -3.13 2.40
N ASN A 29 -0.26 -2.84 3.33
CA ASN A 29 0.22 -3.82 4.30
C ASN A 29 0.22 -3.26 5.75
N ASP A 30 1.36 -3.20 6.47
CA ASP A 30 1.47 -2.68 7.85
C ASP A 30 1.34 -1.14 8.03
N ASP A 31 1.20 -0.39 6.93
CA ASP A 31 1.15 1.07 6.95
C ASP A 31 -0.18 1.63 7.49
N GLU A 32 -0.10 2.17 8.72
CA GLU A 32 -1.19 2.86 9.40
C GLU A 32 -1.67 4.13 8.65
N THR A 33 -0.75 4.88 8.02
CA THR A 33 -1.09 5.93 7.05
C THR A 33 -0.52 5.61 5.66
N CYS A 34 -1.35 5.88 4.64
CA CYS A 34 -0.96 5.79 3.22
C CYS A 34 0.16 6.78 2.83
N GLU A 35 0.11 7.95 3.46
CA GLU A 35 0.95 9.10 3.15
C GLU A 35 2.44 8.90 3.49
N GLU A 36 2.84 8.12 4.51
CA GLU A 36 4.24 7.82 4.77
C GLU A 36 4.85 6.88 3.69
N ARG A 37 4.07 5.85 3.36
CA ARG A 37 4.34 4.94 2.24
C ARG A 37 4.43 5.74 0.93
N ALA A 38 3.42 6.56 0.58
CA ALA A 38 3.47 7.39 -0.62
C ALA A 38 4.23 8.74 -0.53
N ALA A 39 4.79 9.13 0.63
CA ALA A 39 5.96 10.02 0.66
C ALA A 39 7.24 9.34 0.14
N ARG A 40 7.40 8.03 0.37
CA ARG A 40 8.43 7.23 -0.32
C ARG A 40 8.12 6.94 -1.81
N ILE A 41 6.87 6.69 -2.24
CA ILE A 41 6.47 6.67 -3.66
C ILE A 41 6.35 8.06 -4.30
N LYS A 42 7.55 8.41 -4.74
CA LYS A 42 7.92 9.71 -5.33
C LYS A 42 7.80 9.83 -6.86
N ILE A 43 7.28 8.81 -7.56
CA ILE A 43 7.39 8.67 -9.03
C ILE A 43 6.73 9.81 -9.85
N GLY A 44 5.55 10.31 -9.47
CA GLY A 44 4.93 11.46 -10.15
C GLY A 44 3.62 11.97 -9.53
N PRO A 45 3.13 13.21 -9.82
CA PRO A 45 1.85 13.77 -9.31
C PRO A 45 0.59 12.90 -9.52
N LYS A 46 0.36 12.44 -10.76
CA LYS A 46 -0.72 11.50 -11.06
C LYS A 46 -0.50 10.09 -10.47
N CYS A 47 0.76 9.70 -10.19
CA CYS A 47 1.08 8.48 -9.46
C CYS A 47 0.60 8.58 -8.00
N VAL A 48 1.05 9.59 -7.21
CA VAL A 48 0.48 9.87 -5.88
C VAL A 48 -1.05 10.02 -5.87
N LYS A 49 -1.64 10.67 -6.88
CA LYS A 49 -3.10 10.75 -7.04
C LYS A 49 -3.83 9.39 -7.27
N ALA A 50 -3.41 8.55 -8.23
CA ALA A 50 -3.86 7.16 -8.39
C ALA A 50 -3.65 6.33 -7.11
N PHE A 51 -2.46 6.47 -6.51
CA PHE A 51 -2.08 5.87 -5.23
C PHE A 51 -3.07 6.26 -4.11
N LYS A 52 -3.25 7.56 -3.84
CA LYS A 52 -4.13 8.07 -2.79
C LYS A 52 -5.59 7.65 -2.96
N ASP A 53 -6.15 7.67 -4.19
CA ASP A 53 -7.50 7.16 -4.42
C ASP A 53 -7.64 5.64 -4.19
N CYS A 54 -6.83 4.79 -4.85
CA CYS A 54 -6.80 3.35 -4.53
C CYS A 54 -6.40 3.01 -3.08
N CYS A 55 -5.60 3.83 -2.38
CA CYS A 55 -5.35 3.66 -0.94
C CYS A 55 -6.56 4.03 -0.07
N TYR A 56 -7.39 5.02 -0.45
CA TYR A 56 -8.74 5.17 0.12
C TYR A 56 -9.63 3.94 -0.10
N ILE A 57 -9.60 3.28 -1.27
CA ILE A 57 -10.22 1.96 -1.45
C ILE A 57 -9.59 0.87 -0.55
N ALA A 58 -8.26 0.76 -0.51
CA ALA A 58 -7.55 -0.13 0.43
C ALA A 58 -7.93 0.10 1.91
N ASN A 59 -8.11 1.36 2.35
CA ASN A 59 -8.67 1.69 3.67
C ASN A 59 -10.13 1.23 3.83
N GLN A 60 -11.00 1.39 2.81
CA GLN A 60 -12.36 0.82 2.80
C GLN A 60 -12.39 -0.72 2.80
N VAL A 61 -11.42 -1.39 2.14
CA VAL A 61 -11.19 -2.84 2.30
C VAL A 61 -10.72 -3.18 3.74
N ARG A 62 -9.71 -2.48 4.29
CA ARG A 62 -9.24 -2.67 5.67
C ARG A 62 -10.33 -2.41 6.74
N ALA A 63 -11.18 -1.39 6.56
CA ALA A 63 -12.37 -1.19 7.40
C ALA A 63 -13.66 -1.91 6.89
N GLU A 64 -13.50 -2.84 5.93
CA GLU A 64 -14.53 -3.75 5.38
C GLU A 64 -15.86 -3.10 4.96
N GLN A 65 -15.81 -2.09 4.07
CA GLN A 65 -17.01 -1.35 3.63
C GLN A 65 -16.98 -0.81 2.19
N SER A 66 -15.94 -0.42 1.67
N MET A 1 -18.57 8.40 -6.99
CA MET A 1 -17.64 9.53 -7.04
C MET A 1 -16.16 9.09 -6.99
N LEU A 2 -15.73 8.54 -5.85
CA LEU A 2 -14.41 7.94 -5.64
C LEU A 2 -14.12 6.79 -6.64
N GLN A 3 -15.16 5.95 -6.80
CA GLN A 3 -15.18 4.78 -7.68
C GLN A 3 -14.91 5.14 -9.16
N LYS A 4 -15.55 6.23 -9.61
CA LYS A 4 -15.38 6.78 -10.96
C LYS A 4 -13.95 7.32 -11.20
N LYS A 5 -13.30 7.85 -10.16
CA LYS A 5 -11.92 8.33 -10.21
C LYS A 5 -10.88 7.19 -10.33
N ILE A 6 -10.99 6.07 -9.56
CA ILE A 6 -10.20 4.84 -9.85
C ILE A 6 -10.51 4.36 -11.28
N GLU A 7 -11.80 4.33 -11.66
CA GLU A 7 -12.21 3.98 -13.02
C GLU A 7 -11.60 4.91 -14.08
N GLU A 8 -11.69 6.25 -14.08
CA GLU A 8 -11.07 7.07 -15.15
C GLU A 8 -9.53 6.99 -15.19
N GLU A 9 -8.84 6.61 -14.10
CA GLU A 9 -7.44 6.18 -14.18
C GLU A 9 -7.29 4.73 -14.68
N ALA A 10 -7.69 3.73 -13.88
CA ALA A 10 -7.62 2.30 -14.22
C ALA A 10 -8.63 1.71 -15.24
N ALA A 11 -9.55 2.43 -15.90
CA ALA A 11 -10.16 2.01 -17.17
C ALA A 11 -9.26 2.35 -18.37
N LYS A 12 -8.84 3.61 -18.39
CA LYS A 12 -8.07 4.20 -19.49
C LYS A 12 -6.57 3.88 -19.36
N TYR A 13 -6.29 2.57 -19.54
CA TYR A 13 -4.95 1.96 -19.52
C TYR A 13 -3.89 2.57 -20.49
N LYS A 14 -4.26 3.55 -21.34
CA LYS A 14 -3.31 4.50 -21.92
C LYS A 14 -2.56 5.31 -20.84
N TYR A 15 -3.19 5.60 -19.70
CA TYR A 15 -2.54 6.21 -18.53
C TYR A 15 -1.74 5.16 -17.71
N ALA A 16 -0.78 4.52 -18.40
CA ALA A 16 -0.10 3.29 -17.96
C ALA A 16 0.64 3.39 -16.62
N MET A 17 1.54 4.37 -16.46
CA MET A 17 2.26 4.64 -15.22
C MET A 17 1.35 5.15 -14.09
N LEU A 18 0.24 5.81 -14.47
CA LEU A 18 -0.69 6.45 -13.54
C LEU A 18 -1.67 5.44 -12.93
N LYS A 19 -2.25 4.55 -13.76
CA LYS A 19 -2.92 3.36 -13.23
C LYS A 19 -1.94 2.42 -12.49
N LYS A 20 -0.65 2.34 -12.87
CA LYS A 20 0.36 1.64 -12.03
C LYS A 20 0.54 2.36 -10.67
N CYS A 21 0.52 3.71 -10.55
CA CYS A 21 0.37 4.38 -9.24
C CYS A 21 -0.89 4.01 -8.45
N CYS A 22 -2.06 3.86 -9.12
CA CYS A 22 -3.24 3.19 -8.54
C CYS A 22 -2.87 1.84 -7.94
N TYR A 23 -2.20 1.01 -8.71
CA TYR A 23 -1.88 -0.34 -8.26
C TYR A 23 -0.75 -0.38 -7.21
N ASP A 24 0.16 0.60 -7.18
CA ASP A 24 1.02 0.89 -6.02
C ASP A 24 0.24 1.27 -4.74
N GLY A 25 -0.87 2.02 -4.88
CA GLY A 25 -1.81 2.27 -3.79
C GLY A 25 -2.64 1.05 -3.36
N ALA A 26 -3.13 0.26 -4.32
CA ALA A 26 -3.86 -0.99 -4.05
C ALA A 26 -2.99 -2.08 -3.38
N TYR A 27 -1.71 -2.26 -3.74
CA TYR A 27 -0.80 -3.16 -3.01
C TYR A 27 -0.36 -2.61 -1.63
N ARG A 28 -1.35 -2.54 -0.72
CA ARG A 28 -1.17 -2.16 0.67
C ARG A 28 -2.14 -2.91 1.62
N ASN A 29 -1.59 -3.43 2.71
CA ASN A 29 -2.38 -3.95 3.83
C ASN A 29 -1.74 -3.57 5.19
N ASP A 30 -0.47 -3.96 5.36
CA ASP A 30 0.32 -3.81 6.58
C ASP A 30 0.63 -2.36 7.04
N ASP A 31 1.20 -1.51 6.18
CA ASP A 31 1.67 -0.17 6.56
C ASP A 31 0.54 0.88 6.66
N GLU A 32 0.50 1.52 7.83
CA GLU A 32 -0.59 2.41 8.26
C GLU A 32 -0.88 3.61 7.33
N THR A 33 0.12 4.45 7.04
CA THR A 33 -0.08 5.74 6.37
C THR A 33 0.37 5.71 4.89
N CYS A 34 -0.60 5.84 3.95
CA CYS A 34 -0.34 5.91 2.50
C CYS A 34 0.61 7.05 2.09
N GLU A 35 0.46 8.21 2.74
CA GLU A 35 1.24 9.41 2.47
C GLU A 35 2.73 9.29 2.83
N GLU A 36 3.19 8.30 3.61
CA GLU A 36 4.61 8.05 3.84
C GLU A 36 5.25 7.40 2.59
N ARG A 37 4.73 6.22 2.21
CA ARG A 37 5.10 5.57 0.96
C ARG A 37 4.80 6.45 -0.26
N ALA A 38 3.68 7.19 -0.36
CA ALA A 38 3.46 8.16 -1.44
C ALA A 38 4.00 9.59 -1.21
N ALA A 39 4.74 9.89 -0.13
CA ALA A 39 5.81 10.89 -0.17
C ALA A 39 7.05 10.36 -0.93
N ARG A 40 7.33 9.04 -0.87
CA ARG A 40 8.34 8.43 -1.75
C ARG A 40 7.88 8.30 -3.22
N ILE A 41 6.64 7.87 -3.52
CA ILE A 41 6.00 7.95 -4.84
C ILE A 41 5.66 9.40 -5.26
N LYS A 42 6.72 9.93 -5.85
CA LYS A 42 6.84 11.28 -6.38
C LYS A 42 6.61 11.44 -7.89
N ILE A 43 6.11 10.41 -8.61
CA ILE A 43 6.11 10.35 -10.08
C ILE A 43 5.27 11.46 -10.76
N GLY A 44 4.11 11.84 -10.21
CA GLY A 44 3.34 12.99 -10.71
C GLY A 44 2.05 13.33 -9.92
N PRO A 45 1.43 14.53 -10.05
CA PRO A 45 0.14 14.89 -9.42
C PRO A 45 -1.03 13.91 -9.68
N LYS A 46 -1.19 13.54 -10.96
CA LYS A 46 -2.23 12.59 -11.40
C LYS A 46 -1.94 11.15 -10.90
N CYS A 47 -0.65 10.82 -10.73
CA CYS A 47 -0.18 9.59 -10.09
C CYS A 47 -0.58 9.55 -8.61
N VAL A 48 -0.23 10.55 -7.77
CA VAL A 48 -0.79 10.64 -6.41
C VAL A 48 -2.33 10.65 -6.31
N LYS A 49 -3.07 11.25 -7.25
CA LYS A 49 -4.54 11.12 -7.31
C LYS A 49 -5.06 9.67 -7.52
N ALA A 50 -4.55 8.96 -8.54
CA ALA A 50 -4.75 7.51 -8.73
C ALA A 50 -4.38 6.73 -7.44
N PHE A 51 -3.17 7.00 -6.90
CA PHE A 51 -2.66 6.43 -5.66
C PHE A 51 -3.63 6.65 -4.48
N LYS A 52 -4.05 7.90 -4.22
CA LYS A 52 -4.92 8.24 -3.10
C LYS A 52 -6.32 7.59 -3.19
N ASP A 53 -6.97 7.50 -4.37
CA ASP A 53 -8.25 6.78 -4.45
C ASP A 53 -8.13 5.24 -4.38
N CYS A 54 -7.10 4.64 -4.98
CA CYS A 54 -6.75 3.24 -4.68
C CYS A 54 -6.31 3.01 -3.21
N CYS A 55 -5.67 3.97 -2.51
CA CYS A 55 -5.51 3.97 -1.04
C CYS A 55 -6.85 3.92 -0.29
N TYR A 56 -7.89 4.67 -0.69
CA TYR A 56 -9.25 4.47 -0.19
C TYR A 56 -9.76 3.03 -0.40
N ILE A 57 -9.58 2.43 -1.58
CA ILE A 57 -9.86 0.99 -1.79
C ILE A 57 -9.05 0.05 -0.89
N ALA A 58 -7.74 0.29 -0.77
CA ALA A 58 -6.85 -0.43 0.14
C ALA A 58 -7.30 -0.39 1.62
N ASN A 59 -7.68 0.79 2.14
CA ASN A 59 -8.29 0.91 3.47
C ASN A 59 -9.68 0.24 3.58
N GLN A 60 -10.52 0.33 2.54
CA GLN A 60 -11.80 -0.39 2.46
C GLN A 60 -11.64 -1.91 2.52
N VAL A 61 -10.75 -2.54 1.73
CA VAL A 61 -10.49 -3.99 1.83
C VAL A 61 -9.74 -4.41 3.12
N ARG A 62 -8.91 -3.56 3.74
CA ARG A 62 -8.41 -3.78 5.10
C ARG A 62 -9.53 -3.72 6.17
N ALA A 63 -10.47 -2.78 6.10
CA ALA A 63 -11.65 -2.76 6.96
C ALA A 63 -12.66 -3.90 6.66
N GLU A 64 -13.00 -4.12 5.38
CA GLU A 64 -13.86 -5.21 4.87
C GLU A 64 -15.33 -5.16 5.34
N GLN A 65 -15.58 -5.11 6.65
CA GLN A 65 -16.92 -5.06 7.22
C GLN A 65 -17.38 -3.63 7.62
N SER A 66 -16.60 -2.86 8.18
N MET A 1 -11.08 11.65 -3.05
CA MET A 1 -12.30 12.46 -3.00
C MET A 1 -13.44 11.88 -3.86
N LEU A 2 -13.20 11.62 -5.17
CA LEU A 2 -14.27 11.27 -6.11
C LEU A 2 -14.04 9.94 -6.86
N GLN A 3 -15.09 9.10 -6.81
CA GLN A 3 -15.22 7.87 -7.59
C GLN A 3 -15.06 8.11 -9.11
N LYS A 4 -15.66 9.22 -9.57
CA LYS A 4 -15.47 9.77 -10.92
C LYS A 4 -13.98 10.01 -11.27
N LYS A 5 -13.15 10.53 -10.35
CA LYS A 5 -11.72 10.71 -10.55
C LYS A 5 -10.91 9.39 -10.63
N ILE A 6 -11.24 8.34 -9.86
CA ILE A 6 -10.68 6.99 -10.11
C ILE A 6 -11.07 6.54 -11.53
N GLU A 7 -12.36 6.61 -11.90
CA GLU A 7 -12.80 6.29 -13.27
C GLU A 7 -12.20 7.20 -14.35
N GLU A 8 -11.88 8.49 -14.15
CA GLU A 8 -11.13 9.29 -15.13
C GLU A 8 -9.66 8.91 -15.32
N GLU A 9 -8.92 8.50 -14.26
CA GLU A 9 -7.53 8.06 -14.41
C GLU A 9 -7.41 6.56 -14.75
N ALA A 10 -8.13 5.67 -14.06
CA ALA A 10 -8.34 4.29 -14.52
C ALA A 10 -9.30 4.11 -15.73
N ALA A 11 -9.84 5.14 -16.39
CA ALA A 11 -10.18 5.05 -17.82
C ALA A 11 -8.94 5.05 -18.71
N LYS A 12 -7.93 5.87 -18.36
CA LYS A 12 -6.73 6.08 -19.16
C LYS A 12 -5.74 4.92 -19.02
N TYR A 13 -6.18 3.73 -19.45
CA TYR A 13 -5.33 2.54 -19.58
C TYR A 13 -4.23 2.67 -20.66
N LYS A 14 -4.34 3.67 -21.54
CA LYS A 14 -3.25 4.19 -22.35
C LYS A 14 -2.13 4.84 -21.49
N TYR A 15 -2.47 5.52 -20.39
CA TYR A 15 -1.51 6.07 -19.44
C TYR A 15 -1.34 5.12 -18.23
N ALA A 16 -0.73 3.99 -18.65
CA ALA A 16 -0.56 2.78 -17.85
C ALA A 16 0.15 3.00 -16.50
N MET A 17 1.18 3.84 -16.51
CA MET A 17 1.94 4.23 -15.31
C MET A 17 1.09 5.07 -14.33
N LEU A 18 0.15 5.89 -14.83
CA LEU A 18 -0.63 6.82 -13.99
C LEU A 18 -1.87 6.16 -13.39
N LYS A 19 -2.60 5.33 -14.16
CA LYS A 19 -3.51 4.38 -13.51
C LYS A 19 -2.78 3.35 -12.62
N LYS A 20 -1.53 2.93 -12.88
CA LYS A 20 -0.74 2.16 -11.91
C LYS A 20 -0.39 3.02 -10.66
N CYS A 21 -0.16 4.34 -10.73
CA CYS A 21 -0.18 5.25 -9.56
C CYS A 21 -1.50 5.16 -8.74
N CYS A 22 -2.67 5.12 -9.42
CA CYS A 22 -3.94 4.70 -8.79
C CYS A 22 -3.78 3.38 -8.04
N TYR A 23 -3.30 2.36 -8.72
CA TYR A 23 -3.25 1.04 -8.12
C TYR A 23 -2.13 0.88 -7.04
N ASP A 24 -1.08 1.71 -7.07
CA ASP A 24 -0.20 1.97 -5.92
C ASP A 24 -0.97 2.52 -4.71
N GLY A 25 -1.81 3.55 -4.91
CA GLY A 25 -2.72 4.06 -3.89
C GLY A 25 -3.72 3.03 -3.33
N ALA A 26 -4.30 2.21 -4.22
CA ALA A 26 -5.19 1.11 -3.84
C ALA A 26 -4.51 0.01 -3.00
N TYR A 27 -3.31 -0.49 -3.37
CA TYR A 27 -2.61 -1.51 -2.59
C TYR A 27 -1.96 -1.01 -1.27
N ARG A 28 -2.81 -0.60 -0.32
CA ARG A 28 -2.38 -0.28 1.05
C ARG A 28 -2.04 -1.53 1.89
N ASN A 29 -0.91 -1.44 2.59
CA ASN A 29 -0.27 -2.60 3.23
C ASN A 29 0.66 -2.23 4.40
N ASP A 30 1.68 -1.41 4.15
CA ASP A 30 2.75 -1.05 5.09
C ASP A 30 2.38 -0.07 6.22
N ASP A 31 1.67 1.03 5.95
CA ASP A 31 1.30 2.01 6.97
C ASP A 31 -0.11 2.61 6.74
N GLU A 32 -0.54 3.56 7.58
CA GLU A 32 -1.76 4.34 7.35
C GLU A 32 -1.66 5.50 6.34
N THR A 33 -0.57 6.30 6.37
CA THR A 33 -0.48 7.57 5.64
C THR A 33 -0.01 7.42 4.18
N CYS A 34 -0.91 7.74 3.24
CA CYS A 34 -0.64 7.68 1.80
C CYS A 34 0.45 8.66 1.33
N GLU A 35 0.49 9.88 1.90
CA GLU A 35 1.50 10.88 1.55
C GLU A 35 2.91 10.61 2.11
N GLU A 36 3.13 9.56 2.93
CA GLU A 36 4.47 9.04 3.22
C GLU A 36 5.04 8.31 1.97
N ARG A 37 4.30 7.27 1.55
CA ARG A 37 4.55 6.59 0.28
C ARG A 37 4.54 7.55 -0.91
N ALA A 38 3.52 8.40 -1.07
CA ALA A 38 3.49 9.38 -2.16
C ALA A 38 4.14 10.76 -1.85
N ALA A 39 4.94 10.88 -0.78
CA ALA A 39 6.16 11.68 -0.82
C ALA A 39 7.28 10.98 -1.62
N ARG A 40 7.48 9.67 -1.45
CA ARG A 40 8.42 8.90 -2.30
C ARG A 40 7.92 8.70 -3.77
N ILE A 41 6.65 8.38 -4.03
CA ILE A 41 6.02 8.44 -5.36
C ILE A 41 5.84 9.90 -5.86
N LYS A 42 6.96 10.22 -6.50
CA LYS A 42 7.28 11.52 -7.09
C LYS A 42 6.99 11.69 -8.60
N ILE A 43 6.32 10.72 -9.25
CA ILE A 43 6.24 10.64 -10.73
C ILE A 43 5.50 11.83 -11.40
N GLY A 44 4.41 12.35 -10.83
CA GLY A 44 3.77 13.57 -11.35
C GLY A 44 2.49 14.03 -10.63
N PRO A 45 1.95 15.26 -10.88
CA PRO A 45 0.67 15.77 -10.33
C PRO A 45 -0.56 14.86 -10.55
N LYS A 46 -0.72 14.37 -11.80
CA LYS A 46 -1.78 13.42 -12.16
C LYS A 46 -1.60 12.05 -11.47
N CYS A 47 -0.35 11.67 -11.21
CA CYS A 47 -0.01 10.48 -10.43
C CYS A 47 -0.44 10.62 -8.97
N VAL A 48 0.01 11.64 -8.20
CA VAL A 48 -0.53 11.92 -6.87
C VAL A 48 -2.06 12.06 -6.79
N LYS A 49 -2.70 12.67 -7.80
CA LYS A 49 -4.18 12.66 -7.91
C LYS A 49 -4.83 11.27 -8.06
N ALA A 50 -4.39 10.44 -9.02
CA ALA A 50 -4.77 9.02 -9.14
C ALA A 50 -4.49 8.27 -7.82
N PHE A 51 -3.28 8.45 -7.25
CA PHE A 51 -2.85 7.88 -5.97
C PHE A 51 -3.81 8.26 -4.82
N LYS A 52 -4.04 9.56 -4.55
CA LYS A 52 -4.93 9.99 -3.47
C LYS A 52 -6.42 9.63 -3.64
N ASP A 53 -7.00 9.60 -4.86
CA ASP A 53 -8.38 9.13 -5.03
C ASP A 53 -8.52 7.60 -4.82
N CYS A 54 -7.62 6.78 -5.38
CA CYS A 54 -7.51 5.37 -5.02
C CYS A 54 -7.13 5.11 -3.54
N CYS A 55 -6.34 5.99 -2.87
CA CYS A 55 -6.19 6.01 -1.41
C CYS A 55 -7.55 6.21 -0.68
N TYR A 56 -8.43 7.10 -1.14
CA TYR A 56 -9.81 7.17 -0.63
C TYR A 56 -10.61 5.86 -0.81
N ILE A 57 -10.50 5.15 -1.95
CA ILE A 57 -11.03 3.78 -2.07
C ILE A 57 -10.42 2.79 -1.06
N ALA A 58 -9.08 2.78 -0.96
CA ALA A 58 -8.35 2.00 0.05
C ALA A 58 -8.76 2.33 1.50
N ASN A 59 -8.97 3.62 1.81
CA ASN A 59 -9.52 4.09 3.09
C ASN A 59 -10.95 3.57 3.37
N GLN A 60 -11.81 3.48 2.36
CA GLN A 60 -13.10 2.78 2.48
C GLN A 60 -12.93 1.26 2.74
N VAL A 61 -12.04 0.57 1.99
CA VAL A 61 -11.74 -0.86 2.17
C VAL A 61 -11.10 -1.19 3.54
N ARG A 62 -10.10 -0.45 4.05
CA ARG A 62 -9.54 -0.68 5.39
C ARG A 62 -10.51 -0.35 6.55
N ALA A 63 -11.55 0.47 6.33
CA ALA A 63 -12.66 0.63 7.26
C ALA A 63 -13.76 -0.44 7.06
N GLU A 64 -14.34 -0.58 5.87
CA GLU A 64 -15.41 -1.56 5.60
C GLU A 64 -14.82 -2.90 5.08
N GLN A 65 -14.07 -3.57 5.94
CA GLN A 65 -13.48 -4.88 5.64
C GLN A 65 -14.43 -6.07 5.89
N SER A 66 -15.21 -6.04 6.86
N MET A 1 -10.09 9.68 -2.56
CA MET A 1 -11.06 10.69 -2.17
C MET A 1 -12.39 10.55 -2.94
N LEU A 2 -12.38 10.51 -4.28
CA LEU A 2 -13.59 10.49 -5.09
C LEU A 2 -13.66 9.33 -6.12
N GLN A 3 -14.86 8.73 -6.13
CA GLN A 3 -15.24 7.62 -7.02
C GLN A 3 -15.13 7.97 -8.52
N LYS A 4 -15.70 9.12 -8.91
CA LYS A 4 -15.63 9.66 -10.26
C LYS A 4 -14.19 9.94 -10.74
N LYS A 5 -13.29 10.30 -9.82
CA LYS A 5 -11.88 10.53 -10.12
C LYS A 5 -11.05 9.24 -10.33
N ILE A 6 -11.36 8.12 -9.63
CA ILE A 6 -10.85 6.78 -10.05
C ILE A 6 -11.33 6.49 -11.48
N GLU A 7 -12.65 6.63 -11.69
CA GLU A 7 -13.29 6.38 -12.98
C GLU A 7 -12.75 7.28 -14.09
N GLU A 8 -12.42 8.56 -13.85
CA GLU A 8 -11.67 9.38 -14.80
C GLU A 8 -10.26 8.87 -15.13
N GLU A 9 -9.34 8.68 -14.16
CA GLU A 9 -7.96 8.28 -14.48
C GLU A 9 -7.82 6.83 -14.95
N ALA A 10 -8.52 5.86 -14.35
CA ALA A 10 -8.74 4.55 -14.97
C ALA A 10 -9.73 4.50 -16.16
N ALA A 11 -10.45 5.55 -16.60
CA ALA A 11 -10.89 5.66 -18.00
C ALA A 11 -9.79 6.18 -18.95
N LYS A 12 -9.00 7.19 -18.54
CA LYS A 12 -7.89 7.73 -19.33
C LYS A 12 -6.69 6.76 -19.47
N TYR A 13 -6.98 5.58 -20.03
CA TYR A 13 -6.01 4.52 -20.35
C TYR A 13 -4.89 4.92 -21.32
N LYS A 14 -5.02 6.07 -22.00
CA LYS A 14 -3.91 6.77 -22.67
C LYS A 14 -2.80 7.18 -21.69
N TYR A 15 -3.18 7.59 -20.46
CA TYR A 15 -2.24 7.89 -19.38
C TYR A 15 -2.02 6.64 -18.50
N ALA A 16 -1.38 5.68 -19.19
CA ALA A 16 -1.15 4.32 -18.72
C ALA A 16 -0.37 4.24 -17.38
N MET A 17 0.67 5.06 -17.24
CA MET A 17 1.45 5.20 -16.01
C MET A 17 0.65 5.80 -14.83
N LEU A 18 -0.34 6.66 -15.11
CA LEU A 18 -1.10 7.36 -14.07
C LEU A 18 -2.30 6.54 -13.58
N LYS A 19 -3.02 5.83 -14.45
CA LYS A 19 -3.88 4.74 -13.97
C LYS A 19 -3.09 3.57 -13.35
N LYS A 20 -1.86 3.22 -13.78
CA LYS A 20 -1.01 2.27 -13.04
C LYS A 20 -0.53 2.85 -11.68
N CYS A 21 -0.39 4.18 -11.52
CA CYS A 21 -0.25 4.84 -10.21
C CYS A 21 -1.51 4.69 -9.32
N CYS A 22 -2.73 4.79 -9.88
CA CYS A 22 -3.96 4.25 -9.26
C CYS A 22 -3.75 2.83 -8.77
N TYR A 23 -3.37 1.95 -9.67
CA TYR A 23 -3.26 0.54 -9.32
C TYR A 23 -2.07 0.20 -8.39
N ASP A 24 -1.03 1.06 -8.34
CA ASP A 24 -0.03 1.11 -7.26
C ASP A 24 -0.66 1.45 -5.89
N GLY A 25 -1.62 2.39 -5.85
CA GLY A 25 -2.47 2.60 -4.66
C GLY A 25 -3.44 1.46 -4.35
N ALA A 26 -4.07 0.86 -5.36
CA ALA A 26 -5.01 -0.27 -5.18
C ALA A 26 -4.37 -1.56 -4.63
N TYR A 27 -3.18 -1.98 -5.07
CA TYR A 27 -2.50 -3.17 -4.51
C TYR A 27 -1.91 -2.98 -3.09
N ARG A 28 -2.76 -2.56 -2.14
CA ARG A 28 -2.38 -2.31 -0.73
C ARG A 28 -3.47 -2.72 0.28
N ASN A 29 -3.06 -2.75 1.57
CA ASN A 29 -3.95 -3.07 2.68
C ASN A 29 -3.54 -2.32 3.97
N ASP A 30 -2.52 -2.80 4.70
CA ASP A 30 -2.10 -2.27 6.01
C ASP A 30 -1.39 -0.90 5.96
N ASP A 31 -2.16 0.12 5.56
CA ASP A 31 -1.73 1.51 5.55
C ASP A 31 -2.01 2.23 6.88
N GLU A 32 -0.98 2.73 7.57
CA GLU A 32 -1.16 3.67 8.67
C GLU A 32 -1.73 5.01 8.15
N THR A 33 -1.11 5.63 7.13
CA THR A 33 -1.75 6.64 6.27
C THR A 33 -1.14 6.61 4.85
N CYS A 34 -1.96 6.61 3.79
CA CYS A 34 -1.54 6.50 2.38
C CYS A 34 -0.46 7.51 1.93
N GLU A 35 -0.54 8.72 2.50
CA GLU A 35 0.39 9.82 2.28
C GLU A 35 1.82 9.54 2.83
N GLU A 36 2.12 8.48 3.61
CA GLU A 36 3.50 8.09 3.91
C GLU A 36 4.19 7.47 2.67
N ARG A 37 3.55 6.39 2.20
CA ARG A 37 3.95 5.68 1.00
C ARG A 37 3.84 6.61 -0.22
N ALA A 38 2.76 7.39 -0.36
CA ALA A 38 2.66 8.42 -1.39
C ALA A 38 3.14 9.84 -0.99
N ALA A 39 3.95 10.00 0.07
CA ALA A 39 5.06 10.96 0.09
C ALA A 39 6.25 10.45 -0.73
N ARG A 40 6.55 9.15 -0.68
CA ARG A 40 7.53 8.53 -1.60
C ARG A 40 7.06 8.53 -3.08
N ILE A 41 5.83 8.09 -3.39
CA ILE A 41 5.22 8.25 -4.72
C ILE A 41 4.68 9.67 -4.97
N LYS A 42 5.69 10.44 -5.36
CA LYS A 42 5.60 11.85 -5.74
C LYS A 42 6.04 12.11 -7.20
N ILE A 43 5.66 11.19 -8.11
CA ILE A 43 6.02 11.29 -9.53
C ILE A 43 5.24 12.41 -10.26
N GLY A 44 3.96 12.60 -9.94
CA GLY A 44 3.16 13.70 -10.50
C GLY A 44 1.87 14.01 -9.72
N PRO A 45 1.26 15.23 -9.76
CA PRO A 45 -0.02 15.56 -9.11
C PRO A 45 -1.20 14.62 -9.44
N LYS A 46 -1.40 14.34 -10.73
CA LYS A 46 -2.37 13.35 -11.22
C LYS A 46 -2.08 11.91 -10.73
N CYS A 47 -0.79 11.56 -10.58
CA CYS A 47 -0.35 10.28 -10.04
C CYS A 47 -0.77 10.17 -8.56
N VAL A 48 -0.33 11.06 -7.65
CA VAL A 48 -0.80 11.08 -6.26
C VAL A 48 -2.33 11.10 -6.10
N LYS A 49 -3.04 11.89 -6.91
CA LYS A 49 -4.51 11.89 -6.91
C LYS A 49 -5.13 10.53 -7.31
N ALA A 50 -4.78 9.94 -8.48
CA ALA A 50 -5.15 8.56 -8.86
C ALA A 50 -4.79 7.55 -7.75
N PHE A 51 -3.55 7.63 -7.23
CA PHE A 51 -3.04 6.83 -6.12
C PHE A 51 -3.94 6.91 -4.87
N LYS A 52 -4.18 8.11 -4.33
CA LYS A 52 -5.02 8.28 -3.13
C LYS A 52 -6.50 7.93 -3.34
N ASP A 53 -7.07 8.08 -4.55
CA ASP A 53 -8.41 7.56 -4.86
C ASP A 53 -8.50 6.02 -4.76
N CYS A 54 -7.60 5.32 -5.47
CA CYS A 54 -7.46 3.87 -5.33
C CYS A 54 -6.97 3.38 -3.94
N CYS A 55 -6.10 4.10 -3.22
CA CYS A 55 -5.71 3.79 -1.83
C CYS A 55 -6.88 3.93 -0.83
N TYR A 56 -7.75 4.94 -1.04
CA TYR A 56 -9.07 5.01 -0.41
C TYR A 56 -9.92 3.75 -0.69
N ILE A 57 -10.04 3.27 -1.94
CA ILE A 57 -10.67 1.96 -2.23
C ILE A 57 -10.01 0.76 -1.53
N ALA A 58 -8.68 0.66 -1.59
CA ALA A 58 -7.91 -0.36 -0.87
C ALA A 58 -8.21 -0.38 0.65
N ASN A 59 -8.26 0.80 1.28
CA ASN A 59 -8.69 0.93 2.68
C ASN A 59 -10.20 0.73 2.93
N GLN A 60 -11.11 0.97 1.96
CA GLN A 60 -12.49 0.48 2.05
C GLN A 60 -12.60 -1.05 1.94
N VAL A 61 -11.84 -1.72 1.05
CA VAL A 61 -11.75 -3.19 0.98
C VAL A 61 -11.19 -3.82 2.26
N ARG A 62 -10.18 -3.19 2.89
CA ARG A 62 -9.68 -3.52 4.24
C ARG A 62 -10.77 -3.50 5.33
N ALA A 63 -11.68 -2.52 5.31
CA ALA A 63 -12.85 -2.49 6.18
C ALA A 63 -13.98 -3.44 5.74
N GLU A 64 -14.37 -3.40 4.44
CA GLU A 64 -15.38 -4.25 3.79
C GLU A 64 -16.82 -4.10 4.33
N GLN A 65 -17.07 -4.31 5.63
CA GLN A 65 -18.42 -4.22 6.21
C GLN A 65 -18.47 -3.40 7.52
N SER A 66 -19.44 -2.66 7.69
N MET A 1 -18.01 14.47 -8.27
CA MET A 1 -17.82 13.18 -7.59
C MET A 1 -16.39 12.60 -7.76
N LEU A 2 -15.91 11.89 -6.71
CA LEU A 2 -14.58 11.27 -6.70
C LEU A 2 -14.41 10.16 -7.74
N GLN A 3 -15.36 9.22 -7.86
CA GLN A 3 -15.31 8.09 -8.78
C GLN A 3 -15.13 8.50 -10.27
N LYS A 4 -15.81 9.59 -10.67
CA LYS A 4 -15.66 10.24 -11.97
C LYS A 4 -14.23 10.74 -12.21
N LYS A 5 -13.55 11.27 -11.18
CA LYS A 5 -12.18 11.77 -11.26
C LYS A 5 -11.12 10.64 -11.28
N ILE A 6 -11.31 9.50 -10.57
CA ILE A 6 -10.55 8.26 -10.81
C ILE A 6 -10.67 7.85 -12.28
N GLU A 7 -11.92 7.79 -12.78
CA GLU A 7 -12.18 7.53 -14.18
C GLU A 7 -11.56 8.60 -15.09
N GLU A 8 -11.64 9.93 -14.93
CA GLU A 8 -10.95 10.86 -15.83
C GLU A 8 -9.39 10.78 -15.82
N GLU A 9 -8.75 10.21 -14.80
CA GLU A 9 -7.35 9.76 -14.90
C GLU A 9 -7.16 8.34 -15.47
N ALA A 10 -7.88 7.31 -15.00
CA ALA A 10 -7.96 5.98 -15.64
C ALA A 10 -8.59 5.95 -17.06
N ALA A 11 -9.86 6.28 -17.32
CA ALA A 11 -10.63 6.00 -18.55
C ALA A 11 -10.01 6.40 -19.91
N LYS A 12 -9.09 7.37 -19.90
CA LYS A 12 -8.25 7.69 -21.05
C LYS A 12 -7.33 6.52 -21.47
N TYR A 13 -6.81 5.75 -20.50
CA TYR A 13 -5.93 4.57 -20.63
C TYR A 13 -4.63 4.70 -21.46
N LYS A 14 -4.59 5.55 -22.48
CA LYS A 14 -3.39 5.96 -23.22
C LYS A 14 -2.36 6.70 -22.32
N TYR A 15 -2.84 7.47 -21.34
CA TYR A 15 -2.00 8.04 -20.26
C TYR A 15 -1.63 6.98 -19.19
N ALA A 16 -0.84 6.03 -19.71
CA ALA A 16 -0.51 4.76 -19.08
C ALA A 16 0.19 4.85 -17.72
N MET A 17 1.26 5.65 -17.62
CA MET A 17 2.01 5.87 -16.38
C MET A 17 1.18 6.55 -15.28
N LEU A 18 0.24 7.41 -15.69
CA LEU A 18 -0.55 8.25 -14.80
C LEU A 18 -1.75 7.46 -14.23
N LYS A 19 -2.49 6.77 -15.09
CA LYS A 19 -3.35 5.66 -14.67
C LYS A 19 -2.63 4.58 -13.83
N LYS A 20 -1.41 4.14 -14.15
CA LYS A 20 -0.62 3.29 -13.25
C LYS A 20 -0.27 3.99 -11.92
N CYS A 21 -0.07 5.32 -11.82
CA CYS A 21 -0.11 6.02 -10.53
C CYS A 21 -1.46 5.93 -9.78
N CYS A 22 -2.61 5.98 -10.46
CA CYS A 22 -3.91 5.57 -9.88
C CYS A 22 -3.80 4.19 -9.25
N TYR A 23 -3.37 3.21 -10.01
CA TYR A 23 -3.36 1.85 -9.52
C TYR A 23 -2.26 1.57 -8.47
N ASP A 24 -1.17 2.37 -8.52
CA ASP A 24 -0.18 2.51 -7.44
C ASP A 24 -0.76 3.09 -6.13
N GLY A 25 -1.73 4.02 -6.23
CA GLY A 25 -2.53 4.48 -5.09
C GLY A 25 -3.66 3.54 -4.67
N ALA A 26 -4.28 2.79 -5.60
CA ALA A 26 -5.29 1.78 -5.28
C ALA A 26 -4.74 0.59 -4.48
N TYR A 27 -3.59 -0.01 -4.84
CA TYR A 27 -3.01 -1.13 -4.09
C TYR A 27 -2.32 -0.75 -2.74
N ARG A 28 -2.91 0.17 -1.96
CA ARG A 28 -2.30 0.68 -0.73
C ARG A 28 -3.14 0.36 0.53
N ASN A 29 -3.13 -0.92 0.92
CA ASN A 29 -3.79 -1.39 2.14
C ASN A 29 -2.91 -1.22 3.40
N ASP A 30 -1.70 -1.79 3.40
CA ASP A 30 -0.71 -1.65 4.48
C ASP A 30 -0.13 -0.23 4.65
N ASP A 31 0.03 0.48 3.52
CA ASP A 31 0.59 1.83 3.49
C ASP A 31 -0.42 2.93 3.93
N GLU A 32 -0.49 3.12 5.26
CA GLU A 32 -1.46 4.01 5.91
C GLU A 32 -1.50 5.48 5.40
N THR A 33 -0.39 6.20 5.27
CA THR A 33 -0.41 7.61 4.84
C THR A 33 0.18 7.70 3.41
N CYS A 34 -0.70 7.78 2.40
CA CYS A 34 -0.34 7.77 0.99
C CYS A 34 0.60 8.90 0.55
N GLU A 35 0.40 10.12 1.05
CA GLU A 35 1.19 11.30 0.68
C GLU A 35 2.67 11.24 1.12
N GLU A 36 3.04 10.36 2.06
CA GLU A 36 4.45 10.04 2.35
C GLU A 36 5.09 9.24 1.18
N ARG A 37 4.37 8.18 0.77
CA ARG A 37 4.76 7.32 -0.35
C ARG A 37 4.71 8.12 -1.66
N ALA A 38 3.67 8.90 -1.90
CA ALA A 38 3.59 9.79 -3.07
C ALA A 38 4.25 11.18 -2.90
N ALA A 39 4.92 11.49 -1.78
CA ALA A 39 6.11 12.34 -1.79
C ALA A 39 7.35 11.64 -2.39
N ARG A 40 7.50 10.31 -2.23
CA ARG A 40 8.49 9.54 -3.00
C ARG A 40 8.07 9.31 -4.48
N ILE A 41 6.82 8.94 -4.79
CA ILE A 41 6.25 8.96 -6.15
C ILE A 41 6.04 10.39 -6.71
N LYS A 42 7.19 10.79 -7.24
CA LYS A 42 7.47 12.10 -7.84
C LYS A 42 7.28 12.21 -9.37
N ILE A 43 6.68 11.21 -10.03
CA ILE A 43 6.68 11.08 -11.50
C ILE A 43 5.97 12.24 -12.24
N GLY A 44 4.89 12.80 -11.68
CA GLY A 44 4.26 14.02 -12.23
C GLY A 44 3.06 14.57 -11.42
N PRO A 45 2.62 15.84 -11.57
CA PRO A 45 1.41 16.41 -10.93
C PRO A 45 0.11 15.60 -11.13
N LYS A 46 -0.15 15.20 -12.38
CA LYS A 46 -1.29 14.33 -12.73
C LYS A 46 -1.11 12.88 -12.20
N CYS A 47 0.14 12.44 -11.97
CA CYS A 47 0.44 11.17 -11.31
C CYS A 47 0.05 11.22 -9.82
N VAL A 48 0.57 12.17 -9.01
CA VAL A 48 0.08 12.41 -7.64
C VAL A 48 -1.44 12.59 -7.53
N LYS A 49 -2.05 13.33 -8.46
CA LYS A 49 -3.51 13.47 -8.57
C LYS A 49 -4.28 12.14 -8.77
N ALA A 50 -3.88 11.31 -9.76
CA ALA A 50 -4.39 9.94 -9.94
C ALA A 50 -4.17 9.09 -8.68
N PHE A 51 -2.94 9.14 -8.12
CA PHE A 51 -2.54 8.47 -6.88
C PHE A 51 -3.46 8.84 -5.69
N LYS A 52 -3.62 10.13 -5.39
CA LYS A 52 -4.46 10.59 -4.28
C LYS A 52 -5.97 10.28 -4.47
N ASP A 53 -6.54 10.38 -5.69
CA ASP A 53 -7.92 9.92 -5.92
C ASP A 53 -8.15 8.41 -5.68
N CYS A 54 -7.29 7.57 -6.27
CA CYS A 54 -7.29 6.15 -5.97
C CYS A 54 -6.89 5.80 -4.51
N CYS A 55 -6.09 6.61 -3.79
CA CYS A 55 -5.93 6.53 -2.32
C CYS A 55 -7.26 6.80 -1.56
N TYR A 56 -8.11 7.75 -2.01
CA TYR A 56 -9.49 7.85 -1.51
C TYR A 56 -10.30 6.56 -1.73
N ILE A 57 -10.20 5.90 -2.90
CA ILE A 57 -10.74 4.54 -3.07
C ILE A 57 -10.13 3.48 -2.14
N ALA A 58 -8.79 3.47 -2.02
CA ALA A 58 -8.08 2.62 -1.05
C ALA A 58 -8.53 2.82 0.40
N ASN A 59 -8.73 4.07 0.84
CA ASN A 59 -9.34 4.39 2.14
C ASN A 59 -10.82 3.99 2.28
N GLN A 60 -11.63 4.04 1.20
CA GLN A 60 -12.93 3.36 1.19
C GLN A 60 -12.82 1.83 1.34
N VAL A 61 -11.88 1.15 0.66
CA VAL A 61 -11.60 -0.28 0.85
C VAL A 61 -11.09 -0.61 2.29
N ARG A 62 -10.33 0.28 2.94
CA ARG A 62 -10.03 0.18 4.39
C ARG A 62 -11.30 0.25 5.27
N ALA A 63 -12.19 1.23 5.04
CA ALA A 63 -13.43 1.39 5.81
C ALA A 63 -14.57 0.42 5.44
N GLU A 64 -14.93 0.29 4.15
CA GLU A 64 -16.05 -0.57 3.72
C GLU A 64 -15.59 -2.04 3.53
N GLN A 65 -15.14 -2.65 4.64
CA GLN A 65 -14.54 -3.98 4.62
C GLN A 65 -15.18 -4.94 5.63
N SER A 66 -15.60 -6.03 5.22
N MET A 1 -8.73 12.35 -2.95
CA MET A 1 -9.53 13.48 -2.49
C MET A 1 -10.84 13.66 -3.30
N LEU A 2 -10.77 13.66 -4.64
CA LEU A 2 -11.91 13.93 -5.51
C LEU A 2 -12.37 12.70 -6.33
N GLN A 3 -13.63 12.37 -6.09
CA GLN A 3 -14.39 11.33 -6.78
C GLN A 3 -14.43 11.52 -8.32
N LYS A 4 -14.78 12.76 -8.70
CA LYS A 4 -14.75 13.27 -10.07
C LYS A 4 -13.38 13.08 -10.77
N LYS A 5 -12.27 13.27 -10.05
CA LYS A 5 -10.93 13.11 -10.62
C LYS A 5 -10.39 11.67 -10.67
N ILE A 6 -10.86 10.69 -9.85
CA ILE A 6 -10.68 9.25 -10.20
C ILE A 6 -11.33 9.02 -11.56
N GLU A 7 -12.62 9.42 -11.65
CA GLU A 7 -13.42 9.27 -12.86
C GLU A 7 -12.81 10.00 -14.07
N GLU A 8 -12.31 11.23 -14.00
CA GLU A 8 -11.61 11.87 -15.14
C GLU A 8 -10.20 11.31 -15.47
N GLU A 9 -9.34 10.84 -14.54
CA GLU A 9 -8.08 10.17 -14.90
C GLU A 9 -8.28 8.72 -15.36
N ALA A 10 -8.89 7.88 -14.52
CA ALA A 10 -9.32 6.52 -14.93
C ALA A 10 -10.51 6.42 -15.93
N ALA A 11 -11.12 7.47 -16.48
CA ALA A 11 -11.82 7.37 -17.78
C ALA A 11 -10.90 7.40 -19.00
N LYS A 12 -9.89 8.29 -19.00
CA LYS A 12 -9.09 8.60 -20.19
C LYS A 12 -8.28 7.42 -20.75
N TYR A 13 -7.58 6.64 -19.92
CA TYR A 13 -6.88 5.40 -20.28
C TYR A 13 -5.72 5.51 -21.29
N LYS A 14 -5.76 6.48 -22.22
CA LYS A 14 -4.63 6.91 -23.04
C LYS A 14 -3.48 7.47 -22.18
N TYR A 15 -3.81 8.22 -21.12
CA TYR A 15 -2.87 8.59 -20.06
C TYR A 15 -2.65 7.43 -19.06
N ALA A 16 -2.02 6.41 -19.67
CA ALA A 16 -1.82 5.08 -19.11
C ALA A 16 -1.02 5.05 -17.78
N MET A 17 0.10 5.77 -17.74
CA MET A 17 0.95 5.88 -16.55
C MET A 17 0.24 6.61 -15.38
N LEU A 18 -0.64 7.57 -15.69
CA LEU A 18 -1.32 8.40 -14.69
C LEU A 18 -2.54 7.72 -14.09
N LYS A 19 -3.40 7.07 -14.90
CA LYS A 19 -4.35 6.12 -14.32
C LYS A 19 -3.67 4.86 -13.71
N LYS A 20 -2.51 4.38 -14.16
CA LYS A 20 -1.75 3.35 -13.42
C LYS A 20 -1.20 3.92 -12.09
N CYS A 21 -0.84 5.21 -11.98
CA CYS A 21 -0.58 5.87 -10.70
C CYS A 21 -1.82 5.92 -9.76
N CYS A 22 -3.03 6.15 -10.32
CA CYS A 22 -4.30 5.79 -9.66
C CYS A 22 -4.26 4.37 -9.14
N TYR A 23 -3.99 3.40 -9.99
CA TYR A 23 -4.06 2.01 -9.56
C TYR A 23 -2.89 1.57 -8.63
N ASP A 24 -1.75 2.28 -8.66
CA ASP A 24 -0.72 2.28 -7.60
C ASP A 24 -1.26 2.77 -6.23
N GLY A 25 -2.13 3.79 -6.24
CA GLY A 25 -2.93 4.18 -5.06
C GLY A 25 -4.06 3.23 -4.68
N ALA A 26 -4.73 2.57 -5.63
CA ALA A 26 -5.76 1.55 -5.35
C ALA A 26 -5.22 0.26 -4.72
N TYR A 27 -4.15 -0.36 -5.25
CA TYR A 27 -3.59 -1.61 -4.70
C TYR A 27 -2.75 -1.42 -3.41
N ARG A 28 -3.38 -0.79 -2.40
CA ARG A 28 -2.75 -0.47 -1.11
C ARG A 28 -3.52 -1.06 0.10
N ASN A 29 -2.82 -1.24 1.24
CA ASN A 29 -3.34 -1.99 2.38
C ASN A 29 -2.67 -1.57 3.70
N ASP A 30 -1.43 -2.00 3.98
CA ASP A 30 -0.68 -1.71 5.22
C ASP A 30 -0.15 -0.25 5.31
N ASP A 31 -1.01 0.71 4.97
CA ASP A 31 -0.64 2.11 4.78
C ASP A 31 -1.29 3.04 5.82
N GLU A 32 -0.47 3.49 6.78
CA GLU A 32 -0.85 4.43 7.83
C GLU A 32 -1.24 5.83 7.29
N THR A 33 -0.57 6.33 6.23
CA THR A 33 -0.89 7.62 5.60
C THR A 33 -0.48 7.62 4.11
N CYS A 34 -1.47 7.86 3.23
CA CYS A 34 -1.30 7.88 1.77
C CYS A 34 -0.27 8.90 1.27
N GLU A 35 -0.30 10.10 1.83
CA GLU A 35 0.57 11.23 1.49
C GLU A 35 2.06 10.99 1.81
N GLU A 36 2.41 10.17 2.80
CA GLU A 36 3.82 9.79 3.07
C GLU A 36 4.35 8.87 1.96
N ARG A 37 3.58 7.80 1.68
CA ARG A 37 3.86 6.89 0.57
C ARG A 37 3.91 7.63 -0.77
N ALA A 38 2.92 8.49 -1.08
CA ALA A 38 2.96 9.31 -2.28
C ALA A 38 3.80 10.61 -2.23
N ALA A 39 4.41 11.00 -1.10
CA ALA A 39 5.64 11.80 -1.11
C ALA A 39 6.84 11.01 -1.68
N ARG A 40 6.90 9.69 -1.45
CA ARG A 40 7.87 8.82 -2.15
C ARG A 40 7.50 8.56 -3.64
N ILE A 41 6.21 8.38 -4.01
CA ILE A 41 5.74 8.41 -5.40
C ILE A 41 5.73 9.83 -6.02
N LYS A 42 6.97 10.08 -6.42
CA LYS A 42 7.50 11.36 -6.88
C LYS A 42 7.35 11.67 -8.38
N ILE A 43 6.67 10.82 -9.18
CA ILE A 43 6.72 10.84 -10.65
C ILE A 43 6.13 12.12 -11.29
N GLY A 44 4.94 12.58 -10.90
CA GLY A 44 4.35 13.81 -11.47
C GLY A 44 3.12 14.37 -10.73
N PRO A 45 2.74 15.68 -10.84
CA PRO A 45 1.57 16.29 -10.16
C PRO A 45 0.22 15.56 -10.36
N LYS A 46 -0.13 15.26 -11.62
CA LYS A 46 -1.32 14.47 -11.97
C LYS A 46 -1.27 13.03 -11.44
N CYS A 47 -0.06 12.46 -11.31
CA CYS A 47 0.18 11.15 -10.71
C CYS A 47 -0.14 11.19 -9.21
N VAL A 48 0.55 12.02 -8.38
CA VAL A 48 0.19 12.23 -6.96
C VAL A 48 -1.31 12.55 -6.71
N LYS A 49 -1.93 13.31 -7.61
CA LYS A 49 -3.39 13.54 -7.58
C LYS A 49 -4.23 12.27 -7.86
N ALA A 50 -4.08 11.60 -9.02
CA ALA A 50 -4.70 10.28 -9.33
C ALA A 50 -4.47 9.27 -8.19
N PHE A 51 -3.24 9.24 -7.65
CA PHE A 51 -2.84 8.45 -6.49
C PHE A 51 -3.72 8.77 -5.26
N LYS A 52 -3.79 10.03 -4.77
CA LYS A 52 -4.62 10.37 -3.59
C LYS A 52 -6.12 10.09 -3.79
N ASP A 53 -6.64 10.22 -5.02
CA ASP A 53 -8.03 9.89 -5.34
C ASP A 53 -8.34 8.38 -5.23
N CYS A 54 -7.56 7.54 -5.91
CA CYS A 54 -7.62 6.09 -5.69
C CYS A 54 -7.16 5.63 -4.29
N CYS A 55 -6.27 6.33 -3.57
CA CYS A 55 -5.95 6.04 -2.16
C CYS A 55 -7.12 6.39 -1.20
N TYR A 56 -7.92 7.42 -1.53
CA TYR A 56 -9.27 7.62 -0.97
C TYR A 56 -10.15 6.38 -1.19
N ILE A 57 -10.25 5.82 -2.41
CA ILE A 57 -10.89 4.50 -2.61
C ILE A 57 -10.28 3.36 -1.76
N ALA A 58 -8.94 3.25 -1.76
CA ALA A 58 -8.21 2.25 -0.96
C ALA A 58 -8.55 2.29 0.54
N ASN A 59 -8.51 3.45 1.22
CA ASN A 59 -8.92 3.53 2.64
C ASN A 59 -10.42 3.28 2.85
N GLN A 60 -11.32 3.70 1.94
CA GLN A 60 -12.74 3.34 2.03
C GLN A 60 -12.99 1.83 1.81
N VAL A 61 -12.44 1.19 0.75
CA VAL A 61 -12.63 -0.25 0.52
C VAL A 61 -11.97 -1.14 1.60
N ARG A 62 -10.83 -0.71 2.20
CA ARG A 62 -10.27 -1.36 3.40
C ARG A 62 -11.20 -1.32 4.61
N ALA A 63 -11.90 -0.21 4.87
CA ALA A 63 -12.92 -0.13 5.93
C ALA A 63 -14.23 -0.89 5.62
N GLU A 64 -14.60 -1.04 4.33
CA GLU A 64 -15.77 -1.84 3.92
C GLU A 64 -15.56 -3.37 3.96
N GLN A 65 -14.34 -3.90 3.79
CA GLN A 65 -14.11 -5.35 3.81
C GLN A 65 -13.90 -5.98 5.21
N SER A 66 -13.40 -5.31 6.12
N MET A 1 -9.00 12.40 -2.43
CA MET A 1 -9.91 13.46 -2.02
C MET A 1 -11.26 13.43 -2.76
N LEU A 2 -11.29 13.37 -4.10
CA LEU A 2 -12.52 13.53 -4.88
C LEU A 2 -12.76 12.49 -6.00
N GLN A 3 -13.99 11.95 -5.93
CA GLN A 3 -14.60 11.05 -6.92
C GLN A 3 -14.61 11.63 -8.35
N LYS A 4 -14.87 12.94 -8.43
CA LYS A 4 -14.81 13.73 -9.64
C LYS A 4 -13.39 13.76 -10.28
N LYS A 5 -12.32 13.77 -9.48
CA LYS A 5 -10.94 13.76 -9.97
C LYS A 5 -10.48 12.37 -10.46
N ILE A 6 -10.91 11.25 -9.83
CA ILE A 6 -10.79 9.92 -10.48
C ILE A 6 -11.51 9.93 -11.84
N GLU A 7 -12.76 10.42 -11.88
CA GLU A 7 -13.51 10.59 -13.12
C GLU A 7 -12.75 11.47 -14.12
N GLU A 8 -12.30 12.70 -13.84
CA GLU A 8 -11.58 13.54 -14.81
C GLU A 8 -10.27 12.95 -15.37
N GLU A 9 -9.49 12.10 -14.66
CA GLU A 9 -8.39 11.35 -15.28
C GLU A 9 -8.83 10.02 -15.93
N ALA A 10 -9.50 9.11 -15.21
CA ALA A 10 -10.07 7.89 -15.80
C ALA A 10 -11.29 8.07 -16.75
N ALA A 11 -11.79 9.27 -17.06
CA ALA A 11 -12.58 9.54 -18.27
C ALA A 11 -11.73 9.70 -19.54
N LYS A 12 -10.52 10.27 -19.43
CA LYS A 12 -9.72 10.68 -20.59
C LYS A 12 -9.19 9.49 -21.42
N TYR A 13 -8.56 8.49 -20.79
CA TYR A 13 -8.06 7.24 -21.41
C TYR A 13 -6.98 7.38 -22.50
N LYS A 14 -6.95 8.50 -23.24
CA LYS A 14 -5.81 8.96 -24.05
C LYS A 14 -4.56 9.19 -23.18
N TYR A 15 -4.71 9.82 -22.01
CA TYR A 15 -3.68 9.86 -20.97
C TYR A 15 -3.60 8.53 -20.18
N ALA A 16 -3.17 7.53 -20.97
CA ALA A 16 -3.16 6.11 -20.64
C ALA A 16 -2.32 5.76 -19.40
N MET A 17 -1.08 6.25 -19.33
CA MET A 17 -0.16 6.04 -18.22
C MET A 17 -0.66 6.70 -16.91
N LEU A 18 -1.42 7.80 -17.02
CA LEU A 18 -1.86 8.59 -15.86
C LEU A 18 -3.17 8.06 -15.26
N LYS A 19 -4.17 7.68 -16.07
CA LYS A 19 -5.22 6.80 -15.56
C LYS A 19 -4.69 5.41 -15.10
N LYS A 20 -3.63 4.84 -15.70
CA LYS A 20 -3.01 3.63 -15.17
C LYS A 20 -2.27 3.89 -13.83
N CYS A 21 -1.68 5.09 -13.63
CA CYS A 21 -1.24 5.56 -12.30
C CYS A 21 -2.39 5.62 -11.26
N CYS A 22 -3.61 6.09 -11.66
CA CYS A 22 -4.86 5.82 -10.93
C CYS A 22 -4.99 4.35 -10.56
N TYR A 23 -4.91 3.47 -11.54
CA TYR A 23 -5.14 2.06 -11.28
C TYR A 23 -4.03 1.38 -10.44
N ASP A 24 -2.76 1.85 -10.48
CA ASP A 24 -1.75 1.58 -9.45
C ASP A 24 -2.10 2.09 -8.04
N GLY A 25 -2.79 3.23 -7.92
CA GLY A 25 -3.40 3.66 -6.64
C GLY A 25 -4.57 2.77 -6.19
N ALA A 26 -5.39 2.29 -7.14
CA ALA A 26 -6.51 1.39 -6.85
C ALA A 26 -6.09 -0.03 -6.40
N TYR A 27 -5.26 -0.80 -7.12
CA TYR A 27 -4.88 -2.16 -6.66
C TYR A 27 -3.74 -2.17 -5.60
N ARG A 28 -3.82 -1.30 -4.59
CA ARG A 28 -2.70 -1.06 -3.66
C ARG A 28 -3.02 -1.45 -2.20
N ASN A 29 -2.14 -2.27 -1.59
CA ASN A 29 -2.19 -2.52 -0.15
C ASN A 29 -1.15 -1.70 0.64
N ASP A 30 -1.51 -0.42 0.80
CA ASP A 30 -0.78 0.53 1.63
C ASP A 30 -0.97 0.25 3.14
N ASP A 31 -2.21 -0.03 3.54
CA ASP A 31 -2.65 -0.34 4.92
C ASP A 31 -2.50 0.79 5.96
N GLU A 32 -1.39 1.55 5.94
CA GLU A 32 -1.32 2.87 6.58
C GLU A 32 -2.08 3.99 5.79
N THR A 33 -1.88 5.28 6.11
CA THR A 33 -2.61 6.39 5.49
C THR A 33 -2.14 6.66 4.04
N CYS A 34 -2.97 6.24 3.08
CA CYS A 34 -2.66 6.23 1.64
C CYS A 34 -2.34 7.62 1.06
N GLU A 35 -3.15 8.63 1.41
CA GLU A 35 -2.97 10.01 0.96
C GLU A 35 -1.72 10.72 1.54
N GLU A 36 -1.20 10.28 2.68
CA GLU A 36 0.07 10.76 3.25
C GLU A 36 1.28 10.20 2.44
N ARG A 37 1.23 8.89 2.19
CA ARG A 37 2.14 8.22 1.26
C ARG A 37 2.07 8.82 -0.15
N ALA A 38 0.88 8.96 -0.76
CA ALA A 38 0.72 9.69 -2.01
C ALA A 38 0.62 11.24 -1.87
N ALA A 39 1.00 11.84 -0.73
CA ALA A 39 1.71 13.12 -0.73
C ALA A 39 3.21 12.96 -1.07
N ARG A 40 3.94 12.03 -0.45
CA ARG A 40 5.37 11.81 -0.75
C ARG A 40 5.70 10.97 -2.02
N ILE A 41 4.72 10.39 -2.73
CA ILE A 41 4.89 9.74 -4.04
C ILE A 41 5.16 10.74 -5.19
N LYS A 42 6.45 11.02 -5.20
CA LYS A 42 7.14 12.06 -5.97
C LYS A 42 7.37 11.79 -7.47
N ILE A 43 6.72 10.77 -8.05
CA ILE A 43 6.97 10.30 -9.43
C ILE A 43 6.54 11.29 -10.53
N GLY A 44 5.42 12.01 -10.40
CA GLY A 44 4.98 13.01 -11.39
C GLY A 44 3.67 13.73 -11.01
N PRO A 45 3.45 15.07 -11.14
CA PRO A 45 2.26 15.81 -10.64
C PRO A 45 0.87 15.24 -10.99
N LYS A 46 0.57 15.04 -12.29
CA LYS A 46 -0.69 14.45 -12.75
C LYS A 46 -0.85 12.97 -12.34
N CYS A 47 0.28 12.25 -12.25
CA CYS A 47 0.36 10.87 -11.80
C CYS A 47 -0.04 10.83 -10.31
N VAL A 48 0.66 11.49 -9.34
CA VAL A 48 0.17 11.67 -7.98
C VAL A 48 -1.28 12.14 -7.86
N LYS A 49 -1.77 13.12 -8.64
CA LYS A 49 -3.20 13.49 -8.63
C LYS A 49 -4.17 12.29 -8.84
N ALA A 50 -4.06 11.62 -10.01
CA ALA A 50 -4.82 10.41 -10.33
C ALA A 50 -4.62 9.30 -9.27
N PHE A 51 -3.36 8.99 -8.98
CA PHE A 51 -2.94 8.00 -7.98
C PHE A 51 -3.44 8.30 -6.56
N LYS A 52 -3.32 9.55 -6.05
CA LYS A 52 -3.78 9.92 -4.72
C LYS A 52 -5.31 9.77 -4.58
N ASP A 53 -6.07 10.21 -5.61
CA ASP A 53 -7.53 10.04 -5.58
C ASP A 53 -8.00 8.57 -5.66
N CYS A 54 -7.39 7.75 -6.54
CA CYS A 54 -7.58 6.29 -6.48
C CYS A 54 -7.02 5.61 -5.20
N CYS A 55 -5.92 6.09 -4.58
CA CYS A 55 -5.46 5.67 -3.24
C CYS A 55 -6.51 5.97 -2.16
N TYR A 56 -7.16 7.14 -2.23
CA TYR A 56 -8.36 7.45 -1.45
C TYR A 56 -9.50 6.42 -1.66
N ILE A 57 -9.82 6.00 -2.90
CA ILE A 57 -10.73 4.85 -3.14
C ILE A 57 -10.25 3.55 -2.47
N ALA A 58 -8.97 3.19 -2.67
CA ALA A 58 -8.34 2.04 -2.00
C ALA A 58 -8.45 2.10 -0.46
N ASN A 59 -8.15 3.26 0.15
CA ASN A 59 -8.32 3.52 1.59
C ASN A 59 -9.81 3.51 2.03
N GLN A 60 -10.74 4.05 1.21
CA GLN A 60 -12.18 3.97 1.46
C GLN A 60 -12.72 2.53 1.40
N VAL A 61 -12.34 1.72 0.38
CA VAL A 61 -12.70 0.30 0.31
C VAL A 61 -12.10 -0.52 1.48
N ARG A 62 -10.85 -0.21 1.89
CA ARG A 62 -10.22 -0.79 3.08
C ARG A 62 -11.00 -0.49 4.39
N ALA A 63 -11.54 0.72 4.55
CA ALA A 63 -12.43 1.08 5.66
C ALA A 63 -13.87 0.54 5.49
N GLU A 64 -14.55 0.80 4.36
CA GLU A 64 -15.94 0.37 4.15
C GLU A 64 -16.04 -1.13 3.76
N GLN A 65 -15.83 -1.98 4.77
CA GLN A 65 -16.02 -3.43 4.65
C GLN A 65 -17.36 -3.92 5.24
N SER A 66 -17.64 -3.68 6.41
N MET A 1 -8.17 -5.76 5.48
CA MET A 1 -8.84 -6.46 4.39
C MET A 1 -8.00 -6.56 3.08
N LEU A 2 -7.31 -5.49 2.67
CA LEU A 2 -6.59 -5.42 1.38
C LEU A 2 -5.30 -6.28 1.26
N GLN A 3 -5.56 -7.61 1.25
CA GLN A 3 -4.57 -8.67 1.00
C GLN A 3 -3.90 -8.59 -0.39
N LYS A 4 -4.64 -8.06 -1.37
CA LYS A 4 -4.11 -7.71 -2.71
C LYS A 4 -2.97 -6.69 -2.64
N LYS A 5 -3.15 -5.58 -1.89
CA LYS A 5 -2.08 -4.58 -1.67
C LYS A 5 -0.90 -5.14 -0.85
N ILE A 6 -1.15 -5.98 0.18
CA ILE A 6 -0.09 -6.73 0.86
C ILE A 6 0.76 -7.52 -0.14
N GLU A 7 0.17 -8.39 -0.98
CA GLU A 7 0.94 -9.14 -1.97
C GLU A 7 1.48 -8.24 -3.10
N GLU A 8 0.81 -7.19 -3.59
CA GLU A 8 1.35 -6.28 -4.60
C GLU A 8 2.55 -5.44 -4.10
N GLU A 9 2.56 -4.81 -2.91
CA GLU A 9 3.77 -4.14 -2.39
C GLU A 9 4.44 -4.89 -1.24
N ALA A 10 4.26 -6.20 -1.22
CA ALA A 10 5.38 -7.11 -1.40
C ALA A 10 5.92 -7.36 -2.83
N ALA A 11 5.17 -7.92 -3.78
CA ALA A 11 5.71 -8.41 -5.05
C ALA A 11 6.27 -7.38 -6.04
N LYS A 12 5.60 -6.25 -6.31
CA LYS A 12 5.97 -5.34 -7.40
C LYS A 12 7.11 -4.36 -7.02
N TYR A 13 8.19 -4.98 -6.52
CA TYR A 13 9.53 -4.41 -6.40
C TYR A 13 10.48 -5.38 -7.15
N LYS A 14 11.61 -5.76 -6.54
CA LYS A 14 12.31 -7.03 -6.82
C LYS A 14 11.94 -8.09 -5.75
N TYR A 15 10.62 -8.18 -5.50
CA TYR A 15 9.97 -8.88 -4.38
C TYR A 15 10.72 -8.99 -3.03
N ALA A 16 11.71 -9.88 -2.92
CA ALA A 16 12.05 -10.67 -1.74
C ALA A 16 12.35 -9.91 -0.42
N MET A 17 13.37 -9.07 -0.39
CA MET A 17 13.81 -8.34 0.81
C MET A 17 12.81 -7.25 1.24
N LEU A 18 12.11 -6.69 0.24
CA LEU A 18 11.19 -5.57 0.42
C LEU A 18 9.81 -6.09 0.85
N LYS A 19 9.23 -7.07 0.15
CA LYS A 19 8.32 -8.05 0.79
C LYS A 19 8.66 -8.52 2.22
N LYS A 20 9.89 -8.90 2.59
CA LYS A 20 10.26 -9.18 3.99
C LYS A 20 10.07 -7.92 4.88
N CYS A 21 10.42 -6.70 4.45
CA CYS A 21 10.03 -5.47 5.16
C CYS A 21 8.50 -5.23 5.26
N CYS A 22 7.71 -5.58 4.23
CA CYS A 22 6.25 -5.77 4.34
C CYS A 22 5.89 -6.65 5.52
N TYR A 23 6.56 -7.79 5.67
CA TYR A 23 6.19 -8.74 6.71
C TYR A 23 6.65 -8.32 8.12
N ASP A 24 7.75 -7.55 8.23
CA ASP A 24 8.05 -6.75 9.42
C ASP A 24 6.93 -5.74 9.77
N GLY A 25 6.34 -5.08 8.75
CA GLY A 25 5.13 -4.26 8.91
C GLY A 25 3.87 -5.02 9.30
N ALA A 26 3.55 -6.10 8.57
CA ALA A 26 2.39 -6.97 8.81
C ALA A 26 2.35 -7.58 10.21
N TYR A 27 3.50 -7.97 10.78
CA TYR A 27 3.59 -8.20 12.22
C TYR A 27 3.52 -6.86 13.00
N ARG A 28 2.29 -6.31 13.12
CA ARG A 28 2.03 -5.12 13.94
C ARG A 28 2.24 -5.39 15.44
N ASN A 29 3.31 -4.82 16.00
CA ASN A 29 3.62 -4.99 17.43
C ASN A 29 3.20 -3.75 18.26
N ASP A 30 4.12 -2.81 18.49
CA ASP A 30 4.04 -1.80 19.56
C ASP A 30 2.86 -0.81 19.49
N ASP A 31 2.70 -0.06 18.40
CA ASP A 31 1.74 1.04 18.30
C ASP A 31 1.27 1.32 16.85
N GLU A 32 0.20 2.11 16.77
CA GLU A 32 -0.42 2.54 15.51
C GLU A 32 0.47 3.37 14.56
N THR A 33 1.50 4.09 15.04
CA THR A 33 2.32 4.98 14.22
C THR A 33 3.48 4.20 13.58
N CYS A 34 3.22 3.70 12.38
CA CYS A 34 4.11 2.83 11.60
C CYS A 34 5.51 3.41 11.36
N GLU A 35 5.57 4.72 11.11
CA GLU A 35 6.83 5.46 10.94
C GLU A 35 7.63 5.64 12.25
N GLU A 36 7.12 5.32 13.45
CA GLU A 36 7.95 5.23 14.66
C GLU A 36 8.78 3.93 14.63
N ARG A 37 8.05 2.80 14.49
CA ARG A 37 8.64 1.49 14.26
C ARG A 37 9.61 1.50 13.05
N ALA A 38 9.18 2.05 11.91
CA ALA A 38 10.04 2.17 10.74
C ALA A 38 10.79 3.51 10.54
N ALA A 39 10.90 4.36 11.57
CA ALA A 39 12.13 5.12 11.83
C ALA A 39 13.26 4.21 12.39
N ARG A 40 12.91 3.26 13.27
CA ARG A 40 13.86 2.25 13.74
C ARG A 40 14.28 1.24 12.63
N ILE A 41 13.33 0.67 11.87
CA ILE A 41 13.57 -0.04 10.60
C ILE A 41 13.97 0.93 9.46
N LYS A 42 15.29 1.05 9.53
CA LYS A 42 16.11 1.99 8.76
C LYS A 42 16.64 1.47 7.39
N ILE A 43 16.28 0.25 6.98
CA ILE A 43 16.97 -0.51 5.92
C ILE A 43 16.95 0.16 4.53
N GLY A 44 15.82 0.73 4.08
CA GLY A 44 15.78 1.49 2.81
C GLY A 44 14.42 2.15 2.47
N PRO A 45 14.34 3.16 1.56
CA PRO A 45 13.08 3.83 1.15
C PRO A 45 11.93 2.90 0.70
N LYS A 46 12.26 1.93 -0.15
CA LYS A 46 11.31 0.90 -0.61
C LYS A 46 10.93 -0.10 0.51
N CYS A 47 11.82 -0.31 1.49
CA CYS A 47 11.54 -1.09 2.69
C CYS A 47 10.51 -0.38 3.59
N VAL A 48 10.73 0.89 3.99
CA VAL A 48 9.71 1.74 4.62
C VAL A 48 8.37 1.77 3.85
N LYS A 49 8.41 1.89 2.52
CA LYS A 49 7.20 1.84 1.67
C LYS A 49 6.42 0.50 1.77
N ALA A 50 7.06 -0.66 1.58
CA ALA A 50 6.47 -1.99 1.82
C ALA A 50 5.95 -2.13 3.27
N PHE A 51 6.80 -1.71 4.24
CA PHE A 51 6.46 -1.65 5.67
C PHE A 51 5.17 -0.84 5.90
N LYS A 52 5.12 0.44 5.51
CA LYS A 52 3.97 1.31 5.74
C LYS A 52 2.69 0.85 5.01
N ASP A 53 2.77 0.24 3.82
CA ASP A 53 1.59 -0.34 3.16
C ASP A 53 1.02 -1.52 3.97
N CYS A 54 1.86 -2.55 4.25
CA CYS A 54 1.49 -3.67 5.11
C CYS A 54 1.07 -3.26 6.55
N CYS A 55 1.78 -2.33 7.20
CA CYS A 55 1.42 -1.81 8.53
C CYS A 55 0.08 -1.05 8.55
N TYR A 56 -0.25 -0.24 7.53
CA TYR A 56 -1.61 0.30 7.36
C TYR A 56 -2.67 -0.81 7.28
N ILE A 57 -2.49 -1.81 6.40
CA ILE A 57 -3.45 -2.93 6.30
C ILE A 57 -3.48 -3.81 7.57
N ALA A 58 -2.34 -4.03 8.24
CA ALA A 58 -2.28 -4.62 9.59
C ALA A 58 -3.10 -3.85 10.64
N ASN A 59 -3.00 -2.52 10.72
CA ASN A 59 -3.87 -1.70 11.58
C ASN A 59 -5.35 -1.71 11.14
N GLN A 60 -5.63 -1.76 9.83
CA GLN A 60 -6.97 -2.04 9.28
C GLN A 60 -7.53 -3.41 9.73
N VAL A 61 -6.71 -4.49 9.69
CA VAL A 61 -7.05 -5.79 10.28
C VAL A 61 -7.28 -5.70 11.81
N ARG A 62 -6.45 -5.00 12.59
CA ARG A 62 -6.70 -4.71 14.02
C ARG A 62 -7.98 -3.90 14.28
N ALA A 63 -8.38 -2.98 13.40
CA ALA A 63 -9.70 -2.34 13.44
C ALA A 63 -10.86 -3.30 13.10
N GLU A 64 -10.66 -4.27 12.20
CA GLU A 64 -11.62 -5.37 11.95
C GLU A 64 -11.65 -6.41 13.09
N GLN A 65 -10.49 -6.92 13.53
CA GLN A 65 -10.42 -7.93 14.59
C GLN A 65 -9.26 -7.68 15.60
N SER A 66 -9.55 -7.52 16.78
N MET A 1 -6.16 -6.76 -3.64
CA MET A 1 -7.06 -6.38 -2.55
C MET A 1 -6.70 -7.00 -1.18
N LEU A 2 -6.49 -6.11 -0.18
CA LEU A 2 -6.14 -6.41 1.21
C LEU A 2 -5.01 -7.44 1.43
N GLN A 3 -5.34 -8.73 1.51
CA GLN A 3 -4.38 -9.85 1.62
C GLN A 3 -3.50 -9.95 0.36
N LYS A 4 -4.15 -9.83 -0.80
CA LYS A 4 -3.47 -9.80 -2.10
C LYS A 4 -2.68 -8.49 -2.32
N LYS A 5 -3.09 -7.35 -1.74
CA LYS A 5 -2.29 -6.11 -1.71
C LYS A 5 -0.96 -6.28 -0.95
N ILE A 6 -1.00 -6.94 0.23
CA ILE A 6 0.19 -7.41 0.95
C ILE A 6 1.10 -8.26 0.04
N GLU A 7 0.55 -9.26 -0.68
CA GLU A 7 1.32 -10.00 -1.68
C GLU A 7 1.80 -9.15 -2.86
N GLU A 8 0.97 -8.31 -3.49
CA GLU A 8 1.34 -7.44 -4.62
C GLU A 8 2.53 -6.51 -4.35
N GLU A 9 2.63 -5.81 -3.22
CA GLU A 9 3.73 -4.87 -2.96
C GLU A 9 4.23 -4.98 -1.52
N ALA A 10 4.43 -6.23 -1.12
CA ALA A 10 5.65 -6.98 -1.34
C ALA A 10 6.18 -7.32 -2.77
N ALA A 11 5.48 -8.04 -3.65
CA ALA A 11 6.05 -8.57 -4.90
C ALA A 11 6.52 -7.55 -5.97
N LYS A 12 5.73 -6.54 -6.37
CA LYS A 12 6.01 -5.61 -7.48
C LYS A 12 7.20 -4.62 -7.28
N TYR A 13 8.28 -5.10 -6.65
CA TYR A 13 9.55 -4.42 -6.53
C TYR A 13 10.62 -5.30 -7.23
N LYS A 14 11.76 -5.58 -6.58
CA LYS A 14 12.60 -6.75 -6.86
C LYS A 14 12.33 -7.88 -5.83
N TYR A 15 11.05 -8.05 -5.51
CA TYR A 15 10.52 -8.96 -4.48
C TYR A 15 11.16 -8.76 -3.08
N ALA A 16 12.31 -9.43 -2.89
CA ALA A 16 12.71 -10.07 -1.62
C ALA A 16 12.91 -9.15 -0.40
N MET A 17 13.83 -8.18 -0.45
CA MET A 17 14.18 -7.31 0.68
C MET A 17 13.04 -6.35 1.05
N LEU A 18 12.32 -5.87 0.04
CA LEU A 18 11.22 -4.94 0.17
C LEU A 18 9.96 -5.64 0.70
N LYS A 19 9.53 -6.75 0.08
CA LYS A 19 8.73 -7.76 0.79
C LYS A 19 9.13 -8.10 2.24
N LYS A 20 10.40 -8.34 2.60
CA LYS A 20 10.80 -8.47 4.01
C LYS A 20 10.50 -7.19 4.84
N CYS A 21 10.69 -5.96 4.32
CA CYS A 21 10.19 -4.75 4.99
C CYS A 21 8.65 -4.69 5.11
N CYS A 22 7.89 -5.15 4.10
CA CYS A 22 6.45 -5.48 4.23
C CYS A 22 6.19 -6.35 5.45
N TYR A 23 6.95 -7.40 5.65
CA TYR A 23 6.67 -8.34 6.73
C TYR A 23 7.06 -7.82 8.13
N ASP A 24 8.10 -6.97 8.18
CA ASP A 24 8.35 -6.08 9.33
C ASP A 24 7.15 -5.15 9.63
N GLY A 25 6.51 -4.60 8.59
CA GLY A 25 5.24 -3.87 8.71
C GLY A 25 4.04 -4.71 9.16
N ALA A 26 3.81 -5.85 8.49
CA ALA A 26 2.72 -6.79 8.78
C ALA A 26 2.72 -7.32 10.23
N TYR A 27 3.89 -7.57 10.84
CA TYR A 27 3.96 -7.77 12.30
C TYR A 27 3.73 -6.45 13.08
N ARG A 28 2.46 -5.99 13.15
CA ARG A 28 2.06 -4.85 13.97
C ARG A 28 2.09 -5.12 15.50
N ASN A 29 3.05 -4.53 16.22
CA ASN A 29 3.02 -4.50 17.70
C ASN A 29 2.12 -3.35 18.22
N ASP A 30 0.90 -3.70 18.67
CA ASP A 30 -0.16 -2.77 19.08
C ASP A 30 0.12 -1.98 20.39
N ASP A 31 1.19 -1.20 20.36
CA ASP A 31 1.61 -0.34 21.47
C ASP A 31 2.08 1.06 21.00
N GLU A 32 3.23 1.15 20.32
CA GLU A 32 3.72 2.39 19.70
C GLU A 32 2.99 2.83 18.41
N THR A 33 3.47 3.87 17.71
CA THR A 33 2.92 4.28 16.40
C THR A 33 3.76 3.78 15.21
N CYS A 34 3.09 3.50 14.08
CA CYS A 34 3.69 2.89 12.89
C CYS A 34 4.80 3.75 12.22
N GLU A 35 4.53 5.04 12.00
CA GLU A 35 5.47 5.98 11.38
C GLU A 35 6.71 6.27 12.26
N GLU A 36 6.56 6.25 13.59
CA GLU A 36 7.67 6.29 14.57
C GLU A 36 8.58 5.04 14.44
N ARG A 37 7.93 3.87 14.45
CA ARG A 37 8.57 2.58 14.21
C ARG A 37 9.32 2.59 12.87
N ALA A 38 8.67 2.95 11.76
CA ALA A 38 9.32 3.06 10.47
C ALA A 38 10.11 4.36 10.17
N ALA A 39 10.15 5.35 11.07
CA ALA A 39 11.26 6.30 11.17
C ALA A 39 12.55 5.61 11.65
N ARG A 40 12.47 4.64 12.57
CA ARG A 40 13.63 3.78 12.90
C ARG A 40 14.01 2.79 11.78
N ILE A 41 13.05 2.18 11.04
CA ILE A 41 13.31 1.38 9.84
C ILE A 41 13.69 2.23 8.60
N LYS A 42 15.00 2.45 8.66
CA LYS A 42 15.80 3.28 7.75
C LYS A 42 16.45 2.53 6.56
N ILE A 43 16.04 1.30 6.22
CA ILE A 43 16.71 0.45 5.23
C ILE A 43 16.66 1.01 3.79
N GLY A 44 15.53 1.55 3.33
CA GLY A 44 15.45 2.21 2.02
C GLY A 44 14.07 2.82 1.68
N PRO A 45 13.90 3.79 0.74
CA PRO A 45 12.60 4.40 0.36
C PRO A 45 11.47 3.42 -0.01
N LYS A 46 11.77 2.46 -0.90
CA LYS A 46 10.84 1.39 -1.27
C LYS A 46 10.57 0.38 -0.14
N CYS A 47 11.50 0.26 0.81
CA CYS A 47 11.33 -0.53 2.03
C CYS A 47 10.33 0.13 2.99
N VAL A 48 10.50 1.42 3.38
CA VAL A 48 9.46 2.19 4.05
C VAL A 48 8.09 2.18 3.35
N LYS A 49 8.06 2.26 2.01
CA LYS A 49 6.82 2.12 1.24
C LYS A 49 6.15 0.73 1.36
N ALA A 50 6.86 -0.41 1.16
CA ALA A 50 6.36 -1.77 1.46
C ALA A 50 5.91 -1.90 2.93
N PHE A 51 6.74 -1.38 3.85
CA PHE A 51 6.45 -1.29 5.28
C PHE A 51 5.11 -0.56 5.53
N LYS A 52 4.96 0.71 5.12
CA LYS A 52 3.74 1.50 5.32
C LYS A 52 2.49 0.86 4.69
N ASP A 53 2.57 0.29 3.47
CA ASP A 53 1.42 -0.40 2.85
C ASP A 53 0.96 -1.61 3.68
N CYS A 54 1.86 -2.57 4.00
CA CYS A 54 1.57 -3.66 4.92
C CYS A 54 1.16 -3.20 6.34
N CYS A 55 1.86 -2.23 6.95
CA CYS A 55 1.53 -1.68 8.28
C CYS A 55 0.14 -1.01 8.32
N TYR A 56 -0.26 -0.25 7.28
CA TYR A 56 -1.64 0.22 7.15
C TYR A 56 -2.66 -0.94 7.07
N ILE A 57 -2.47 -1.97 6.20
CA ILE A 57 -3.38 -3.12 6.16
C ILE A 57 -3.45 -3.86 7.52
N ALA A 58 -2.27 -4.12 8.11
CA ALA A 58 -2.13 -4.69 9.45
C ALA A 58 -2.83 -3.86 10.54
N ASN A 59 -2.60 -2.55 10.63
CA ASN A 59 -3.27 -1.67 11.60
C ASN A 59 -4.80 -1.57 11.38
N GLN A 60 -5.29 -1.57 10.13
CA GLN A 60 -6.73 -1.64 9.82
C GLN A 60 -7.34 -2.99 10.24
N VAL A 61 -6.71 -4.13 9.91
CA VAL A 61 -7.14 -5.46 10.36
C VAL A 61 -7.04 -5.63 11.89
N ARG A 62 -5.97 -5.18 12.56
CA ARG A 62 -5.89 -5.20 14.03
C ARG A 62 -6.87 -4.25 14.74
N ALA A 63 -7.30 -3.13 14.13
CA ALA A 63 -8.46 -2.37 14.59
C ALA A 63 -9.80 -3.12 14.38
N GLU A 64 -10.13 -3.56 13.15
CA GLU A 64 -11.38 -4.26 12.87
C GLU A 64 -11.39 -5.76 13.28
N GLN A 65 -11.24 -6.01 14.58
CA GLN A 65 -11.37 -7.34 15.17
C GLN A 65 -12.66 -7.53 16.01
N SER A 66 -12.93 -6.73 16.90
N MET A 1 -8.83 -8.11 1.21
CA MET A 1 -9.05 -6.87 0.48
C MET A 1 -7.85 -6.47 -0.40
N LEU A 2 -6.76 -5.93 0.17
CA LEU A 2 -5.59 -5.49 -0.58
C LEU A 2 -4.33 -6.36 -0.35
N GLN A 3 -4.48 -7.51 0.34
CA GLN A 3 -3.39 -8.42 0.71
C GLN A 3 -2.55 -8.98 -0.47
N LYS A 4 -3.16 -9.30 -1.62
CA LYS A 4 -2.41 -9.67 -2.82
C LYS A 4 -1.75 -8.50 -3.57
N LYS A 5 -2.29 -7.27 -3.52
CA LYS A 5 -1.58 -6.05 -3.94
C LYS A 5 -0.33 -5.80 -3.05
N ILE A 6 -0.51 -6.01 -1.74
CA ILE A 6 0.60 -6.06 -0.79
C ILE A 6 1.61 -7.18 -1.09
N GLU A 7 1.24 -8.41 -1.47
CA GLU A 7 2.21 -9.39 -1.97
C GLU A 7 2.89 -8.98 -3.30
N GLU A 8 2.12 -8.44 -4.27
CA GLU A 8 2.64 -7.92 -5.55
C GLU A 8 3.74 -6.85 -5.40
N GLU A 9 3.61 -5.91 -4.45
CA GLU A 9 4.64 -4.90 -4.16
C GLU A 9 4.70 -4.58 -2.65
N ALA A 10 4.92 -5.64 -1.88
CA ALA A 10 6.20 -6.27 -1.60
C ALA A 10 7.11 -6.84 -2.73
N ALA A 11 6.64 -7.68 -3.66
CA ALA A 11 7.51 -8.34 -4.66
C ALA A 11 8.15 -7.45 -5.76
N LYS A 12 7.40 -6.56 -6.44
CA LYS A 12 7.82 -5.73 -7.58
C LYS A 12 9.11 -4.87 -7.44
N TYR A 13 9.79 -4.84 -6.28
CA TYR A 13 10.97 -4.03 -6.06
C TYR A 13 12.25 -4.84 -6.38
N LYS A 14 13.09 -5.25 -5.42
CA LYS A 14 14.06 -6.34 -5.61
C LYS A 14 13.63 -7.61 -4.84
N TYR A 15 12.33 -7.90 -4.94
CA TYR A 15 11.64 -9.05 -4.34
C TYR A 15 11.80 -9.17 -2.81
N ALA A 16 12.79 -9.96 -2.39
CA ALA A 16 12.84 -10.64 -1.09
C ALA A 16 13.01 -9.73 0.15
N MET A 17 14.04 -8.89 0.14
CA MET A 17 14.38 -8.01 1.27
C MET A 17 13.33 -6.88 1.46
N LEU A 18 12.77 -6.39 0.35
CA LEU A 18 11.76 -5.35 0.35
C LEU A 18 10.36 -5.89 0.70
N LYS A 19 9.90 -7.02 0.15
CA LYS A 19 8.93 -7.86 0.85
C LYS A 19 9.19 -8.13 2.36
N LYS A 20 10.41 -8.43 2.84
CA LYS A 20 10.68 -8.47 4.29
C LYS A 20 10.51 -7.10 4.99
N CYS A 21 10.80 -5.94 4.35
CA CYS A 21 10.40 -4.60 4.84
C CYS A 21 8.87 -4.43 4.97
N CYS A 22 8.09 -4.92 3.99
CA CYS A 22 6.65 -5.13 4.12
C CYS A 22 6.32 -5.87 5.40
N TYR A 23 6.97 -6.99 5.63
CA TYR A 23 6.63 -7.81 6.78
C TYR A 23 7.10 -7.24 8.14
N ASP A 24 8.10 -6.34 8.14
CA ASP A 24 8.35 -5.38 9.24
C ASP A 24 7.16 -4.43 9.47
N GLY A 25 6.54 -3.91 8.41
CA GLY A 25 5.27 -3.16 8.49
C GLY A 25 4.07 -3.97 8.97
N ALA A 26 3.86 -5.17 8.39
CA ALA A 26 2.77 -6.09 8.78
C ALA A 26 2.83 -6.56 10.24
N TYR A 27 4.03 -6.79 10.80
CA TYR A 27 4.19 -6.90 12.25
C TYR A 27 3.93 -5.52 12.93
N ARG A 28 2.69 -5.26 13.36
CA ARG A 28 2.39 -4.11 14.22
C ARG A 28 1.61 -4.48 15.51
N ASN A 29 2.08 -4.01 16.68
CA ASN A 29 1.24 -3.97 17.89
C ASN A 29 0.61 -2.57 18.14
N ASP A 30 -0.31 -2.50 19.12
CA ASP A 30 -1.11 -1.31 19.43
C ASP A 30 -0.33 -0.03 19.82
N ASP A 31 0.91 -0.16 20.31
CA ASP A 31 1.75 0.97 20.70
C ASP A 31 2.54 1.60 19.54
N GLU A 32 2.86 0.82 18.49
CA GLU A 32 3.64 1.25 17.34
C GLU A 32 2.90 2.22 16.38
N THR A 33 3.57 3.30 15.94
CA THR A 33 3.04 4.21 14.92
C THR A 33 3.90 4.17 13.64
N CYS A 34 3.26 4.00 12.47
CA CYS A 34 3.89 3.57 11.21
C CYS A 34 5.10 4.40 10.75
N GLU A 35 4.89 5.69 10.52
CA GLU A 35 5.93 6.62 10.04
C GLU A 35 6.92 7.08 11.14
N GLU A 36 6.60 6.91 12.42
CA GLU A 36 7.56 7.07 13.53
C GLU A 36 8.62 5.97 13.48
N ARG A 37 8.14 4.71 13.54
CA ARG A 37 9.03 3.57 13.43
C ARG A 37 9.66 3.45 12.04
N ALA A 38 8.98 3.75 10.92
CA ALA A 38 9.62 3.81 9.61
C ALA A 38 10.21 5.17 9.19
N ALA A 39 10.32 6.17 10.07
CA ALA A 39 11.47 7.08 10.08
C ALA A 39 12.74 6.39 10.62
N ARG A 40 12.61 5.60 11.69
CA ARG A 40 13.70 4.76 12.21
C ARG A 40 14.08 3.58 11.28
N ILE A 41 13.14 2.85 10.64
CA ILE A 41 13.39 2.01 9.46
C ILE A 41 13.64 2.84 8.19
N LYS A 42 14.92 3.19 8.19
CA LYS A 42 15.57 4.08 7.22
C LYS A 42 16.38 3.36 6.10
N ILE A 43 16.11 2.07 5.85
CA ILE A 43 16.92 1.22 4.96
C ILE A 43 16.86 1.65 3.48
N GLY A 44 15.68 2.03 2.95
CA GLY A 44 15.58 2.56 1.58
C GLY A 44 14.17 3.08 1.18
N PRO A 45 14.00 3.96 0.16
CA PRO A 45 12.69 4.46 -0.33
C PRO A 45 11.63 3.38 -0.64
N LYS A 46 12.05 2.33 -1.36
CA LYS A 46 11.22 1.17 -1.67
C LYS A 46 10.87 0.32 -0.43
N CYS A 47 11.75 0.33 0.58
CA CYS A 47 11.52 -0.31 1.88
C CYS A 47 10.46 0.46 2.68
N VAL A 48 10.59 1.78 2.92
CA VAL A 48 9.49 2.61 3.45
C VAL A 48 8.15 2.46 2.70
N LYS A 49 8.18 2.41 1.36
CA LYS A 49 6.97 2.13 0.58
C LYS A 49 6.36 0.72 0.84
N ALA A 50 7.13 -0.39 0.75
CA ALA A 50 6.65 -1.73 1.14
C ALA A 50 6.13 -1.75 2.59
N PHE A 51 6.89 -1.11 3.50
CA PHE A 51 6.50 -0.88 4.90
C PHE A 51 5.15 -0.15 5.02
N LYS A 52 4.96 1.02 4.39
CA LYS A 52 3.70 1.77 4.42
C LYS A 52 2.51 1.03 3.77
N ASP A 53 2.68 0.32 2.63
CA ASP A 53 1.66 -0.58 2.05
C ASP A 53 1.16 -1.64 3.07
N CYS A 54 2.08 -2.44 3.60
CA CYS A 54 1.79 -3.35 4.71
C CYS A 54 1.31 -2.67 6.02
N CYS A 55 1.78 -1.48 6.39
CA CYS A 55 1.22 -0.73 7.53
C CYS A 55 -0.22 -0.26 7.27
N TYR A 56 -0.59 0.08 6.02
CA TYR A 56 -2.00 0.21 5.63
C TYR A 56 -2.80 -1.09 5.82
N ILE A 57 -2.34 -2.30 5.41
CA ILE A 57 -3.09 -3.51 5.81
C ILE A 57 -3.00 -3.88 7.31
N ALA A 58 -1.92 -3.55 8.05
CA ALA A 58 -1.89 -3.65 9.52
C ALA A 58 -2.99 -2.80 10.19
N ASN A 59 -3.22 -1.57 9.71
CA ASN A 59 -4.39 -0.77 10.10
C ASN A 59 -5.73 -1.41 9.70
N GLN A 60 -5.88 -1.90 8.45
CA GLN A 60 -7.08 -2.64 8.00
C GLN A 60 -7.34 -3.92 8.82
N VAL A 61 -6.32 -4.75 9.09
CA VAL A 61 -6.44 -5.92 9.97
C VAL A 61 -6.78 -5.53 11.43
N ARG A 62 -6.17 -4.48 12.01
CA ARG A 62 -6.56 -4.02 13.35
C ARG A 62 -7.96 -3.35 13.42
N ALA A 63 -8.43 -2.68 12.36
CA ALA A 63 -9.85 -2.26 12.27
C ALA A 63 -10.83 -3.44 12.12
N GLU A 64 -10.41 -4.51 11.43
CA GLU A 64 -11.14 -5.77 11.33
C GLU A 64 -11.08 -6.63 12.63
N GLN A 65 -9.88 -6.88 13.17
CA GLN A 65 -9.69 -7.71 14.36
C GLN A 65 -9.04 -6.94 15.55
N SER A 66 -7.91 -6.44 15.44
N MET A 1 -3.53 1.79 -5.27
CA MET A 1 -3.65 1.85 -3.81
C MET A 1 -4.05 0.51 -3.15
N LEU A 2 -3.46 0.24 -1.97
CA LEU A 2 -3.69 -0.95 -1.15
C LEU A 2 -3.39 -2.27 -1.88
N GLN A 3 -4.43 -2.94 -2.42
CA GLN A 3 -4.37 -4.29 -2.98
C GLN A 3 -3.41 -4.49 -4.16
N LYS A 4 -3.47 -3.58 -5.15
CA LYS A 4 -2.57 -3.54 -6.30
C LYS A 4 -1.09 -3.38 -5.90
N LYS A 5 -0.81 -2.49 -4.95
CA LYS A 5 0.55 -2.24 -4.44
C LYS A 5 1.10 -3.38 -3.56
N ILE A 6 0.35 -4.00 -2.62
CA ILE A 6 0.83 -5.21 -1.92
C ILE A 6 1.07 -6.35 -2.93
N GLU A 7 0.19 -6.51 -3.94
CA GLU A 7 0.41 -7.42 -5.05
C GLU A 7 1.69 -7.07 -5.84
N GLU A 8 1.84 -5.90 -6.49
CA GLU A 8 3.02 -5.60 -7.31
C GLU A 8 4.33 -5.34 -6.53
N GLU A 9 4.31 -4.94 -5.25
CA GLU A 9 5.53 -4.78 -4.45
C GLU A 9 5.85 -6.01 -3.57
N ALA A 10 4.91 -6.89 -3.19
CA ALA A 10 5.23 -8.25 -2.73
C ALA A 10 4.89 -9.50 -3.61
N ALA A 11 4.72 -9.45 -4.94
CA ALA A 11 4.38 -10.58 -5.84
C ALA A 11 5.25 -11.87 -5.86
N LYS A 12 6.04 -12.17 -4.82
CA LYS A 12 7.02 -13.26 -4.72
C LYS A 12 8.01 -13.25 -5.92
N TYR A 13 8.68 -12.10 -6.05
CA TYR A 13 9.29 -11.71 -7.30
C TYR A 13 10.79 -11.36 -7.12
N LYS A 14 11.29 -10.29 -7.74
CA LYS A 14 12.70 -9.89 -7.71
C LYS A 14 13.10 -9.23 -6.38
N TYR A 15 12.34 -8.20 -5.96
CA TYR A 15 12.69 -7.38 -4.80
C TYR A 15 12.09 -7.94 -3.49
N ALA A 16 12.69 -9.09 -3.13
CA ALA A 16 12.35 -9.88 -1.95
C ALA A 16 12.54 -9.16 -0.60
N MET A 17 13.61 -8.38 -0.45
CA MET A 17 13.87 -7.57 0.75
C MET A 17 12.86 -6.41 0.92
N LEU A 18 12.35 -5.86 -0.19
CA LEU A 18 11.34 -4.80 -0.20
C LEU A 18 9.91 -5.34 0.03
N LYS A 19 9.56 -6.47 -0.56
CA LYS A 19 8.51 -7.35 -0.01
C LYS A 19 8.66 -7.67 1.49
N LYS A 20 9.86 -7.98 2.01
CA LYS A 20 10.07 -8.12 3.46
C LYS A 20 9.92 -6.78 4.22
N CYS A 21 10.13 -5.59 3.61
CA CYS A 21 9.63 -4.30 4.13
C CYS A 21 8.09 -4.20 4.22
N CYS A 22 7.35 -4.69 3.22
CA CYS A 22 5.91 -4.99 3.34
C CYS A 22 5.64 -5.80 4.60
N TYR A 23 6.39 -6.86 4.80
CA TYR A 23 6.14 -7.73 5.94
C TYR A 23 6.63 -7.18 7.30
N ASP A 24 7.55 -6.18 7.33
CA ASP A 24 7.67 -5.25 8.47
C ASP A 24 6.40 -4.41 8.72
N GLY A 25 5.79 -3.86 7.66
CA GLY A 25 4.48 -3.19 7.72
C GLY A 25 3.35 -4.10 8.23
N ALA A 26 3.26 -5.34 7.73
CA ALA A 26 2.31 -6.35 8.22
C ALA A 26 2.57 -6.78 9.68
N TYR A 27 3.82 -7.08 10.08
CA TYR A 27 4.16 -7.33 11.49
C TYR A 27 4.23 -6.02 12.30
N ARG A 28 3.04 -5.48 12.56
CA ARG A 28 2.86 -4.21 13.28
C ARG A 28 3.09 -4.31 14.81
N ASN A 29 4.03 -3.49 15.32
CA ASN A 29 4.43 -3.54 16.73
C ASN A 29 4.87 -2.20 17.35
N ASP A 30 6.04 -1.66 17.01
CA ASP A 30 6.71 -0.55 17.72
C ASP A 30 6.06 0.86 17.70
N ASP A 31 4.91 1.08 17.05
CA ASP A 31 4.18 2.36 17.10
C ASP A 31 2.71 2.22 16.66
N GLU A 32 1.87 3.12 17.19
CA GLU A 32 0.50 3.33 16.73
C GLU A 32 0.39 3.96 15.32
N THR A 33 1.25 4.89 14.86
CA THR A 33 1.08 5.51 13.54
C THR A 33 2.20 5.15 12.53
N CYS A 34 1.76 4.88 11.28
CA CYS A 34 2.57 4.24 10.23
C CYS A 34 3.81 5.03 9.76
N GLU A 35 3.66 6.33 9.48
CA GLU A 35 4.74 7.16 8.93
C GLU A 35 5.81 7.53 9.96
N GLU A 36 5.53 7.63 11.27
CA GLU A 36 6.58 7.78 12.29
C GLU A 36 7.38 6.47 12.44
N ARG A 37 6.65 5.34 12.49
CA ARG A 37 7.23 4.00 12.43
C ARG A 37 8.14 3.83 11.19
N ALA A 38 7.65 4.12 9.98
CA ALA A 38 8.46 4.07 8.78
C ALA A 38 9.27 5.35 8.42
N ALA A 39 9.30 6.38 9.27
CA ALA A 39 10.45 7.29 9.38
C ALA A 39 11.64 6.62 10.11
N ARG A 40 11.40 5.72 11.08
CA ARG A 40 12.46 4.85 11.63
C ARG A 40 12.97 3.83 10.59
N ILE A 41 12.07 3.20 9.82
CA ILE A 41 12.40 2.35 8.66
C ILE A 41 12.80 3.16 7.40
N LYS A 42 14.09 3.44 7.49
CA LYS A 42 14.87 4.30 6.59
C LYS A 42 15.41 3.64 5.30
N ILE A 43 15.15 2.35 5.05
CA ILE A 43 15.88 1.54 4.06
C ILE A 43 15.73 2.01 2.60
N GLY A 44 14.55 2.42 2.12
CA GLY A 44 14.41 3.00 0.77
C GLY A 44 12.99 3.38 0.32
N PRO A 45 12.78 4.13 -0.80
CA PRO A 45 11.46 4.49 -1.36
C PRO A 45 10.48 3.32 -1.59
N LYS A 46 10.93 2.28 -2.29
CA LYS A 46 10.21 1.01 -2.45
C LYS A 46 9.83 0.34 -1.11
N CYS A 47 10.71 0.47 -0.11
CA CYS A 47 10.48 -0.04 1.24
C CYS A 47 9.35 0.72 1.93
N VAL A 48 9.42 2.07 2.13
CA VAL A 48 8.29 2.87 2.61
C VAL A 48 6.95 2.63 1.87
N LYS A 49 6.95 2.54 0.54
CA LYS A 49 5.75 2.21 -0.25
C LYS A 49 5.11 0.83 0.07
N ALA A 50 5.89 -0.27 -0.06
CA ALA A 50 5.48 -1.62 0.36
C ALA A 50 5.03 -1.62 1.84
N PHE A 51 5.84 -0.98 2.72
CA PHE A 51 5.52 -0.78 4.14
C PHE A 51 4.16 -0.08 4.33
N LYS A 52 3.92 1.09 3.71
CA LYS A 52 2.69 1.86 3.89
C LYS A 52 1.40 1.12 3.44
N ASP A 53 1.42 0.40 2.31
CA ASP A 53 0.25 -0.40 1.92
C ASP A 53 0.01 -1.65 2.79
N CYS A 54 1.07 -2.38 3.14
CA CYS A 54 0.98 -3.40 4.20
C CYS A 54 0.61 -2.85 5.59
N CYS A 55 1.03 -1.64 6.00
CA CYS A 55 0.57 -0.98 7.23
C CYS A 55 -0.94 -0.63 7.17
N TYR A 56 -1.47 -0.28 5.99
CA TYR A 56 -2.93 -0.28 5.77
C TYR A 56 -3.58 -1.65 5.98
N ILE A 57 -3.14 -2.78 5.40
CA ILE A 57 -3.78 -4.07 5.74
C ILE A 57 -3.51 -4.58 7.17
N ALA A 58 -2.36 -4.20 7.78
CA ALA A 58 -2.10 -4.42 9.21
C ALA A 58 -3.14 -3.72 10.11
N ASN A 59 -3.45 -2.44 9.85
CA ASN A 59 -4.56 -1.75 10.53
C ASN A 59 -5.94 -2.34 10.23
N GLN A 60 -6.21 -2.84 9.00
CA GLN A 60 -7.42 -3.62 8.73
C GLN A 60 -7.50 -4.92 9.54
N VAL A 61 -6.50 -5.82 9.55
CA VAL A 61 -6.55 -7.04 10.38
C VAL A 61 -6.47 -6.77 11.90
N ARG A 62 -5.89 -5.64 12.35
CA ARG A 62 -6.02 -5.16 13.73
C ARG A 62 -7.46 -4.75 14.09
N ALA A 63 -8.18 -4.03 13.21
CA ALA A 63 -9.59 -3.68 13.41
C ALA A 63 -10.59 -4.80 13.05
N GLU A 64 -10.53 -5.41 11.86
CA GLU A 64 -11.52 -6.39 11.39
C GLU A 64 -11.29 -7.80 11.98
N GLN A 65 -11.47 -7.91 13.30
CA GLN A 65 -11.39 -9.19 14.02
C GLN A 65 -12.77 -9.83 14.27
N SER A 66 -12.91 -11.01 13.96
N MET A 1 -8.01 -2.43 0.51
CA MET A 1 -8.03 -1.52 -0.63
C MET A 1 -6.80 -1.68 -1.56
N LEU A 2 -5.57 -1.42 -1.09
CA LEU A 2 -4.35 -1.42 -1.91
C LEU A 2 -3.77 -2.82 -2.24
N GLN A 3 -4.66 -3.79 -2.51
CA GLN A 3 -4.32 -5.22 -2.65
C GLN A 3 -3.34 -5.52 -3.79
N LYS A 4 -3.58 -4.87 -4.94
CA LYS A 4 -2.72 -4.92 -6.13
C LYS A 4 -1.31 -4.35 -5.86
N LYS A 5 -1.20 -3.31 -5.02
CA LYS A 5 0.07 -2.72 -4.61
C LYS A 5 0.89 -3.61 -3.65
N ILE A 6 0.30 -4.32 -2.66
CA ILE A 6 1.03 -5.38 -1.92
C ILE A 6 1.47 -6.49 -2.89
N GLU A 7 0.58 -6.95 -3.80
CA GLU A 7 0.93 -7.92 -4.84
C GLU A 7 2.07 -7.42 -5.75
N GLU A 8 2.10 -6.17 -6.26
CA GLU A 8 3.24 -5.64 -7.02
C GLU A 8 4.55 -5.54 -6.21
N GLU A 9 4.52 -5.03 -4.97
CA GLU A 9 5.70 -4.95 -4.10
C GLU A 9 6.16 -6.29 -3.52
N ALA A 10 5.28 -7.20 -3.12
CA ALA A 10 5.60 -8.63 -2.89
C ALA A 10 5.12 -9.69 -3.91
N ALA A 11 5.22 -9.51 -5.23
CA ALA A 11 5.02 -10.57 -6.25
C ALA A 11 5.95 -11.81 -6.21
N LYS A 12 6.61 -12.10 -5.07
CA LYS A 12 7.63 -13.14 -4.86
C LYS A 12 8.69 -13.21 -5.98
N TYR A 13 9.33 -12.04 -6.20
CA TYR A 13 9.97 -11.73 -7.47
C TYR A 13 11.48 -11.41 -7.32
N LYS A 14 11.98 -10.29 -7.86
CA LYS A 14 13.38 -9.91 -7.83
C LYS A 14 13.82 -9.36 -6.45
N TYR A 15 13.08 -8.38 -5.96
CA TYR A 15 13.48 -7.57 -4.81
C TYR A 15 13.01 -8.18 -3.47
N ALA A 16 13.70 -9.28 -3.14
CA ALA A 16 13.48 -10.10 -1.96
C ALA A 16 13.57 -9.36 -0.61
N MET A 17 14.57 -8.49 -0.48
CA MET A 17 14.77 -7.63 0.69
C MET A 17 13.69 -6.54 0.82
N LEU A 18 13.11 -6.09 -0.30
CA LEU A 18 12.17 -4.98 -0.33
C LEU A 18 10.71 -5.46 -0.19
N LYS A 19 10.32 -6.61 -0.75
CA LYS A 19 9.20 -7.36 -0.19
C LYS A 19 9.40 -7.81 1.28
N LYS A 20 10.60 -8.08 1.81
CA LYS A 20 10.80 -8.20 3.26
C LYS A 20 10.55 -6.85 3.99
N CYS A 21 10.87 -5.67 3.42
CA CYS A 21 10.35 -4.37 3.90
C CYS A 21 8.81 -4.28 3.95
N CYS A 22 8.09 -4.82 2.94
CA CYS A 22 6.66 -5.14 3.06
C CYS A 22 6.39 -5.95 4.32
N TYR A 23 7.09 -7.05 4.52
CA TYR A 23 6.80 -7.91 5.66
C TYR A 23 7.25 -7.35 7.03
N ASP A 24 8.20 -6.40 7.05
CA ASP A 24 8.38 -5.44 8.18
C ASP A 24 7.14 -4.57 8.43
N GLY A 25 6.53 -4.01 7.36
CA GLY A 25 5.24 -3.31 7.42
C GLY A 25 4.06 -4.17 7.90
N ALA A 26 3.96 -5.41 7.40
CA ALA A 26 2.97 -6.39 7.86
C ALA A 26 3.16 -6.81 9.33
N TYR A 27 4.40 -7.02 9.81
CA TYR A 27 4.69 -7.18 11.24
C TYR A 27 4.54 -5.83 11.98
N ARG A 28 3.28 -5.43 12.21
CA ARG A 28 2.95 -4.27 13.03
C ARG A 28 2.44 -4.71 14.41
N ASN A 29 3.39 -5.03 15.29
CA ASN A 29 3.11 -5.37 16.69
C ASN A 29 3.91 -4.52 17.71
N ASP A 30 5.14 -4.16 17.34
CA ASP A 30 6.01 -3.24 18.10
C ASP A 30 5.45 -1.82 18.33
N ASP A 31 5.29 -0.98 17.30
CA ASP A 31 4.72 0.36 17.43
C ASP A 31 3.43 0.52 16.60
N GLU A 32 2.40 1.15 17.19
CA GLU A 32 1.13 1.45 16.52
C GLU A 32 1.25 2.37 15.29
N THR A 33 1.95 3.51 15.39
CA THR A 33 2.06 4.50 14.33
C THR A 33 3.10 4.11 13.27
N CYS A 34 2.61 3.75 12.08
CA CYS A 34 3.42 3.31 10.93
C CYS A 34 4.50 4.30 10.49
N GLU A 35 4.12 5.58 10.33
CA GLU A 35 5.02 6.64 9.88
C GLU A 35 6.16 6.95 10.87
N GLU A 36 5.98 6.80 12.19
CA GLU A 36 7.04 7.00 13.19
C GLU A 36 8.14 5.91 13.03
N ARG A 37 7.71 4.65 13.09
CA ARG A 37 8.62 3.52 12.89
C ARG A 37 9.20 3.49 11.46
N ALA A 38 8.45 3.78 10.39
CA ALA A 38 9.01 3.91 9.06
C ALA A 38 9.62 5.28 8.68
N ALA A 39 9.64 6.28 9.58
CA ALA A 39 10.72 7.28 9.61
C ALA A 39 12.04 6.69 10.17
N ARG A 40 11.99 5.74 11.11
CA ARG A 40 13.17 4.95 11.51
C ARG A 40 13.63 3.91 10.46
N ILE A 41 12.74 3.18 9.76
CA ILE A 41 13.07 2.36 8.58
C ILE A 41 13.42 3.22 7.33
N LYS A 42 14.73 3.45 7.35
CA LYS A 42 15.48 4.30 6.42
C LYS A 42 15.86 3.69 5.05
N ILE A 43 15.82 2.36 4.90
CA ILE A 43 16.61 1.59 3.92
C ILE A 43 16.51 2.06 2.44
N GLY A 44 15.32 2.42 1.93
CA GLY A 44 15.19 2.97 0.57
C GLY A 44 13.77 3.40 0.16
N PRO A 45 13.54 4.22 -0.89
CA PRO A 45 12.20 4.62 -1.40
C PRO A 45 11.22 3.47 -1.70
N LYS A 46 11.72 2.45 -2.42
CA LYS A 46 11.00 1.20 -2.70
C LYS A 46 10.68 0.40 -1.41
N CYS A 47 11.57 0.46 -0.41
CA CYS A 47 11.36 -0.13 0.92
C CYS A 47 10.21 0.56 1.66
N VAL A 48 10.28 1.89 1.93
CA VAL A 48 9.15 2.65 2.49
C VAL A 48 7.82 2.51 1.72
N LYS A 49 7.84 2.45 0.38
CA LYS A 49 6.65 2.18 -0.43
C LYS A 49 6.00 0.80 -0.19
N ALA A 50 6.79 -0.30 -0.27
CA ALA A 50 6.40 -1.65 0.17
C ALA A 50 5.91 -1.66 1.64
N PHE A 51 6.69 -1.03 2.54
CA PHE A 51 6.36 -0.87 3.95
C PHE A 51 4.99 -0.19 4.15
N LYS A 52 4.75 0.98 3.53
CA LYS A 52 3.47 1.67 3.61
C LYS A 52 2.28 0.85 3.07
N ASP A 53 2.39 0.15 1.94
CA ASP A 53 1.31 -0.72 1.45
C ASP A 53 0.95 -1.87 2.42
N CYS A 54 1.97 -2.60 2.88
CA CYS A 54 1.78 -3.60 3.94
C CYS A 54 1.36 -3.01 5.32
N CYS A 55 1.80 -1.81 5.72
CA CYS A 55 1.25 -1.11 6.89
C CYS A 55 -0.23 -0.70 6.69
N TYR A 56 -0.65 -0.40 5.45
CA TYR A 56 -2.08 -0.34 5.11
C TYR A 56 -2.81 -1.69 5.26
N ILE A 57 -2.32 -2.88 4.86
CA ILE A 57 -3.01 -4.13 5.26
C ILE A 57 -2.94 -4.44 6.78
N ALA A 58 -1.88 -4.03 7.50
CA ALA A 58 -1.85 -4.04 8.97
C ALA A 58 -2.94 -3.12 9.61
N ASN A 59 -3.18 -1.94 9.01
CA ASN A 59 -4.35 -1.11 9.34
C ASN A 59 -5.70 -1.71 8.91
N GLN A 60 -5.80 -2.37 7.74
CA GLN A 60 -7.00 -3.16 7.39
C GLN A 60 -7.26 -4.32 8.37
N VAL A 61 -6.24 -5.01 8.91
CA VAL A 61 -6.43 -5.94 10.04
C VAL A 61 -6.89 -5.24 11.34
N ARG A 62 -6.33 -4.08 11.69
CA ARG A 62 -6.82 -3.26 12.82
C ARG A 62 -8.25 -2.70 12.62
N ALA A 63 -8.61 -2.16 11.44
CA ALA A 63 -9.93 -1.57 11.21
C ALA A 63 -10.98 -2.45 10.50
N GLU A 64 -10.66 -3.30 9.51
CA GLU A 64 -11.68 -3.91 8.62
C GLU A 64 -11.72 -5.45 8.67
N GLN A 65 -10.57 -6.13 8.49
CA GLN A 65 -10.51 -7.57 8.27
C GLN A 65 -10.06 -8.39 9.49
N SER A 66 -8.93 -8.25 9.94
N MET A 1 -6.33 0.24 -6.42
CA MET A 1 -5.39 1.31 -6.09
C MET A 1 -4.30 0.85 -5.09
N LEU A 2 -4.63 0.76 -3.79
CA LEU A 2 -3.70 0.35 -2.73
C LEU A 2 -3.36 -1.15 -2.79
N GLN A 3 -4.38 -2.00 -2.98
CA GLN A 3 -4.23 -3.46 -3.12
C GLN A 3 -3.40 -3.85 -4.36
N LYS A 4 -3.60 -3.11 -5.47
CA LYS A 4 -2.74 -3.17 -6.66
C LYS A 4 -1.29 -2.83 -6.31
N LYS A 5 -1.03 -1.76 -5.55
CA LYS A 5 0.32 -1.39 -5.13
C LYS A 5 1.01 -2.34 -4.12
N ILE A 6 0.37 -3.03 -3.15
CA ILE A 6 1.03 -4.16 -2.45
C ILE A 6 1.38 -5.27 -3.46
N GLU A 7 0.42 -5.67 -4.31
CA GLU A 7 0.66 -6.66 -5.38
C GLU A 7 1.78 -6.23 -6.34
N GLU A 8 1.84 -4.99 -6.83
CA GLU A 8 2.90 -4.49 -7.71
C GLU A 8 4.28 -4.36 -7.03
N GLU A 9 4.38 -3.82 -5.80
CA GLU A 9 5.66 -3.75 -5.07
C GLU A 9 6.07 -5.08 -4.43
N ALA A 10 5.17 -6.00 -4.05
CA ALA A 10 5.51 -7.40 -3.78
C ALA A 10 5.15 -8.53 -4.79
N ALA A 11 5.01 -8.32 -6.10
CA ALA A 11 4.74 -9.35 -7.14
C ALA A 11 5.68 -10.59 -7.29
N LYS A 12 6.52 -10.90 -6.29
CA LYS A 12 7.56 -11.96 -6.32
C LYS A 12 8.48 -11.82 -7.56
N TYR A 13 9.06 -10.62 -7.68
CA TYR A 13 9.59 -10.12 -8.93
C TYR A 13 11.10 -9.82 -8.82
N LYS A 14 11.59 -8.74 -9.43
CA LYS A 14 13.00 -8.38 -9.48
C LYS A 14 13.52 -7.76 -8.16
N TYR A 15 12.69 -6.96 -7.48
CA TYR A 15 13.08 -6.24 -6.28
C TYR A 15 12.48 -6.84 -4.98
N ALA A 16 13.08 -8.01 -4.67
CA ALA A 16 12.76 -8.83 -3.51
C ALA A 16 13.02 -8.15 -2.15
N MET A 17 14.10 -7.37 -2.03
CA MET A 17 14.43 -6.59 -0.83
C MET A 17 13.43 -5.44 -0.58
N LEU A 18 12.86 -4.87 -1.64
CA LEU A 18 11.85 -3.82 -1.57
C LEU A 18 10.45 -4.37 -1.25
N LYS A 19 10.08 -5.51 -1.84
CA LYS A 19 9.05 -6.39 -1.25
C LYS A 19 9.29 -6.76 0.24
N LYS A 20 10.49 -7.13 0.68
CA LYS A 20 10.80 -7.29 2.10
C LYS A 20 10.63 -5.96 2.88
N CYS A 21 10.88 -4.77 2.29
CA CYS A 21 10.47 -3.49 2.88
C CYS A 21 8.94 -3.30 3.03
N CYS A 22 8.12 -3.78 2.08
CA CYS A 22 6.68 -4.05 2.30
C CYS A 22 6.49 -4.86 3.58
N TYR A 23 7.20 -5.95 3.69
CA TYR A 23 7.00 -6.84 4.83
C TYR A 23 7.59 -6.29 6.16
N ASP A 24 8.57 -5.38 6.11
CA ASP A 24 8.91 -4.47 7.23
C ASP A 24 7.75 -3.53 7.62
N GLY A 25 6.94 -3.06 6.65
CA GLY A 25 5.67 -2.37 6.93
C GLY A 25 4.54 -3.27 7.44
N ALA A 26 4.37 -4.47 6.87
CA ALA A 26 3.36 -5.45 7.29
C ALA A 26 3.58 -5.99 8.72
N TYR A 27 4.80 -6.30 9.15
CA TYR A 27 5.08 -6.67 10.56
C TYR A 27 5.01 -5.48 11.54
N ARG A 28 3.80 -4.92 11.63
CA ARG A 28 3.48 -3.81 12.54
C ARG A 28 2.75 -4.31 13.79
N ASN A 29 3.25 -3.95 14.99
CA ASN A 29 2.66 -4.39 16.27
C ASN A 29 2.08 -3.18 17.04
N ASP A 30 2.62 -2.74 18.18
CA ASP A 30 2.24 -1.50 18.89
C ASP A 30 2.79 -0.19 18.25
N ASP A 31 2.97 -0.16 16.91
CA ASP A 31 3.63 0.93 16.22
C ASP A 31 2.60 1.98 15.72
N GLU A 32 2.51 3.08 16.47
CA GLU A 32 1.56 4.17 16.21
C GLU A 32 1.76 4.94 14.89
N THR A 33 2.99 5.32 14.52
CA THR A 33 3.24 6.13 13.32
C THR A 33 4.27 5.47 12.38
N CYS A 34 3.78 4.98 11.22
CA CYS A 34 4.58 4.25 10.23
C CYS A 34 5.73 5.06 9.62
N GLU A 35 5.52 6.32 9.24
CA GLU A 35 6.58 7.17 8.68
C GLU A 35 7.63 7.69 9.70
N GLU A 36 7.47 7.48 11.01
CA GLU A 36 8.57 7.68 11.97
C GLU A 36 9.54 6.48 11.92
N ARG A 37 8.95 5.27 12.05
CA ARG A 37 9.63 3.99 11.81
C ARG A 37 10.25 3.94 10.41
N ALA A 38 9.55 4.33 9.34
CA ALA A 38 10.14 4.48 8.01
C ALA A 38 10.67 5.88 7.63
N ALA A 39 10.90 6.79 8.58
CA ALA A 39 12.07 7.68 8.55
C ALA A 39 13.37 6.94 8.91
N ARG A 40 13.33 6.02 9.90
CA ARG A 40 14.46 5.12 10.19
C ARG A 40 14.72 4.09 9.07
N ILE A 41 13.69 3.43 8.52
CA ILE A 41 13.76 2.73 7.22
C ILE A 41 13.80 3.72 6.04
N LYS A 42 15.05 4.09 5.87
CA LYS A 42 15.54 5.11 4.95
C LYS A 42 16.10 4.59 3.61
N ILE A 43 15.93 3.31 3.28
CA ILE A 43 16.65 2.61 2.21
C ILE A 43 16.33 3.13 0.79
N GLY A 44 15.07 3.45 0.45
CA GLY A 44 14.76 4.03 -0.87
C GLY A 44 13.30 4.49 -1.10
N PRO A 45 12.97 5.27 -2.17
CA PRO A 45 11.60 5.67 -2.55
C PRO A 45 10.58 4.53 -2.72
N LYS A 46 10.95 3.49 -3.49
CA LYS A 46 10.18 2.24 -3.61
C LYS A 46 9.98 1.51 -2.27
N CYS A 47 10.98 1.61 -1.37
CA CYS A 47 10.93 1.04 -0.02
C CYS A 47 9.87 1.78 0.82
N VAL A 48 9.97 3.10 1.06
CA VAL A 48 8.88 3.88 1.70
C VAL A 48 7.49 3.67 1.07
N LYS A 49 7.39 3.60 -0.28
CA LYS A 49 6.12 3.26 -0.93
C LYS A 49 5.61 1.83 -0.62
N ALA A 50 6.40 0.75 -0.83
CA ALA A 50 6.06 -0.63 -0.41
C ALA A 50 5.69 -0.67 1.09
N PHE A 51 6.51 -0.01 1.95
CA PHE A 51 6.26 0.15 3.38
C PHE A 51 4.90 0.81 3.69
N LYS A 52 4.61 2.00 3.12
CA LYS A 52 3.35 2.71 3.37
C LYS A 52 2.11 1.95 2.84
N ASP A 53 2.20 1.23 1.70
CA ASP A 53 1.11 0.39 1.20
C ASP A 53 0.81 -0.81 2.14
N CYS A 54 1.87 -1.53 2.55
CA CYS A 54 1.77 -2.54 3.59
C CYS A 54 1.37 -2.00 4.99
N CYS A 55 1.74 -0.77 5.38
CA CYS A 55 1.12 -0.06 6.52
C CYS A 55 -0.41 0.11 6.35
N TYR A 56 -0.90 0.48 5.15
CA TYR A 56 -2.35 0.44 4.85
C TYR A 56 -2.98 -0.94 5.02
N ILE A 57 -2.42 -2.08 4.54
CA ILE A 57 -3.01 -3.39 4.91
C ILE A 57 -2.82 -3.80 6.38
N ALA A 58 -1.76 -3.37 7.09
CA ALA A 58 -1.65 -3.50 8.55
C ALA A 58 -2.79 -2.76 9.32
N ASN A 59 -3.19 -1.57 8.85
CA ASN A 59 -4.41 -0.89 9.30
C ASN A 59 -5.71 -1.63 8.93
N GLN A 60 -5.81 -2.19 7.72
CA GLN A 60 -6.95 -3.03 7.30
C GLN A 60 -7.09 -4.32 8.14
N VAL A 61 -5.97 -4.97 8.51
CA VAL A 61 -5.95 -6.07 9.50
C VAL A 61 -6.43 -5.61 10.89
N ARG A 62 -6.00 -4.43 11.40
CA ARG A 62 -6.57 -3.83 12.62
C ARG A 62 -8.08 -3.52 12.55
N ALA A 63 -8.60 -3.08 11.39
CA ALA A 63 -10.05 -2.96 11.16
C ALA A 63 -10.75 -4.34 11.02
N GLU A 64 -10.37 -5.20 10.07
CA GLU A 64 -11.03 -6.49 9.85
C GLU A 64 -10.56 -7.62 10.80
N GLN A 65 -10.92 -7.45 12.08
CA GLN A 65 -10.72 -8.48 13.10
C GLN A 65 -11.95 -9.39 13.31
N SER A 66 -11.77 -10.61 13.30
N MET A 1 -7.92 -2.63 -0.03
CA MET A 1 -8.23 -2.23 -1.42
C MET A 1 -7.00 -1.92 -2.31
N LEU A 2 -5.94 -1.28 -1.80
CA LEU A 2 -4.78 -0.80 -2.60
C LEU A 2 -3.82 -1.90 -3.17
N GLN A 3 -4.43 -2.93 -3.79
CA GLN A 3 -3.75 -4.12 -4.30
C GLN A 3 -2.65 -3.80 -5.31
N LYS A 4 -2.96 -3.03 -6.37
CA LYS A 4 -2.02 -2.69 -7.45
C LYS A 4 -0.74 -1.98 -6.97
N LYS A 5 -0.87 -1.10 -5.97
CA LYS A 5 0.27 -0.43 -5.34
C LYS A 5 1.18 -1.41 -4.56
N ILE A 6 0.64 -2.28 -3.68
CA ILE A 6 1.46 -3.32 -3.02
C ILE A 6 1.98 -4.33 -4.07
N GLU A 7 1.15 -4.72 -5.05
CA GLU A 7 1.56 -5.57 -6.18
C GLU A 7 2.73 -4.97 -6.98
N GLU A 8 2.70 -3.72 -7.48
CA GLU A 8 3.85 -3.13 -8.19
C GLU A 8 5.09 -2.83 -7.31
N GLU A 9 4.96 -2.79 -5.98
CA GLU A 9 6.13 -2.80 -5.06
C GLU A 9 6.61 -4.18 -4.61
N ALA A 10 5.72 -5.15 -4.36
CA ALA A 10 6.06 -6.56 -4.13
C ALA A 10 5.78 -7.65 -5.21
N ALA A 11 5.71 -7.38 -6.52
CA ALA A 11 5.39 -8.34 -7.61
C ALA A 11 6.26 -9.62 -7.81
N LYS A 12 6.90 -10.15 -6.75
CA LYS A 12 7.84 -11.28 -6.76
C LYS A 12 8.96 -11.13 -7.81
N TYR A 13 9.57 -9.93 -7.81
CA TYR A 13 10.26 -9.41 -8.97
C TYR A 13 11.77 -9.19 -8.70
N LYS A 14 12.35 -8.17 -9.31
CA LYS A 14 13.78 -7.86 -9.28
C LYS A 14 14.23 -7.32 -7.91
N TYR A 15 13.46 -6.40 -7.31
CA TYR A 15 13.80 -5.80 -6.03
C TYR A 15 13.07 -6.45 -4.84
N ALA A 16 13.55 -7.68 -4.60
CA ALA A 16 13.13 -8.55 -3.50
C ALA A 16 13.39 -7.94 -2.10
N MET A 17 14.50 -7.21 -1.96
CA MET A 17 14.85 -6.46 -0.75
C MET A 17 13.88 -5.28 -0.46
N LEU A 18 13.33 -4.66 -1.51
CA LEU A 18 12.44 -3.51 -1.39
C LEU A 18 10.97 -3.96 -1.22
N LYS A 19 10.55 -5.04 -1.88
CA LYS A 19 9.48 -5.90 -1.37
C LYS A 19 9.64 -6.34 0.12
N LYS A 20 10.82 -6.74 0.62
CA LYS A 20 11.03 -6.96 2.06
C LYS A 20 10.94 -5.64 2.89
N CYS A 21 11.21 -4.45 2.33
CA CYS A 21 10.77 -3.16 2.90
C CYS A 21 9.23 -3.00 2.99
N CYS A 22 8.47 -3.44 1.98
CA CYS A 22 7.02 -3.67 2.09
C CYS A 22 6.71 -4.53 3.32
N TYR A 23 7.36 -5.67 3.44
CA TYR A 23 7.04 -6.58 4.53
C TYR A 23 7.52 -6.11 5.92
N ASP A 24 8.59 -5.29 5.95
CA ASP A 24 8.95 -4.43 7.08
C ASP A 24 7.83 -3.44 7.48
N GLY A 25 7.10 -2.87 6.51
CA GLY A 25 5.86 -2.11 6.78
C GLY A 25 4.63 -2.94 7.14
N ALA A 26 4.43 -4.11 6.51
CA ALA A 26 3.31 -5.02 6.81
C ALA A 26 3.34 -5.61 8.22
N TYR A 27 4.49 -6.04 8.76
CA TYR A 27 4.61 -6.49 10.15
C TYR A 27 4.54 -5.33 11.17
N ARG A 28 3.35 -4.74 11.29
CA ARG A 28 3.10 -3.61 12.20
C ARG A 28 1.96 -3.90 13.21
N ASN A 29 2.04 -3.35 14.43
CA ASN A 29 1.03 -3.58 15.47
C ASN A 29 0.26 -2.27 15.79
N ASP A 30 0.04 -1.88 17.07
CA ASP A 30 -0.41 -0.54 17.47
C ASP A 30 0.62 0.59 17.31
N ASP A 31 1.80 0.35 16.74
CA ASP A 31 2.79 1.40 16.44
C ASP A 31 2.45 2.15 15.13
N GLU A 32 1.32 2.88 15.18
CA GLU A 32 0.74 3.64 14.07
C GLU A 32 1.65 4.71 13.42
N THR A 33 2.75 5.15 14.05
CA THR A 33 3.65 6.17 13.54
C THR A 33 4.67 5.61 12.52
N CYS A 34 4.11 5.27 11.35
CA CYS A 34 4.83 4.66 10.23
C CYS A 34 6.01 5.48 9.71
N GLU A 35 5.85 6.79 9.54
CA GLU A 35 6.92 7.69 9.10
C GLU A 35 8.03 7.90 10.15
N GLU A 36 7.74 7.70 11.44
CA GLU A 36 8.76 7.68 12.51
C GLU A 36 9.61 6.40 12.43
N ARG A 37 8.89 5.25 12.40
CA ARG A 37 9.48 3.93 12.16
C ARG A 37 10.27 3.91 10.83
N ALA A 38 9.72 4.40 9.71
CA ALA A 38 10.44 4.52 8.44
C ALA A 38 11.20 5.84 8.19
N ALA A 39 11.37 6.73 9.19
CA ALA A 39 12.58 7.55 9.31
C ALA A 39 13.80 6.72 9.78
N ARG A 40 13.58 5.79 10.72
CA ARG A 40 14.59 4.78 11.10
C ARG A 40 14.90 3.78 9.96
N ILE A 41 13.90 3.25 9.25
CA ILE A 41 14.07 2.57 7.95
C ILE A 41 14.34 3.56 6.78
N LYS A 42 15.63 3.86 6.80
CA LYS A 42 16.28 4.85 5.95
C LYS A 42 17.03 4.26 4.73
N ILE A 43 16.67 3.04 4.27
CA ILE A 43 17.46 2.29 3.28
C ILE A 43 17.38 2.89 1.86
N GLY A 44 16.20 3.29 1.36
CA GLY A 44 16.09 3.92 0.04
C GLY A 44 14.70 4.49 -0.34
N PRO A 45 14.54 5.36 -1.36
CA PRO A 45 13.25 5.93 -1.81
C PRO A 45 12.12 4.91 -2.13
N LYS A 46 12.42 3.90 -2.95
CA LYS A 46 11.48 2.81 -3.26
C LYS A 46 11.22 1.90 -2.04
N CYS A 47 12.17 1.83 -1.08
CA CYS A 47 11.98 1.16 0.21
C CYS A 47 10.92 1.89 1.06
N VAL A 48 11.10 3.19 1.41
CA VAL A 48 10.04 3.99 2.04
C VAL A 48 8.69 3.97 1.30
N LYS A 49 8.70 4.01 -0.03
CA LYS A 49 7.47 3.87 -0.84
C LYS A 49 6.79 2.47 -0.76
N ALA A 50 7.51 1.35 -0.89
CA ALA A 50 7.01 0.00 -0.59
C ALA A 50 6.50 -0.09 0.87
N PHE A 51 7.29 0.44 1.82
CA PHE A 51 6.94 0.55 3.24
C PHE A 51 5.61 1.30 3.47
N LYS A 52 5.46 2.50 2.89
CA LYS A 52 4.24 3.30 3.00
C LYS A 52 3.00 2.61 2.40
N ASP A 53 3.11 1.95 1.23
CA ASP A 53 2.01 1.13 0.69
C ASP A 53 1.59 -0.04 1.61
N CYS A 54 2.56 -0.83 2.10
CA CYS A 54 2.29 -1.84 3.12
C CYS A 54 1.85 -1.30 4.51
N CYS A 55 2.27 -0.10 4.96
CA CYS A 55 1.62 0.62 6.07
C CYS A 55 0.12 0.90 5.80
N TYR A 56 -0.22 1.31 4.57
CA TYR A 56 -1.61 1.37 4.13
C TYR A 56 -2.33 0.02 4.20
N ILE A 57 -1.80 -1.15 3.76
CA ILE A 57 -2.50 -2.42 4.05
C ILE A 57 -2.46 -2.88 5.53
N ALA A 58 -1.46 -2.53 6.35
CA ALA A 58 -1.53 -2.71 7.81
C ALA A 58 -2.78 -2.03 8.43
N ASN A 59 -2.97 -0.74 8.10
CA ASN A 59 -4.17 0.01 8.49
C ASN A 59 -5.47 -0.49 7.82
N GLN A 60 -5.45 -0.90 6.54
CA GLN A 60 -6.60 -1.56 5.90
C GLN A 60 -6.90 -2.97 6.45
N VAL A 61 -5.95 -3.89 6.69
CA VAL A 61 -6.25 -5.22 7.27
C VAL A 61 -6.75 -5.12 8.73
N ARG A 62 -6.38 -4.05 9.47
CA ARG A 62 -7.01 -3.70 10.74
C ARG A 62 -8.52 -3.35 10.59
N ALA A 63 -8.94 -2.77 9.46
CA ALA A 63 -10.34 -2.47 9.17
C ALA A 63 -11.06 -3.55 8.33
N GLU A 64 -10.48 -4.08 7.24
CA GLU A 64 -11.10 -5.07 6.35
C GLU A 64 -11.15 -6.49 6.96
N GLN A 65 -11.85 -6.64 8.09
CA GLN A 65 -12.02 -7.92 8.78
C GLN A 65 -13.42 -8.13 9.41
N SER A 66 -13.88 -9.27 9.41
#